data_4EV5
#
_entry.id   4EV5
#
_cell.length_a   104.239
_cell.length_b   233.706
_cell.length_c   105.045
_cell.angle_alpha   90.00
_cell.angle_beta   96.57
_cell.angle_gamma   90.00
#
_symmetry.space_group_name_H-M   'P 1 21 1'
#
loop_
_entity.id
_entity.type
_entity.pdbx_description
1 polymer 'Peroxisomal primary amine oxidase'
2 non-polymer GLYCEROL
3 non-polymer 'COPPER (II) ION'
4 non-polymer 'HYDROGEN PEROXIDE'
5 non-polymer BENZYLAMINE
6 water water
#
_entity_poly.entity_id   1
_entity_poly.type   'polypeptide(L)'
_entity_poly.pdbx_seq_one_letter_code
;MERLRQIASQATAASAAPARPAHPLDPLSTAEIKAATNTVKSYFAGKKISFNTVTLREPARKAYIQWKEQGGPLPPRLAY
YVILEAGKPGVKEGLVDLASLSVIETRALETVQPILTVEDLCSTEEVIRNDPAVIEQCVLSGIPANEMHKVYCDPWTIGY
DERWGTGKRLQQALVYYRSDEDDSQYSHPLDFCPIVDTEEKKVIFIDIPNRRRKVSKHKHANFYPKHMIEKVGAMRPEAP
PINVTQPEGVSFKMTGNVMEWSNFKFHIGFNYREGIVLSDVSYNDHGNVRPIFHRISLSEMIVPYGSPEFPHQRKHALDI
GEYGAGYMTNPLSLGCDCKGVIHYLDAHFSDRAGDPITVKNAVCIHEEDDGLLFKHSDFRDNFATSLVTRATKLVVSQIF
TAAN(TYQ)EYCLYWVFMQDGAIRLDIRLTGILNTYILGDDEEAGPWGTRVYPNVNAHNHQHLFSLRIDPRIDGDGNSAA
ACDAKSSPYPLGSPENMYGNAFYSEKTTFKTVKDSLTNYESATGRSWDIFNPNKVNPYSGKPPSYKLVSTQCPPLLAKEG
SLVAKRAPWASHSVNVVPYKDNRLYPSGDHVPQWSGDGVRGMREWIGDGSENIDNTDILFFHTFGITHFPAPEDFPLMPA
EPITLMLRPRHFFTENPGLDIQPSYAMTTSEAKRAVHKETKDKTSRLAFEGSCCGK
;
_entity_poly.pdbx_strand_id   A,B,C,D,E,F
#
# COMPACT_ATOMS: atom_id res chain seq x y z
N PRO A 18 -17.73 -66.42 -14.54
CA PRO A 18 -19.16 -66.71 -14.53
C PRO A 18 -19.84 -66.86 -15.94
N ALA A 19 -21.06 -66.33 -16.03
CA ALA A 19 -21.57 -65.70 -17.23
C ALA A 19 -21.20 -64.20 -17.12
N ARG A 20 -20.84 -63.58 -18.25
CA ARG A 20 -20.67 -62.15 -18.31
C ARG A 20 -22.07 -61.49 -18.25
N PRO A 21 -22.18 -60.29 -17.63
CA PRO A 21 -23.44 -59.55 -17.80
C PRO A 21 -23.50 -58.87 -19.17
N ALA A 22 -24.73 -58.59 -19.62
CA ALA A 22 -24.98 -57.64 -20.71
C ALA A 22 -23.90 -56.53 -20.75
N HIS A 23 -24.00 -55.63 -19.80
CA HIS A 23 -23.33 -54.35 -19.90
C HIS A 23 -22.04 -54.32 -19.08
N PRO A 24 -20.91 -53.96 -19.71
CA PRO A 24 -19.64 -53.87 -18.99
C PRO A 24 -19.62 -52.93 -17.76
N LEU A 25 -20.60 -52.06 -17.58
CA LEU A 25 -20.57 -51.13 -16.41
C LEU A 25 -21.42 -51.66 -15.29
N ASP A 26 -22.12 -52.75 -15.56
CA ASP A 26 -22.93 -53.38 -14.51
C ASP A 26 -22.13 -53.70 -13.25
N PRO A 27 -22.72 -53.50 -12.06
CA PRO A 27 -22.04 -53.97 -10.86
C PRO A 27 -21.83 -55.48 -10.85
N LEU A 28 -20.94 -55.92 -9.99
CA LEU A 28 -20.69 -57.35 -9.83
C LEU A 28 -21.96 -58.06 -9.33
N SER A 29 -22.34 -59.19 -9.95
CA SER A 29 -23.44 -60.03 -9.48
C SER A 29 -23.03 -60.73 -8.21
N THR A 30 -23.99 -61.29 -7.46
CA THR A 30 -23.65 -62.15 -6.31
C THR A 30 -22.79 -63.37 -6.74
N ALA A 31 -23.14 -64.02 -7.83
CA ALA A 31 -22.28 -65.09 -8.36
C ALA A 31 -20.88 -64.58 -8.59
N GLU A 32 -20.74 -63.41 -9.21
CA GLU A 32 -19.41 -62.93 -9.57
C GLU A 32 -18.54 -62.58 -8.35
N ILE A 33 -19.15 -62.02 -7.32
CA ILE A 33 -18.50 -61.74 -6.02
C ILE A 33 -18.00 -63.06 -5.39
N LYS A 34 -18.90 -64.06 -5.31
CA LYS A 34 -18.54 -65.39 -4.89
C LYS A 34 -17.35 -65.90 -5.70
N ALA A 35 -17.45 -65.79 -7.03
CA ALA A 35 -16.37 -66.23 -7.88
C ALA A 35 -15.13 -65.46 -7.46
N ALA A 36 -15.29 -64.15 -7.19
CA ALA A 36 -14.12 -63.32 -6.86
C ALA A 36 -13.44 -63.80 -5.60
N THR A 37 -14.23 -64.05 -4.57
CA THR A 37 -13.64 -64.38 -3.27
C THR A 37 -13.10 -65.83 -3.14
N ASN A 38 -13.71 -66.79 -3.87
CA ASN A 38 -13.10 -68.14 -4.02
C ASN A 38 -11.72 -68.07 -4.63
N THR A 39 -11.58 -67.31 -5.71
CA THR A 39 -10.28 -67.10 -6.37
C THR A 39 -9.22 -66.50 -5.43
N VAL A 40 -9.60 -65.50 -4.64
CA VAL A 40 -8.66 -64.86 -3.72
C VAL A 40 -8.39 -65.79 -2.57
N LYS A 41 -9.42 -66.50 -2.09
CA LYS A 41 -9.16 -67.55 -1.07
C LYS A 41 -8.05 -68.58 -1.49
N SER A 42 -8.16 -69.08 -2.72
CA SER A 42 -7.27 -70.13 -3.21
CA SER A 42 -7.27 -70.14 -3.18
C SER A 42 -5.90 -69.60 -3.59
N TYR A 43 -5.83 -68.34 -3.98
CA TYR A 43 -4.52 -67.80 -4.28
C TYR A 43 -3.74 -67.53 -2.97
N PHE A 44 -4.44 -67.17 -1.91
CA PHE A 44 -3.79 -67.05 -0.60
C PHE A 44 -4.02 -68.33 0.23
N ALA A 45 -3.90 -69.50 -0.41
CA ALA A 45 -4.27 -70.76 0.25
C ALA A 45 -3.39 -70.97 1.49
N GLY A 46 -4.04 -71.40 2.58
CA GLY A 46 -3.40 -71.60 3.87
C GLY A 46 -3.34 -70.35 4.75
N LYS A 47 -3.90 -69.24 4.27
CA LYS A 47 -3.90 -68.01 5.08
C LYS A 47 -5.27 -67.57 5.58
N LYS A 48 -5.29 -67.10 6.82
CA LYS A 48 -6.49 -66.46 7.35
C LYS A 48 -6.53 -65.03 6.78
N ILE A 49 -7.52 -64.82 5.94
CA ILE A 49 -7.78 -63.53 5.34
C ILE A 49 -9.27 -63.21 5.51
N SER A 50 -9.61 -61.92 5.60
CA SER A 50 -10.98 -61.50 5.61
C SER A 50 -11.15 -60.50 4.45
N PHE A 51 -12.40 -60.32 3.95
CA PHE A 51 -12.67 -59.42 2.84
C PHE A 51 -13.19 -58.06 3.28
N ASN A 52 -12.62 -56.98 2.72
CA ASN A 52 -12.98 -55.64 3.09
C ASN A 52 -13.82 -54.96 2.00
N THR A 53 -13.40 -55.17 0.76
CA THR A 53 -14.07 -54.71 -0.45
C THR A 53 -13.98 -55.78 -1.56
N VAL A 54 -15.09 -56.10 -2.17
CA VAL A 54 -15.00 -56.82 -3.43
C VAL A 54 -15.94 -56.18 -4.40
N THR A 55 -15.41 -55.69 -5.49
CA THR A 55 -16.17 -54.73 -6.28
C THR A 55 -15.67 -54.65 -7.68
N LEU A 56 -16.51 -54.20 -8.60
CA LEU A 56 -16.15 -53.98 -10.02
C LEU A 56 -14.95 -53.04 -10.22
N ARG A 57 -13.97 -53.50 -11.01
CA ARG A 57 -13.02 -52.58 -11.56
C ARG A 57 -13.57 -52.30 -12.95
N GLU A 58 -13.89 -51.02 -13.14
CA GLU A 58 -14.53 -50.52 -14.33
C GLU A 58 -13.50 -50.52 -15.46
N PRO A 59 -13.88 -50.92 -16.68
CA PRO A 59 -12.84 -50.96 -17.72
C PRO A 59 -12.32 -49.58 -18.06
N ALA A 60 -11.08 -49.48 -18.51
CA ALA A 60 -10.59 -48.20 -19.05
C ALA A 60 -11.60 -47.49 -19.98
N ARG A 61 -11.74 -46.20 -19.75
CA ARG A 61 -12.57 -45.31 -20.56
C ARG A 61 -12.32 -45.50 -22.09
N LYS A 62 -11.07 -45.61 -22.53
CA LYS A 62 -10.77 -45.86 -23.93
C LYS A 62 -11.30 -47.24 -24.35
N ALA A 63 -10.97 -48.31 -23.63
CA ALA A 63 -11.55 -49.65 -23.94
C ALA A 63 -13.05 -49.61 -24.14
N TYR A 64 -13.72 -48.91 -23.21
CA TYR A 64 -15.18 -48.83 -23.14
C TYR A 64 -15.80 -48.13 -24.36
N ILE A 65 -15.28 -46.94 -24.71
CA ILE A 65 -15.74 -46.15 -25.84
C ILE A 65 -15.50 -46.92 -27.18
N GLN A 66 -14.38 -47.63 -27.26
CA GLN A 66 -14.09 -48.48 -28.42
C GLN A 66 -15.13 -49.59 -28.59
N TRP A 67 -15.51 -50.23 -27.49
CA TRP A 67 -16.50 -51.30 -27.49
C TRP A 67 -17.84 -50.70 -27.88
N LYS A 68 -18.13 -49.54 -27.31
CA LYS A 68 -19.44 -48.90 -27.46
C LYS A 68 -19.69 -48.35 -28.88
N GLU A 69 -18.67 -47.84 -29.54
CA GLU A 69 -18.87 -47.01 -30.71
C GLU A 69 -18.01 -47.44 -31.90
N GLN A 70 -16.91 -48.14 -31.62
CA GLN A 70 -15.91 -48.41 -32.64
C GLN A 70 -15.76 -49.91 -32.98
N GLY A 71 -16.76 -50.73 -32.64
CA GLY A 71 -16.65 -52.18 -32.85
C GLY A 71 -15.63 -52.93 -31.98
N GLY A 72 -15.04 -52.23 -31.01
CA GLY A 72 -13.95 -52.82 -30.19
C GLY A 72 -14.34 -54.03 -29.35
N PRO A 73 -13.35 -54.83 -28.91
CA PRO A 73 -13.75 -56.03 -28.18
C PRO A 73 -14.41 -55.67 -26.84
N LEU A 74 -15.23 -56.60 -26.37
CA LEU A 74 -15.91 -56.52 -25.09
C LEU A 74 -14.90 -56.59 -23.94
N PRO A 75 -14.79 -55.50 -23.14
CA PRO A 75 -13.76 -55.48 -22.08
C PRO A 75 -13.88 -56.64 -21.11
N PRO A 76 -12.75 -57.09 -20.57
CA PRO A 76 -12.72 -58.14 -19.55
C PRO A 76 -13.51 -57.69 -18.32
N ARG A 77 -14.27 -58.61 -17.77
CA ARG A 77 -14.95 -58.51 -16.49
C ARG A 77 -13.97 -58.68 -15.33
N LEU A 78 -13.71 -57.61 -14.57
CA LEU A 78 -12.67 -57.60 -13.50
C LEU A 78 -13.20 -57.19 -12.13
N ALA A 79 -12.68 -57.81 -11.08
CA ALA A 79 -13.09 -57.53 -9.70
C ALA A 79 -11.92 -56.92 -8.94
N TYR A 80 -12.16 -55.80 -8.29
CA TYR A 80 -11.16 -55.18 -7.41
C TYR A 80 -11.44 -55.71 -6.01
N TYR A 81 -10.40 -56.18 -5.32
CA TYR A 81 -10.57 -56.56 -3.91
C TYR A 81 -9.53 -55.90 -3.01
N VAL A 82 -9.96 -55.83 -1.75
CA VAL A 82 -9.09 -55.50 -0.66
C VAL A 82 -9.34 -56.50 0.44
N ILE A 83 -8.24 -56.95 1.06
CA ILE A 83 -8.28 -57.97 2.10
C ILE A 83 -7.37 -57.57 3.25
N LEU A 84 -7.69 -58.08 4.44
CA LEU A 84 -6.73 -58.08 5.53
C LEU A 84 -6.35 -59.52 5.84
N GLU A 85 -5.11 -59.69 6.29
CA GLU A 85 -4.60 -60.96 6.80
C GLU A 85 -4.30 -60.79 8.29
N ALA A 86 -4.80 -61.70 9.12
CA ALA A 86 -4.51 -61.67 10.57
C ALA A 86 -3.01 -61.67 10.83
N GLY A 87 -2.60 -60.82 11.76
CA GLY A 87 -1.18 -60.67 12.11
C GLY A 87 -0.33 -59.85 11.15
N LYS A 88 -0.92 -59.40 10.03
CA LYS A 88 -0.18 -58.60 9.04
C LYS A 88 -0.69 -57.15 9.05
N PRO A 89 0.23 -56.17 9.08
CA PRO A 89 -0.24 -54.75 9.09
C PRO A 89 -0.83 -54.34 7.74
N GLY A 90 -1.70 -53.31 7.75
CA GLY A 90 -2.25 -52.78 6.52
C GLY A 90 -3.16 -53.77 5.79
N VAL A 91 -3.10 -53.76 4.46
CA VAL A 91 -4.03 -54.49 3.64
C VAL A 91 -3.31 -55.08 2.46
N LYS A 92 -4.03 -55.87 1.69
CA LYS A 92 -3.57 -56.32 0.42
C LYS A 92 -4.71 -56.00 -0.53
N GLU A 93 -4.39 -55.59 -1.75
CA GLU A 93 -5.42 -55.29 -2.72
C GLU A 93 -5.03 -55.88 -4.06
N GLY A 94 -5.99 -56.04 -4.96
CA GLY A 94 -5.63 -56.43 -6.30
C GLY A 94 -6.83 -56.73 -7.11
N LEU A 95 -6.57 -57.41 -8.22
CA LEU A 95 -7.56 -57.57 -9.23
C LEU A 95 -7.72 -59.01 -9.54
N VAL A 96 -8.96 -59.44 -9.78
CA VAL A 96 -9.23 -60.81 -10.20
C VAL A 96 -9.84 -60.81 -11.60
N ASP A 97 -9.22 -61.55 -12.53
CA ASP A 97 -9.85 -61.81 -13.84
C ASP A 97 -10.90 -62.90 -13.67
N LEU A 98 -12.17 -62.52 -13.76
CA LEU A 98 -13.29 -63.41 -13.50
C LEU A 98 -13.44 -64.58 -14.48
N ALA A 99 -13.18 -64.33 -15.76
CA ALA A 99 -13.39 -65.34 -16.78
C ALA A 99 -12.44 -66.54 -16.62
N SER A 100 -11.24 -66.29 -16.10
CA SER A 100 -10.23 -67.34 -15.89
C SER A 100 -9.99 -67.61 -14.39
N LEU A 101 -10.88 -67.08 -13.54
CA LEU A 101 -10.77 -67.27 -12.10
C LEU A 101 -9.31 -67.18 -11.59
N SER A 102 -8.61 -66.14 -12.01
CA SER A 102 -7.24 -65.98 -11.56
CA SER A 102 -7.21 -65.97 -11.62
C SER A 102 -6.99 -64.62 -10.94
N VAL A 103 -5.97 -64.53 -10.09
CA VAL A 103 -5.53 -63.26 -9.60
C VAL A 103 -4.55 -62.68 -10.61
N ILE A 104 -4.82 -61.49 -11.13
CA ILE A 104 -3.96 -60.92 -12.18
C ILE A 104 -3.08 -59.75 -11.74
N GLU A 105 -3.19 -59.36 -10.48
CA GLU A 105 -2.53 -58.15 -10.03
C GLU A 105 -2.71 -58.21 -8.56
N THR A 106 -1.68 -57.88 -7.81
CA THR A 106 -1.82 -57.84 -6.37
C THR A 106 -0.72 -56.96 -5.77
N ARG A 107 -0.85 -56.59 -4.50
CA ARG A 107 0.20 -55.83 -3.85
C ARG A 107 -0.20 -55.51 -2.42
N ALA A 108 0.81 -55.38 -1.58
CA ALA A 108 0.53 -55.30 -0.16
C ALA A 108 0.79 -53.84 0.30
N LEU A 109 -0.19 -53.25 0.98
CA LEU A 109 -0.05 -51.86 1.50
C LEU A 109 0.02 -51.93 3.02
N GLU A 110 1.26 -51.94 3.50
CA GLU A 110 1.43 -52.13 4.90
C GLU A 110 1.05 -50.86 5.75
N THR A 111 0.99 -49.69 5.13
CA THR A 111 0.87 -48.46 5.94
C THR A 111 -0.40 -47.64 5.60
N VAL A 112 -1.43 -48.31 5.09
CA VAL A 112 -2.77 -47.68 5.01
C VAL A 112 -3.78 -48.43 5.85
N GLN A 113 -4.96 -47.84 6.04
CA GLN A 113 -6.10 -48.52 6.62
C GLN A 113 -7.27 -48.30 5.69
N PRO A 114 -8.12 -49.33 5.58
CA PRO A 114 -9.17 -49.29 4.60
C PRO A 114 -10.51 -48.85 5.19
N ILE A 115 -11.45 -48.70 4.28
CA ILE A 115 -12.82 -48.32 4.55
C ILE A 115 -13.40 -49.28 5.64
N LEU A 116 -14.14 -48.69 6.60
CA LEU A 116 -14.83 -49.44 7.68
C LEU A 116 -16.15 -50.04 7.20
N THR A 117 -16.26 -51.37 7.26
CA THR A 117 -17.50 -52.06 6.83
C THR A 117 -18.54 -52.11 7.94
N VAL A 118 -19.77 -52.48 7.57
CA VAL A 118 -20.88 -52.64 8.53
C VAL A 118 -20.45 -53.49 9.75
N GLU A 119 -19.67 -54.55 9.52
CA GLU A 119 -19.29 -55.50 10.57
C GLU A 119 -18.17 -55.03 11.49
N ASP A 120 -17.18 -54.36 10.93
CA ASP A 120 -16.13 -53.66 11.68
C ASP A 120 -16.75 -52.62 12.63
N LEU A 121 -17.88 -52.04 12.22
CA LEU A 121 -18.62 -51.11 13.08
C LEU A 121 -19.39 -51.85 14.17
N CYS A 122 -19.97 -52.98 13.81
CA CYS A 122 -20.95 -53.64 14.68
C CYS A 122 -20.34 -54.21 15.96
N SER A 123 -19.08 -54.64 15.91
CA SER A 123 -18.43 -55.25 17.07
C SER A 123 -17.88 -54.28 18.13
N THR A 124 -17.80 -52.99 17.85
CA THR A 124 -17.18 -52.06 18.79
C THR A 124 -17.93 -51.90 20.11
N GLU A 125 -19.26 -51.92 20.08
CA GLU A 125 -20.05 -51.62 21.28
C GLU A 125 -19.82 -52.75 22.26
N GLU A 126 -19.83 -53.98 21.74
CA GLU A 126 -19.58 -55.10 22.61
CA GLU A 126 -19.55 -55.16 22.54
C GLU A 126 -18.16 -54.99 23.16
N VAL A 127 -17.19 -54.60 22.33
CA VAL A 127 -15.86 -54.42 22.84
C VAL A 127 -15.89 -53.43 24.01
N ILE A 128 -16.47 -52.25 23.83
CA ILE A 128 -16.34 -51.25 24.90
C ILE A 128 -17.21 -51.60 26.13
N ARG A 129 -18.28 -52.34 25.92
CA ARG A 129 -19.20 -52.66 27.04
C ARG A 129 -18.58 -53.63 28.06
N ASN A 130 -17.62 -54.40 27.57
CA ASN A 130 -16.91 -55.39 28.33
C ASN A 130 -15.53 -54.94 28.69
N ASP A 131 -15.11 -53.76 28.28
CA ASP A 131 -13.75 -53.43 28.64
C ASP A 131 -13.72 -52.81 30.03
N PRO A 132 -12.84 -53.29 30.91
CA PRO A 132 -12.72 -52.78 32.27
C PRO A 132 -12.36 -51.29 32.46
N ALA A 133 -11.49 -50.71 31.63
CA ALA A 133 -11.27 -49.24 31.84
C ALA A 133 -12.51 -48.44 31.39
N VAL A 134 -13.18 -48.93 30.35
CA VAL A 134 -14.42 -48.29 29.90
C VAL A 134 -15.47 -48.36 30.97
N ILE A 135 -15.66 -49.56 31.53
CA ILE A 135 -16.62 -49.80 32.60
C ILE A 135 -16.36 -48.87 33.77
N GLU A 136 -15.10 -48.73 34.15
CA GLU A 136 -14.70 -47.78 35.20
C GLU A 136 -15.07 -46.30 34.88
N GLN A 137 -14.83 -45.89 33.62
CA GLN A 137 -15.21 -44.53 33.14
C GLN A 137 -16.74 -44.28 33.22
N CYS A 138 -17.52 -45.28 32.82
CA CYS A 138 -18.96 -45.22 33.00
C CYS A 138 -19.33 -45.05 34.48
N VAL A 139 -18.77 -45.86 35.40
CA VAL A 139 -19.07 -45.70 36.82
C VAL A 139 -18.75 -44.28 37.32
N LEU A 140 -17.58 -43.74 36.98
CA LEU A 140 -17.21 -42.40 37.45
C LEU A 140 -18.08 -41.36 36.80
N SER A 141 -18.66 -41.72 35.67
CA SER A 141 -19.59 -40.82 35.00
C SER A 141 -21.00 -40.94 35.55
N GLY A 142 -21.19 -41.91 36.46
CA GLY A 142 -22.46 -42.07 37.16
C GLY A 142 -23.39 -43.12 36.62
N ILE A 143 -22.87 -44.09 35.88
CA ILE A 143 -23.63 -45.24 35.38
C ILE A 143 -23.07 -46.58 35.97
N PRO A 144 -23.89 -47.34 36.75
CA PRO A 144 -23.31 -48.51 37.45
C PRO A 144 -22.83 -49.60 36.48
N ALA A 145 -21.87 -50.37 36.96
CA ALA A 145 -21.18 -51.42 36.19
C ALA A 145 -22.10 -52.50 35.65
N ASN A 146 -23.33 -52.52 36.15
CA ASN A 146 -24.30 -53.53 35.78
C ASN A 146 -25.37 -52.98 34.84
N GLU A 147 -25.24 -51.69 34.53
CA GLU A 147 -26.11 -50.97 33.59
C GLU A 147 -25.36 -50.72 32.25
N MET A 148 -24.40 -51.58 31.93
CA MET A 148 -23.55 -51.40 30.75
C MET A 148 -24.30 -51.72 29.46
N HIS A 149 -25.39 -52.49 29.58
CA HIS A 149 -26.29 -52.71 28.43
C HIS A 149 -26.96 -51.36 28.00
N LYS A 150 -26.92 -50.38 28.89
CA LYS A 150 -27.44 -49.03 28.60
C LYS A 150 -26.45 -48.05 27.90
N VAL A 151 -25.19 -48.47 27.74
CA VAL A 151 -24.18 -47.65 27.17
C VAL A 151 -24.11 -48.00 25.72
N TYR A 152 -24.23 -46.98 24.85
CA TYR A 152 -24.07 -47.15 23.41
C TYR A 152 -22.87 -46.35 22.87
N CYS A 153 -22.38 -46.72 21.67
CA CYS A 153 -21.44 -45.81 21.03
C CYS A 153 -21.61 -45.71 19.52
N ASP A 154 -21.21 -44.59 18.93
CA ASP A 154 -21.06 -44.61 17.48
C ASP A 154 -19.59 -44.87 17.13
N PRO A 155 -19.34 -45.91 16.31
CA PRO A 155 -17.95 -46.33 16.19
C PRO A 155 -17.18 -45.70 15.02
N TRP A 156 -16.75 -44.46 15.14
CA TRP A 156 -16.13 -43.80 14.00
C TRP A 156 -14.74 -44.36 13.75
N THR A 157 -14.21 -44.23 12.53
CA THR A 157 -12.77 -44.27 12.36
CA THR A 157 -12.77 -44.34 12.43
C THR A 157 -12.21 -43.26 13.36
N ILE A 158 -10.95 -43.44 13.73
CA ILE A 158 -10.27 -42.46 14.60
C ILE A 158 -10.03 -41.20 13.73
N GLY A 159 -10.15 -41.42 12.42
CA GLY A 159 -9.93 -40.39 11.40
C GLY A 159 -8.44 -40.16 11.24
N TYR A 160 -7.85 -39.35 12.13
CA TYR A 160 -6.40 -39.30 12.26
C TYR A 160 -5.99 -38.81 13.61
N ASP A 161 -5.06 -39.56 14.21
CA ASP A 161 -4.43 -39.24 15.49
C ASP A 161 -2.94 -39.51 15.38
N GLU A 162 -2.16 -38.48 15.59
CA GLU A 162 -0.74 -38.57 15.46
C GLU A 162 -0.04 -39.38 16.54
N ARG A 163 -0.74 -39.77 17.61
CA ARG A 163 -0.17 -40.78 18.52
C ARG A 163 -0.03 -42.20 17.90
N TRP A 164 -0.80 -42.59 16.87
CA TRP A 164 -0.67 -43.95 16.28
C TRP A 164 -0.58 -44.07 14.76
N GLY A 165 -0.76 -42.98 14.03
CA GLY A 165 -0.71 -43.01 12.59
C GLY A 165 -1.57 -44.10 11.98
N THR A 166 -0.96 -44.95 11.15
CA THR A 166 -1.72 -46.04 10.53
C THR A 166 -1.20 -47.37 11.09
N GLY A 167 -0.38 -47.25 12.14
CA GLY A 167 0.35 -48.40 12.74
C GLY A 167 -0.58 -49.46 13.33
N LYS A 168 -1.77 -49.07 13.79
CA LYS A 168 -2.86 -50.00 14.14
C LYS A 168 -4.12 -49.53 13.45
N ARG A 169 -5.05 -50.46 13.17
CA ARG A 169 -6.41 -50.08 12.67
C ARG A 169 -7.28 -49.61 13.85
N LEU A 170 -7.73 -48.35 13.83
CA LEU A 170 -8.37 -47.79 15.01
CA LEU A 170 -8.36 -47.72 15.01
C LEU A 170 -9.73 -47.13 14.74
N GLN A 171 -10.61 -47.27 15.74
CA GLN A 171 -11.85 -46.58 15.82
C GLN A 171 -11.88 -45.72 17.08
N GLN A 172 -12.77 -44.72 17.11
CA GLN A 172 -12.95 -43.90 18.32
C GLN A 172 -14.44 -44.04 18.61
N ALA A 173 -14.76 -44.50 19.80
CA ALA A 173 -16.12 -44.77 20.15
C ALA A 173 -16.73 -43.51 20.77
N LEU A 174 -17.68 -42.88 20.09
CA LEU A 174 -18.38 -41.74 20.68
C LEU A 174 -19.50 -42.27 21.58
N VAL A 175 -19.35 -42.02 22.88
CA VAL A 175 -20.18 -42.74 23.84
C VAL A 175 -21.46 -42.00 24.21
N TYR A 176 -22.55 -42.77 24.24
CA TYR A 176 -23.84 -42.32 24.72
C TYR A 176 -24.53 -43.27 25.73
N TYR A 177 -25.60 -42.74 26.32
CA TYR A 177 -26.37 -43.41 27.33
C TYR A 177 -27.86 -43.38 26.94
N ARG A 178 -28.54 -44.55 27.03
CA ARG A 178 -30.01 -44.70 26.86
C ARG A 178 -30.69 -45.19 28.18
N SER A 179 -31.76 -44.53 28.65
CA SER A 179 -32.54 -45.05 29.77
CA SER A 179 -32.55 -45.04 29.76
C SER A 179 -33.38 -46.23 29.32
N ASP A 180 -33.83 -46.19 28.09
CA ASP A 180 -34.65 -47.21 27.55
C ASP A 180 -34.13 -47.38 26.16
N GLU A 181 -34.11 -48.64 25.70
CA GLU A 181 -33.61 -49.01 24.42
C GLU A 181 -34.26 -48.18 23.26
N ASP A 182 -35.46 -47.66 23.51
CA ASP A 182 -36.21 -46.92 22.53
C ASP A 182 -35.83 -45.43 22.53
N ASP A 183 -35.03 -45.01 23.52
CA ASP A 183 -34.61 -43.60 23.60
C ASP A 183 -33.81 -43.26 22.36
N SER A 184 -33.82 -42.00 21.95
CA SER A 184 -32.76 -41.53 21.08
C SER A 184 -31.62 -41.06 21.99
N GLN A 185 -30.44 -41.67 21.79
CA GLN A 185 -29.33 -41.53 22.72
C GLN A 185 -28.59 -40.18 22.81
N TYR A 186 -28.85 -39.32 21.82
CA TYR A 186 -28.03 -38.10 21.61
C TYR A 186 -28.24 -36.96 22.62
N SER A 187 -29.21 -37.11 23.53
CA SER A 187 -29.38 -36.11 24.56
C SER A 187 -28.45 -36.46 25.65
N HIS A 188 -27.88 -37.66 25.56
CA HIS A 188 -27.03 -38.17 26.66
C HIS A 188 -25.58 -38.66 26.31
N PRO A 189 -24.80 -37.81 25.64
CA PRO A 189 -23.41 -38.22 25.42
C PRO A 189 -22.63 -38.35 26.75
N LEU A 190 -21.58 -39.17 26.76
CA LEU A 190 -20.66 -39.19 27.86
C LEU A 190 -19.41 -38.36 27.50
N ASP A 191 -18.64 -38.00 28.52
CA ASP A 191 -17.50 -37.13 28.35
C ASP A 191 -16.18 -37.72 27.83
N PHE A 192 -16.07 -39.02 27.73
CA PHE A 192 -14.76 -39.64 27.48
C PHE A 192 -14.81 -40.36 26.14
N CYS A 193 -13.65 -40.67 25.57
CA CYS A 193 -13.59 -41.25 24.22
C CYS A 193 -12.62 -42.46 24.20
N PRO A 194 -13.17 -43.68 24.20
CA PRO A 194 -12.36 -44.88 24.07
C PRO A 194 -11.81 -44.98 22.66
N ILE A 195 -10.57 -45.42 22.54
CA ILE A 195 -9.94 -45.71 21.28
C ILE A 195 -9.86 -47.24 21.15
N VAL A 196 -10.34 -47.82 20.07
CA VAL A 196 -10.46 -49.26 19.98
C VAL A 196 -9.57 -49.86 18.85
N ASP A 197 -8.79 -50.91 19.12
CA ASP A 197 -8.11 -51.58 18.01
C ASP A 197 -9.13 -52.44 17.34
N THR A 198 -9.41 -52.12 16.08
CA THR A 198 -10.48 -52.79 15.35
C THR A 198 -10.26 -54.28 15.15
N GLU A 199 -9.02 -54.64 14.84
CA GLU A 199 -8.68 -56.01 14.50
C GLU A 199 -8.36 -56.89 15.73
N GLU A 200 -7.83 -56.30 16.80
CA GLU A 200 -7.63 -57.01 18.08
C GLU A 200 -8.87 -56.96 19.01
N LYS A 201 -9.88 -56.17 18.67
CA LYS A 201 -11.12 -56.11 19.45
C LYS A 201 -10.84 -55.78 20.93
N LYS A 202 -10.16 -54.67 21.14
CA LYS A 202 -9.57 -54.34 22.39
C LYS A 202 -9.44 -52.79 22.50
N VAL A 203 -9.85 -52.21 23.63
CA VAL A 203 -9.64 -50.80 23.90
C VAL A 203 -8.16 -50.57 24.30
N ILE A 204 -7.46 -49.65 23.65
CA ILE A 204 -6.02 -49.42 23.90
C ILE A 204 -5.74 -48.09 24.60
N PHE A 205 -6.76 -47.24 24.65
CA PHE A 205 -6.65 -45.90 25.28
C PHE A 205 -8.03 -45.31 25.46
N ILE A 206 -8.14 -44.40 26.43
CA ILE A 206 -9.35 -43.58 26.57
C ILE A 206 -9.00 -42.11 26.77
N ASP A 207 -9.51 -41.23 25.90
CA ASP A 207 -9.28 -39.79 26.06
C ASP A 207 -10.26 -39.33 27.13
N ILE A 208 -9.74 -38.69 28.16
CA ILE A 208 -10.52 -38.33 29.33
C ILE A 208 -10.25 -36.87 29.51
N PRO A 209 -11.29 -36.05 29.59
CA PRO A 209 -11.02 -34.62 29.69
C PRO A 209 -10.54 -34.21 31.07
N ASN A 210 -9.86 -33.09 31.15
CA ASN A 210 -9.44 -32.54 32.42
C ASN A 210 -10.58 -32.20 33.40
N ARG A 211 -11.64 -31.55 32.93
CA ARG A 211 -12.89 -31.40 33.72
C ARG A 211 -13.93 -32.48 33.37
N ARG A 212 -14.18 -33.37 34.34
CA ARG A 212 -15.15 -34.44 34.16
C ARG A 212 -16.56 -33.85 34.19
N ARG A 213 -17.44 -34.38 33.35
CA ARG A 213 -18.88 -34.08 33.36
C ARG A 213 -19.62 -35.40 33.32
N LYS A 214 -20.46 -35.61 34.32
CA LYS A 214 -21.29 -36.82 34.48
C LYS A 214 -22.56 -36.79 33.62
N VAL A 215 -23.10 -37.98 33.33
CA VAL A 215 -24.25 -38.17 32.50
C VAL A 215 -25.39 -37.26 32.95
N SER A 216 -26.07 -36.71 31.97
CA SER A 216 -27.19 -35.82 32.23
C SER A 216 -28.25 -36.56 33.02
N LYS A 217 -28.84 -35.82 33.95
CA LYS A 217 -30.03 -36.29 34.66
C LYS A 217 -31.39 -36.08 33.97
N HIS A 218 -31.45 -35.20 32.95
CA HIS A 218 -32.68 -34.81 32.25
C HIS A 218 -33.27 -36.02 31.54
N LYS A 219 -34.52 -35.91 31.17
CA LYS A 219 -35.13 -36.95 30.35
C LYS A 219 -34.47 -36.93 29.00
N HIS A 220 -34.51 -38.08 28.33
CA HIS A 220 -34.10 -38.15 26.96
C HIS A 220 -34.98 -37.29 26.07
N ALA A 221 -34.39 -36.71 25.03
CA ALA A 221 -35.15 -35.92 24.08
C ALA A 221 -35.61 -36.83 22.94
N ASN A 222 -36.83 -37.31 23.02
CA ASN A 222 -37.27 -38.35 22.10
C ASN A 222 -38.25 -37.82 21.05
N PHE A 223 -38.58 -38.64 20.04
CA PHE A 223 -39.32 -38.17 18.90
C PHE A 223 -40.31 -39.19 18.24
N TYR A 224 -40.48 -40.35 18.85
CA TYR A 224 -41.52 -41.28 18.40
C TYR A 224 -42.92 -40.84 18.87
N PRO A 225 -43.98 -41.27 18.17
CA PRO A 225 -45.28 -40.75 18.59
C PRO A 225 -45.60 -41.02 20.08
N LYS A 226 -45.21 -42.18 20.63
CA LYS A 226 -45.46 -42.42 22.07
C LYS A 226 -44.76 -41.38 22.95
N HIS A 227 -43.53 -41.01 22.60
CA HIS A 227 -42.85 -39.90 23.31
C HIS A 227 -43.51 -38.56 23.15
N MET A 228 -43.94 -38.27 21.94
CA MET A 228 -44.56 -36.98 21.67
C MET A 228 -45.92 -36.81 22.42
N ILE A 229 -46.70 -37.90 22.47
CA ILE A 229 -47.93 -37.96 23.25
C ILE A 229 -47.63 -37.52 24.71
N GLU A 230 -46.60 -38.09 25.36
CA GLU A 230 -46.17 -37.63 26.69
C GLU A 230 -45.76 -36.17 26.71
N LYS A 231 -44.95 -35.76 25.74
CA LYS A 231 -44.34 -34.41 25.70
C LYS A 231 -45.33 -33.29 25.37
N VAL A 232 -46.18 -33.45 24.36
CA VAL A 232 -47.07 -32.32 24.01
C VAL A 232 -48.59 -32.60 24.05
N GLY A 233 -48.99 -33.75 24.60
CA GLY A 233 -50.43 -34.15 24.75
C GLY A 233 -51.01 -35.15 23.72
N ALA A 234 -50.68 -34.92 22.44
CA ALA A 234 -51.24 -35.69 21.33
C ALA A 234 -50.53 -35.43 20.03
N MET A 235 -50.61 -36.39 19.14
CA MET A 235 -50.20 -36.21 17.77
C MET A 235 -51.23 -35.36 17.06
N ARG A 236 -50.80 -34.63 16.03
CA ARG A 236 -51.73 -34.05 15.08
C ARG A 236 -52.59 -35.14 14.46
N PRO A 237 -53.88 -34.84 14.20
CA PRO A 237 -54.71 -35.75 13.41
C PRO A 237 -53.98 -36.14 12.11
N GLU A 238 -54.13 -37.39 11.66
CA GLU A 238 -53.73 -37.82 10.33
C GLU A 238 -54.27 -36.83 9.25
N ALA A 239 -53.40 -36.26 8.43
CA ALA A 239 -53.84 -35.34 7.39
C ALA A 239 -54.55 -36.07 6.25
N PRO A 240 -55.42 -35.35 5.53
CA PRO A 240 -56.07 -36.00 4.36
C PRO A 240 -55.05 -36.43 3.28
N PRO A 241 -55.15 -37.66 2.74
CA PRO A 241 -54.11 -38.16 1.82
C PRO A 241 -53.93 -37.36 0.52
N ILE A 242 -52.72 -37.35 -0.01
CA ILE A 242 -52.45 -36.80 -1.33
C ILE A 242 -51.95 -38.00 -2.11
N ASN A 243 -52.75 -38.51 -3.05
CA ASN A 243 -52.45 -39.77 -3.75
C ASN A 243 -51.95 -39.55 -5.17
N VAL A 244 -50.96 -40.35 -5.54
CA VAL A 244 -50.26 -40.24 -6.81
C VAL A 244 -50.38 -41.55 -7.61
N THR A 245 -51.15 -41.53 -8.68
CA THR A 245 -51.28 -42.75 -9.50
C THR A 245 -50.67 -42.53 -10.89
N GLN A 246 -50.25 -43.61 -11.53
CA GLN A 246 -49.96 -43.57 -12.96
C GLN A 246 -50.66 -44.79 -13.55
N PRO A 247 -51.97 -44.64 -13.91
CA PRO A 247 -52.80 -45.76 -14.48
C PRO A 247 -52.23 -46.37 -15.75
N GLU A 248 -51.56 -45.58 -16.58
CA GLU A 248 -50.96 -46.10 -17.81
C GLU A 248 -49.50 -46.48 -17.65
N GLY A 249 -49.01 -46.63 -16.43
CA GLY A 249 -47.57 -46.88 -16.22
C GLY A 249 -46.69 -45.62 -16.41
N VAL A 250 -45.39 -45.83 -16.64
CA VAL A 250 -44.42 -44.73 -16.68
C VAL A 250 -43.87 -44.39 -18.10
N SER A 251 -43.29 -43.20 -18.26
CA SER A 251 -42.69 -42.90 -19.59
C SER A 251 -41.27 -43.42 -19.73
N PHE A 252 -40.60 -43.77 -18.63
CA PHE A 252 -39.23 -44.24 -18.77
C PHE A 252 -39.19 -45.74 -19.04
N LYS A 253 -38.07 -46.17 -19.58
CA LYS A 253 -37.85 -47.54 -20.00
C LYS A 253 -36.46 -48.07 -19.53
N MET A 254 -36.47 -49.14 -18.73
CA MET A 254 -35.25 -49.75 -18.32
C MET A 254 -34.92 -51.05 -19.02
N THR A 255 -33.68 -51.17 -19.48
CA THR A 255 -33.18 -52.43 -20.03
C THR A 255 -31.94 -52.86 -19.22
N GLY A 256 -32.12 -53.80 -18.29
CA GLY A 256 -31.10 -54.01 -17.30
C GLY A 256 -30.92 -52.70 -16.53
N ASN A 257 -29.71 -52.19 -16.52
CA ASN A 257 -29.46 -50.99 -15.72
C ASN A 257 -29.45 -49.74 -16.63
N VAL A 258 -29.73 -49.94 -17.93
CA VAL A 258 -29.82 -48.82 -18.89
C VAL A 258 -31.18 -48.11 -18.85
N MET A 259 -31.17 -46.80 -18.56
CA MET A 259 -32.35 -45.96 -18.49
C MET A 259 -32.58 -45.20 -19.80
N GLU A 260 -33.82 -45.16 -20.31
CA GLU A 260 -34.29 -44.27 -21.44
C GLU A 260 -35.49 -43.45 -20.96
N TRP A 261 -35.37 -42.12 -21.03
CA TRP A 261 -36.40 -41.19 -20.65
C TRP A 261 -36.19 -39.84 -21.34
N SER A 262 -37.20 -39.39 -22.07
CA SER A 262 -37.24 -38.02 -22.54
C SER A 262 -35.89 -37.70 -23.26
N ASN A 263 -35.52 -38.63 -24.14
CA ASN A 263 -34.29 -38.56 -24.97
C ASN A 263 -32.94 -38.76 -24.28
N PHE A 264 -32.88 -38.67 -22.94
CA PHE A 264 -31.66 -39.06 -22.21
C PHE A 264 -31.48 -40.56 -22.26
N LYS A 265 -30.22 -40.98 -22.29
CA LYS A 265 -29.89 -42.38 -22.15
C LYS A 265 -28.64 -42.47 -21.23
N PHE A 266 -28.67 -43.38 -20.27
CA PHE A 266 -27.53 -43.58 -19.45
C PHE A 266 -27.65 -44.80 -18.66
N HIS A 267 -26.53 -45.22 -18.10
CA HIS A 267 -26.45 -46.46 -17.32
C HIS A 267 -26.44 -46.09 -15.85
N ILE A 268 -27.27 -46.77 -15.06
CA ILE A 268 -27.30 -46.56 -13.61
C ILE A 268 -26.49 -47.64 -12.94
N GLY A 269 -25.33 -47.28 -12.41
CA GLY A 269 -24.51 -48.21 -11.66
C GLY A 269 -24.56 -47.87 -10.18
N PHE A 270 -23.84 -48.65 -9.40
CA PHE A 270 -23.85 -48.55 -7.96
C PHE A 270 -22.62 -49.30 -7.49
N ASN A 271 -21.89 -48.71 -6.53
CA ASN A 271 -20.85 -49.43 -5.80
C ASN A 271 -20.86 -49.10 -4.31
N TYR A 272 -19.96 -49.73 -3.55
CA TYR A 272 -19.95 -49.69 -2.09
C TYR A 272 -19.50 -48.29 -1.57
N ARG A 273 -18.83 -47.52 -2.42
CA ARG A 273 -18.15 -46.34 -1.93
C ARG A 273 -18.91 -45.09 -2.36
N GLU A 274 -19.10 -44.92 -3.67
CA GLU A 274 -19.81 -43.79 -4.22
C GLU A 274 -21.36 -43.91 -4.15
N GLY A 275 -21.87 -45.10 -3.95
CA GLY A 275 -23.29 -45.25 -4.02
C GLY A 275 -23.56 -45.20 -5.51
N ILE A 276 -24.53 -44.39 -5.88
CA ILE A 276 -24.95 -44.26 -7.31
C ILE A 276 -23.83 -43.66 -8.19
N VAL A 277 -23.67 -44.30 -9.34
CA VAL A 277 -22.76 -43.90 -10.42
C VAL A 277 -23.49 -43.84 -11.76
N LEU A 278 -23.52 -42.67 -12.35
CA LEU A 278 -24.20 -42.47 -13.62
C LEU A 278 -23.21 -42.43 -14.75
N SER A 279 -23.38 -43.30 -15.73
CA SER A 279 -22.38 -43.45 -16.80
C SER A 279 -22.98 -43.32 -18.21
N ASP A 280 -22.13 -43.02 -19.19
CA ASP A 280 -22.51 -43.04 -20.59
C ASP A 280 -23.73 -42.18 -20.81
N VAL A 281 -23.73 -40.96 -20.28
CA VAL A 281 -24.90 -40.10 -20.43
C VAL A 281 -24.96 -39.40 -21.80
N SER A 282 -26.00 -39.69 -22.57
CA SER A 282 -26.24 -39.09 -23.87
C SER A 282 -27.65 -38.49 -23.96
N TYR A 283 -27.82 -37.61 -24.94
CA TYR A 283 -29.10 -37.01 -25.24
C TYR A 283 -29.42 -37.21 -26.76
N ASN A 284 -30.60 -37.73 -27.10
CA ASN A 284 -31.01 -38.02 -28.51
C ASN A 284 -31.67 -36.77 -29.05
N ASP A 285 -30.93 -35.99 -29.81
CA ASP A 285 -31.40 -34.71 -30.32
C ASP A 285 -31.96 -35.00 -31.73
N HIS A 286 -33.24 -35.33 -31.76
CA HIS A 286 -33.92 -35.68 -33.02
C HIS A 286 -33.10 -36.64 -33.89
N GLY A 287 -32.73 -37.78 -33.31
CA GLY A 287 -32.01 -38.84 -34.04
C GLY A 287 -30.49 -38.76 -34.02
N ASN A 288 -29.95 -37.60 -33.74
CA ASN A 288 -28.53 -37.43 -33.50
C ASN A 288 -28.18 -37.74 -32.01
N VAL A 289 -27.66 -38.94 -31.76
CA VAL A 289 -27.34 -39.29 -30.33
C VAL A 289 -26.07 -38.60 -29.81
N ARG A 290 -26.22 -37.64 -28.92
CA ARG A 290 -25.07 -36.78 -28.54
C ARG A 290 -24.57 -37.07 -27.11
N PRO A 291 -23.29 -37.48 -26.92
CA PRO A 291 -22.69 -37.65 -25.57
C PRO A 291 -22.73 -36.33 -24.77
N ILE A 292 -22.80 -36.45 -23.44
CA ILE A 292 -22.76 -35.37 -22.51
C ILE A 292 -21.72 -35.69 -21.41
N PHE A 293 -21.97 -36.72 -20.60
CA PHE A 293 -20.96 -37.25 -19.66
C PHE A 293 -20.61 -38.74 -19.84
N HIS A 294 -19.33 -39.03 -19.64
CA HIS A 294 -18.93 -40.38 -19.48
C HIS A 294 -19.28 -40.95 -18.09
N ARG A 295 -19.13 -40.14 -17.03
CA ARG A 295 -19.45 -40.63 -15.75
C ARG A 295 -19.67 -39.50 -14.76
N ILE A 296 -20.58 -39.65 -13.82
CA ILE A 296 -20.75 -38.61 -12.83
C ILE A 296 -21.15 -39.28 -11.54
N SER A 297 -20.62 -38.81 -10.43
CA SER A 297 -20.91 -39.40 -9.15
C SER A 297 -20.38 -38.55 -8.03
N LEU A 298 -20.69 -38.89 -6.78
CA LEU A 298 -20.03 -38.23 -5.63
C LEU A 298 -18.78 -39.02 -5.26
N SER A 299 -17.59 -38.39 -5.13
CA SER A 299 -16.35 -39.17 -5.05
C SER A 299 -15.70 -39.12 -3.68
N GLU A 300 -16.18 -38.23 -2.82
CA GLU A 300 -15.62 -38.14 -1.47
C GLU A 300 -16.49 -37.11 -0.71
N MET A 301 -16.36 -37.00 0.61
CA MET A 301 -17.05 -35.96 1.40
C MET A 301 -16.07 -35.61 2.47
N ILE A 302 -16.28 -34.48 3.15
CA ILE A 302 -15.66 -34.26 4.46
C ILE A 302 -16.63 -33.40 5.27
N VAL A 303 -16.66 -33.64 6.59
CA VAL A 303 -17.61 -33.05 7.50
C VAL A 303 -16.83 -32.57 8.69
N PRO A 304 -16.10 -31.45 8.48
CA PRO A 304 -15.17 -30.93 9.45
C PRO A 304 -15.88 -30.22 10.56
N TYR A 305 -15.80 -30.76 11.77
CA TYR A 305 -16.31 -30.05 12.97
C TYR A 305 -15.41 -28.88 13.38
N GLY A 306 -15.96 -27.95 14.15
CA GLY A 306 -15.33 -26.65 14.39
C GLY A 306 -15.04 -26.30 15.81
N SER A 307 -14.94 -27.34 16.66
CA SER A 307 -14.51 -27.09 18.02
C SER A 307 -13.03 -27.47 18.12
N PRO A 308 -12.21 -26.54 18.61
CA PRO A 308 -10.79 -26.70 18.63
C PRO A 308 -10.37 -27.62 19.76
N GLU A 309 -11.27 -27.95 20.67
CA GLU A 309 -10.83 -28.67 21.91
C GLU A 309 -10.68 -30.16 21.67
N PHE A 310 -9.68 -30.73 22.35
CA PHE A 310 -9.34 -32.13 22.29
C PHE A 310 -10.48 -32.97 22.89
N PRO A 311 -10.84 -34.12 22.25
CA PRO A 311 -10.31 -34.70 20.98
C PRO A 311 -11.18 -34.38 19.76
N HIS A 312 -11.82 -33.21 19.79
CA HIS A 312 -12.83 -33.05 18.75
C HIS A 312 -12.29 -32.73 17.34
N GLN A 313 -10.99 -32.38 17.21
CA GLN A 313 -10.33 -32.20 15.92
C GLN A 313 -10.39 -33.51 15.16
N ARG A 314 -10.68 -34.60 15.83
CA ARG A 314 -10.80 -35.88 15.08
C ARG A 314 -12.19 -36.13 14.49
N LYS A 315 -13.13 -35.18 14.73
CA LYS A 315 -14.40 -35.20 14.02
C LYS A 315 -14.29 -34.48 12.63
N HIS A 316 -14.07 -35.25 11.57
CA HIS A 316 -13.99 -34.67 10.25
C HIS A 316 -14.14 -35.82 9.28
N ALA A 317 -15.30 -36.42 9.37
CA ALA A 317 -15.49 -37.69 8.72
C ALA A 317 -15.39 -37.45 7.20
N LEU A 318 -14.67 -38.32 6.48
CA LEU A 318 -14.79 -38.35 5.05
C LEU A 318 -15.70 -39.53 4.75
N ASP A 319 -17.01 -39.33 4.75
CA ASP A 319 -17.95 -40.44 4.82
C ASP A 319 -17.84 -41.39 3.67
N ILE A 320 -17.55 -40.87 2.50
CA ILE A 320 -17.57 -41.76 1.32
C ILE A 320 -16.38 -42.74 1.34
N GLY A 321 -15.20 -42.24 1.73
CA GLY A 321 -13.98 -43.05 1.73
C GLY A 321 -13.72 -43.78 3.05
N GLU A 322 -14.43 -43.38 4.10
CA GLU A 322 -14.18 -44.04 5.39
C GLU A 322 -15.18 -45.13 5.73
N TYR A 323 -16.38 -45.09 5.16
CA TYR A 323 -17.57 -45.98 5.50
C TYR A 323 -18.32 -46.41 4.23
N GLY A 324 -18.41 -45.52 3.21
CA GLY A 324 -19.00 -45.90 1.92
C GLY A 324 -20.50 -45.59 1.81
N ALA A 325 -20.86 -44.77 0.83
CA ALA A 325 -22.24 -44.40 0.63
C ALA A 325 -23.07 -45.57 0.09
N GLY A 326 -22.40 -46.58 -0.47
CA GLY A 326 -23.04 -47.88 -0.84
C GLY A 326 -23.18 -48.74 0.42
N TYR A 327 -22.13 -48.82 1.26
CA TYR A 327 -22.17 -49.75 2.39
C TYR A 327 -23.20 -49.23 3.35
N MET A 328 -23.37 -47.90 3.37
CA MET A 328 -24.23 -47.25 4.38
C MET A 328 -25.71 -47.10 3.94
N THR A 329 -26.03 -47.57 2.75
CA THR A 329 -27.33 -47.18 2.20
C THR A 329 -28.56 -47.91 2.81
N ASN A 330 -29.68 -47.17 2.98
CA ASN A 330 -30.98 -47.71 3.46
C ASN A 330 -31.76 -48.50 2.38
N PRO A 331 -32.31 -49.68 2.74
CA PRO A 331 -33.37 -50.23 1.84
C PRO A 331 -34.56 -49.28 1.84
N LEU A 332 -35.11 -48.96 0.67
CA LEU A 332 -36.17 -47.96 0.56
C LEU A 332 -37.49 -48.70 0.31
N SER A 333 -38.63 -48.06 0.53
CA SER A 333 -39.90 -48.82 0.37
C SER A 333 -40.54 -49.25 1.71
N LEU A 334 -39.80 -49.92 2.59
CA LEU A 334 -40.25 -50.12 3.99
C LEU A 334 -40.69 -48.80 4.64
N GLY A 335 -39.78 -47.84 4.83
CA GLY A 335 -40.19 -46.48 5.17
C GLY A 335 -40.94 -45.99 3.93
N CYS A 336 -41.82 -45.00 4.04
CA CYS A 336 -42.47 -44.55 2.80
C CYS A 336 -41.64 -43.44 2.12
N ASP A 337 -40.42 -43.84 1.73
CA ASP A 337 -39.31 -42.99 1.23
C ASP A 337 -39.50 -42.49 -0.21
N CYS A 338 -40.01 -43.38 -1.07
CA CYS A 338 -40.28 -43.07 -2.47
C CYS A 338 -41.77 -43.24 -2.74
N LYS A 339 -42.47 -42.12 -2.88
CA LYS A 339 -43.91 -42.09 -3.20
C LYS A 339 -44.13 -42.16 -4.72
N GLY A 340 -45.12 -42.97 -5.14
CA GLY A 340 -45.48 -43.09 -6.58
C GLY A 340 -45.27 -44.49 -7.16
N VAL A 341 -45.03 -44.58 -8.48
CA VAL A 341 -44.73 -45.84 -9.20
C VAL A 341 -43.20 -46.05 -9.43
N ILE A 342 -42.58 -46.83 -8.53
CA ILE A 342 -41.14 -46.93 -8.42
C ILE A 342 -40.59 -48.19 -9.09
N HIS A 343 -39.46 -48.04 -9.75
CA HIS A 343 -38.60 -49.14 -10.12
C HIS A 343 -37.42 -49.17 -9.11
N TYR A 344 -37.13 -50.31 -8.49
CA TYR A 344 -35.99 -50.40 -7.51
C TYR A 344 -34.75 -51.12 -8.07
N LEU A 345 -33.57 -50.71 -7.66
CA LEU A 345 -32.39 -51.61 -7.83
C LEU A 345 -31.84 -52.10 -6.47
N ASP A 346 -31.31 -53.33 -6.47
CA ASP A 346 -30.63 -53.93 -5.30
C ASP A 346 -29.15 -53.67 -5.39
N ALA A 347 -28.46 -53.59 -4.23
CA ALA A 347 -26.97 -53.58 -4.22
C ALA A 347 -26.36 -54.91 -3.79
N HIS A 348 -25.19 -55.22 -4.31
CA HIS A 348 -24.52 -56.39 -3.82
C HIS A 348 -23.06 -56.13 -3.41
N PHE A 349 -22.68 -56.66 -2.26
CA PHE A 349 -21.38 -56.46 -1.59
C PHE A 349 -20.79 -57.83 -1.14
N SER A 350 -19.54 -57.81 -0.67
CA SER A 350 -19.03 -58.90 0.11
C SER A 350 -19.03 -58.61 1.61
N ASP A 351 -19.28 -59.65 2.40
CA ASP A 351 -19.02 -59.55 3.83
C ASP A 351 -17.61 -60.06 4.13
N ARG A 352 -17.21 -59.97 5.41
CA ARG A 352 -15.90 -60.41 5.88
C ARG A 352 -15.49 -61.82 5.47
N ALA A 353 -16.43 -62.72 5.29
CA ALA A 353 -16.05 -64.11 4.95
C ALA A 353 -16.02 -64.34 3.44
N GLY A 354 -16.33 -63.30 2.66
CA GLY A 354 -16.32 -63.41 1.20
C GLY A 354 -17.62 -63.91 0.60
N ASP A 355 -18.70 -63.91 1.37
CA ASP A 355 -20.00 -64.28 0.82
C ASP A 355 -20.79 -63.03 0.44
N PRO A 356 -21.47 -63.09 -0.72
CA PRO A 356 -22.36 -62.01 -1.20
C PRO A 356 -23.40 -61.56 -0.14
N ILE A 357 -23.52 -60.26 0.10
CA ILE A 357 -24.66 -59.75 0.86
C ILE A 357 -25.43 -58.86 -0.09
N THR A 358 -26.70 -58.73 0.15
CA THR A 358 -27.57 -57.95 -0.69
C THR A 358 -28.27 -56.90 0.15
N VAL A 359 -28.25 -55.65 -0.31
CA VAL A 359 -29.16 -54.62 0.21
C VAL A 359 -30.31 -54.43 -0.78
N LYS A 360 -31.52 -54.84 -0.37
CA LYS A 360 -32.66 -54.77 -1.29
C LYS A 360 -33.06 -53.34 -1.44
N ASN A 361 -33.53 -53.01 -2.63
CA ASN A 361 -34.11 -51.68 -2.89
C ASN A 361 -33.17 -50.52 -2.46
N ALA A 362 -31.93 -50.53 -2.90
CA ALA A 362 -31.00 -49.52 -2.44
C ALA A 362 -31.13 -48.24 -3.27
N VAL A 363 -31.69 -48.38 -4.47
CA VAL A 363 -31.78 -47.29 -5.38
C VAL A 363 -33.23 -47.18 -5.82
N CYS A 364 -33.80 -45.99 -5.80
CA CYS A 364 -35.12 -45.89 -6.38
C CYS A 364 -35.21 -44.99 -7.60
N ILE A 365 -36.05 -45.41 -8.53
CA ILE A 365 -36.13 -44.76 -9.79
C ILE A 365 -37.59 -44.41 -9.94
N HIS A 366 -37.88 -43.12 -10.16
CA HIS A 366 -39.23 -42.73 -10.55
C HIS A 366 -39.34 -41.39 -11.30
N GLU A 367 -40.52 -41.10 -11.82
CA GLU A 367 -40.79 -39.80 -12.41
C GLU A 367 -41.85 -39.02 -11.64
N GLU A 368 -41.69 -37.71 -11.54
CA GLU A 368 -42.61 -36.87 -10.75
C GLU A 368 -42.97 -35.58 -11.49
N ASP A 369 -44.09 -34.97 -11.09
CA ASP A 369 -44.43 -33.68 -11.62
C ASP A 369 -43.40 -32.67 -11.19
N ASP A 370 -43.06 -31.76 -12.10
CA ASP A 370 -42.11 -30.74 -11.68
C ASP A 370 -42.54 -29.31 -11.99
N GLY A 371 -43.84 -29.01 -11.87
CA GLY A 371 -44.30 -27.63 -12.10
C GLY A 371 -44.40 -27.36 -13.59
N LEU A 372 -44.16 -26.10 -13.98
CA LEU A 372 -44.23 -25.72 -15.40
C LEU A 372 -42.86 -25.91 -16.03
N LEU A 373 -42.84 -26.36 -17.28
CA LEU A 373 -41.63 -26.36 -18.06
C LEU A 373 -41.51 -24.99 -18.75
N PHE A 374 -42.60 -24.50 -19.38
CA PHE A 374 -42.65 -23.17 -19.99
C PHE A 374 -44.08 -22.79 -20.24
N LYS A 375 -44.28 -21.50 -20.47
CA LYS A 375 -45.57 -20.92 -20.69
C LYS A 375 -45.37 -19.54 -21.35
N HIS A 376 -46.28 -19.16 -22.24
CA HIS A 376 -46.37 -17.75 -22.66
C HIS A 376 -47.75 -17.43 -23.20
N SER A 377 -48.26 -16.26 -22.83
CA SER A 377 -49.57 -15.80 -23.28
C SER A 377 -49.37 -14.39 -23.88
N ASP A 378 -50.16 -14.05 -24.90
CA ASP A 378 -50.24 -12.70 -25.46
C ASP A 378 -51.15 -11.74 -24.68
N PHE A 379 -50.65 -10.60 -24.25
CA PHE A 379 -51.54 -9.66 -23.59
C PHE A 379 -52.63 -9.16 -24.60
N ARG A 380 -52.37 -9.24 -25.92
CA ARG A 380 -53.27 -8.60 -26.92
C ARG A 380 -54.73 -9.08 -26.88
N ASP A 381 -54.97 -10.32 -26.48
CA ASP A 381 -56.37 -10.81 -26.48
C ASP A 381 -56.64 -11.34 -25.13
N ASN A 382 -56.09 -10.62 -24.14
CA ASN A 382 -56.30 -10.97 -22.78
C ASN A 382 -55.85 -12.33 -22.27
N PHE A 383 -54.73 -12.78 -22.85
CA PHE A 383 -54.06 -14.01 -22.49
C PHE A 383 -54.81 -15.21 -23.09
N ALA A 384 -55.72 -14.98 -24.05
CA ALA A 384 -56.43 -16.10 -24.71
C ALA A 384 -55.53 -16.87 -25.66
N THR A 385 -54.64 -16.13 -26.30
CA THR A 385 -53.47 -16.76 -26.93
C THR A 385 -52.52 -17.22 -25.83
N SER A 386 -52.34 -18.54 -25.71
CA SER A 386 -51.65 -19.11 -24.55
C SER A 386 -51.18 -20.47 -24.84
N LEU A 387 -49.95 -20.75 -24.40
CA LEU A 387 -49.39 -22.09 -24.42
C LEU A 387 -48.77 -22.35 -23.06
N VAL A 388 -49.10 -23.53 -22.53
CA VAL A 388 -48.62 -24.04 -21.27
C VAL A 388 -48.17 -25.50 -21.39
N THR A 389 -46.90 -25.78 -21.07
CA THR A 389 -46.46 -27.15 -20.99
C THR A 389 -45.83 -27.39 -19.62
N ARG A 390 -46.17 -28.54 -19.04
CA ARG A 390 -45.82 -28.95 -17.70
C ARG A 390 -44.59 -29.84 -17.72
N ALA A 391 -43.83 -29.74 -16.63
CA ALA A 391 -42.57 -30.41 -16.47
C ALA A 391 -42.72 -31.75 -15.75
N THR A 392 -42.02 -32.74 -16.27
CA THR A 392 -41.83 -33.96 -15.57
C THR A 392 -40.32 -34.15 -15.33
N LYS A 393 -39.94 -34.65 -14.15
CA LYS A 393 -38.55 -34.91 -13.85
C LYS A 393 -38.31 -36.39 -13.51
N LEU A 394 -37.11 -36.92 -13.81
CA LEU A 394 -36.77 -38.28 -13.54
C LEU A 394 -35.80 -38.24 -12.33
N VAL A 395 -36.12 -39.04 -11.30
CA VAL A 395 -35.34 -39.06 -10.07
C VAL A 395 -34.69 -40.43 -9.85
N VAL A 396 -33.37 -40.45 -9.68
CA VAL A 396 -32.67 -41.68 -9.32
C VAL A 396 -32.04 -41.42 -7.98
N SER A 397 -32.49 -42.08 -6.92
CA SER A 397 -32.05 -41.73 -5.57
CA SER A 397 -32.03 -41.74 -5.58
C SER A 397 -31.70 -42.89 -4.67
N GLN A 398 -30.98 -42.55 -3.63
CA GLN A 398 -30.62 -43.46 -2.56
C GLN A 398 -30.65 -42.60 -1.30
N ILE A 399 -30.71 -43.24 -0.12
CA ILE A 399 -30.56 -42.59 1.17
C ILE A 399 -29.58 -43.47 1.95
N PHE A 400 -28.59 -42.83 2.60
CA PHE A 400 -27.63 -43.54 3.41
C PHE A 400 -27.59 -42.97 4.82
N THR A 401 -27.26 -43.86 5.77
CA THR A 401 -27.14 -43.49 7.18
C THR A 401 -25.67 -43.56 7.64
N ALA A 402 -25.15 -42.45 8.16
CA ALA A 402 -23.84 -42.47 8.70
C ALA A 402 -23.99 -42.25 10.21
N ALA A 403 -24.19 -43.35 10.95
CA ALA A 403 -24.49 -43.29 12.42
C ALA A 403 -25.69 -42.39 12.73
N ASN A 404 -25.40 -41.18 13.19
CA ASN A 404 -26.47 -40.19 13.51
C ASN A 404 -27.05 -39.43 12.31
N GLU A 406 -28.44 -38.56 8.28
CA GLU A 406 -29.11 -39.04 7.09
C GLU A 406 -28.81 -38.17 5.88
N TYR A 407 -28.41 -38.82 4.79
CA TYR A 407 -28.03 -38.13 3.55
C TYR A 407 -28.91 -38.66 2.45
N CYS A 408 -29.81 -37.83 1.94
CA CYS A 408 -30.74 -38.27 0.89
C CYS A 408 -30.28 -37.71 -0.47
N LEU A 409 -30.03 -38.59 -1.46
CA LEU A 409 -29.33 -38.16 -2.68
C LEU A 409 -30.30 -38.37 -3.82
N TYR A 410 -30.55 -37.31 -4.59
CA TYR A 410 -31.48 -37.37 -5.72
C TYR A 410 -30.80 -36.87 -6.94
N TRP A 411 -30.52 -37.75 -7.91
CA TRP A 411 -30.04 -37.30 -9.23
C TRP A 411 -31.23 -37.05 -10.08
N VAL A 412 -31.34 -35.86 -10.66
CA VAL A 412 -32.58 -35.50 -11.32
C VAL A 412 -32.38 -35.06 -12.76
N PHE A 413 -33.07 -35.69 -13.70
CA PHE A 413 -33.05 -35.30 -15.11
C PHE A 413 -34.31 -34.56 -15.44
N MET A 414 -34.19 -33.57 -16.32
CA MET A 414 -35.23 -32.62 -16.59
C MET A 414 -35.31 -32.42 -18.08
N GLN A 415 -36.46 -31.92 -18.53
CA GLN A 415 -36.90 -32.01 -19.94
C GLN A 415 -36.47 -30.82 -20.74
N ASP A 416 -35.82 -29.85 -20.08
CA ASP A 416 -35.00 -28.88 -20.77
C ASP A 416 -33.56 -29.39 -20.99
N GLY A 417 -33.31 -30.64 -20.61
CA GLY A 417 -31.96 -31.26 -20.80
C GLY A 417 -30.94 -31.02 -19.67
N ALA A 418 -31.35 -30.31 -18.63
CA ALA A 418 -30.51 -30.13 -17.41
C ALA A 418 -30.47 -31.40 -16.57
N ILE A 419 -29.34 -31.56 -15.85
CA ILE A 419 -29.19 -32.59 -14.83
C ILE A 419 -28.97 -31.88 -13.45
N ARG A 420 -29.74 -32.20 -12.45
CA ARG A 420 -29.53 -31.56 -11.18
C ARG A 420 -29.11 -32.59 -10.16
N LEU A 421 -28.29 -32.22 -9.20
CA LEU A 421 -28.19 -33.03 -7.96
C LEU A 421 -28.85 -32.37 -6.76
N ASP A 422 -29.84 -33.05 -6.16
CA ASP A 422 -30.46 -32.54 -4.94
C ASP A 422 -30.10 -33.42 -3.79
N ILE A 423 -29.72 -32.79 -2.68
CA ILE A 423 -29.39 -33.53 -1.50
C ILE A 423 -30.32 -32.97 -0.38
N ARG A 424 -30.78 -33.86 0.50
CA ARG A 424 -31.44 -33.42 1.73
C ARG A 424 -30.75 -34.10 2.88
N LEU A 425 -30.37 -33.27 3.86
CA LEU A 425 -29.70 -33.68 5.09
C LEU A 425 -30.72 -33.77 6.15
N THR A 426 -30.77 -34.91 6.86
CA THR A 426 -31.66 -35.09 8.00
C THR A 426 -31.01 -36.06 8.94
N GLY A 427 -31.77 -36.74 9.80
CA GLY A 427 -31.17 -37.50 10.95
C GLY A 427 -30.86 -36.60 12.17
N ILE A 428 -29.82 -36.93 12.92
CA ILE A 428 -29.59 -36.30 14.22
C ILE A 428 -28.26 -35.62 14.31
N LEU A 429 -28.27 -34.47 14.94
CA LEU A 429 -27.03 -33.73 15.28
C LEU A 429 -26.03 -34.62 16.02
N ASN A 430 -24.76 -34.59 15.65
CA ASN A 430 -23.73 -35.15 16.50
C ASN A 430 -23.72 -34.25 17.72
N THR A 431 -23.76 -34.84 18.93
CA THR A 431 -23.76 -34.02 20.16
C THR A 431 -22.61 -34.48 21.07
N TYR A 432 -22.20 -33.58 21.97
CA TYR A 432 -21.25 -33.91 22.98
C TYR A 432 -21.75 -33.27 24.30
N ILE A 433 -21.23 -33.71 25.44
CA ILE A 433 -21.84 -33.34 26.69
C ILE A 433 -21.49 -31.89 26.94
N LEU A 434 -22.39 -31.20 27.66
CA LEU A 434 -22.23 -29.83 28.10
C LEU A 434 -22.51 -29.77 29.58
N GLY A 435 -21.65 -29.09 30.34
CA GLY A 435 -21.85 -28.96 31.78
C GLY A 435 -22.95 -27.93 32.07
N ASP A 436 -23.45 -27.96 33.31
CA ASP A 436 -24.54 -27.08 33.79
C ASP A 436 -24.21 -25.63 33.59
N ASP A 437 -22.95 -25.31 33.91
CA ASP A 437 -22.48 -23.96 33.90
C ASP A 437 -21.68 -23.69 32.61
N GLU A 438 -21.62 -24.67 31.70
CA GLU A 438 -20.73 -24.60 30.55
C GLU A 438 -21.39 -23.89 29.33
N GLU A 439 -20.69 -22.89 28.81
CA GLU A 439 -21.16 -22.20 27.62
C GLU A 439 -20.64 -22.96 26.41
N ALA A 440 -21.58 -23.32 25.52
CA ALA A 440 -21.24 -23.99 24.26
C ALA A 440 -20.63 -23.06 23.20
N GLY A 441 -21.13 -21.84 23.09
CA GLY A 441 -20.62 -20.89 22.07
C GLY A 441 -19.18 -20.66 22.44
N PRO A 442 -18.33 -20.30 21.43
CA PRO A 442 -18.77 -20.06 20.08
C PRO A 442 -18.64 -21.25 19.10
N TRP A 443 -18.27 -22.43 19.59
CA TRP A 443 -18.03 -23.55 18.71
C TRP A 443 -19.22 -24.48 18.54
N GLY A 444 -20.25 -24.23 19.35
CA GLY A 444 -21.49 -25.04 19.23
C GLY A 444 -22.67 -24.33 19.88
N THR A 445 -23.78 -25.05 19.88
CA THR A 445 -25.06 -24.61 20.39
C THR A 445 -25.59 -25.55 21.49
N ARG A 446 -26.05 -24.94 22.57
CA ARG A 446 -26.81 -25.66 23.58
C ARG A 446 -28.22 -25.93 23.02
N VAL A 447 -28.43 -27.07 22.38
CA VAL A 447 -29.71 -27.36 21.80
C VAL A 447 -30.71 -28.06 22.74
N TYR A 448 -30.29 -28.38 23.99
CA TYR A 448 -31.07 -29.16 24.96
C TYR A 448 -30.23 -29.13 26.19
N PRO A 449 -30.82 -29.30 27.39
CA PRO A 449 -29.91 -29.09 28.55
C PRO A 449 -28.80 -30.12 28.60
N ASN A 450 -27.57 -29.66 28.85
CA ASN A 450 -26.40 -30.55 28.89
C ASN A 450 -25.97 -31.12 27.51
N VAL A 451 -26.57 -30.61 26.42
CA VAL A 451 -26.19 -31.05 25.08
C VAL A 451 -25.53 -29.96 24.23
N ASN A 452 -24.27 -30.15 23.82
CA ASN A 452 -23.51 -29.22 22.98
C ASN A 452 -23.54 -29.74 21.54
N ALA A 453 -24.11 -29.00 20.57
CA ALA A 453 -24.04 -29.44 19.19
C ALA A 453 -23.07 -28.55 18.47
N HIS A 454 -21.90 -29.13 18.17
CA HIS A 454 -20.76 -28.39 17.63
C HIS A 454 -21.03 -27.91 16.19
N ASN A 455 -20.59 -26.70 15.87
CA ASN A 455 -20.49 -26.25 14.47
C ASN A 455 -19.79 -27.30 13.54
N HIS A 456 -20.25 -27.37 12.31
CA HIS A 456 -19.57 -28.23 11.37
C HIS A 456 -19.89 -27.83 9.93
N GLN A 457 -19.05 -28.21 8.94
CA GLN A 457 -19.44 -28.08 7.54
C GLN A 457 -19.78 -29.48 7.03
N HIS A 458 -20.59 -29.59 5.93
CA HIS A 458 -20.78 -30.87 5.24
C HIS A 458 -20.28 -30.59 3.78
N LEU A 459 -19.14 -31.18 3.33
CA LEU A 459 -18.63 -30.87 1.98
C LEU A 459 -18.66 -32.09 1.11
N PHE A 460 -18.90 -31.94 -0.19
CA PHE A 460 -19.00 -33.11 -1.12
C PHE A 460 -18.12 -32.86 -2.32
N SER A 461 -17.50 -33.91 -2.88
CA SER A 461 -16.72 -33.72 -4.06
C SER A 461 -17.48 -34.39 -5.26
N LEU A 462 -18.10 -33.56 -6.11
CA LEU A 462 -18.79 -34.09 -7.27
C LEU A 462 -17.71 -34.34 -8.30
N ARG A 463 -17.73 -35.53 -8.89
CA ARG A 463 -16.74 -35.93 -9.89
C ARG A 463 -17.41 -36.07 -11.26
N ILE A 464 -17.04 -35.16 -12.18
CA ILE A 464 -17.49 -35.21 -13.53
C ILE A 464 -16.39 -35.56 -14.55
N ASP A 465 -16.65 -36.65 -15.26
CA ASP A 465 -15.90 -37.06 -16.45
C ASP A 465 -16.79 -36.72 -17.64
N PRO A 466 -16.55 -35.53 -18.21
CA PRO A 466 -17.34 -34.94 -19.23
C PRO A 466 -17.01 -35.51 -20.58
N ARG A 467 -17.94 -35.40 -21.51
CA ARG A 467 -17.71 -35.80 -22.87
C ARG A 467 -18.73 -35.01 -23.68
N ILE A 468 -18.60 -33.68 -23.67
CA ILE A 468 -19.62 -32.72 -24.11
C ILE A 468 -19.71 -32.76 -25.64
N ASP A 469 -20.74 -33.39 -26.20
CA ASP A 469 -20.86 -33.45 -27.65
C ASP A 469 -19.65 -34.21 -28.35
N GLY A 470 -19.01 -35.12 -27.60
CA GLY A 470 -17.82 -35.84 -28.06
C GLY A 470 -16.55 -35.54 -27.24
N ASP A 471 -15.42 -35.98 -27.81
CA ASP A 471 -14.15 -36.02 -27.15
C ASP A 471 -13.35 -34.74 -27.33
N GLY A 472 -12.63 -34.39 -26.28
CA GLY A 472 -11.80 -33.24 -26.37
C GLY A 472 -12.61 -32.13 -25.79
N ASN A 473 -12.41 -31.87 -24.50
CA ASN A 473 -13.22 -30.92 -23.76
C ASN A 473 -12.27 -29.91 -23.03
N SER A 474 -12.85 -28.80 -22.56
CA SER A 474 -12.15 -27.83 -21.72
C SER A 474 -13.16 -27.32 -20.68
N ALA A 475 -12.69 -26.52 -19.72
CA ALA A 475 -13.52 -25.98 -18.67
C ALA A 475 -13.18 -24.47 -18.52
N ALA A 476 -14.16 -23.68 -18.08
CA ALA A 476 -13.88 -22.26 -17.90
C ALA A 476 -14.64 -21.74 -16.74
N ALA A 477 -14.13 -20.65 -16.20
CA ALA A 477 -14.90 -19.77 -15.32
C ALA A 477 -15.63 -18.63 -16.08
N CYS A 478 -16.90 -18.41 -15.74
CA CYS A 478 -17.75 -17.36 -16.31
C CYS A 478 -18.14 -16.36 -15.20
N ASP A 479 -17.78 -15.11 -15.40
CA ASP A 479 -17.84 -14.12 -14.38
C ASP A 479 -18.54 -12.93 -14.97
N ALA A 480 -19.71 -12.54 -14.44
CA ALA A 480 -20.42 -11.35 -14.90
C ALA A 480 -19.62 -10.13 -14.51
N LYS A 481 -19.45 -9.15 -15.40
CA LYS A 481 -18.62 -7.97 -15.07
CA LYS A 481 -18.63 -7.96 -15.08
C LYS A 481 -19.22 -6.82 -15.80
N SER A 482 -19.21 -5.66 -15.15
CA SER A 482 -19.53 -4.42 -15.79
C SER A 482 -18.50 -4.16 -16.90
N SER A 483 -18.88 -3.44 -17.95
CA SER A 483 -17.93 -2.90 -18.88
C SER A 483 -16.80 -2.14 -18.15
N PRO A 484 -15.53 -2.27 -18.64
CA PRO A 484 -14.46 -1.45 -18.00
C PRO A 484 -14.59 0.02 -18.31
N TYR A 485 -15.37 0.39 -19.35
CA TYR A 485 -15.52 1.79 -19.70
C TYR A 485 -16.45 2.49 -18.69
N PRO A 486 -16.08 3.70 -18.30
CA PRO A 486 -16.78 4.42 -17.20
C PRO A 486 -18.10 5.03 -17.66
N LEU A 487 -18.99 5.32 -16.69
CA LEU A 487 -20.21 6.03 -16.99
C LEU A 487 -19.84 7.33 -17.70
N GLY A 488 -20.58 7.69 -18.76
CA GLY A 488 -20.33 9.00 -19.48
C GLY A 488 -19.44 8.95 -20.76
N SER A 489 -18.81 7.80 -21.03
CA SER A 489 -17.91 7.68 -22.17
C SER A 489 -18.70 7.24 -23.41
N PRO A 490 -18.13 7.36 -24.62
CA PRO A 490 -18.88 7.03 -25.79
C PRO A 490 -19.29 5.58 -25.77
N GLU A 491 -18.44 4.75 -25.16
CA GLU A 491 -18.65 3.29 -25.11
C GLU A 491 -19.69 2.79 -24.09
N ASN A 492 -20.00 3.57 -23.03
CA ASN A 492 -20.96 3.12 -22.02
C ASN A 492 -21.60 4.40 -21.51
N MET A 493 -22.29 5.10 -22.45
CA MET A 493 -22.86 6.48 -22.09
C MET A 493 -23.59 6.48 -20.76
N TYR A 494 -24.45 5.50 -20.59
CA TYR A 494 -25.30 5.48 -19.42
C TYR A 494 -24.87 4.51 -18.31
N GLY A 495 -23.79 3.77 -18.53
CA GLY A 495 -23.11 3.05 -17.48
C GLY A 495 -23.75 1.71 -17.15
N ASN A 496 -24.45 1.11 -18.11
CA ASN A 496 -25.27 -0.07 -17.91
C ASN A 496 -24.71 -1.31 -18.60
N ALA A 497 -23.69 -1.10 -19.43
CA ALA A 497 -23.18 -2.24 -20.25
C ALA A 497 -22.55 -3.25 -19.31
N PHE A 498 -22.75 -4.55 -19.62
CA PHE A 498 -22.10 -5.58 -18.85
C PHE A 498 -22.10 -6.81 -19.65
N TYR A 499 -21.19 -7.74 -19.28
CA TYR A 499 -20.82 -8.87 -20.16
C TYR A 499 -20.37 -9.96 -19.20
N SER A 500 -20.23 -11.12 -19.79
CA SER A 500 -19.70 -12.26 -19.10
C SER A 500 -18.24 -12.57 -19.54
N GLU A 501 -17.32 -12.49 -18.59
CA GLU A 501 -15.92 -12.76 -18.89
C GLU A 501 -15.66 -14.20 -18.75
N LYS A 502 -15.18 -14.78 -19.80
CA LYS A 502 -14.99 -16.23 -19.76
C LYS A 502 -13.47 -16.54 -19.63
N THR A 503 -13.06 -17.34 -18.66
CA THR A 503 -11.65 -17.62 -18.50
C THR A 503 -11.42 -19.08 -18.71
N THR A 504 -10.92 -19.41 -19.89
CA THR A 504 -10.66 -20.81 -20.23
C THR A 504 -9.47 -21.28 -19.45
N PHE A 505 -9.63 -22.42 -18.79
CA PHE A 505 -8.50 -22.96 -17.99
C PHE A 505 -7.49 -23.65 -18.94
N LYS A 506 -6.23 -23.20 -18.93
CA LYS A 506 -5.18 -23.72 -19.83
CA LYS A 506 -5.23 -23.77 -19.84
C LYS A 506 -4.48 -24.90 -19.18
N THR A 507 -4.10 -24.70 -17.93
CA THR A 507 -3.39 -25.70 -17.16
C THR A 507 -4.14 -26.00 -15.83
N VAL A 508 -3.83 -27.15 -15.21
CA VAL A 508 -4.45 -27.50 -13.97
C VAL A 508 -4.48 -26.32 -12.99
N LYS A 509 -3.37 -25.67 -12.75
CA LYS A 509 -3.37 -24.54 -11.76
C LYS A 509 -4.44 -23.46 -12.02
N ASP A 510 -4.68 -23.12 -13.31
CA ASP A 510 -5.75 -22.15 -13.67
C ASP A 510 -7.14 -22.51 -13.14
N SER A 511 -7.46 -23.79 -13.19
CA SER A 511 -8.75 -24.21 -12.75
C SER A 511 -9.01 -24.05 -11.25
N LEU A 512 -8.01 -23.89 -10.41
CA LEU A 512 -8.28 -24.02 -8.99
C LEU A 512 -8.99 -22.75 -8.53
N THR A 513 -10.32 -22.80 -8.52
CA THR A 513 -11.17 -21.61 -8.44
C THR A 513 -12.29 -21.78 -7.43
N ASN A 514 -12.76 -20.66 -6.89
CA ASN A 514 -13.84 -20.69 -5.91
C ASN A 514 -15.07 -20.01 -6.45
N TYR A 515 -16.26 -20.34 -5.94
CA TYR A 515 -17.48 -19.61 -6.27
C TYR A 515 -17.33 -18.17 -5.79
N GLU A 516 -17.81 -17.22 -6.58
CA GLU A 516 -17.56 -15.82 -6.26
C GLU A 516 -18.88 -15.16 -6.42
N SER A 517 -19.42 -14.64 -5.32
CA SER A 517 -20.72 -13.91 -5.36
C SER A 517 -20.58 -12.59 -6.10
N ALA A 518 -19.39 -12.00 -6.10
CA ALA A 518 -19.18 -10.64 -6.62
C ALA A 518 -19.32 -10.63 -8.19
N THR A 519 -19.28 -11.83 -8.79
CA THR A 519 -19.42 -12.00 -10.25
C THR A 519 -20.43 -13.08 -10.62
N GLY A 520 -21.10 -13.67 -9.59
CA GLY A 520 -22.09 -14.72 -9.68
C GLY A 520 -21.44 -15.80 -10.51
N ARG A 521 -20.24 -16.23 -10.11
CA ARG A 521 -19.47 -17.06 -10.96
C ARG A 521 -20.15 -18.37 -11.38
N SER A 522 -20.01 -18.76 -12.65
CA SER A 522 -20.43 -20.17 -13.05
C SER A 522 -19.28 -20.77 -13.81
N TRP A 523 -19.32 -22.07 -14.10
CA TRP A 523 -18.23 -22.75 -14.73
C TRP A 523 -18.82 -23.44 -15.96
N ASP A 524 -18.11 -23.41 -17.05
CA ASP A 524 -18.49 -24.08 -18.26
C ASP A 524 -17.64 -25.31 -18.51
N ILE A 525 -18.28 -26.38 -18.97
CA ILE A 525 -17.53 -27.50 -19.46
C ILE A 525 -17.99 -27.61 -20.86
N PHE A 526 -17.05 -27.47 -21.81
CA PHE A 526 -17.38 -27.25 -23.18
C PHE A 526 -16.55 -28.05 -24.17
N ASN A 527 -17.03 -28.16 -25.40
CA ASN A 527 -16.30 -28.83 -26.49
C ASN A 527 -15.74 -27.76 -27.45
N PRO A 528 -14.44 -27.40 -27.33
CA PRO A 528 -13.98 -26.27 -28.17
C PRO A 528 -13.78 -26.68 -29.65
N ASN A 529 -13.99 -27.96 -29.96
CA ASN A 529 -13.85 -28.39 -31.37
C ASN A 529 -15.10 -28.13 -32.12
N LYS A 530 -16.18 -27.71 -31.43
CA LYS A 530 -17.47 -27.52 -32.10
C LYS A 530 -18.10 -26.17 -31.80
N VAL A 531 -19.20 -25.90 -32.50
CA VAL A 531 -19.64 -24.51 -32.61
C VAL A 531 -21.12 -24.52 -32.80
N ASN A 532 -21.80 -23.71 -32.00
CA ASN A 532 -23.25 -23.50 -32.17
C ASN A 532 -23.47 -22.64 -33.38
N PRO A 533 -24.28 -23.14 -34.32
CA PRO A 533 -24.51 -22.48 -35.61
C PRO A 533 -25.14 -21.12 -35.45
N TYR A 534 -26.01 -20.94 -34.44
CA TYR A 534 -26.65 -19.63 -34.20
C TYR A 534 -25.74 -18.71 -33.46
N SER A 535 -25.29 -19.14 -32.28
CA SER A 535 -24.66 -18.17 -31.32
C SER A 535 -23.15 -18.07 -31.55
N GLY A 536 -22.58 -19.04 -32.28
CA GLY A 536 -21.14 -19.15 -32.46
C GLY A 536 -20.32 -19.44 -31.17
N LYS A 537 -20.95 -19.98 -30.15
CA LYS A 537 -20.20 -20.39 -28.96
C LYS A 537 -20.07 -21.91 -28.99
N PRO A 538 -19.05 -22.47 -28.29
CA PRO A 538 -18.94 -23.96 -28.26
C PRO A 538 -20.10 -24.53 -27.47
N PRO A 539 -20.51 -25.78 -27.79
CA PRO A 539 -21.57 -26.44 -27.01
C PRO A 539 -21.08 -26.69 -25.59
N SER A 540 -21.93 -26.47 -24.58
CA SER A 540 -21.50 -26.59 -23.20
C SER A 540 -22.61 -27.12 -22.24
N TYR A 541 -22.24 -27.73 -21.13
CA TYR A 541 -23.10 -27.81 -19.94
C TYR A 541 -22.47 -26.81 -18.94
N LYS A 542 -23.32 -26.02 -18.29
CA LYS A 542 -22.93 -24.92 -17.45
C LYS A 542 -23.25 -25.37 -16.03
N LEU A 543 -22.24 -25.37 -15.17
CA LEU A 543 -22.41 -25.74 -13.82
C LEU A 543 -22.91 -24.47 -13.12
N VAL A 544 -24.12 -24.57 -12.58
CA VAL A 544 -24.76 -23.50 -11.81
C VAL A 544 -24.86 -23.99 -10.38
N SER A 545 -24.11 -23.36 -9.48
CA SER A 545 -23.99 -23.90 -8.15
C SER A 545 -23.54 -22.78 -7.20
N THR A 546 -24.31 -22.51 -6.13
CA THR A 546 -23.95 -21.43 -5.24
C THR A 546 -23.72 -21.87 -3.78
N GLN A 547 -23.99 -23.15 -3.47
CA GLN A 547 -23.77 -23.74 -2.12
C GLN A 547 -22.37 -24.29 -2.00
N CYS A 548 -21.44 -23.33 -1.94
CA CYS A 548 -19.99 -23.45 -2.21
C CYS A 548 -19.26 -22.74 -1.06
N PRO A 549 -19.29 -23.35 0.17
CA PRO A 549 -18.64 -22.76 1.36
C PRO A 549 -17.11 -22.79 1.18
N PRO A 550 -16.40 -21.79 1.68
CA PRO A 550 -14.98 -21.92 1.66
C PRO A 550 -14.66 -22.95 2.74
N LEU A 551 -13.53 -23.65 2.67
CA LEU A 551 -13.20 -24.56 3.79
C LEU A 551 -12.76 -23.67 4.93
N LEU A 552 -13.36 -23.85 6.06
CA LEU A 552 -13.06 -22.96 7.13
C LEU A 552 -11.77 -23.40 7.82
N ALA A 553 -11.48 -24.71 7.81
CA ALA A 553 -10.21 -25.16 8.45
C ALA A 553 -8.99 -24.48 7.80
N LYS A 554 -7.97 -24.11 8.56
CA LYS A 554 -6.85 -23.34 8.02
C LYS A 554 -5.98 -24.15 7.14
N GLU A 555 -5.28 -23.43 6.30
CA GLU A 555 -4.22 -24.01 5.49
C GLU A 555 -3.26 -24.74 6.39
N GLY A 556 -2.92 -25.98 5.96
CA GLY A 556 -2.00 -26.72 6.81
C GLY A 556 -2.62 -27.48 7.96
N SER A 557 -3.94 -27.38 8.12
CA SER A 557 -4.67 -28.12 9.10
C SER A 557 -4.95 -29.56 8.58
N LEU A 558 -5.22 -30.44 9.54
CA LEU A 558 -5.47 -31.82 9.31
C LEU A 558 -6.58 -31.97 8.31
N VAL A 559 -7.69 -31.22 8.50
CA VAL A 559 -8.81 -31.17 7.57
C VAL A 559 -8.34 -30.82 6.13
N ALA A 560 -7.63 -29.68 6.04
CA ALA A 560 -7.18 -29.17 4.71
C ALA A 560 -6.16 -30.13 4.08
N LYS A 561 -5.40 -30.84 4.93
CA LYS A 561 -4.47 -31.83 4.37
C LYS A 561 -5.14 -33.14 3.91
N ARG A 562 -6.15 -33.65 4.62
CA ARG A 562 -6.77 -34.95 4.25
C ARG A 562 -7.76 -34.73 3.15
N ALA A 563 -8.25 -33.49 3.02
CA ALA A 563 -9.20 -33.19 1.90
C ALA A 563 -8.68 -32.06 1.04
N PRO A 564 -7.72 -32.40 0.17
CA PRO A 564 -7.03 -31.32 -0.60
C PRO A 564 -7.95 -30.80 -1.69
N TRP A 565 -8.87 -31.63 -2.19
CA TRP A 565 -9.94 -31.16 -3.07
C TRP A 565 -10.89 -30.13 -2.39
N ALA A 566 -10.99 -30.11 -1.08
CA ALA A 566 -12.03 -29.26 -0.48
C ALA A 566 -11.72 -27.80 -0.42
N SER A 567 -10.48 -27.46 -0.70
CA SER A 567 -10.03 -26.10 -0.52
CA SER A 567 -9.97 -26.12 -0.56
C SER A 567 -10.39 -25.21 -1.73
N HIS A 568 -10.82 -25.81 -2.84
CA HIS A 568 -11.32 -25.04 -3.99
C HIS A 568 -12.68 -25.53 -4.43
N SER A 569 -13.60 -24.62 -4.81
CA SER A 569 -14.89 -25.07 -5.42
C SER A 569 -14.68 -25.90 -6.63
N VAL A 570 -13.67 -25.59 -7.44
CA VAL A 570 -13.41 -26.38 -8.67
C VAL A 570 -11.88 -26.77 -8.83
N ASN A 571 -11.63 -27.98 -9.36
CA ASN A 571 -10.33 -28.53 -9.55
C ASN A 571 -10.43 -29.31 -10.87
N VAL A 572 -9.70 -28.93 -11.93
CA VAL A 572 -9.81 -29.74 -13.17
C VAL A 572 -8.41 -30.35 -13.44
N VAL A 573 -8.38 -31.64 -13.74
CA VAL A 573 -7.12 -32.34 -13.86
C VAL A 573 -7.30 -33.23 -15.06
N PRO A 574 -6.17 -33.70 -15.65
CA PRO A 574 -6.27 -34.63 -16.81
C PRO A 574 -6.93 -36.00 -16.42
N TYR A 575 -7.76 -36.52 -17.30
CA TYR A 575 -8.18 -37.90 -17.18
C TYR A 575 -6.98 -38.85 -17.13
N LYS A 576 -6.98 -39.77 -16.18
CA LYS A 576 -6.24 -41.09 -16.29
C LYS A 576 -7.21 -42.07 -15.69
N ASP A 577 -7.22 -43.32 -16.18
CA ASP A 577 -8.01 -44.36 -15.56
C ASP A 577 -7.73 -44.48 -14.04
N ASN A 578 -8.75 -44.92 -13.30
CA ASN A 578 -8.58 -45.11 -11.90
C ASN A 578 -8.29 -43.75 -11.17
N ARG A 579 -8.57 -42.59 -11.73
CA ARG A 579 -8.57 -41.33 -10.92
C ARG A 579 -9.96 -41.08 -10.37
N LEU A 580 -10.33 -41.87 -9.35
CA LEU A 580 -11.65 -41.79 -8.73
C LEU A 580 -11.72 -40.99 -7.41
N TYR A 581 -10.78 -41.22 -6.47
CA TYR A 581 -11.01 -40.86 -5.06
C TYR A 581 -10.03 -39.79 -4.60
N PRO A 582 -10.51 -38.54 -4.47
CA PRO A 582 -9.58 -37.41 -4.41
C PRO A 582 -8.85 -37.26 -3.10
N SER A 583 -9.28 -37.99 -2.11
CA SER A 583 -8.53 -38.13 -0.85
C SER A 583 -7.69 -39.42 -0.80
N GLY A 584 -7.50 -40.09 -1.95
CA GLY A 584 -6.66 -41.28 -1.97
C GLY A 584 -7.53 -42.51 -1.92
N ASP A 585 -6.93 -43.65 -2.23
CA ASP A 585 -7.67 -44.93 -2.24
C ASP A 585 -8.11 -45.48 -0.88
N HIS A 586 -7.27 -45.30 0.10
CA HIS A 586 -7.52 -45.82 1.43
C HIS A 586 -7.39 -44.64 2.36
N VAL A 587 -8.55 -44.13 2.74
CA VAL A 587 -8.68 -42.88 3.50
C VAL A 587 -8.49 -42.91 5.02
N PRO A 588 -9.06 -43.91 5.74
CA PRO A 588 -8.89 -43.80 7.22
C PRO A 588 -7.42 -43.77 7.65
N GLN A 589 -7.12 -42.82 8.54
CA GLN A 589 -5.79 -42.67 9.22
C GLN A 589 -4.59 -42.18 8.38
N TRP A 590 -4.83 -41.83 7.12
CA TRP A 590 -3.83 -41.06 6.36
C TRP A 590 -3.67 -39.75 7.03
N SER A 591 -2.43 -39.28 7.28
CA SER A 591 -2.26 -37.94 7.88
C SER A 591 -2.52 -36.77 6.97
N GLY A 592 -2.70 -37.04 5.67
CA GLY A 592 -2.73 -35.93 4.76
C GLY A 592 -1.39 -35.50 4.21
N ASP A 593 -0.30 -36.18 4.59
CA ASP A 593 1.05 -35.87 4.04
C ASP A 593 1.30 -36.77 2.85
N GLY A 594 1.90 -36.24 1.79
CA GLY A 594 2.21 -37.06 0.66
C GLY A 594 1.50 -36.77 -0.63
N VAL A 595 2.06 -37.30 -1.68
CA VAL A 595 1.55 -37.00 -2.99
C VAL A 595 0.58 -38.10 -3.30
N ARG A 596 -0.71 -37.93 -2.97
CA ARG A 596 -1.69 -38.87 -3.44
C ARG A 596 -2.98 -38.10 -3.69
N GLY A 597 -3.96 -38.80 -4.30
CA GLY A 597 -5.24 -38.22 -4.68
C GLY A 597 -5.15 -36.92 -5.44
N MET A 598 -6.04 -35.96 -5.10
CA MET A 598 -6.12 -34.68 -5.78
C MET A 598 -4.72 -34.09 -5.78
N ARG A 599 -3.99 -34.25 -4.67
CA ARG A 599 -2.63 -33.62 -4.58
C ARG A 599 -1.65 -34.22 -5.65
N GLU A 600 -1.77 -35.51 -5.87
CA GLU A 600 -1.07 -36.11 -6.94
C GLU A 600 -1.58 -35.64 -8.28
N TRP A 601 -2.88 -35.52 -8.44
CA TRP A 601 -3.35 -35.19 -9.79
C TRP A 601 -3.03 -33.78 -10.17
N ILE A 602 -3.08 -32.86 -9.17
CA ILE A 602 -2.64 -31.51 -9.45
C ILE A 602 -1.19 -31.43 -9.80
N GLY A 603 -0.33 -32.16 -9.12
CA GLY A 603 1.10 -32.12 -9.44
C GLY A 603 1.65 -30.71 -9.20
N ASP A 604 2.47 -30.24 -10.14
CA ASP A 604 3.05 -28.90 -10.13
C ASP A 604 2.12 -27.91 -10.79
N GLY A 605 0.97 -28.37 -11.29
CA GLY A 605 -0.07 -27.43 -11.76
C GLY A 605 0.02 -27.10 -13.24
N SER A 606 1.06 -27.60 -13.91
CA SER A 606 1.39 -27.14 -15.24
C SER A 606 0.77 -28.06 -16.33
N GLU A 607 0.13 -29.16 -15.98
CA GLU A 607 -0.34 -29.99 -17.08
C GLU A 607 -1.54 -29.42 -17.83
N ASN A 608 -1.55 -29.61 -19.14
CA ASN A 608 -2.63 -29.16 -20.01
C ASN A 608 -4.01 -29.74 -19.64
N ILE A 609 -5.05 -28.88 -19.69
CA ILE A 609 -6.44 -29.31 -19.51
C ILE A 609 -7.36 -28.73 -20.52
N ASP A 610 -6.80 -28.07 -21.53
CA ASP A 610 -7.53 -27.48 -22.66
C ASP A 610 -7.70 -28.47 -23.83
N ASN A 611 -8.92 -28.85 -24.12
CA ASN A 611 -9.18 -29.67 -25.29
C ASN A 611 -8.46 -30.97 -25.11
N THR A 612 -8.82 -31.74 -24.10
CA THR A 612 -8.22 -33.06 -23.89
C THR A 612 -9.17 -33.87 -23.05
N ASP A 613 -8.76 -35.04 -22.59
CA ASP A 613 -9.62 -35.74 -21.64
C ASP A 613 -9.37 -35.14 -20.19
N ILE A 614 -10.45 -34.63 -19.58
CA ILE A 614 -10.36 -33.97 -18.27
C ILE A 614 -11.26 -34.58 -17.24
N LEU A 615 -11.00 -34.20 -15.99
CA LEU A 615 -11.89 -34.58 -14.90
C LEU A 615 -12.15 -33.34 -14.12
N PHE A 616 -13.42 -33.12 -13.74
CA PHE A 616 -13.88 -31.88 -13.18
C PHE A 616 -14.44 -32.25 -11.84
N PHE A 617 -13.79 -31.82 -10.75
CA PHE A 617 -14.16 -32.17 -9.35
C PHE A 617 -14.68 -30.91 -8.65
N HIS A 618 -15.93 -30.90 -8.26
CA HIS A 618 -16.58 -29.66 -7.78
C HIS A 618 -16.81 -29.89 -6.28
N THR A 619 -16.38 -28.92 -5.42
CA THR A 619 -16.67 -28.99 -4.00
C THR A 619 -17.86 -28.10 -3.70
N PHE A 620 -18.90 -28.63 -3.05
CA PHE A 620 -20.05 -27.85 -2.64
C PHE A 620 -20.63 -28.46 -1.30
N GLY A 621 -21.57 -27.74 -0.67
CA GLY A 621 -22.26 -28.20 0.55
C GLY A 621 -22.63 -27.01 1.44
N ILE A 622 -22.59 -27.19 2.76
CA ILE A 622 -23.09 -26.11 3.65
C ILE A 622 -22.27 -26.01 4.93
N THR A 623 -22.44 -24.93 5.68
CA THR A 623 -21.84 -24.75 7.02
C THR A 623 -23.06 -24.75 7.98
N HIS A 624 -23.04 -25.63 8.98
CA HIS A 624 -24.18 -25.88 9.84
C HIS A 624 -23.90 -25.30 11.24
N PHE A 625 -24.60 -24.22 11.62
CA PHE A 625 -24.55 -23.72 13.02
C PHE A 625 -25.86 -24.19 13.67
N PRO A 626 -25.81 -25.28 14.48
CA PRO A 626 -27.05 -25.88 14.99
C PRO A 626 -27.87 -24.98 15.83
N ALA A 627 -29.14 -25.30 15.74
CA ALA A 627 -30.18 -24.54 16.46
C ALA A 627 -31.11 -25.55 17.03
N PRO A 628 -31.86 -25.15 18.08
CA PRO A 628 -32.79 -26.07 18.72
C PRO A 628 -33.79 -26.73 17.75
N GLU A 629 -34.18 -26.04 16.69
CA GLU A 629 -35.07 -26.60 15.62
C GLU A 629 -34.52 -27.91 15.11
N ASP A 630 -33.20 -28.10 15.22
CA ASP A 630 -32.54 -29.23 14.59
C ASP A 630 -32.62 -30.49 15.53
N PHE A 631 -33.07 -30.30 16.76
CA PHE A 631 -32.98 -31.34 17.79
C PHE A 631 -34.40 -31.70 18.24
N PRO A 632 -34.66 -32.96 18.66
CA PRO A 632 -33.73 -34.07 18.68
C PRO A 632 -33.64 -34.79 17.34
N LEU A 633 -34.47 -34.41 16.38
CA LEU A 633 -34.41 -34.96 15.04
C LEU A 633 -34.46 -33.75 14.06
N MET A 634 -33.61 -33.71 13.04
CA MET A 634 -33.59 -32.53 12.20
CA MET A 634 -33.52 -32.56 12.16
C MET A 634 -34.49 -32.59 10.96
N PRO A 635 -35.23 -31.50 10.70
CA PRO A 635 -35.95 -31.22 9.41
C PRO A 635 -34.96 -31.18 8.23
N ALA A 636 -35.39 -31.70 7.08
CA ALA A 636 -34.50 -31.81 5.90
C ALA A 636 -33.93 -30.43 5.55
N GLU A 637 -32.59 -30.33 5.46
CA GLU A 637 -31.93 -29.14 4.95
C GLU A 637 -31.48 -29.43 3.51
N PRO A 638 -31.84 -28.56 2.56
CA PRO A 638 -31.53 -28.81 1.13
C PRO A 638 -30.17 -28.30 0.60
N ILE A 639 -29.61 -29.04 -0.34
CA ILE A 639 -28.42 -28.60 -1.10
C ILE A 639 -28.71 -28.99 -2.52
N THR A 640 -28.41 -28.09 -3.46
CA THR A 640 -28.56 -28.44 -4.89
C THR A 640 -27.44 -27.80 -5.73
N LEU A 641 -27.24 -28.39 -6.90
CA LEU A 641 -26.43 -27.82 -7.98
C LEU A 641 -27.01 -28.32 -9.30
N MET A 642 -26.75 -27.55 -10.35
CA MET A 642 -27.37 -27.93 -11.58
C MET A 642 -26.38 -27.85 -12.75
N LEU A 643 -26.59 -28.67 -13.76
CA LEU A 643 -25.77 -28.59 -14.95
C LEU A 643 -26.72 -28.43 -16.15
N ARG A 644 -26.60 -27.28 -16.82
CA ARG A 644 -27.58 -26.75 -17.76
C ARG A 644 -26.96 -26.71 -19.12
N PRO A 645 -27.60 -27.27 -20.14
CA PRO A 645 -27.09 -27.08 -21.51
C PRO A 645 -27.14 -25.61 -21.95
N ARG A 646 -26.02 -25.06 -22.39
CA ARG A 646 -26.01 -23.65 -22.86
C ARG A 646 -25.23 -23.67 -24.16
N HIS A 647 -25.82 -23.17 -25.23
CA HIS A 647 -25.26 -23.29 -26.60
C HIS A 647 -25.11 -24.76 -27.06
N PHE A 648 -25.57 -25.69 -26.22
CA PHE A 648 -25.62 -27.10 -26.62
C PHE A 648 -26.63 -27.29 -27.73
N PHE A 649 -27.84 -26.74 -27.58
CA PHE A 649 -28.88 -26.96 -28.64
C PHE A 649 -29.00 -25.65 -29.38
N THR A 650 -29.71 -25.67 -30.50
CA THR A 650 -30.05 -24.45 -31.24
C THR A 650 -31.42 -23.84 -30.83
N GLU A 651 -32.24 -24.57 -30.10
CA GLU A 651 -33.44 -24.03 -29.50
C GLU A 651 -33.84 -24.88 -28.26
N ASN A 652 -34.70 -24.32 -27.42
CA ASN A 652 -35.37 -25.08 -26.42
C ASN A 652 -35.69 -26.54 -26.89
N PRO A 653 -35.07 -27.55 -26.26
CA PRO A 653 -35.30 -28.93 -26.71
C PRO A 653 -36.66 -29.50 -26.34
N GLY A 654 -37.40 -28.81 -25.46
CA GLY A 654 -38.72 -29.28 -25.01
C GLY A 654 -39.94 -28.96 -25.85
N LEU A 655 -39.79 -28.20 -26.92
CA LEU A 655 -40.93 -27.70 -27.67
C LEU A 655 -41.77 -28.79 -28.37
N ASP A 656 -41.21 -30.01 -28.49
CA ASP A 656 -41.94 -31.09 -29.14
C ASP A 656 -42.74 -31.93 -28.16
N ILE A 657 -42.80 -31.47 -26.91
CA ILE A 657 -43.59 -32.09 -25.85
C ILE A 657 -45.01 -31.48 -25.90
N GLN A 658 -46.08 -32.31 -25.81
CA GLN A 658 -47.46 -31.81 -25.95
C GLN A 658 -47.73 -30.83 -24.86
N PRO A 659 -48.23 -29.66 -25.21
CA PRO A 659 -48.66 -28.72 -24.21
C PRO A 659 -49.79 -29.28 -23.35
N SER A 660 -50.00 -28.73 -22.18
CA SER A 660 -51.14 -29.13 -21.40
C SER A 660 -52.29 -28.32 -21.88
N TYR A 661 -51.99 -27.18 -22.47
CA TYR A 661 -53.02 -26.36 -23.02
C TYR A 661 -52.36 -25.50 -24.05
N ALA A 662 -53.03 -25.28 -25.18
CA ALA A 662 -52.50 -24.37 -26.17
C ALA A 662 -53.66 -23.83 -27.00
N MET A 663 -53.69 -22.51 -27.13
CA MET A 663 -54.61 -21.80 -27.99
C MET A 663 -53.88 -20.70 -28.77
N THR A 664 -54.00 -20.77 -30.09
CA THR A 664 -53.45 -19.71 -30.94
C THR A 664 -54.38 -18.49 -31.05
N THR A 665 -53.78 -17.39 -31.52
CA THR A 665 -54.49 -16.17 -31.81
C THR A 665 -55.66 -16.43 -32.77
N SER A 666 -55.42 -17.17 -33.86
CA SER A 666 -56.51 -17.56 -34.78
C SER A 666 -57.61 -18.43 -34.14
N GLU A 667 -57.22 -19.45 -33.37
CA GLU A 667 -58.21 -20.25 -32.61
C GLU A 667 -59.04 -19.43 -31.60
N ALA A 668 -58.38 -18.53 -30.83
CA ALA A 668 -59.05 -17.65 -29.86
C ALA A 668 -60.14 -16.78 -30.46
N LYS A 669 -59.91 -16.26 -31.67
CA LYS A 669 -60.91 -15.54 -32.47
C LYS A 669 -62.13 -16.42 -32.83
N ARG A 670 -61.89 -17.66 -33.28
CA ARG A 670 -62.94 -18.61 -33.66
C ARG A 670 -63.94 -18.98 -32.55
N ALA A 671 -63.48 -18.91 -31.29
CA ALA A 671 -64.22 -19.40 -30.12
C ALA A 671 -65.44 -18.53 -29.72
N ALA B 17 -71.07 3.73 2.57
CA ALA B 17 -72.32 3.10 2.22
C ALA B 17 -72.16 1.68 1.74
N PRO B 18 -70.97 1.39 1.05
CA PRO B 18 -70.82 -0.05 0.76
C PRO B 18 -70.63 -0.81 2.06
N ALA B 19 -71.17 -2.02 2.11
CA ALA B 19 -70.81 -2.99 3.14
C ALA B 19 -69.27 -3.14 3.26
N ARG B 20 -68.79 -2.93 4.48
CA ARG B 20 -67.39 -3.22 4.79
C ARG B 20 -67.13 -4.71 4.84
N PRO B 21 -65.87 -5.13 4.65
CA PRO B 21 -65.64 -6.55 4.57
C PRO B 21 -65.45 -7.25 5.94
N ALA B 22 -65.59 -8.57 5.89
CA ALA B 22 -65.07 -9.46 6.88
C ALA B 22 -63.79 -8.85 7.60
N HIS B 23 -62.72 -8.51 6.86
CA HIS B 23 -61.40 -8.23 7.44
C HIS B 23 -60.79 -6.92 6.88
N PRO B 24 -60.21 -6.09 7.73
CA PRO B 24 -59.65 -4.83 7.35
C PRO B 24 -58.58 -4.87 6.26
N LEU B 25 -57.87 -5.98 6.07
CA LEU B 25 -56.85 -6.05 4.99
C LEU B 25 -57.51 -6.63 3.74
N ASP B 26 -58.81 -6.88 3.80
CA ASP B 26 -59.42 -7.47 2.60
C ASP B 26 -59.30 -6.43 1.47
N PRO B 27 -58.96 -6.88 0.27
CA PRO B 27 -59.02 -5.93 -0.85
C PRO B 27 -60.42 -5.33 -1.01
N LEU B 28 -60.45 -4.14 -1.65
CA LEU B 28 -61.67 -3.49 -2.04
C LEU B 28 -62.56 -4.45 -2.85
N SER B 29 -63.84 -4.52 -2.51
CA SER B 29 -64.80 -5.29 -3.34
C SER B 29 -65.14 -4.45 -4.58
N THR B 30 -65.72 -5.11 -5.56
CA THR B 30 -66.25 -4.37 -6.69
C THR B 30 -67.17 -3.24 -6.27
N ALA B 31 -68.04 -3.46 -5.31
CA ALA B 31 -68.91 -2.40 -4.80
C ALA B 31 -68.12 -1.21 -4.18
N GLU B 32 -67.07 -1.55 -3.44
CA GLU B 32 -66.26 -0.48 -2.84
C GLU B 32 -65.49 0.30 -3.92
N ILE B 33 -65.08 -0.38 -4.99
CA ILE B 33 -64.35 0.33 -6.07
C ILE B 33 -65.29 1.34 -6.74
N LYS B 34 -66.47 0.82 -7.13
CA LYS B 34 -67.56 1.61 -7.70
C LYS B 34 -68.00 2.83 -6.83
N ALA B 35 -68.25 2.58 -5.55
CA ALA B 35 -68.49 3.66 -4.62
C ALA B 35 -67.38 4.71 -4.66
N ALA B 36 -66.12 4.27 -4.59
CA ALA B 36 -64.97 5.17 -4.71
C ALA B 36 -64.92 6.04 -5.99
N THR B 37 -65.15 5.42 -7.12
CA THR B 37 -65.13 6.13 -8.34
C THR B 37 -66.29 7.12 -8.47
N ASN B 38 -67.54 6.72 -8.13
CA ASN B 38 -68.66 7.65 -7.99
C ASN B 38 -68.29 8.90 -7.15
N THR B 39 -67.71 8.67 -5.97
CA THR B 39 -67.34 9.75 -5.07
C THR B 39 -66.30 10.69 -5.68
N VAL B 40 -65.29 10.10 -6.31
CA VAL B 40 -64.24 10.87 -6.93
C VAL B 40 -64.74 11.61 -8.15
N LYS B 41 -65.46 10.93 -9.06
CA LYS B 41 -66.19 11.63 -10.12
C LYS B 41 -66.99 12.85 -9.62
N SER B 42 -67.76 12.71 -8.54
CA SER B 42 -68.55 13.88 -8.04
C SER B 42 -67.72 15.04 -7.54
N TYR B 43 -66.57 14.72 -6.92
CA TYR B 43 -65.70 15.70 -6.32
C TYR B 43 -65.14 16.59 -7.45
N PHE B 44 -64.80 15.95 -8.57
CA PHE B 44 -64.27 16.59 -9.76
C PHE B 44 -65.33 16.76 -10.86
N ALA B 45 -66.56 17.08 -10.49
CA ALA B 45 -67.65 17.26 -11.52
C ALA B 45 -67.30 18.32 -12.57
N GLY B 46 -67.54 17.97 -13.82
CA GLY B 46 -67.32 18.87 -14.95
C GLY B 46 -65.92 18.78 -15.52
N LYS B 47 -65.08 17.99 -14.85
CA LYS B 47 -63.69 17.77 -15.27
C LYS B 47 -63.55 16.41 -15.93
N LYS B 48 -62.81 16.33 -17.00
CA LYS B 48 -62.73 15.09 -17.74
C LYS B 48 -61.57 14.24 -17.21
N ILE B 49 -61.88 13.30 -16.32
CA ILE B 49 -60.91 12.47 -15.63
C ILE B 49 -60.92 11.03 -16.09
N SER B 50 -59.81 10.34 -15.88
CA SER B 50 -59.81 8.88 -15.96
C SER B 50 -59.08 8.28 -14.77
N PHE B 51 -59.36 7.01 -14.52
CA PHE B 51 -58.86 6.37 -13.30
C PHE B 51 -57.66 5.52 -13.69
N ASN B 52 -56.57 5.76 -12.97
CA ASN B 52 -55.39 4.98 -13.17
C ASN B 52 -55.31 3.80 -12.15
N THR B 53 -55.74 4.06 -10.91
CA THR B 53 -55.56 3.15 -9.78
C THR B 53 -56.71 3.40 -8.84
N VAL B 54 -57.41 2.34 -8.47
CA VAL B 54 -58.29 2.41 -7.29
C VAL B 54 -58.07 1.18 -6.39
N THR B 55 -57.52 1.42 -5.23
CA THR B 55 -57.04 0.28 -4.49
C THR B 55 -57.13 0.56 -3.02
N LEU B 56 -57.12 -0.53 -2.23
CA LEU B 56 -57.17 -0.37 -0.78
C LEU B 56 -56.03 0.51 -0.20
N ARG B 57 -56.32 1.46 0.66
CA ARG B 57 -55.28 2.09 1.46
C ARG B 57 -55.27 1.33 2.77
N GLU B 58 -54.19 0.57 3.01
CA GLU B 58 -54.22 -0.34 4.14
C GLU B 58 -54.17 0.52 5.39
N PRO B 59 -54.70 0.01 6.49
CA PRO B 59 -54.74 0.66 7.81
C PRO B 59 -53.31 0.84 8.34
N ALA B 60 -53.07 1.91 9.10
CA ALA B 60 -51.76 2.10 9.72
C ALA B 60 -51.41 0.80 10.47
N ARG B 61 -50.10 0.54 10.64
CA ARG B 61 -49.69 -0.65 11.35
C ARG B 61 -50.14 -0.65 12.83
N LYS B 62 -49.96 0.46 13.54
CA LYS B 62 -50.38 0.54 14.94
C LYS B 62 -51.92 0.29 15.10
N ALA B 63 -52.74 0.92 14.28
CA ALA B 63 -54.17 0.73 14.35
C ALA B 63 -54.62 -0.70 14.10
N TYR B 64 -53.98 -1.36 13.11
CA TYR B 64 -54.37 -2.71 12.76
C TYR B 64 -54.12 -3.66 13.98
N ILE B 65 -52.97 -3.45 14.62
CA ILE B 65 -52.52 -4.28 15.72
C ILE B 65 -53.39 -4.06 16.98
N GLN B 66 -53.70 -2.79 17.20
CA GLN B 66 -54.55 -2.38 18.27
C GLN B 66 -55.97 -2.97 18.06
N TRP B 67 -56.48 -2.92 16.83
CA TRP B 67 -57.73 -3.59 16.50
C TRP B 67 -57.62 -5.09 16.70
N LYS B 68 -56.55 -5.70 16.20
CA LYS B 68 -56.47 -7.14 16.18
C LYS B 68 -56.29 -7.75 17.57
N GLU B 69 -55.57 -7.04 18.45
CA GLU B 69 -55.09 -7.68 19.65
C GLU B 69 -55.47 -6.95 20.93
N GLN B 70 -55.96 -5.73 20.86
CA GLN B 70 -56.11 -4.92 22.09
C GLN B 70 -57.52 -4.40 22.21
N GLY B 71 -58.46 -4.98 21.43
CA GLY B 71 -59.84 -4.55 21.49
C GLY B 71 -60.00 -3.14 21.00
N GLY B 72 -59.23 -2.74 20.00
CA GLY B 72 -59.06 -1.33 19.67
C GLY B 72 -60.03 -0.84 18.62
N PRO B 73 -59.94 0.45 18.30
CA PRO B 73 -60.80 1.09 17.28
C PRO B 73 -60.77 0.36 15.96
N LEU B 74 -61.92 0.26 15.35
CA LEU B 74 -61.92 -0.38 14.05
C LEU B 74 -61.35 0.63 13.00
N PRO B 75 -60.36 0.19 12.19
CA PRO B 75 -59.78 1.21 11.31
C PRO B 75 -60.71 1.62 10.15
N PRO B 76 -60.68 2.91 9.77
CA PRO B 76 -61.41 3.40 8.58
C PRO B 76 -61.09 2.57 7.34
N ARG B 77 -62.12 2.17 6.64
CA ARG B 77 -61.97 1.58 5.35
C ARG B 77 -61.71 2.72 4.26
N LEU B 78 -60.48 2.74 3.67
CA LEU B 78 -60.04 3.79 2.75
C LEU B 78 -59.72 3.29 1.33
N ALA B 79 -60.15 4.02 0.29
CA ALA B 79 -59.68 3.67 -1.07
C ALA B 79 -58.70 4.73 -1.47
N TYR B 80 -57.53 4.31 -1.93
CA TYR B 80 -56.56 5.22 -2.54
C TYR B 80 -56.81 5.25 -4.04
N TYR B 81 -56.72 6.46 -4.61
CA TYR B 81 -57.01 6.67 -6.04
C TYR B 81 -55.93 7.49 -6.69
N VAL B 82 -55.68 7.19 -7.95
CA VAL B 82 -54.89 8.01 -8.80
C VAL B 82 -55.64 8.28 -10.08
N ILE B 83 -55.79 9.56 -10.41
CA ILE B 83 -56.44 9.90 -11.67
C ILE B 83 -55.60 10.80 -12.54
N LEU B 84 -55.95 10.80 -13.82
CA LEU B 84 -55.49 11.83 -14.75
C LEU B 84 -56.63 12.75 -15.13
N GLU B 85 -56.30 13.97 -15.55
CA GLU B 85 -57.29 14.90 -16.08
C GLU B 85 -56.85 15.37 -17.45
N ALA B 86 -57.74 15.33 -18.46
CA ALA B 86 -57.34 15.73 -19.82
C ALA B 86 -56.85 17.16 -19.83
N GLY B 87 -55.69 17.39 -20.45
CA GLY B 87 -55.09 18.72 -20.57
C GLY B 87 -54.33 19.21 -19.35
N LYS B 88 -54.19 18.36 -18.34
CA LYS B 88 -53.47 18.74 -17.12
C LYS B 88 -52.26 17.84 -17.02
N PRO B 89 -51.08 18.41 -16.75
CA PRO B 89 -49.92 17.48 -16.69
C PRO B 89 -49.91 16.63 -15.42
N GLY B 90 -49.40 15.44 -15.54
CA GLY B 90 -49.19 14.70 -14.35
C GLY B 90 -50.39 13.89 -13.93
N VAL B 91 -50.53 13.72 -12.60
CA VAL B 91 -51.68 13.03 -12.01
C VAL B 91 -52.31 13.82 -10.84
N LYS B 92 -53.50 13.36 -10.43
CA LYS B 92 -54.01 13.62 -9.11
C LYS B 92 -54.11 12.32 -8.29
N GLU B 93 -53.88 12.41 -6.99
CA GLU B 93 -54.06 11.19 -6.15
C GLU B 93 -54.77 11.62 -4.92
N GLY B 94 -55.30 10.68 -4.19
CA GLY B 94 -56.01 11.02 -2.97
C GLY B 94 -56.57 9.77 -2.25
N LEU B 95 -57.37 10.04 -1.22
CA LEU B 95 -58.09 9.02 -0.45
C LEU B 95 -59.62 9.31 -0.38
N VAL B 96 -60.38 8.26 -0.56
CA VAL B 96 -61.79 8.24 -0.27
C VAL B 96 -62.12 7.47 1.06
N ASP B 97 -62.78 8.16 1.99
CA ASP B 97 -63.37 7.46 3.12
C ASP B 97 -64.65 6.72 2.68
N LEU B 98 -64.64 5.38 2.63
CA LEU B 98 -65.79 4.66 2.03
C LEU B 98 -67.11 4.73 2.85
N ALA B 99 -67.01 4.83 4.18
CA ALA B 99 -68.20 4.82 5.01
C ALA B 99 -69.03 6.09 4.75
N SER B 100 -68.36 7.25 4.74
CA SER B 100 -68.96 8.55 4.44
C SER B 100 -69.00 9.00 2.95
N LEU B 101 -68.54 8.15 2.05
CA LEU B 101 -68.46 8.52 0.61
C LEU B 101 -67.95 9.93 0.35
N SER B 102 -66.82 10.28 0.94
CA SER B 102 -66.20 11.52 0.57
C SER B 102 -64.68 11.41 0.40
N VAL B 103 -64.12 12.46 -0.21
CA VAL B 103 -62.72 12.55 -0.50
C VAL B 103 -62.11 13.28 0.68
N ILE B 104 -61.09 12.72 1.29
CA ILE B 104 -60.67 13.31 2.58
C ILE B 104 -59.28 13.84 2.37
N GLU B 105 -58.66 13.40 1.28
CA GLU B 105 -57.28 13.84 1.04
C GLU B 105 -57.04 13.90 -0.42
N THR B 106 -56.41 15.01 -0.79
CA THR B 106 -56.16 15.27 -2.20
C THR B 106 -54.86 16.03 -2.47
N ARG B 107 -54.19 15.57 -3.53
CA ARG B 107 -53.16 16.43 -4.13
C ARG B 107 -52.95 16.19 -5.62
N ALA B 108 -52.50 17.27 -6.26
CA ALA B 108 -52.06 17.29 -7.62
C ALA B 108 -50.53 17.18 -7.64
N LEU B 109 -50.09 16.27 -8.49
CA LEU B 109 -48.68 15.95 -8.72
C LEU B 109 -48.40 16.13 -10.22
N GLU B 110 -48.00 17.32 -10.61
CA GLU B 110 -47.86 17.64 -12.06
C GLU B 110 -46.60 17.15 -12.70
N THR B 111 -45.65 16.61 -11.91
CA THR B 111 -44.38 16.17 -12.48
C THR B 111 -44.05 14.73 -12.28
N VAL B 112 -45.05 13.83 -12.29
CA VAL B 112 -44.78 12.38 -12.16
C VAL B 112 -45.60 11.68 -13.21
N GLN B 113 -45.26 10.46 -13.53
CA GLN B 113 -46.13 9.72 -14.40
C GLN B 113 -46.50 8.43 -13.72
N PRO B 114 -47.73 7.91 -14.01
CA PRO B 114 -48.14 6.80 -13.19
C PRO B 114 -48.01 5.48 -13.92
N ILE B 115 -48.26 4.40 -13.18
CA ILE B 115 -48.23 3.07 -13.68
C ILE B 115 -49.06 2.93 -14.98
N LEU B 116 -48.64 2.06 -15.85
CA LEU B 116 -49.40 1.90 -17.09
C LEU B 116 -50.30 0.71 -16.94
N THR B 117 -51.62 0.96 -17.04
CA THR B 117 -52.61 -0.12 -17.04
C THR B 117 -52.70 -0.87 -18.38
N VAL B 118 -53.41 -1.98 -18.39
CA VAL B 118 -53.70 -2.72 -19.62
C VAL B 118 -54.31 -1.80 -20.70
N GLU B 119 -55.10 -0.82 -20.30
CA GLU B 119 -55.72 0.02 -21.31
C GLU B 119 -54.69 0.96 -21.98
N ASP B 120 -53.74 1.45 -21.20
CA ASP B 120 -52.63 2.24 -21.71
C ASP B 120 -51.79 1.47 -22.76
N LEU B 121 -51.47 0.22 -22.46
CA LEU B 121 -50.70 -0.62 -23.37
C LEU B 121 -51.38 -1.04 -24.68
N CYS B 122 -52.71 -1.23 -24.67
CA CYS B 122 -53.43 -1.80 -25.81
C CYS B 122 -53.69 -0.71 -26.82
N SER B 123 -53.60 0.55 -26.38
CA SER B 123 -53.83 1.70 -27.24
C SER B 123 -52.73 1.87 -28.28
N THR B 124 -51.49 1.70 -27.82
CA THR B 124 -50.31 2.14 -28.55
C THR B 124 -50.10 1.48 -29.96
N GLU B 125 -50.36 0.20 -30.07
CA GLU B 125 -50.26 -0.49 -31.35
C GLU B 125 -51.02 0.17 -32.51
N GLU B 126 -52.29 0.45 -32.31
CA GLU B 126 -53.10 1.10 -33.36
C GLU B 126 -52.57 2.49 -33.66
N VAL B 127 -51.99 3.19 -32.65
CA VAL B 127 -51.38 4.48 -32.88
C VAL B 127 -50.19 4.40 -33.85
N ILE B 128 -49.26 3.47 -33.66
CA ILE B 128 -48.10 3.42 -34.53
C ILE B 128 -48.46 2.88 -35.93
N ARG B 129 -49.46 2.01 -35.99
CA ARG B 129 -49.97 1.45 -37.28
C ARG B 129 -50.51 2.54 -38.17
N ASN B 130 -51.05 3.62 -37.58
CA ASN B 130 -51.68 4.69 -38.32
C ASN B 130 -50.78 5.90 -38.49
N ASP B 131 -49.53 5.86 -38.01
CA ASP B 131 -48.69 7.05 -38.09
C ASP B 131 -47.85 7.10 -39.36
N PRO B 132 -47.98 8.20 -40.18
CA PRO B 132 -47.30 8.21 -41.53
C PRO B 132 -45.79 8.08 -41.37
N ALA B 133 -45.20 8.74 -40.36
CA ALA B 133 -43.77 8.54 -40.09
C ALA B 133 -43.39 7.08 -39.74
N VAL B 134 -44.14 6.40 -38.89
CA VAL B 134 -43.89 4.96 -38.67
C VAL B 134 -44.10 4.15 -39.93
N ILE B 135 -45.18 4.43 -40.66
CA ILE B 135 -45.45 3.61 -41.89
C ILE B 135 -44.25 3.66 -42.87
N GLU B 136 -43.73 4.88 -43.04
CA GLU B 136 -42.58 5.13 -43.91
C GLU B 136 -41.32 4.34 -43.44
N GLN B 137 -41.03 4.38 -42.12
CA GLN B 137 -40.02 3.50 -41.53
C GLN B 137 -40.31 2.02 -41.81
N CYS B 138 -41.56 1.59 -41.75
CA CYS B 138 -41.85 0.19 -42.10
C CYS B 138 -41.55 -0.11 -43.57
N VAL B 139 -41.92 0.83 -44.45
CA VAL B 139 -41.59 0.71 -45.88
C VAL B 139 -40.09 0.60 -46.14
N LEU B 140 -39.32 1.55 -45.65
CA LEU B 140 -37.84 1.47 -45.70
C LEU B 140 -37.25 0.18 -45.13
N SER B 141 -37.93 -0.43 -44.13
CA SER B 141 -37.49 -1.71 -43.54
C SER B 141 -37.96 -2.91 -44.29
N GLY B 142 -38.69 -2.74 -45.37
CA GLY B 142 -39.08 -3.89 -46.19
C GLY B 142 -40.49 -4.41 -45.94
N ILE B 143 -41.32 -3.61 -45.23
CA ILE B 143 -42.72 -3.99 -45.07
C ILE B 143 -43.59 -3.00 -45.84
N PRO B 144 -44.42 -3.49 -46.78
CA PRO B 144 -45.23 -2.59 -47.61
C PRO B 144 -46.31 -1.88 -46.79
N ALA B 145 -46.62 -0.62 -47.14
CA ALA B 145 -47.49 0.24 -46.33
C ALA B 145 -48.89 -0.35 -46.15
N ASN B 146 -49.32 -1.19 -47.10
CA ASN B 146 -50.60 -1.88 -47.01
C ASN B 146 -50.59 -3.14 -46.07
N GLU B 147 -49.44 -3.49 -45.52
CA GLU B 147 -49.35 -4.59 -44.56
C GLU B 147 -49.07 -4.09 -43.11
N MET B 148 -49.48 -2.89 -42.72
CA MET B 148 -49.21 -2.37 -41.38
C MET B 148 -49.96 -3.17 -40.32
N HIS B 149 -51.03 -3.85 -40.73
CA HIS B 149 -51.73 -4.76 -39.81
C HIS B 149 -50.83 -5.92 -39.31
N LYS B 150 -49.68 -6.13 -39.96
CA LYS B 150 -48.70 -7.14 -39.56
C LYS B 150 -47.56 -6.64 -38.64
N VAL B 151 -47.51 -5.34 -38.40
CA VAL B 151 -46.51 -4.76 -37.52
C VAL B 151 -47.15 -4.73 -36.15
N TYR B 152 -46.43 -5.24 -35.15
CA TYR B 152 -46.91 -5.25 -33.79
C TYR B 152 -45.90 -4.49 -32.97
N CYS B 153 -46.24 -4.14 -31.73
CA CYS B 153 -45.23 -3.62 -30.82
C CYS B 153 -45.51 -3.98 -29.37
N ASP B 154 -44.46 -3.96 -28.55
CA ASP B 154 -44.61 -4.09 -27.11
C ASP B 154 -44.49 -2.66 -26.58
N PRO B 155 -45.57 -2.11 -26.04
CA PRO B 155 -45.53 -0.69 -25.76
C PRO B 155 -44.97 -0.47 -24.34
N TRP B 156 -43.66 -0.32 -24.14
CA TRP B 156 -43.06 -0.17 -22.81
C TRP B 156 -43.29 1.25 -22.42
N THR B 157 -43.28 1.54 -21.14
CA THR B 157 -42.96 2.90 -20.76
C THR B 157 -41.62 3.29 -21.39
N ILE B 158 -41.51 4.49 -21.94
CA ILE B 158 -40.18 5.02 -22.22
C ILE B 158 -39.20 4.80 -21.03
N GLY B 159 -39.67 4.61 -19.80
CA GLY B 159 -38.72 4.31 -18.76
C GLY B 159 -38.07 5.60 -18.29
N TYR B 160 -37.01 6.05 -18.99
CA TYR B 160 -36.60 7.43 -18.74
C TYR B 160 -35.87 7.94 -19.94
N ASP B 161 -36.30 9.10 -20.44
CA ASP B 161 -35.54 9.75 -21.50
C ASP B 161 -35.33 11.21 -21.17
N GLU B 162 -34.07 11.63 -21.17
CA GLU B 162 -33.69 12.97 -20.66
C GLU B 162 -34.13 14.09 -21.61
N ARG B 163 -34.63 13.68 -22.78
CA ARG B 163 -35.14 14.60 -23.81
C ARG B 163 -36.53 15.12 -23.44
N TRP B 164 -37.32 14.30 -22.71
CA TRP B 164 -38.64 14.69 -22.20
C TRP B 164 -38.90 14.71 -20.71
N GLY B 165 -38.15 14.00 -19.86
CA GLY B 165 -38.40 13.98 -18.43
C GLY B 165 -39.76 13.42 -18.14
N THR B 166 -40.54 14.11 -17.29
CA THR B 166 -41.93 13.74 -17.03
C THR B 166 -42.90 14.72 -17.68
N GLY B 167 -42.40 15.59 -18.58
CA GLY B 167 -43.19 16.61 -19.29
C GLY B 167 -44.36 16.06 -20.11
N LYS B 168 -44.28 14.82 -20.52
CA LYS B 168 -45.37 14.23 -21.29
C LYS B 168 -45.36 12.80 -20.80
N ARG B 169 -46.46 12.07 -21.00
CA ARG B 169 -46.52 10.69 -20.59
C ARG B 169 -46.18 9.87 -21.80
N LEU B 170 -45.08 9.10 -21.71
CA LEU B 170 -44.56 8.41 -22.93
C LEU B 170 -44.34 6.94 -22.90
N GLN B 171 -44.46 6.34 -24.07
CA GLN B 171 -44.17 4.94 -24.22
C GLN B 171 -43.18 4.84 -25.36
N GLN B 172 -42.32 3.81 -25.36
CA GLN B 172 -41.44 3.55 -26.49
C GLN B 172 -41.97 2.23 -27.08
N ALA B 173 -42.27 2.24 -28.38
CA ALA B 173 -42.84 1.05 -29.01
C ALA B 173 -41.71 0.15 -29.54
N LEU B 174 -41.46 -1.00 -28.92
CA LEU B 174 -40.50 -1.89 -29.47
C LEU B 174 -41.27 -2.66 -30.56
N VAL B 175 -40.88 -2.47 -31.79
CA VAL B 175 -41.63 -2.90 -32.94
C VAL B 175 -41.18 -4.26 -33.45
N TYR B 176 -42.13 -5.12 -33.85
CA TYR B 176 -41.85 -6.45 -34.41
C TYR B 176 -42.76 -6.72 -35.61
N TYR B 177 -42.57 -7.86 -36.27
CA TYR B 177 -43.34 -8.13 -37.40
C TYR B 177 -43.78 -9.59 -37.39
N ARG B 178 -45.06 -9.82 -37.74
CA ARG B 178 -45.59 -11.21 -37.88
C ARG B 178 -46.00 -11.50 -39.33
N SER B 179 -45.52 -12.59 -39.91
CA SER B 179 -45.94 -12.99 -41.27
CA SER B 179 -45.94 -12.99 -41.26
C SER B 179 -47.37 -13.53 -41.26
N ASP B 180 -47.76 -14.12 -40.12
CA ASP B 180 -49.10 -14.68 -39.82
C ASP B 180 -49.39 -14.28 -38.37
N GLU B 181 -50.66 -14.07 -37.99
CA GLU B 181 -51.09 -13.62 -36.61
C GLU B 181 -50.70 -14.65 -35.51
N ASP B 182 -50.66 -15.92 -35.89
CA ASP B 182 -50.19 -17.00 -35.03
C ASP B 182 -48.65 -17.06 -34.88
N ASP B 183 -47.86 -16.28 -35.62
CA ASP B 183 -46.37 -16.31 -35.44
C ASP B 183 -46.01 -15.77 -34.05
N SER B 184 -44.86 -16.21 -33.54
CA SER B 184 -44.28 -15.53 -32.36
C SER B 184 -43.44 -14.43 -32.93
N GLN B 185 -43.76 -13.20 -32.61
CA GLN B 185 -43.22 -12.05 -33.35
C GLN B 185 -41.69 -11.86 -33.05
N TYR B 186 -41.14 -12.50 -32.00
CA TYR B 186 -39.81 -12.00 -31.45
C TYR B 186 -38.55 -12.36 -32.29
N SER B 187 -38.77 -13.24 -33.28
CA SER B 187 -37.70 -13.54 -34.19
C SER B 187 -37.62 -12.40 -35.22
N HIS B 188 -38.59 -11.48 -35.20
CA HIS B 188 -38.60 -10.46 -36.26
C HIS B 188 -38.75 -9.00 -35.74
N PRO B 189 -37.85 -8.56 -34.84
CA PRO B 189 -37.83 -7.16 -34.41
C PRO B 189 -37.43 -6.25 -35.58
N LEU B 190 -37.86 -4.99 -35.56
CA LEU B 190 -37.43 -4.01 -36.53
C LEU B 190 -36.40 -3.10 -35.85
N ASP B 191 -35.77 -2.21 -36.62
CA ASP B 191 -34.62 -1.52 -36.14
C ASP B 191 -34.90 -0.23 -35.43
N PHE B 192 -36.13 0.29 -35.52
CA PHE B 192 -36.44 1.64 -35.04
C PHE B 192 -37.42 1.57 -33.85
N CYS B 193 -37.51 2.66 -33.08
CA CYS B 193 -38.30 2.72 -31.87
C CYS B 193 -39.18 3.96 -31.87
N PRO B 194 -40.50 3.84 -32.14
CA PRO B 194 -41.40 5.04 -32.04
C PRO B 194 -41.60 5.43 -30.58
N ILE B 195 -41.65 6.75 -30.31
CA ILE B 195 -41.92 7.32 -28.96
C ILE B 195 -43.34 7.91 -28.99
N VAL B 196 -44.28 7.30 -28.26
CA VAL B 196 -45.66 7.68 -28.32
C VAL B 196 -46.09 8.44 -27.06
N ASP B 197 -46.77 9.56 -27.28
CA ASP B 197 -47.45 10.30 -26.20
C ASP B 197 -48.72 9.54 -25.78
N THR B 198 -48.70 8.87 -24.62
CA THR B 198 -49.80 7.99 -24.16
C THR B 198 -51.21 8.65 -24.14
N GLU B 199 -51.28 9.85 -23.59
CA GLU B 199 -52.48 10.62 -23.47
C GLU B 199 -52.96 11.33 -24.77
N GLU B 200 -52.06 11.95 -25.53
CA GLU B 200 -52.48 12.49 -26.85
C GLU B 200 -52.69 11.42 -27.94
N LYS B 201 -52.19 10.21 -27.74
CA LYS B 201 -52.32 9.16 -28.75
C LYS B 201 -51.60 9.51 -30.06
N LYS B 202 -50.40 10.10 -29.97
CA LYS B 202 -49.61 10.33 -31.16
C LYS B 202 -48.12 10.00 -31.05
N VAL B 203 -47.53 9.55 -32.16
CA VAL B 203 -46.12 9.35 -32.24
C VAL B 203 -45.43 10.73 -32.22
N ILE B 204 -44.54 11.01 -31.23
CA ILE B 204 -43.85 12.29 -31.21
C ILE B 204 -42.41 12.25 -31.72
N PHE B 205 -41.91 11.07 -32.02
CA PHE B 205 -40.51 10.91 -32.36
C PHE B 205 -40.25 9.46 -32.72
N ILE B 206 -39.28 9.22 -33.58
CA ILE B 206 -38.80 7.88 -33.77
C ILE B 206 -37.30 7.86 -33.69
N ASP B 207 -36.75 7.06 -32.75
CA ASP B 207 -35.31 6.75 -32.68
C ASP B 207 -34.95 5.84 -33.84
N ILE B 208 -34.00 6.30 -34.65
CA ILE B 208 -33.64 5.61 -35.88
C ILE B 208 -32.14 5.39 -35.83
N PRO B 209 -31.71 4.14 -36.07
CA PRO B 209 -30.25 3.92 -35.95
C PRO B 209 -29.47 4.47 -37.15
N ASN B 210 -28.14 4.65 -37.03
CA ASN B 210 -27.24 4.99 -38.16
C ASN B 210 -27.13 3.89 -39.20
N ARG B 211 -26.93 2.69 -38.73
CA ARG B 211 -26.95 1.54 -39.63
CA ARG B 211 -26.92 1.53 -39.60
C ARG B 211 -28.36 0.99 -39.66
N ARG B 212 -29.02 1.14 -40.77
CA ARG B 212 -30.32 0.50 -40.97
C ARG B 212 -30.18 -1.00 -41.08
N ARG B 213 -31.14 -1.76 -40.56
CA ARG B 213 -31.22 -3.19 -40.82
C ARG B 213 -32.66 -3.43 -41.16
N LYS B 214 -32.87 -4.02 -42.33
CA LYS B 214 -34.21 -4.35 -42.81
C LYS B 214 -34.75 -5.61 -42.14
N VAL B 215 -36.05 -5.80 -42.21
CA VAL B 215 -36.70 -6.98 -41.64
C VAL B 215 -36.06 -8.26 -42.16
N SER B 216 -35.88 -9.18 -41.20
CA SER B 216 -35.40 -10.52 -41.48
C SER B 216 -36.33 -11.23 -42.48
N LYS B 217 -35.69 -11.96 -43.38
CA LYS B 217 -36.33 -12.78 -44.40
C LYS B 217 -36.41 -14.26 -43.97
N HIS B 218 -35.88 -14.61 -42.81
CA HIS B 218 -35.97 -15.97 -42.30
C HIS B 218 -37.41 -16.26 -41.91
N LYS B 219 -37.73 -17.56 -41.83
CA LYS B 219 -38.95 -18.06 -41.22
C LYS B 219 -38.99 -17.60 -39.74
N HIS B 220 -40.22 -17.34 -39.24
CA HIS B 220 -40.46 -17.01 -37.82
C HIS B 220 -40.10 -18.20 -36.97
N ALA B 221 -39.58 -17.92 -35.77
CA ALA B 221 -39.22 -19.03 -34.89
C ALA B 221 -40.42 -19.32 -34.03
N ASN B 222 -41.17 -20.34 -34.47
CA ASN B 222 -42.48 -20.72 -33.85
C ASN B 222 -42.44 -21.98 -32.91
N PHE B 223 -43.48 -22.08 -32.08
CA PHE B 223 -43.49 -23.10 -30.99
C PHE B 223 -44.85 -23.78 -30.64
N TYR B 224 -45.94 -23.41 -31.30
CA TYR B 224 -47.18 -24.23 -31.20
C TYR B 224 -46.98 -25.58 -31.85
N PRO B 225 -47.75 -26.63 -31.44
CA PRO B 225 -47.66 -27.95 -32.11
C PRO B 225 -47.66 -27.93 -33.65
N LYS B 226 -48.55 -27.19 -34.30
CA LYS B 226 -48.54 -27.15 -35.81
C LYS B 226 -47.16 -26.67 -36.27
N HIS B 227 -46.60 -25.68 -35.59
CA HIS B 227 -45.27 -25.22 -35.97
C HIS B 227 -44.15 -26.27 -35.76
N MET B 228 -44.17 -26.94 -34.62
CA MET B 228 -43.18 -27.97 -34.35
C MET B 228 -43.29 -29.18 -35.34
N ILE B 229 -44.54 -29.53 -35.71
CA ILE B 229 -44.75 -30.61 -36.67
C ILE B 229 -43.95 -30.27 -37.93
N GLU B 230 -44.12 -29.05 -38.46
CA GLU B 230 -43.35 -28.65 -39.63
C GLU B 230 -41.86 -28.61 -39.31
N LYS B 231 -41.46 -28.02 -38.16
CA LYS B 231 -40.03 -27.85 -37.91
C LYS B 231 -39.33 -29.20 -37.62
N VAL B 232 -39.95 -30.07 -36.81
CA VAL B 232 -39.26 -31.30 -36.42
C VAL B 232 -39.92 -32.62 -36.90
N GLY B 233 -41.01 -32.55 -37.66
CA GLY B 233 -41.61 -33.78 -38.24
C GLY B 233 -42.92 -34.20 -37.58
N ALA B 234 -42.88 -34.28 -36.25
CA ALA B 234 -43.96 -34.80 -35.39
C ALA B 234 -43.75 -34.33 -33.96
N MET B 235 -44.82 -34.32 -33.15
CA MET B 235 -44.72 -34.09 -31.73
C MET B 235 -44.39 -35.40 -31.01
N ARG B 236 -43.72 -35.33 -29.87
CA ARG B 236 -43.58 -36.52 -29.04
C ARG B 236 -44.96 -37.02 -28.65
N PRO B 237 -45.15 -38.36 -28.54
CA PRO B 237 -46.46 -38.90 -28.13
C PRO B 237 -46.85 -38.36 -26.76
N GLU B 238 -48.14 -38.23 -26.49
CA GLU B 238 -48.61 -37.86 -25.15
C GLU B 238 -48.04 -38.85 -24.12
N ALA B 239 -47.35 -38.33 -23.09
CA ALA B 239 -46.83 -39.11 -21.98
C ALA B 239 -47.96 -39.76 -21.16
N PRO B 240 -47.73 -40.97 -20.60
CA PRO B 240 -48.67 -41.55 -19.62
C PRO B 240 -48.82 -40.58 -18.43
N PRO B 241 -50.05 -40.46 -17.89
CA PRO B 241 -50.29 -39.39 -16.94
C PRO B 241 -49.90 -39.66 -15.48
N ILE B 242 -49.66 -38.56 -14.80
CA ILE B 242 -49.43 -38.58 -13.40
C ILE B 242 -50.67 -37.92 -12.82
N ASN B 243 -51.42 -38.66 -11.98
CA ASN B 243 -52.63 -38.08 -11.41
C ASN B 243 -52.47 -37.79 -9.93
N VAL B 244 -53.01 -36.65 -9.52
CA VAL B 244 -52.93 -36.20 -8.13
C VAL B 244 -54.33 -35.97 -7.57
N THR B 245 -54.70 -36.76 -6.56
CA THR B 245 -56.07 -36.67 -6.02
C THR B 245 -56.08 -36.58 -4.51
N GLN B 246 -56.99 -35.75 -4.01
CA GLN B 246 -57.15 -35.58 -2.58
C GLN B 246 -58.57 -35.99 -2.18
N PRO B 247 -58.84 -37.33 -2.14
CA PRO B 247 -60.23 -37.80 -2.04
C PRO B 247 -60.93 -37.40 -0.75
N GLU B 248 -60.19 -37.18 0.33
CA GLU B 248 -60.79 -36.66 1.57
C GLU B 248 -60.72 -35.11 1.70
N GLY B 249 -60.44 -34.40 0.61
CA GLY B 249 -60.26 -32.95 0.71
C GLY B 249 -58.84 -32.48 1.11
N VAL B 250 -58.74 -31.24 1.54
CA VAL B 250 -57.44 -30.59 1.80
C VAL B 250 -57.28 -30.40 3.27
N SER B 251 -56.04 -30.28 3.73
CA SER B 251 -55.86 -30.09 5.16
C SER B 251 -55.93 -28.60 5.56
N PHE B 252 -55.91 -27.69 4.60
CA PHE B 252 -55.96 -26.27 4.95
C PHE B 252 -57.43 -25.78 5.08
N LYS B 253 -57.59 -24.67 5.81
CA LYS B 253 -58.89 -24.06 6.02
C LYS B 253 -58.84 -22.58 5.64
N MET B 254 -59.60 -22.20 4.64
CA MET B 254 -59.90 -20.77 4.40
C MET B 254 -61.22 -20.18 4.99
N THR B 255 -61.07 -19.02 5.62
CA THR B 255 -62.21 -18.26 6.11
C THR B 255 -62.09 -16.88 5.47
N GLY B 256 -62.89 -16.61 4.44
CA GLY B 256 -62.65 -15.48 3.52
C GLY B 256 -61.23 -15.56 2.95
N ASN B 257 -60.40 -14.60 3.34
CA ASN B 257 -59.00 -14.51 2.88
C ASN B 257 -57.98 -15.08 3.85
N VAL B 258 -58.45 -15.45 5.04
CA VAL B 258 -57.61 -15.87 6.15
C VAL B 258 -57.34 -17.35 5.98
N MET B 259 -56.06 -17.72 5.93
CA MET B 259 -55.66 -19.09 5.74
C MET B 259 -55.18 -19.70 7.08
N GLU B 260 -55.55 -20.94 7.35
CA GLU B 260 -54.94 -21.78 8.42
C GLU B 260 -54.49 -23.10 7.87
N TRP B 261 -53.24 -23.38 8.17
CA TRP B 261 -52.58 -24.59 7.64
C TRP B 261 -51.33 -24.95 8.45
N SER B 262 -51.31 -26.21 8.95
CA SER B 262 -50.16 -26.69 9.71
C SER B 262 -49.63 -25.64 10.72
N ASN B 263 -50.56 -25.05 11.50
CA ASN B 263 -50.25 -24.08 12.57
C ASN B 263 -50.04 -22.64 12.12
N PHE B 264 -49.80 -22.45 10.82
CA PHE B 264 -49.72 -21.12 10.26
C PHE B 264 -51.07 -20.47 10.18
N LYS B 265 -51.08 -19.18 10.46
CA LYS B 265 -52.23 -18.37 10.13
C LYS B 265 -51.81 -17.07 9.47
N PHE B 266 -52.55 -16.66 8.44
CA PHE B 266 -52.25 -15.42 7.82
C PHE B 266 -53.35 -14.98 6.88
N HIS B 267 -53.26 -13.70 6.53
CA HIS B 267 -54.14 -13.10 5.55
C HIS B 267 -53.53 -12.99 4.11
N ILE B 268 -54.23 -13.56 3.14
CA ILE B 268 -53.78 -13.50 1.71
C ILE B 268 -54.44 -12.31 1.07
N GLY B 269 -53.69 -11.22 0.81
CA GLY B 269 -54.24 -9.98 0.22
C GLY B 269 -53.83 -9.95 -1.24
N PHE B 270 -54.22 -8.92 -2.02
CA PHE B 270 -53.81 -8.79 -3.38
C PHE B 270 -53.99 -7.39 -3.85
N ASN B 271 -53.11 -6.90 -4.70
CA ASN B 271 -53.35 -5.54 -5.23
C ASN B 271 -52.72 -5.39 -6.58
N TYR B 272 -53.21 -4.37 -7.32
CA TYR B 272 -52.78 -4.03 -8.72
C TYR B 272 -51.25 -4.12 -8.94
N ARG B 273 -50.45 -3.71 -7.92
CA ARG B 273 -49.02 -3.40 -8.06
C ARG B 273 -48.08 -4.56 -7.59
N GLU B 274 -48.19 -4.88 -6.30
CA GLU B 274 -47.48 -5.97 -5.65
C GLU B 274 -48.00 -7.33 -6.03
N GLY B 275 -49.24 -7.46 -6.51
CA GLY B 275 -49.84 -8.85 -6.61
C GLY B 275 -50.15 -9.43 -5.20
N ILE B 276 -49.67 -10.63 -4.88
CA ILE B 276 -49.87 -11.29 -3.56
C ILE B 276 -49.22 -10.47 -2.42
N VAL B 277 -50.02 -10.24 -1.37
CA VAL B 277 -49.51 -9.63 -0.10
C VAL B 277 -49.93 -10.56 1.04
N LEU B 278 -48.99 -11.12 1.74
CA LEU B 278 -49.30 -12.03 2.88
C LEU B 278 -49.19 -11.13 4.11
N SER B 279 -50.26 -11.06 4.93
CA SER B 279 -50.21 -10.28 6.18
C SER B 279 -50.45 -11.08 7.44
N ASP B 280 -50.06 -10.49 8.56
CA ASP B 280 -50.45 -10.95 9.86
C ASP B 280 -50.12 -12.43 9.98
N VAL B 281 -48.86 -12.76 9.73
CA VAL B 281 -48.44 -14.16 9.79
C VAL B 281 -48.04 -14.56 11.15
N SER B 282 -48.60 -15.69 11.57
CA SER B 282 -48.27 -16.26 12.90
C SER B 282 -48.24 -17.76 12.86
N TYR B 283 -47.64 -18.31 13.90
CA TYR B 283 -47.57 -19.72 14.06
C TYR B 283 -48.11 -20.12 15.42
N ASN B 284 -48.93 -21.17 15.41
CA ASN B 284 -49.57 -21.71 16.64
C ASN B 284 -48.70 -22.82 17.26
N ASP B 285 -47.93 -22.39 18.24
CA ASP B 285 -46.90 -23.19 18.87
C ASP B 285 -47.54 -23.88 20.10
N HIS B 286 -48.27 -24.96 19.84
CA HIS B 286 -49.01 -25.72 20.86
C HIS B 286 -49.92 -24.82 21.72
N GLY B 287 -50.76 -24.02 21.08
CA GLY B 287 -51.65 -23.16 21.85
C GLY B 287 -51.11 -21.77 22.05
N ASN B 288 -49.78 -21.56 22.02
CA ASN B 288 -49.27 -20.16 22.04
C ASN B 288 -49.01 -19.61 20.61
N VAL B 289 -49.83 -18.64 20.20
CA VAL B 289 -49.95 -18.20 18.81
C VAL B 289 -48.94 -17.08 18.73
N ARG B 290 -47.86 -17.33 17.99
CA ARG B 290 -46.70 -16.42 17.93
C ARG B 290 -46.62 -15.70 16.56
N PRO B 291 -46.58 -14.33 16.59
CA PRO B 291 -46.35 -13.50 15.41
C PRO B 291 -44.97 -13.79 14.82
N ILE B 292 -44.89 -13.62 13.50
CA ILE B 292 -43.71 -13.84 12.75
C ILE B 292 -43.49 -12.64 11.84
N PHE B 293 -44.44 -12.36 10.91
CA PHE B 293 -44.40 -11.17 10.07
C PHE B 293 -45.74 -10.45 10.05
N HIS B 294 -45.68 -9.12 10.09
CA HIS B 294 -46.86 -8.35 9.84
C HIS B 294 -47.27 -8.23 8.34
N ARG B 295 -46.26 -8.19 7.45
CA ARG B 295 -46.44 -8.03 6.01
C ARG B 295 -45.24 -8.52 5.22
N ILE B 296 -45.54 -9.22 4.12
CA ILE B 296 -44.48 -9.69 3.30
C ILE B 296 -44.90 -9.72 1.80
N SER B 297 -44.09 -9.13 0.88
CA SER B 297 -44.49 -9.01 -0.50
C SER B 297 -43.30 -8.66 -1.41
N LEU B 298 -43.49 -8.76 -2.72
CA LEU B 298 -42.53 -8.14 -3.62
C LEU B 298 -42.90 -6.70 -3.81
N SER B 299 -42.00 -5.76 -3.51
CA SER B 299 -42.42 -4.37 -3.48
C SER B 299 -41.95 -3.58 -4.71
N GLU B 300 -41.03 -4.15 -5.50
CA GLU B 300 -40.48 -3.54 -6.74
C GLU B 300 -39.59 -4.50 -7.50
N MET B 301 -39.27 -4.16 -8.74
CA MET B 301 -38.29 -4.95 -9.55
C MET B 301 -37.49 -4.02 -10.40
N ILE B 302 -36.40 -4.52 -10.93
CA ILE B 302 -35.75 -3.82 -12.04
C ILE B 302 -35.08 -4.84 -12.99
N VAL B 303 -35.31 -4.71 -14.29
CA VAL B 303 -34.73 -5.66 -15.24
C VAL B 303 -33.78 -4.92 -16.15
N PRO B 304 -32.54 -4.66 -15.67
CA PRO B 304 -31.70 -3.78 -16.49
C PRO B 304 -30.91 -4.55 -17.58
N TYR B 305 -30.93 -4.00 -18.80
CA TYR B 305 -30.34 -4.60 -19.98
C TYR B 305 -28.97 -4.03 -20.04
N GLY B 306 -28.10 -4.80 -20.64
CA GLY B 306 -26.67 -4.50 -20.58
C GLY B 306 -26.05 -4.15 -21.91
N SER B 307 -26.84 -3.75 -22.92
CA SER B 307 -26.20 -3.15 -24.11
C SER B 307 -26.13 -1.62 -23.95
N PRO B 308 -24.94 -1.03 -24.07
CA PRO B 308 -24.72 0.43 -23.90
C PRO B 308 -25.24 1.26 -25.09
N GLU B 309 -25.60 0.59 -26.21
CA GLU B 309 -25.95 1.32 -27.46
C GLU B 309 -27.32 1.99 -27.44
N PHE B 310 -27.42 3.17 -28.02
CA PHE B 310 -28.69 3.92 -27.98
C PHE B 310 -29.71 3.15 -28.84
N PRO B 311 -30.98 3.02 -28.39
CA PRO B 311 -31.63 3.47 -27.21
C PRO B 311 -31.83 2.38 -26.13
N HIS B 312 -30.98 1.37 -26.09
CA HIS B 312 -31.18 0.23 -25.24
C HIS B 312 -31.00 0.55 -23.73
N GLN B 313 -30.35 1.65 -23.43
CA GLN B 313 -30.31 2.12 -22.07
C GLN B 313 -31.73 2.34 -21.50
N ARG B 314 -32.72 2.56 -22.33
CA ARG B 314 -34.11 2.70 -21.83
C ARG B 314 -34.79 1.35 -21.53
N LYS B 315 -34.08 0.21 -21.65
CA LYS B 315 -34.65 -1.06 -21.14
C LYS B 315 -34.11 -1.42 -19.77
N HIS B 316 -34.86 -1.05 -18.74
CA HIS B 316 -34.50 -1.41 -17.39
C HIS B 316 -35.83 -1.35 -16.64
N ALA B 317 -36.69 -2.28 -17.01
CA ALA B 317 -38.14 -2.19 -16.63
C ALA B 317 -38.23 -2.28 -15.13
N LEU B 318 -39.00 -1.43 -14.46
CA LEU B 318 -39.25 -1.79 -13.05
C LEU B 318 -40.66 -2.28 -13.07
N ASP B 319 -40.85 -3.59 -13.34
CA ASP B 319 -42.13 -4.12 -13.76
C ASP B 319 -43.25 -3.89 -12.73
N ILE B 320 -42.95 -4.09 -11.45
CA ILE B 320 -43.98 -3.92 -10.47
C ILE B 320 -44.46 -2.45 -10.41
N GLY B 321 -43.53 -1.48 -10.37
CA GLY B 321 -43.96 -0.05 -10.31
C GLY B 321 -44.44 0.64 -11.60
N GLU B 322 -44.17 0.05 -12.75
CA GLU B 322 -44.50 0.74 -14.03
C GLU B 322 -45.60 -0.02 -14.71
N TYR B 323 -45.88 -1.29 -14.31
CA TYR B 323 -47.02 -2.02 -14.96
C TYR B 323 -47.89 -2.74 -13.95
N GLY B 324 -47.29 -3.45 -13.01
CA GLY B 324 -48.07 -4.01 -11.95
C GLY B 324 -48.24 -5.50 -12.11
N ALA B 325 -47.77 -6.20 -11.08
CA ALA B 325 -47.86 -7.64 -10.95
C ALA B 325 -49.29 -8.12 -10.72
N GLY B 326 -50.13 -7.25 -10.12
CA GLY B 326 -51.60 -7.43 -10.14
C GLY B 326 -52.20 -7.17 -11.52
N TYR B 327 -52.06 -5.94 -12.02
CA TYR B 327 -52.59 -5.65 -13.35
C TYR B 327 -52.14 -6.63 -14.41
N MET B 328 -50.87 -7.12 -14.37
CA MET B 328 -50.36 -8.07 -15.39
CA MET B 328 -50.46 -8.04 -15.45
C MET B 328 -50.74 -9.53 -15.15
N THR B 329 -51.33 -9.85 -13.96
CA THR B 329 -51.53 -11.27 -13.61
C THR B 329 -52.45 -12.13 -14.54
N ASN B 330 -52.13 -13.42 -14.71
CA ASN B 330 -52.87 -14.28 -15.63
C ASN B 330 -54.06 -14.95 -14.87
N PRO B 331 -55.23 -14.99 -15.50
CA PRO B 331 -56.19 -15.92 -14.93
C PRO B 331 -55.62 -17.31 -14.95
N LEU B 332 -55.69 -18.05 -13.85
CA LEU B 332 -54.97 -19.32 -13.74
C LEU B 332 -55.77 -20.57 -14.12
N SER B 333 -57.08 -20.52 -14.18
CA SER B 333 -57.69 -21.84 -14.28
C SER B 333 -57.61 -22.54 -15.64
N LEU B 334 -57.89 -21.85 -16.75
CA LEU B 334 -57.90 -22.51 -18.10
C LEU B 334 -56.58 -23.23 -18.41
N GLY B 335 -55.47 -22.64 -17.96
CA GLY B 335 -54.14 -23.06 -18.40
C GLY B 335 -53.60 -24.38 -17.88
N CYS B 336 -54.24 -24.99 -16.87
CA CYS B 336 -53.69 -26.20 -16.20
C CYS B 336 -52.46 -25.85 -15.35
N ASP B 337 -52.25 -24.55 -15.11
CA ASP B 337 -51.11 -23.95 -14.35
C ASP B 337 -50.93 -24.52 -12.94
N CYS B 338 -52.05 -24.71 -12.26
CA CYS B 338 -52.03 -25.26 -10.92
C CYS B 338 -52.73 -26.63 -10.97
N LYS B 339 -51.96 -27.68 -10.67
CA LYS B 339 -52.46 -29.06 -10.75
C LYS B 339 -52.91 -29.62 -9.39
N GLY B 340 -54.15 -30.11 -9.34
CA GLY B 340 -54.68 -30.78 -8.16
C GLY B 340 -55.94 -30.14 -7.59
N VAL B 341 -56.10 -30.21 -6.27
CA VAL B 341 -57.29 -29.68 -5.65
C VAL B 341 -56.99 -28.22 -5.28
N ILE B 342 -57.59 -27.29 -6.01
CA ILE B 342 -57.14 -25.91 -5.95
C ILE B 342 -58.22 -25.04 -5.35
N HIS B 343 -57.82 -24.08 -4.51
CA HIS B 343 -58.65 -22.94 -4.11
C HIS B 343 -58.22 -21.64 -4.88
N TYR B 344 -59.13 -20.97 -5.58
CA TYR B 344 -58.82 -19.75 -6.32
C TYR B 344 -59.28 -18.45 -5.60
N LEU B 345 -58.58 -17.32 -5.83
CA LEU B 345 -59.08 -15.98 -5.51
C LEU B 345 -59.10 -15.18 -6.80
N ASP B 346 -60.08 -14.28 -6.89
CA ASP B 346 -60.20 -13.33 -7.98
C ASP B 346 -59.57 -11.98 -7.56
N ALA B 347 -59.12 -11.18 -8.53
CA ALA B 347 -58.66 -9.80 -8.19
C ALA B 347 -59.66 -8.84 -8.81
N HIS B 348 -59.82 -7.67 -8.18
CA HIS B 348 -60.73 -6.66 -8.65
C HIS B 348 -59.96 -5.35 -8.71
N PHE B 349 -60.05 -4.72 -9.88
CA PHE B 349 -59.45 -3.43 -10.11
C PHE B 349 -60.50 -2.46 -10.65
N SER B 350 -60.07 -1.19 -10.75
CA SER B 350 -60.82 -0.26 -11.58
C SER B 350 -60.33 -0.20 -13.03
N ASP B 351 -61.22 -0.02 -13.99
CA ASP B 351 -60.78 0.51 -15.30
C ASP B 351 -60.75 2.07 -15.38
N ARG B 352 -60.45 2.56 -16.58
CA ARG B 352 -60.17 4.00 -16.94
C ARG B 352 -61.42 4.81 -16.68
N ALA B 353 -62.55 4.24 -17.01
CA ALA B 353 -63.87 4.80 -16.69
C ALA B 353 -64.30 4.77 -15.21
N GLY B 354 -63.64 4.00 -14.35
CA GLY B 354 -64.05 3.85 -12.98
C GLY B 354 -64.94 2.64 -12.68
N ASP B 355 -65.08 1.71 -13.65
CA ASP B 355 -65.86 0.46 -13.40
C ASP B 355 -65.00 -0.67 -12.91
N PRO B 356 -65.48 -1.41 -11.92
CA PRO B 356 -64.74 -2.57 -11.40
C PRO B 356 -64.46 -3.53 -12.53
N ILE B 357 -63.22 -4.03 -12.60
CA ILE B 357 -62.93 -5.18 -13.41
C ILE B 357 -62.37 -6.30 -12.57
N THR B 358 -62.63 -7.51 -13.04
CA THR B 358 -62.31 -8.71 -12.34
C THR B 358 -61.34 -9.56 -13.14
N VAL B 359 -60.25 -9.99 -12.50
CA VAL B 359 -59.52 -11.10 -13.08
C VAL B 359 -59.72 -12.37 -12.26
N LYS B 360 -60.38 -13.35 -12.89
CA LYS B 360 -60.82 -14.57 -12.25
C LYS B 360 -59.61 -15.45 -11.98
N ASN B 361 -59.66 -16.20 -10.87
CA ASN B 361 -58.60 -17.10 -10.50
C ASN B 361 -57.20 -16.43 -10.60
N ALA B 362 -57.08 -15.24 -10.02
CA ALA B 362 -55.81 -14.53 -10.11
C ALA B 362 -54.77 -15.26 -9.29
N VAL B 363 -55.23 -15.87 -8.20
CA VAL B 363 -54.35 -16.51 -7.23
C VAL B 363 -54.80 -17.95 -7.02
N CYS B 364 -53.84 -18.87 -7.03
CA CYS B 364 -54.17 -20.27 -6.82
CA CYS B 364 -54.13 -20.27 -6.84
C CYS B 364 -53.49 -20.77 -5.57
N ILE B 365 -54.29 -21.43 -4.74
CA ILE B 365 -53.85 -21.99 -3.47
C ILE B 365 -54.01 -23.55 -3.50
N HIS B 366 -52.91 -24.28 -3.24
CA HIS B 366 -53.04 -25.71 -3.02
C HIS B 366 -51.91 -26.23 -2.10
N GLU B 367 -52.05 -27.46 -1.63
CA GLU B 367 -50.99 -28.13 -0.91
C GLU B 367 -50.39 -29.25 -1.76
N GLU B 368 -49.09 -29.48 -1.63
CA GLU B 368 -48.43 -30.57 -2.38
C GLU B 368 -47.48 -31.36 -1.48
N ASP B 369 -47.24 -32.60 -1.94
CA ASP B 369 -46.14 -33.46 -1.57
C ASP B 369 -44.87 -32.68 -1.70
N ASP B 370 -44.05 -32.70 -0.66
CA ASP B 370 -42.76 -32.05 -0.70
C ASP B 370 -41.62 -32.99 -0.27
N GLY B 371 -41.72 -34.27 -0.56
CA GLY B 371 -40.63 -35.23 -0.19
C GLY B 371 -40.56 -35.54 1.30
N LEU B 372 -39.33 -35.70 1.80
CA LEU B 372 -39.13 -36.12 3.18
C LEU B 372 -39.09 -34.90 4.06
N LEU B 373 -39.71 -34.98 5.21
CA LEU B 373 -39.59 -33.89 6.19
C LEU B 373 -38.39 -34.17 7.11
N PHE B 374 -38.31 -35.42 7.58
CA PHE B 374 -37.18 -35.93 8.35
C PHE B 374 -37.27 -37.46 8.39
N LYS B 375 -36.11 -38.10 8.52
CA LYS B 375 -35.97 -39.54 8.61
C LYS B 375 -34.81 -39.84 9.59
N HIS B 376 -34.91 -40.85 10.46
CA HIS B 376 -33.70 -41.49 11.10
C HIS B 376 -33.82 -42.99 11.37
N SER B 377 -32.79 -43.74 11.04
CA SER B 377 -32.79 -45.21 11.25
C SER B 377 -31.53 -45.62 12.01
N ASP B 378 -31.65 -46.76 12.72
CA ASP B 378 -30.57 -47.24 13.58
C ASP B 378 -29.82 -48.34 12.91
N PHE B 379 -28.49 -48.15 12.75
CA PHE B 379 -27.65 -49.16 12.08
C PHE B 379 -27.56 -50.44 12.96
N ARG B 380 -27.81 -50.31 14.27
CA ARG B 380 -27.61 -51.41 15.16
C ARG B 380 -28.50 -52.57 14.81
N ASP B 381 -29.76 -52.34 14.48
CA ASP B 381 -30.61 -53.51 14.05
C ASP B 381 -30.85 -53.41 12.55
N ASN B 382 -29.88 -52.83 11.87
CA ASN B 382 -29.91 -52.77 10.42
C ASN B 382 -31.03 -51.89 9.82
N PHE B 383 -31.25 -50.71 10.42
CA PHE B 383 -32.36 -49.81 10.04
C PHE B 383 -33.81 -50.33 10.21
N ALA B 384 -33.95 -51.47 10.92
CA ALA B 384 -35.24 -51.95 11.45
C ALA B 384 -35.93 -50.88 12.30
N THR B 385 -35.14 -50.28 13.18
CA THR B 385 -35.56 -49.10 13.98
C THR B 385 -35.51 -47.88 13.04
N SER B 386 -36.65 -47.24 12.79
CA SER B 386 -36.73 -46.24 11.75
C SER B 386 -37.96 -45.40 11.96
N LEU B 387 -37.84 -44.12 11.62
CA LEU B 387 -38.96 -43.23 11.66
C LEU B 387 -38.77 -42.33 10.43
N VAL B 388 -39.85 -42.08 9.70
CA VAL B 388 -39.88 -41.45 8.36
C VAL B 388 -41.16 -40.61 8.36
N THR B 389 -41.07 -39.28 8.21
CA THR B 389 -42.26 -38.41 8.15
C THR B 389 -42.24 -37.63 6.85
N ARG B 390 -43.29 -37.71 6.02
CA ARG B 390 -43.31 -36.98 4.74
C ARG B 390 -43.75 -35.51 4.90
N ALA B 391 -43.31 -34.63 3.99
CA ALA B 391 -43.52 -33.19 4.11
C ALA B 391 -44.62 -32.80 3.14
N THR B 392 -45.48 -31.88 3.58
CA THR B 392 -46.48 -31.25 2.75
C THR B 392 -46.15 -29.79 2.78
N LYS B 393 -46.30 -29.11 1.63
CA LYS B 393 -46.06 -27.64 1.56
C LYS B 393 -47.34 -27.00 1.08
N LEU B 394 -47.60 -25.78 1.57
CA LEU B 394 -48.74 -24.96 1.08
C LEU B 394 -48.27 -23.92 0.07
N VAL B 395 -48.79 -23.95 -1.16
CA VAL B 395 -48.41 -22.99 -2.22
C VAL B 395 -49.53 -21.95 -2.48
N VAL B 396 -49.14 -20.69 -2.41
CA VAL B 396 -49.99 -19.59 -2.79
C VAL B 396 -49.27 -18.93 -3.97
N SER B 397 -49.88 -18.95 -5.14
CA SER B 397 -49.16 -18.60 -6.37
CA SER B 397 -49.15 -18.59 -6.36
C SER B 397 -49.94 -17.65 -7.30
N GLN B 398 -49.20 -16.90 -8.12
CA GLN B 398 -49.81 -16.10 -9.20
C GLN B 398 -48.85 -16.18 -10.33
N ILE B 399 -49.31 -15.91 -11.55
CA ILE B 399 -48.37 -15.82 -12.67
C ILE B 399 -48.63 -14.56 -13.43
N PHE B 400 -47.63 -13.72 -13.59
CA PHE B 400 -47.93 -12.55 -14.42
C PHE B 400 -47.12 -12.42 -15.74
N THR B 401 -47.67 -11.69 -16.70
CA THR B 401 -47.10 -11.55 -18.03
C THR B 401 -46.74 -10.12 -18.27
N ALA B 402 -45.44 -9.86 -18.49
CA ALA B 402 -44.97 -8.52 -18.74
C ALA B 402 -44.54 -8.42 -20.25
N ALA B 403 -45.51 -8.39 -21.15
CA ALA B 403 -45.25 -8.38 -22.57
C ALA B 403 -44.66 -9.76 -22.97
N ASN B 404 -43.34 -9.80 -23.24
CA ASN B 404 -42.58 -11.01 -23.62
C ASN B 404 -42.37 -11.99 -22.44
N GLU B 406 -42.78 -14.08 -18.73
CA GLU B 406 -43.70 -14.63 -17.69
C GLU B 406 -42.99 -14.73 -16.39
N TYR B 407 -43.57 -14.22 -15.30
CA TYR B 407 -43.05 -14.48 -13.92
C TYR B 407 -44.01 -15.34 -13.10
N CYS B 408 -43.59 -16.56 -12.74
CA CYS B 408 -44.34 -17.44 -11.91
C CYS B 408 -43.96 -17.24 -10.45
N LEU B 409 -44.92 -16.82 -9.61
CA LEU B 409 -44.57 -16.51 -8.21
C LEU B 409 -45.25 -17.51 -7.27
N TYR B 410 -44.48 -18.17 -6.44
CA TYR B 410 -45.00 -19.16 -5.48
C TYR B 410 -44.55 -18.81 -4.03
N TRP B 411 -45.47 -18.39 -3.18
CA TRP B 411 -45.15 -18.28 -1.79
C TRP B 411 -45.43 -19.65 -1.13
N VAL B 412 -44.43 -20.20 -0.43
CA VAL B 412 -44.43 -21.59 0.07
C VAL B 412 -44.22 -21.69 1.62
N PHE B 413 -45.21 -22.24 2.30
CA PHE B 413 -45.15 -22.49 3.74
C PHE B 413 -44.81 -23.98 3.87
N MET B 414 -43.90 -24.23 4.82
CA MET B 414 -43.38 -25.56 5.04
C MET B 414 -43.55 -26.04 6.50
N GLN B 415 -43.53 -27.37 6.67
CA GLN B 415 -43.85 -27.96 7.95
C GLN B 415 -42.83 -27.86 9.06
N ASP B 416 -41.67 -27.29 8.75
CA ASP B 416 -40.67 -26.97 9.79
C ASP B 416 -40.76 -25.49 10.29
N GLY B 417 -41.83 -24.80 9.89
CA GLY B 417 -41.98 -23.36 10.21
C GLY B 417 -41.27 -22.48 9.24
N ALA B 418 -40.67 -23.04 8.18
CA ALA B 418 -39.99 -22.18 7.21
C ALA B 418 -40.92 -21.63 6.15
N ILE B 419 -40.51 -20.54 5.52
CA ILE B 419 -41.34 -19.92 4.47
C ILE B 419 -40.42 -19.62 3.34
N ARG B 420 -40.83 -19.95 2.16
CA ARG B 420 -39.89 -19.83 1.04
C ARG B 420 -40.57 -19.07 -0.13
N LEU B 421 -39.83 -18.19 -0.83
CA LEU B 421 -40.32 -17.63 -2.11
C LEU B 421 -39.65 -18.36 -3.28
N ASP B 422 -40.44 -18.99 -4.13
CA ASP B 422 -39.93 -19.63 -5.37
C ASP B 422 -40.37 -18.81 -6.57
N ILE B 423 -39.45 -18.55 -7.50
CA ILE B 423 -39.83 -17.89 -8.76
C ILE B 423 -39.31 -18.74 -9.89
N ARG B 424 -40.10 -18.76 -10.95
CA ARG B 424 -39.65 -19.39 -12.15
C ARG B 424 -39.85 -18.36 -13.21
N LEU B 425 -38.78 -18.04 -13.97
CA LEU B 425 -38.91 -17.12 -15.14
C LEU B 425 -39.15 -17.96 -16.40
N THR B 426 -40.16 -17.64 -17.15
CA THR B 426 -40.29 -18.20 -18.50
C THR B 426 -40.83 -17.12 -19.44
N GLY B 427 -41.49 -17.54 -20.54
CA GLY B 427 -41.88 -16.57 -21.56
C GLY B 427 -40.75 -16.40 -22.59
N ILE B 428 -40.61 -15.28 -23.25
CA ILE B 428 -39.75 -15.15 -24.38
C ILE B 428 -38.76 -14.04 -24.15
N LEU B 429 -37.53 -14.22 -24.63
CA LEU B 429 -36.54 -13.14 -24.55
C LEU B 429 -36.95 -11.87 -25.28
N ASN B 430 -36.59 -10.72 -24.69
CA ASN B 430 -36.68 -9.48 -25.44
C ASN B 430 -35.61 -9.56 -26.46
N THR B 431 -35.92 -9.08 -27.68
CA THR B 431 -35.02 -9.25 -28.78
C THR B 431 -35.05 -7.99 -29.57
N TYR B 432 -33.93 -7.76 -30.24
CA TYR B 432 -33.70 -6.58 -31.01
C TYR B 432 -33.04 -7.15 -32.30
N ILE B 433 -33.07 -6.39 -33.39
CA ILE B 433 -32.61 -6.94 -34.68
C ILE B 433 -31.08 -6.98 -34.79
N LEU B 434 -30.59 -7.97 -35.53
CA LEU B 434 -29.16 -8.11 -35.77
C LEU B 434 -28.87 -8.24 -37.30
N GLY B 435 -27.94 -7.40 -37.79
CA GLY B 435 -27.57 -7.41 -39.22
C GLY B 435 -26.83 -8.71 -39.56
N ASP B 436 -26.85 -9.18 -40.81
CA ASP B 436 -26.10 -10.35 -41.23
C ASP B 436 -24.63 -10.27 -40.87
N ASP B 437 -24.02 -9.13 -41.04
CA ASP B 437 -22.64 -9.01 -40.67
C ASP B 437 -22.42 -8.48 -39.27
N GLU B 438 -23.36 -8.64 -38.37
CA GLU B 438 -23.22 -7.92 -37.04
C GLU B 438 -22.88 -8.92 -35.91
N GLU B 439 -21.95 -8.54 -35.07
CA GLU B 439 -21.63 -9.38 -33.95
C GLU B 439 -22.55 -8.91 -32.79
N ALA B 440 -23.26 -9.85 -32.12
CA ALA B 440 -24.02 -9.52 -30.91
C ALA B 440 -23.15 -9.21 -29.71
N GLY B 441 -22.09 -10.01 -29.54
CA GLY B 441 -21.26 -10.02 -28.28
C GLY B 441 -20.57 -8.71 -28.29
N PRO B 442 -20.05 -8.25 -27.14
CA PRO B 442 -20.13 -8.92 -25.84
C PRO B 442 -21.50 -8.73 -25.07
N TRP B 443 -22.44 -7.94 -25.65
CA TRP B 443 -23.61 -7.49 -24.93
C TRP B 443 -24.85 -8.31 -25.11
N GLY B 444 -24.79 -9.33 -25.96
CA GLY B 444 -25.97 -10.10 -26.25
C GLY B 444 -25.61 -11.37 -27.01
N THR B 445 -26.61 -12.14 -27.44
CA THR B 445 -26.32 -13.45 -28.01
C THR B 445 -27.17 -13.54 -29.23
N ARG B 446 -26.67 -14.27 -30.23
CA ARG B 446 -27.39 -14.42 -31.49
C ARG B 446 -28.12 -15.70 -31.28
N VAL B 447 -29.43 -15.60 -31.01
CA VAL B 447 -30.17 -16.81 -30.59
C VAL B 447 -30.90 -17.48 -31.74
N TYR B 448 -30.84 -16.84 -32.92
CA TYR B 448 -31.63 -17.18 -34.10
C TYR B 448 -31.10 -16.16 -35.14
N PRO B 449 -31.14 -16.52 -36.43
CA PRO B 449 -30.57 -15.58 -37.39
C PRO B 449 -31.22 -14.20 -37.38
N ASN B 450 -30.38 -13.17 -37.42
CA ASN B 450 -30.86 -11.82 -37.37
C ASN B 450 -31.49 -11.40 -36.04
N VAL B 451 -31.38 -12.25 -35.01
CA VAL B 451 -31.95 -11.95 -33.68
C VAL B 451 -30.87 -11.75 -32.61
N ASN B 452 -30.90 -10.59 -31.93
CA ASN B 452 -29.96 -10.26 -30.81
C ASN B 452 -30.76 -10.23 -29.46
N ALA B 453 -30.48 -11.17 -28.54
CA ALA B 453 -31.11 -11.14 -27.25
C ALA B 453 -30.13 -10.44 -26.28
N HIS B 454 -30.38 -9.20 -25.98
CA HIS B 454 -29.43 -8.52 -25.03
C HIS B 454 -29.24 -9.12 -23.65
N ASN B 455 -28.01 -9.10 -23.13
CA ASN B 455 -27.77 -9.51 -21.73
C ASN B 455 -28.69 -8.64 -20.78
N HIS B 456 -29.08 -9.20 -19.61
CA HIS B 456 -29.88 -8.45 -18.62
C HIS B 456 -29.91 -9.09 -17.27
N GLN B 457 -30.38 -8.33 -16.32
CA GLN B 457 -30.53 -8.89 -15.00
C GLN B 457 -32.02 -8.78 -14.64
N HIS B 458 -32.52 -9.78 -13.90
CA HIS B 458 -33.79 -9.64 -13.28
C HIS B 458 -33.59 -9.48 -11.76
N LEU B 459 -33.96 -8.36 -11.20
CA LEU B 459 -33.71 -8.09 -9.77
C LEU B 459 -35.06 -7.76 -9.10
N PHE B 460 -35.23 -8.20 -7.82
CA PHE B 460 -36.54 -8.11 -7.15
C PHE B 460 -36.33 -7.49 -5.80
N SER B 461 -37.31 -6.71 -5.32
CA SER B 461 -37.10 -6.18 -3.95
C SER B 461 -38.11 -6.78 -3.02
N LEU B 462 -37.69 -7.75 -2.18
CA LEU B 462 -38.63 -8.37 -1.23
C LEU B 462 -38.82 -7.42 -0.04
N ARG B 463 -40.07 -7.08 0.29
CA ARG B 463 -40.27 -6.22 1.43
C ARG B 463 -40.77 -7.00 2.64
N ILE B 464 -40.04 -6.97 3.74
CA ILE B 464 -40.48 -7.70 4.91
C ILE B 464 -40.79 -6.76 6.07
N ASP B 465 -42.07 -6.71 6.50
CA ASP B 465 -42.43 -6.06 7.76
C ASP B 465 -42.44 -7.12 8.93
N PRO B 466 -41.36 -7.18 9.74
CA PRO B 466 -41.30 -8.28 10.66
C PRO B 466 -41.96 -8.00 12.00
N ARG B 467 -42.32 -9.09 12.66
CA ARG B 467 -42.87 -9.00 14.03
C ARG B 467 -42.47 -10.29 14.69
N ILE B 468 -41.16 -10.50 14.78
CA ILE B 468 -40.62 -11.80 15.24
C ILE B 468 -40.95 -12.06 16.70
N ASP B 469 -41.91 -12.95 16.93
CA ASP B 469 -42.35 -13.31 18.31
C ASP B 469 -42.75 -12.01 18.94
N GLY B 470 -43.35 -11.12 18.18
CA GLY B 470 -43.84 -9.90 18.74
C GLY B 470 -43.00 -8.70 18.32
N ASP B 471 -43.17 -7.63 19.08
CA ASP B 471 -42.74 -6.31 18.73
C ASP B 471 -41.39 -5.93 19.30
N GLY B 472 -40.64 -5.16 18.51
CA GLY B 472 -39.28 -4.81 18.86
C GLY B 472 -38.42 -5.86 18.18
N ASN B 473 -38.08 -5.62 16.94
CA ASN B 473 -37.13 -6.45 16.24
C ASN B 473 -35.78 -5.75 15.91
N SER B 474 -34.82 -6.55 15.44
CA SER B 474 -33.51 -6.11 15.02
C SER B 474 -33.04 -7.02 13.86
N ALA B 475 -31.96 -6.61 13.19
CA ALA B 475 -31.40 -7.47 12.18
C ALA B 475 -29.87 -7.49 12.26
N ALA B 476 -29.32 -8.57 11.73
CA ALA B 476 -27.91 -8.74 11.70
C ALA B 476 -27.51 -9.42 10.42
N ALA B 477 -26.22 -9.31 10.17
CA ALA B 477 -25.52 -10.16 9.19
C ALA B 477 -24.78 -11.21 10.03
N CYS B 478 -24.73 -12.44 9.51
CA CYS B 478 -24.06 -13.62 10.13
C CYS B 478 -23.10 -14.24 9.13
N ASP B 479 -21.82 -14.18 9.47
CA ASP B 479 -20.73 -14.53 8.56
C ASP B 479 -19.94 -15.67 9.24
N ALA B 480 -19.84 -16.78 8.56
CA ALA B 480 -18.97 -17.87 8.98
C ALA B 480 -17.51 -17.43 9.00
N LYS B 481 -16.78 -17.63 10.08
CA LYS B 481 -15.36 -17.29 10.12
C LYS B 481 -14.54 -18.35 10.84
N SER B 482 -13.34 -18.63 10.32
CA SER B 482 -12.30 -19.25 11.10
C SER B 482 -12.01 -18.44 12.34
N SER B 483 -11.73 -19.15 13.44
CA SER B 483 -11.15 -18.52 14.60
C SER B 483 -9.94 -17.64 14.17
N PRO B 484 -9.80 -16.43 14.81
CA PRO B 484 -8.65 -15.62 14.52
C PRO B 484 -7.33 -16.30 14.98
N TYR B 485 -7.36 -17.32 15.83
CA TYR B 485 -6.09 -17.79 16.38
C TYR B 485 -5.40 -18.74 15.40
N PRO B 486 -4.09 -18.66 15.31
CA PRO B 486 -3.47 -19.42 14.25
C PRO B 486 -3.44 -20.92 14.53
N LEU B 487 -3.15 -21.71 13.51
CA LEU B 487 -3.02 -23.16 13.61
C LEU B 487 -1.86 -23.44 14.53
N GLY B 488 -1.94 -24.43 15.42
CA GLY B 488 -0.87 -24.73 16.37
C GLY B 488 -0.79 -23.79 17.56
N SER B 489 -1.71 -22.84 17.72
CA SER B 489 -1.77 -22.17 19.05
C SER B 489 -2.56 -23.07 20.02
N PRO B 490 -2.52 -22.72 21.34
CA PRO B 490 -3.44 -23.38 22.28
C PRO B 490 -4.95 -23.25 22.01
N GLU B 491 -5.36 -22.11 21.40
CA GLU B 491 -6.73 -21.85 21.14
C GLU B 491 -7.28 -22.62 19.91
N ASN B 492 -6.37 -23.22 19.10
CA ASN B 492 -6.78 -23.73 17.77
C ASN B 492 -5.66 -24.68 17.24
N MET B 493 -5.38 -25.70 18.04
CA MET B 493 -4.25 -26.55 17.82
C MET B 493 -4.23 -27.13 16.42
N TYR B 494 -5.36 -27.55 15.91
CA TYR B 494 -5.40 -28.26 14.63
C TYR B 494 -6.04 -27.41 13.51
N GLY B 495 -6.20 -26.13 13.78
CA GLY B 495 -6.65 -25.22 12.71
C GLY B 495 -8.13 -25.32 12.35
N ASN B 496 -8.94 -25.98 13.18
CA ASN B 496 -10.25 -26.38 12.65
C ASN B 496 -11.38 -25.50 13.18
N ALA B 497 -11.07 -24.74 14.22
CA ALA B 497 -12.04 -23.89 14.91
C ALA B 497 -12.74 -22.87 13.95
N PHE B 498 -14.08 -22.87 14.01
CA PHE B 498 -14.85 -21.80 13.37
C PHE B 498 -16.16 -21.47 14.06
N TYR B 499 -16.58 -20.21 13.80
CA TYR B 499 -17.81 -19.68 14.35
C TYR B 499 -18.61 -18.83 13.38
N SER B 500 -19.78 -18.43 13.88
CA SER B 500 -20.64 -17.49 13.24
C SER B 500 -20.47 -16.10 13.86
N GLU B 501 -20.03 -15.16 13.01
CA GLU B 501 -19.85 -13.77 13.48
C GLU B 501 -21.09 -12.97 13.12
N LYS B 502 -21.72 -12.46 14.16
CA LYS B 502 -23.01 -11.81 14.10
C LYS B 502 -22.82 -10.33 14.27
N THR B 503 -23.20 -9.58 13.23
CA THR B 503 -23.08 -8.18 13.23
C THR B 503 -24.48 -7.50 13.29
N THR B 504 -24.86 -7.03 14.48
CA THR B 504 -26.20 -6.48 14.67
C THR B 504 -26.16 -5.09 14.03
N PHE B 505 -27.16 -4.75 13.25
CA PHE B 505 -27.19 -3.42 12.68
C PHE B 505 -27.76 -2.45 13.73
N LYS B 506 -27.07 -1.36 13.99
CA LYS B 506 -27.49 -0.32 15.00
C LYS B 506 -28.22 0.78 14.28
N THR B 507 -27.61 1.31 13.20
CA THR B 507 -28.26 2.33 12.37
C THR B 507 -28.46 1.84 10.91
N VAL B 508 -29.24 2.58 10.10
CA VAL B 508 -29.58 2.20 8.75
C VAL B 508 -28.32 1.89 7.91
N LYS B 509 -27.30 2.73 8.07
CA LYS B 509 -26.02 2.54 7.33
C LYS B 509 -25.37 1.16 7.50
N ASP B 510 -25.38 0.63 8.74
CA ASP B 510 -24.77 -0.64 9.12
C ASP B 510 -25.47 -1.76 8.32
N SER B 511 -26.74 -1.60 7.99
CA SER B 511 -27.52 -2.69 7.33
C SER B 511 -27.23 -2.88 5.82
N LEU B 512 -26.56 -1.89 5.19
CA LEU B 512 -26.48 -1.82 3.71
C LEU B 512 -25.40 -2.82 3.31
N THR B 513 -25.80 -4.03 2.94
CA THR B 513 -24.85 -5.10 2.99
C THR B 513 -25.22 -6.04 1.83
N ASN B 514 -24.18 -6.71 1.29
CA ASN B 514 -24.33 -7.61 0.18
C ASN B 514 -24.14 -9.02 0.59
N TYR B 515 -24.73 -9.92 -0.17
CA TYR B 515 -24.49 -11.29 0.08
C TYR B 515 -22.94 -11.56 -0.13
N GLU B 516 -22.33 -12.52 0.54
CA GLU B 516 -20.87 -12.75 0.41
C GLU B 516 -20.62 -14.25 0.43
N SER B 517 -20.18 -14.81 -0.69
CA SER B 517 -19.84 -16.20 -0.75
C SER B 517 -18.70 -16.47 0.23
N ALA B 518 -17.74 -15.55 0.36
CA ALA B 518 -16.56 -15.94 1.18
C ALA B 518 -16.92 -16.18 2.66
N THR B 519 -18.10 -15.74 3.12
CA THR B 519 -18.54 -16.01 4.47
C THR B 519 -19.85 -16.84 4.51
N GLY B 520 -20.42 -17.20 3.35
CA GLY B 520 -21.71 -17.94 3.28
C GLY B 520 -22.77 -17.15 4.05
N ARG B 521 -22.81 -15.85 3.78
CA ARG B 521 -23.52 -14.90 4.62
C ARG B 521 -25.04 -15.15 4.61
N SER B 522 -25.63 -15.12 5.80
CA SER B 522 -27.08 -15.07 5.99
C SER B 522 -27.44 -13.84 6.83
N TRP B 523 -28.73 -13.54 6.90
CA TRP B 523 -29.17 -12.38 7.68
C TRP B 523 -30.17 -12.92 8.70
N ASP B 524 -30.10 -12.40 9.90
CA ASP B 524 -31.12 -12.73 10.89
C ASP B 524 -32.07 -11.61 11.08
N ILE B 525 -33.36 -11.93 11.25
CA ILE B 525 -34.33 -10.98 11.81
C ILE B 525 -34.78 -11.59 13.14
N PHE B 526 -34.60 -10.85 14.22
CA PHE B 526 -34.71 -11.45 15.53
C PHE B 526 -35.33 -10.50 16.57
N ASN B 527 -35.72 -11.04 17.75
CA ASN B 527 -36.36 -10.24 18.74
C ASN B 527 -35.42 -10.18 19.88
N PRO B 528 -34.74 -9.02 20.07
CA PRO B 528 -33.74 -8.86 21.19
C PRO B 528 -34.32 -8.89 22.62
N ASN B 529 -35.63 -8.74 22.72
CA ASN B 529 -36.32 -8.75 24.03
C ASN B 529 -36.59 -10.18 24.55
N LYS B 530 -36.42 -11.17 23.68
CA LYS B 530 -36.66 -12.54 24.08
C LYS B 530 -35.41 -13.43 23.97
N VAL B 531 -35.45 -14.60 24.62
CA VAL B 531 -34.32 -15.53 24.68
C VAL B 531 -34.83 -16.98 24.61
N ASN B 532 -34.25 -17.81 23.74
CA ASN B 532 -34.55 -19.27 23.65
C ASN B 532 -33.98 -19.88 24.93
N PRO B 533 -34.79 -20.68 25.67
CA PRO B 533 -34.34 -21.17 27.00
C PRO B 533 -33.29 -22.26 26.93
N TYR B 534 -33.23 -22.99 25.81
CA TYR B 534 -32.14 -23.90 25.52
C TYR B 534 -30.84 -23.20 25.06
N SER B 535 -30.90 -22.50 23.95
CA SER B 535 -29.66 -22.01 23.33
C SER B 535 -29.20 -20.67 23.84
N GLY B 536 -30.12 -19.88 24.41
CA GLY B 536 -29.75 -18.56 24.96
C GLY B 536 -29.66 -17.49 23.85
N LYS B 537 -30.13 -17.83 22.65
CA LYS B 537 -30.06 -16.87 21.48
C LYS B 537 -31.44 -16.20 21.37
N PRO B 538 -31.53 -14.97 20.79
CA PRO B 538 -32.91 -14.46 20.57
C PRO B 538 -33.68 -15.36 19.57
N PRO B 539 -34.99 -15.46 19.66
CA PRO B 539 -35.73 -16.05 18.52
C PRO B 539 -35.60 -15.24 17.20
N SER B 540 -35.58 -15.92 16.04
CA SER B 540 -35.20 -15.27 14.80
C SER B 540 -35.82 -16.00 13.58
N TYR B 541 -36.00 -15.26 12.48
CA TYR B 541 -36.17 -15.93 11.22
C TYR B 541 -34.90 -15.55 10.43
N LYS B 542 -34.24 -16.56 9.84
CA LYS B 542 -33.00 -16.35 9.19
C LYS B 542 -33.22 -16.33 7.68
N LEU B 543 -32.79 -15.24 7.02
CA LEU B 543 -32.87 -15.14 5.58
C LEU B 543 -31.68 -15.89 4.98
N VAL B 544 -32.01 -16.93 4.22
CA VAL B 544 -31.03 -17.80 3.54
C VAL B 544 -31.31 -17.64 2.04
N SER B 545 -30.41 -16.91 1.37
CA SER B 545 -30.63 -16.42 -0.02
C SER B 545 -29.25 -16.26 -0.68
N THR B 546 -28.98 -17.01 -1.74
CA THR B 546 -27.68 -16.91 -2.42
C THR B 546 -27.82 -16.38 -3.83
N GLN B 547 -29.03 -16.18 -4.33
CA GLN B 547 -29.14 -15.65 -5.68
C GLN B 547 -29.28 -14.12 -5.48
N CYS B 548 -28.14 -13.49 -5.22
CA CYS B 548 -28.04 -12.10 -4.94
C CYS B 548 -26.99 -11.41 -5.85
N PRO B 549 -27.37 -11.09 -7.13
CA PRO B 549 -26.40 -10.51 -8.06
C PRO B 549 -25.97 -9.14 -7.58
N PRO B 550 -24.72 -8.72 -7.79
CA PRO B 550 -24.52 -7.25 -7.49
C PRO B 550 -25.15 -6.49 -8.66
N LEU B 551 -25.39 -5.21 -8.46
CA LEU B 551 -25.94 -4.37 -9.56
C LEU B 551 -24.76 -4.08 -10.46
N LEU B 552 -24.84 -4.59 -11.70
CA LEU B 552 -23.79 -4.42 -12.69
C LEU B 552 -23.76 -2.99 -13.29
N ALA B 553 -24.90 -2.29 -13.43
CA ALA B 553 -24.90 -0.85 -13.80
C ALA B 553 -24.04 -0.06 -12.79
N LYS B 554 -23.33 0.91 -13.28
CA LYS B 554 -22.35 1.62 -12.50
C LYS B 554 -23.03 2.60 -11.56
N GLU B 555 -22.29 2.95 -10.56
CA GLU B 555 -22.81 3.99 -9.70
C GLU B 555 -23.09 5.27 -10.46
N GLY B 556 -24.17 5.99 -10.05
CA GLY B 556 -24.57 7.20 -10.73
C GLY B 556 -25.24 6.93 -12.08
N SER B 557 -25.42 5.64 -12.45
CA SER B 557 -26.01 5.35 -13.74
C SER B 557 -27.52 5.58 -13.58
N LEU B 558 -28.23 5.63 -14.67
CA LEU B 558 -29.62 5.77 -14.64
C LEU B 558 -30.27 4.54 -13.90
N VAL B 559 -29.77 3.33 -14.16
CA VAL B 559 -30.36 2.14 -13.52
C VAL B 559 -30.17 2.30 -11.96
N ALA B 560 -29.02 2.74 -11.49
CA ALA B 560 -28.72 2.70 -10.08
C ALA B 560 -29.49 3.78 -9.37
N LYS B 561 -29.58 4.96 -9.99
CA LYS B 561 -30.40 6.03 -9.43
C LYS B 561 -31.92 5.74 -9.36
N ARG B 562 -32.49 5.05 -10.39
CA ARG B 562 -33.91 4.73 -10.37
C ARG B 562 -34.29 3.57 -9.47
N ALA B 563 -33.31 2.76 -9.06
CA ALA B 563 -33.49 1.62 -8.11
C ALA B 563 -32.40 1.70 -7.04
N PRO B 564 -32.49 2.68 -6.13
CA PRO B 564 -31.46 2.78 -5.09
C PRO B 564 -31.45 1.57 -4.16
N TRP B 565 -32.58 0.94 -3.92
CA TRP B 565 -32.59 -0.32 -3.20
C TRP B 565 -31.73 -1.42 -3.90
N ALA B 566 -31.60 -1.46 -5.21
CA ALA B 566 -30.97 -2.68 -5.81
C ALA B 566 -29.45 -2.73 -5.69
N SER B 567 -28.84 -1.65 -5.18
CA SER B 567 -27.45 -1.76 -5.12
C SER B 567 -27.06 -2.43 -3.81
N HIS B 568 -28.01 -2.83 -2.96
CA HIS B 568 -27.57 -3.67 -1.85
C HIS B 568 -28.46 -4.84 -1.72
N SER B 569 -27.89 -6.00 -1.38
CA SER B 569 -28.73 -7.22 -1.13
C SER B 569 -29.72 -6.94 0.02
N VAL B 570 -29.30 -6.10 0.97
CA VAL B 570 -30.14 -5.86 2.14
C VAL B 570 -30.18 -4.40 2.52
N ASN B 571 -31.41 -3.86 2.80
CA ASN B 571 -31.59 -2.47 3.24
C ASN B 571 -32.60 -2.55 4.40
N VAL B 572 -32.35 -1.94 5.58
CA VAL B 572 -33.21 -2.10 6.74
C VAL B 572 -33.41 -0.70 7.25
N VAL B 573 -34.64 -0.27 7.31
CA VAL B 573 -34.96 1.11 7.64
C VAL B 573 -36.03 1.08 8.66
N PRO B 574 -36.19 2.19 9.41
CA PRO B 574 -37.26 2.31 10.35
C PRO B 574 -38.61 2.16 9.68
N TYR B 575 -39.54 1.51 10.39
CA TYR B 575 -40.95 1.50 9.98
C TYR B 575 -41.62 2.86 10.07
N LYS B 576 -42.35 3.17 9.01
CA LYS B 576 -43.24 4.34 8.91
CA LYS B 576 -43.29 4.29 8.96
C LYS B 576 -44.42 3.81 8.07
N ASP B 577 -45.61 4.34 8.33
CA ASP B 577 -46.71 4.01 7.46
C ASP B 577 -46.44 4.38 5.99
N ASN B 578 -47.04 3.64 5.08
CA ASN B 578 -46.91 3.91 3.66
C ASN B 578 -45.50 3.96 3.07
N ARG B 579 -44.53 3.23 3.64
CA ARG B 579 -43.24 2.97 3.02
C ARG B 579 -43.35 1.63 2.30
N LEU B 580 -44.05 1.58 1.20
CA LEU B 580 -44.15 0.33 0.46
C LEU B 580 -43.11 0.24 -0.65
N TYR B 581 -43.03 1.27 -1.47
CA TYR B 581 -42.46 1.16 -2.82
C TYR B 581 -41.13 1.87 -2.85
N PRO B 582 -40.03 1.08 -2.97
CA PRO B 582 -38.71 1.62 -2.76
C PRO B 582 -38.08 2.49 -3.88
N SER B 583 -38.63 2.49 -5.12
CA SER B 583 -38.35 3.51 -6.20
C SER B 583 -39.38 4.67 -6.32
N GLY B 584 -40.26 4.79 -5.31
CA GLY B 584 -41.19 5.93 -5.17
C GLY B 584 -42.56 5.47 -5.52
N ASP B 585 -43.54 6.30 -5.18
CA ASP B 585 -44.94 6.03 -5.53
C ASP B 585 -45.22 6.01 -7.02
N HIS B 586 -44.58 6.91 -7.77
CA HIS B 586 -44.89 7.03 -9.19
C HIS B 586 -43.64 6.95 -10.00
N VAL B 587 -43.44 5.76 -10.56
CA VAL B 587 -42.12 5.33 -11.02
C VAL B 587 -41.83 5.75 -12.44
N PRO B 588 -42.72 5.44 -13.41
CA PRO B 588 -42.34 5.82 -14.80
C PRO B 588 -41.82 7.26 -14.98
N GLN B 589 -40.69 7.39 -15.66
CA GLN B 589 -40.08 8.66 -16.07
C GLN B 589 -39.44 9.44 -14.94
N TRP B 590 -39.35 8.85 -13.74
CA TRP B 590 -38.55 9.50 -12.69
C TRP B 590 -37.07 9.41 -13.09
N SER B 591 -36.37 10.54 -13.00
CA SER B 591 -35.00 10.52 -13.42
C SER B 591 -34.13 9.72 -12.49
N GLY B 592 -34.62 9.49 -11.29
CA GLY B 592 -33.75 8.90 -10.29
C GLY B 592 -33.05 9.95 -9.43
N ASP B 593 -33.33 11.25 -9.71
CA ASP B 593 -32.83 12.37 -8.82
C ASP B 593 -33.92 12.80 -7.87
N GLY B 594 -33.49 13.03 -6.62
CA GLY B 594 -34.32 13.47 -5.52
C GLY B 594 -34.37 12.49 -4.37
N VAL B 595 -34.87 12.94 -3.22
CA VAL B 595 -35.00 12.17 -2.01
C VAL B 595 -36.40 11.53 -2.06
N ARG B 596 -36.48 10.29 -2.54
CA ARG B 596 -37.77 9.64 -2.49
C ARG B 596 -37.51 8.15 -2.34
N GLY B 597 -38.55 7.38 -1.94
CA GLY B 597 -38.46 5.90 -1.92
C GLY B 597 -37.33 5.43 -1.00
N MET B 598 -36.55 4.41 -1.39
CA MET B 598 -35.44 3.99 -0.52
C MET B 598 -34.44 5.11 -0.12
N ARG B 599 -34.13 6.05 -1.01
CA ARG B 599 -33.18 7.08 -0.80
C ARG B 599 -33.62 7.99 0.36
N GLU B 600 -34.91 8.32 0.35
CA GLU B 600 -35.59 9.02 1.41
C GLU B 600 -35.56 8.26 2.74
N TRP B 601 -35.93 6.97 2.67
CA TRP B 601 -35.93 6.14 3.90
C TRP B 601 -34.57 5.89 4.51
N ILE B 602 -33.55 5.69 3.67
CA ILE B 602 -32.19 5.63 4.18
C ILE B 602 -31.79 6.97 4.78
N GLY B 603 -32.18 8.09 4.16
CA GLY B 603 -31.78 9.44 4.70
C GLY B 603 -30.25 9.60 4.87
N ASP B 604 -29.82 10.02 6.05
CA ASP B 604 -28.41 10.17 6.24
C ASP B 604 -27.81 8.92 6.89
N GLY B 605 -28.56 7.81 6.92
CA GLY B 605 -28.00 6.53 7.41
C GLY B 605 -27.86 6.47 8.94
N SER B 606 -28.27 7.52 9.64
CA SER B 606 -28.05 7.55 11.04
C SER B 606 -29.21 7.01 11.96
N GLU B 607 -30.46 6.87 11.47
CA GLU B 607 -31.58 6.48 12.36
CA GLU B 607 -31.54 6.51 12.41
C GLU B 607 -31.38 5.12 12.99
N ASN B 608 -31.89 4.94 14.23
CA ASN B 608 -31.76 3.64 14.88
C ASN B 608 -32.61 2.56 14.17
N ILE B 609 -32.15 1.33 14.20
CA ILE B 609 -32.94 0.22 13.68
C ILE B 609 -32.74 -1.01 14.56
N ASP B 610 -32.16 -0.80 15.75
CA ASP B 610 -32.00 -1.88 16.74
C ASP B 610 -33.20 -1.92 17.69
N ASN B 611 -33.94 -3.04 17.72
CA ASN B 611 -35.06 -3.19 18.70
C ASN B 611 -36.11 -2.09 18.50
N THR B 612 -36.77 -2.13 17.35
CA THR B 612 -37.69 -1.07 17.01
C THR B 612 -38.56 -1.63 15.91
N ASP B 613 -39.40 -0.80 15.29
CA ASP B 613 -40.24 -1.30 14.20
C ASP B 613 -39.40 -1.08 12.98
N ILE B 614 -39.07 -2.15 12.29
CA ILE B 614 -38.21 -2.03 11.14
C ILE B 614 -38.84 -2.60 9.87
N LEU B 615 -38.28 -2.17 8.72
CA LEU B 615 -38.56 -2.78 7.40
C LEU B 615 -37.29 -3.26 6.76
N PHE B 616 -37.34 -4.43 6.16
CA PHE B 616 -36.16 -5.09 5.68
C PHE B 616 -36.38 -5.35 4.20
N PHE B 617 -35.57 -4.74 3.34
CA PHE B 617 -35.78 -4.83 1.89
C PHE B 617 -34.58 -5.61 1.31
N HIS B 618 -34.88 -6.70 0.57
CA HIS B 618 -33.88 -7.67 0.26
C HIS B 618 -33.87 -7.73 -1.27
N THR B 619 -32.68 -7.50 -1.87
CA THR B 619 -32.53 -7.49 -3.34
C THR B 619 -31.98 -8.87 -3.66
N PHE B 620 -32.68 -9.55 -4.54
CA PHE B 620 -32.27 -10.82 -5.05
C PHE B 620 -32.67 -10.96 -6.49
N GLY B 621 -32.15 -11.97 -7.21
CA GLY B 621 -32.54 -12.23 -8.58
C GLY B 621 -31.46 -12.95 -9.42
N ILE B 622 -31.44 -12.73 -10.73
CA ILE B 622 -30.44 -13.41 -11.56
C ILE B 622 -29.86 -12.43 -12.59
N THR B 623 -28.68 -12.80 -13.10
CA THR B 623 -28.04 -12.25 -14.27
C THR B 623 -28.18 -13.21 -15.46
N HIS B 624 -28.86 -12.76 -16.50
CA HIS B 624 -29.22 -13.66 -17.59
C HIS B 624 -28.32 -13.36 -18.84
N PHE B 625 -27.57 -14.34 -19.31
CA PHE B 625 -26.82 -14.21 -20.58
C PHE B 625 -27.48 -15.17 -21.54
N PRO B 626 -28.29 -14.69 -22.48
CA PRO B 626 -29.19 -15.58 -23.20
C PRO B 626 -28.47 -16.65 -24.00
N ALA B 627 -29.13 -17.72 -24.32
CA ALA B 627 -28.51 -18.74 -25.23
C ALA B 627 -29.68 -19.32 -25.99
N PRO B 628 -29.35 -20.05 -27.09
CA PRO B 628 -30.36 -20.56 -28.02
C PRO B 628 -31.38 -21.42 -27.32
N GLU B 629 -30.99 -22.10 -26.23
CA GLU B 629 -31.94 -22.89 -25.45
C GLU B 629 -33.15 -22.08 -24.98
N ASP B 630 -32.91 -20.77 -24.71
CA ASP B 630 -33.94 -19.86 -24.28
C ASP B 630 -34.95 -19.49 -25.34
N PHE B 631 -34.79 -19.97 -26.57
CA PHE B 631 -35.50 -19.34 -27.72
C PHE B 631 -36.07 -20.46 -28.53
N PRO B 632 -37.21 -20.24 -29.17
CA PRO B 632 -38.09 -19.04 -29.19
C PRO B 632 -38.90 -18.78 -27.91
N LEU B 633 -38.94 -19.75 -27.00
CA LEU B 633 -39.69 -19.71 -25.77
C LEU B 633 -38.78 -20.34 -24.74
N MET B 634 -38.66 -19.71 -23.56
CA MET B 634 -37.66 -20.18 -22.61
C MET B 634 -38.21 -21.15 -21.59
N PRO B 635 -37.48 -22.24 -21.36
CA PRO B 635 -37.62 -23.17 -20.22
C PRO B 635 -37.52 -22.45 -18.86
N ALA B 636 -38.38 -22.83 -17.92
CA ALA B 636 -38.44 -22.19 -16.61
C ALA B 636 -37.04 -22.09 -15.99
N GLU B 637 -36.72 -20.93 -15.44
CA GLU B 637 -35.47 -20.78 -14.78
C GLU B 637 -35.81 -20.44 -13.31
N PRO B 638 -35.30 -21.22 -12.33
CA PRO B 638 -35.83 -21.10 -10.96
C PRO B 638 -35.02 -20.06 -10.13
N ILE B 639 -35.70 -19.35 -9.25
CA ILE B 639 -35.00 -18.51 -8.23
C ILE B 639 -35.68 -18.83 -6.91
N THR B 640 -34.95 -18.72 -5.79
CA THR B 640 -35.52 -19.02 -4.51
C THR B 640 -34.84 -18.41 -3.29
N LEU B 641 -35.59 -18.06 -2.26
CA LEU B 641 -35.01 -17.63 -1.01
C LEU B 641 -35.83 -18.25 0.13
N MET B 642 -35.24 -18.40 1.30
CA MET B 642 -35.97 -19.02 2.39
C MET B 642 -35.80 -18.17 3.64
N LEU B 643 -36.81 -18.21 4.52
CA LEU B 643 -36.79 -17.65 5.88
C LEU B 643 -37.03 -18.78 6.89
N ARG B 644 -36.01 -19.14 7.64
CA ARG B 644 -36.08 -20.31 8.52
C ARG B 644 -36.10 -19.90 9.98
N PRO B 645 -37.01 -20.52 10.77
CA PRO B 645 -36.96 -20.28 12.22
C PRO B 645 -35.65 -20.80 12.75
N ARG B 646 -34.88 -19.97 13.49
CA ARG B 646 -33.63 -20.44 14.12
C ARG B 646 -33.67 -19.92 15.54
N HIS B 647 -33.70 -20.84 16.53
CA HIS B 647 -33.89 -20.47 17.91
C HIS B 647 -35.24 -19.83 18.21
N PHE B 648 -36.18 -19.94 17.30
CA PHE B 648 -37.53 -19.50 17.50
C PHE B 648 -38.26 -20.58 18.32
N PHE B 649 -38.06 -21.85 17.92
CA PHE B 649 -38.54 -23.01 18.69
C PHE B 649 -37.47 -23.61 19.62
N THR B 650 -37.92 -24.40 20.61
CA THR B 650 -36.96 -25.09 21.48
C THR B 650 -36.71 -26.50 20.96
N GLU B 651 -37.43 -26.90 19.90
CA GLU B 651 -37.22 -28.18 19.25
C GLU B 651 -37.94 -28.22 17.90
N ASN B 652 -37.54 -29.16 17.02
CA ASN B 652 -38.17 -29.44 15.74
C ASN B 652 -39.69 -29.31 15.84
N PRO B 653 -40.28 -28.33 15.17
CA PRO B 653 -41.73 -28.20 15.39
C PRO B 653 -42.62 -29.21 14.67
N GLY B 654 -42.07 -30.02 13.76
CA GLY B 654 -42.88 -31.01 13.04
C GLY B 654 -43.02 -32.38 13.70
N LEU B 655 -42.52 -32.54 14.93
CA LEU B 655 -42.44 -33.90 15.48
C LEU B 655 -43.80 -34.51 15.79
N ASP B 656 -44.80 -33.65 16.02
CA ASP B 656 -46.11 -34.17 16.31
C ASP B 656 -46.91 -34.51 15.06
N ILE B 657 -46.31 -34.48 13.88
CA ILE B 657 -47.01 -34.92 12.67
C ILE B 657 -46.84 -36.43 12.65
N GLN B 658 -47.93 -37.13 12.34
CA GLN B 658 -47.84 -38.61 12.22
C GLN B 658 -46.83 -39.02 11.23
N PRO B 659 -45.87 -39.86 11.61
CA PRO B 659 -44.93 -40.46 10.66
C PRO B 659 -45.64 -41.27 9.54
N SER B 660 -45.06 -41.33 8.36
CA SER B 660 -45.46 -42.31 7.37
C SER B 660 -45.18 -43.72 7.84
N TYR B 661 -44.06 -43.91 8.52
CA TYR B 661 -43.65 -45.21 9.04
C TYR B 661 -42.82 -45.02 10.33
N ALA B 662 -43.06 -45.89 11.28
CA ALA B 662 -42.36 -45.84 12.53
C ALA B 662 -42.25 -47.23 13.17
N MET B 663 -41.02 -47.63 13.46
CA MET B 663 -40.77 -48.78 14.27
C MET B 663 -39.72 -48.38 15.31
N THR B 664 -39.98 -48.68 16.59
CA THR B 664 -39.03 -48.46 17.68
C THR B 664 -38.11 -49.67 17.82
N THR B 665 -37.11 -49.58 18.68
CA THR B 665 -36.20 -50.72 18.84
C THR B 665 -36.93 -51.99 19.42
N SER B 666 -37.85 -51.75 20.36
CA SER B 666 -38.53 -52.81 21.11
C SER B 666 -39.55 -53.52 20.22
N GLU B 667 -40.17 -52.74 19.31
CA GLU B 667 -41.09 -53.28 18.32
C GLU B 667 -40.36 -54.10 17.29
N ALA B 668 -39.10 -53.76 17.06
CA ALA B 668 -38.34 -54.42 16.03
C ALA B 668 -37.81 -55.74 16.54
N LYS B 669 -37.45 -55.79 17.83
CA LYS B 669 -37.02 -57.00 18.50
C LYS B 669 -38.12 -58.07 18.50
N ARG B 670 -39.35 -57.65 18.88
CA ARG B 670 -40.59 -58.43 18.77
C ARG B 670 -40.92 -59.09 17.42
N ALA B 671 -40.51 -58.47 16.31
CA ALA B 671 -40.84 -59.00 14.99
C ALA B 671 -39.72 -59.85 14.39
N PRO C 18 20.92 -44.41 51.27
CA PRO C 18 22.30 -43.95 51.02
C PRO C 18 22.75 -42.69 51.84
N ALA C 19 23.89 -42.12 51.44
CA ALA C 19 24.44 -41.03 52.22
C ALA C 19 24.19 -39.74 51.47
N ARG C 20 23.73 -38.76 52.22
CA ARG C 20 23.48 -37.39 51.75
C ARG C 20 24.77 -36.72 51.17
N PRO C 21 24.67 -36.04 49.96
CA PRO C 21 25.78 -35.33 49.34
C PRO C 21 26.14 -34.04 50.07
N ALA C 22 27.38 -33.61 49.85
CA ALA C 22 27.87 -32.30 50.28
C ALA C 22 26.72 -31.23 50.09
N HIS C 23 26.36 -31.01 48.83
CA HIS C 23 25.54 -29.87 48.39
C HIS C 23 24.24 -30.43 47.73
N PRO C 24 23.08 -29.80 47.98
CA PRO C 24 21.79 -30.28 47.44
C PRO C 24 21.76 -30.37 45.94
N LEU C 25 22.69 -29.70 45.25
CA LEU C 25 22.70 -29.70 43.76
C LEU C 25 23.64 -30.74 43.09
N ASP C 26 24.40 -31.48 43.90
CA ASP C 26 25.30 -32.53 43.35
C ASP C 26 24.52 -33.62 42.62
N PRO C 27 25.11 -34.16 41.55
CA PRO C 27 24.41 -35.24 40.89
C PRO C 27 24.36 -36.46 41.83
N LEU C 28 23.42 -37.37 41.52
CA LEU C 28 23.30 -38.64 42.23
C LEU C 28 24.64 -39.31 42.24
N SER C 29 25.09 -39.77 43.42
CA SER C 29 26.22 -40.69 43.51
C SER C 29 25.85 -42.08 42.88
N THR C 30 26.86 -42.91 42.65
CA THR C 30 26.63 -44.29 42.22
C THR C 30 25.81 -45.04 43.28
N ALA C 31 26.04 -44.80 44.56
CA ALA C 31 25.23 -45.48 45.60
C ALA C 31 23.77 -45.05 45.53
N GLU C 32 23.55 -43.74 45.33
CA GLU C 32 22.22 -43.13 45.21
C GLU C 32 21.50 -43.70 43.98
N ILE C 33 22.20 -43.84 42.85
CA ILE C 33 21.60 -44.49 41.66
C ILE C 33 21.14 -45.90 41.96
N LYS C 34 22.03 -46.72 42.49
CA LYS C 34 21.72 -48.13 42.80
C LYS C 34 20.53 -48.29 43.78
N ALA C 35 20.60 -47.47 44.83
CA ALA C 35 19.52 -47.34 45.81
C ALA C 35 18.14 -47.06 45.14
N ALA C 36 18.10 -46.12 44.21
CA ALA C 36 16.89 -45.71 43.55
C ALA C 36 16.44 -46.83 42.66
N THR C 37 17.36 -47.51 42.00
CA THR C 37 16.90 -48.59 41.10
C THR C 37 16.46 -49.86 41.87
N ASN C 38 17.11 -50.12 43.03
CA ASN C 38 16.57 -51.15 43.94
C ASN C 38 15.11 -50.86 44.30
N THR C 39 14.90 -49.63 44.80
CA THR C 39 13.59 -49.10 45.15
C THR C 39 12.55 -49.28 44.03
N VAL C 40 12.86 -48.92 42.81
CA VAL C 40 11.94 -49.05 41.73
C VAL C 40 11.68 -50.55 41.37
N LYS C 41 12.73 -51.35 41.29
CA LYS C 41 12.53 -52.80 41.03
C LYS C 41 11.57 -53.46 42.01
N SER C 42 11.72 -53.14 43.31
CA SER C 42 10.85 -53.64 44.37
CA SER C 42 10.85 -53.64 44.37
C SER C 42 9.42 -53.18 44.17
N TYR C 43 9.27 -51.87 43.95
CA TYR C 43 7.96 -51.31 43.75
C TYR C 43 7.30 -52.05 42.58
N PHE C 44 8.06 -52.31 41.53
CA PHE C 44 7.59 -53.10 40.38
C PHE C 44 7.92 -54.60 40.45
N ALA C 45 8.05 -55.18 41.65
CA ALA C 45 8.24 -56.64 41.76
C ALA C 45 7.37 -57.40 40.78
N GLY C 46 7.98 -58.31 40.02
CA GLY C 46 7.23 -59.27 39.20
C GLY C 46 7.04 -58.82 37.75
N LYS C 47 7.40 -57.55 37.48
CA LYS C 47 7.28 -57.00 36.14
C LYS C 47 8.66 -56.86 35.46
N LYS C 48 8.73 -57.21 34.19
CA LYS C 48 9.95 -57.07 33.42
C LYS C 48 10.18 -55.61 33.00
N ILE C 49 10.95 -54.88 33.82
CA ILE C 49 11.31 -53.49 33.56
C ILE C 49 12.76 -53.21 33.16
N SER C 50 12.97 -52.10 32.47
CA SER C 50 14.31 -51.71 32.12
C SER C 50 14.47 -50.21 32.40
N PHE C 51 15.66 -49.74 32.77
CA PHE C 51 15.81 -48.32 33.10
C PHE C 51 16.28 -47.46 31.91
N ASN C 52 15.52 -46.41 31.62
CA ASN C 52 15.90 -45.50 30.59
C ASN C 52 16.66 -44.32 31.19
N THR C 53 16.28 -43.85 32.39
CA THR C 53 16.90 -42.62 32.94
C THR C 53 16.88 -42.73 34.45
N VAL C 54 17.98 -42.41 35.14
CA VAL C 54 17.94 -42.27 36.59
C VAL C 54 18.84 -41.10 36.97
N THR C 55 18.25 -40.04 37.52
CA THR C 55 18.99 -38.79 37.62
C THR C 55 18.40 -37.96 38.75
N LEU C 56 19.16 -36.97 39.24
CA LEU C 56 18.72 -36.05 40.29
C LEU C 56 17.49 -35.28 39.91
N ARG C 57 16.44 -35.36 40.70
CA ARG C 57 15.38 -34.33 40.66
C ARG C 57 15.79 -33.14 41.50
N GLU C 58 16.13 -32.05 40.82
CA GLU C 58 16.66 -30.87 41.50
C GLU C 58 15.66 -30.27 42.51
N PRO C 59 16.17 -29.71 43.60
CA PRO C 59 15.27 -29.06 44.58
C PRO C 59 14.46 -27.93 43.93
N ALA C 60 13.21 -27.69 44.33
CA ALA C 60 12.56 -26.45 43.87
C ALA C 60 13.41 -25.20 44.19
N ARG C 61 13.32 -24.18 43.32
CA ARG C 61 14.19 -23.03 43.35
C ARG C 61 14.08 -22.27 44.71
N LYS C 62 12.85 -22.22 45.22
CA LYS C 62 12.51 -21.46 46.38
C LYS C 62 13.05 -22.18 47.62
N ALA C 63 12.84 -23.50 47.63
CA ALA C 63 13.28 -24.28 48.74
C ALA C 63 14.79 -24.25 48.77
N TYR C 64 15.38 -24.31 47.59
CA TYR C 64 16.84 -24.21 47.51
C TYR C 64 17.35 -22.85 48.02
N ILE C 65 16.71 -21.73 47.65
CA ILE C 65 17.28 -20.42 48.06
C ILE C 65 17.10 -20.25 49.58
N GLN C 66 15.93 -20.68 50.08
CA GLN C 66 15.65 -20.68 51.52
C GLN C 66 16.70 -21.47 52.31
N TRP C 67 17.03 -22.69 51.87
CA TRP C 67 18.14 -23.45 52.47
C TRP C 67 19.48 -22.67 52.47
N LYS C 68 19.80 -22.13 51.30
CA LYS C 68 21.05 -21.50 51.06
C LYS C 68 21.22 -20.20 51.83
N GLU C 69 20.16 -19.42 52.01
CA GLU C 69 20.28 -18.01 52.47
C GLU C 69 19.45 -17.68 53.71
N GLN C 70 18.46 -18.50 54.03
CA GLN C 70 17.50 -18.18 55.11
C GLN C 70 17.39 -19.27 56.21
N GLY C 71 18.39 -20.13 56.36
CA GLY C 71 18.40 -21.12 57.43
C GLY C 71 17.37 -22.22 57.23
N GLY C 72 16.96 -22.47 55.99
CA GLY C 72 15.88 -23.39 55.70
C GLY C 72 16.36 -24.82 55.73
N PRO C 73 15.44 -25.77 55.81
CA PRO C 73 15.84 -27.16 55.87
C PRO C 73 16.46 -27.65 54.55
N LEU C 74 17.21 -28.74 54.63
CA LEU C 74 17.92 -29.27 53.52
C LEU C 74 16.86 -29.97 52.70
N PRO C 75 16.71 -29.59 51.41
CA PRO C 75 15.64 -30.25 50.62
C PRO C 75 15.79 -31.78 50.62
N PRO C 76 14.69 -32.52 50.42
CA PRO C 76 15.01 -33.91 50.30
C PRO C 76 15.82 -34.23 49.02
N ARG C 77 16.56 -35.32 49.10
CA ARG C 77 17.38 -35.79 48.03
C ARG C 77 16.50 -36.73 47.16
N LEU C 78 16.20 -36.36 45.92
CA LEU C 78 15.22 -37.16 45.16
C LEU C 78 15.76 -37.64 43.85
N ALA C 79 15.27 -38.77 43.38
CA ALA C 79 15.73 -39.27 42.11
C ALA C 79 14.53 -39.40 41.18
N TYR C 80 14.67 -38.83 39.99
CA TYR C 80 13.71 -39.00 38.94
C TYR C 80 14.13 -40.24 38.13
N TYR C 81 13.16 -40.99 37.65
CA TYR C 81 13.47 -42.21 36.84
C TYR C 81 12.46 -42.31 35.76
N VAL C 82 12.87 -42.97 34.66
CA VAL C 82 11.96 -43.34 33.60
C VAL C 82 12.28 -44.78 33.30
N ILE C 83 11.26 -45.61 33.18
CA ILE C 83 11.46 -47.02 32.90
C ILE C 83 10.65 -47.51 31.74
N LEU C 84 11.09 -48.55 31.10
CA LEU C 84 10.14 -49.20 30.21
C LEU C 84 9.67 -50.52 30.81
N GLU C 85 8.51 -51.01 30.38
CA GLU C 85 8.10 -52.36 30.74
C GLU C 85 7.80 -53.16 29.50
N ALA C 86 8.44 -54.31 29.33
CA ALA C 86 8.09 -55.31 28.28
C ALA C 86 6.59 -55.51 28.04
N GLY C 87 6.19 -55.42 26.77
CA GLY C 87 4.77 -55.55 26.36
C GLY C 87 3.90 -54.37 26.84
N LYS C 88 4.52 -53.31 27.29
CA LYS C 88 3.74 -52.10 27.61
C LYS C 88 4.10 -50.95 26.64
N PRO C 89 3.08 -50.21 26.16
CA PRO C 89 3.44 -49.03 25.34
C PRO C 89 4.04 -47.92 26.19
N GLY C 90 4.91 -47.11 25.62
CA GLY C 90 5.25 -45.90 26.30
C GLY C 90 6.26 -46.16 27.39
N VAL C 91 6.19 -45.33 28.45
CA VAL C 91 7.09 -45.34 29.59
C VAL C 91 6.30 -45.22 30.91
N LYS C 92 7.00 -45.42 32.03
CA LYS C 92 6.51 -45.01 33.33
C LYS C 92 7.61 -44.14 33.82
N GLU C 93 7.30 -43.13 34.65
CA GLU C 93 8.30 -42.23 35.18
C GLU C 93 7.88 -41.90 36.59
N GLY C 94 8.80 -41.43 37.44
CA GLY C 94 8.43 -41.14 38.82
C GLY C 94 9.60 -40.58 39.59
N LEU C 95 9.44 -40.47 40.91
CA LEU C 95 10.43 -39.98 41.84
C LEU C 95 10.58 -40.95 43.00
N VAL C 96 11.83 -41.12 43.47
CA VAL C 96 12.13 -41.96 44.56
C VAL C 96 12.66 -41.02 45.60
N ASP C 97 12.12 -41.09 46.80
CA ASP C 97 12.72 -40.34 47.89
C ASP C 97 13.88 -41.18 48.47
N LEU C 98 15.13 -40.73 48.37
CA LEU C 98 16.27 -41.58 48.76
C LEU C 98 16.42 -41.87 50.28
N ALA C 99 16.09 -40.89 51.14
CA ALA C 99 16.14 -41.10 52.61
C ALA C 99 15.21 -42.24 53.10
N SER C 100 14.02 -42.38 52.53
CA SER C 100 13.11 -43.42 52.93
C SER C 100 13.05 -44.62 51.96
N LEU C 101 13.88 -44.56 50.94
CA LEU C 101 13.90 -45.62 49.94
C LEU C 101 12.48 -45.98 49.49
N SER C 102 11.71 -44.98 49.05
CA SER C 102 10.35 -45.22 48.55
CA SER C 102 10.33 -45.18 48.61
C SER C 102 9.97 -44.39 47.33
N VAL C 103 9.09 -44.97 46.53
CA VAL C 103 8.55 -44.31 45.39
C VAL C 103 7.43 -43.37 45.90
N ILE C 104 7.59 -42.08 45.64
CA ILE C 104 6.66 -41.06 46.13
C ILE C 104 5.76 -40.43 45.02
N GLU C 105 6.08 -40.69 43.74
CA GLU C 105 5.24 -40.36 42.57
C GLU C 105 5.53 -41.36 41.47
N THR C 106 4.49 -41.78 40.77
CA THR C 106 4.66 -42.61 39.62
C THR C 106 3.56 -42.23 38.67
N ARG C 107 3.81 -42.40 37.37
CA ARG C 107 2.73 -42.31 36.39
C ARG C 107 3.10 -43.00 35.11
N ALA C 108 2.08 -43.49 34.43
CA ALA C 108 2.25 -44.25 33.21
C ALA C 108 1.92 -43.34 32.04
N LEU C 109 2.88 -43.19 31.13
CA LEU C 109 2.71 -42.34 29.94
C LEU C 109 2.70 -43.26 28.71
N GLU C 110 1.54 -43.68 28.30
CA GLU C 110 1.51 -44.69 27.26
C GLU C 110 1.71 -44.21 25.85
N THR C 111 1.78 -42.89 25.63
CA THR C 111 1.82 -42.37 24.28
C THR C 111 3.00 -41.37 24.04
N VAL C 112 4.10 -41.52 24.78
CA VAL C 112 5.34 -40.80 24.52
C VAL C 112 6.42 -41.81 24.32
N GLN C 113 7.55 -41.42 23.75
CA GLN C 113 8.79 -42.23 23.75
C GLN C 113 9.96 -41.49 24.36
N PRO C 114 10.94 -42.23 24.88
CA PRO C 114 11.94 -41.51 25.66
C PRO C 114 13.27 -41.46 24.96
N ILE C 115 14.17 -40.68 25.58
CA ILE C 115 15.54 -40.58 25.11
C ILE C 115 16.20 -41.93 24.76
N LEU C 116 16.94 -42.00 23.65
CA LEU C 116 17.71 -43.23 23.31
C LEU C 116 19.08 -43.22 23.97
N THR C 117 19.36 -44.32 24.67
CA THR C 117 20.62 -44.49 25.44
C THR C 117 21.69 -45.13 24.55
N VAL C 118 22.93 -45.11 25.03
CA VAL C 118 24.01 -45.77 24.31
C VAL C 118 23.59 -47.23 24.00
N GLU C 119 22.98 -47.90 24.98
CA GLU C 119 22.54 -49.24 24.77
C GLU C 119 21.49 -49.33 23.69
N ASP C 120 20.67 -48.28 23.55
CA ASP C 120 19.59 -48.30 22.53
C ASP C 120 20.17 -48.13 21.13
N LEU C 121 21.18 -47.28 21.00
CA LEU C 121 21.98 -47.25 19.79
C LEU C 121 22.78 -48.53 19.43
N CYS C 122 23.37 -49.22 20.41
CA CYS C 122 24.34 -50.26 20.06
C CYS C 122 23.68 -51.54 19.47
N SER C 123 22.39 -51.71 19.66
CA SER C 123 21.75 -52.95 19.23
C SER C 123 21.20 -52.99 17.84
N THR C 124 20.88 -51.81 17.33
CA THR C 124 20.22 -51.68 16.04
C THR C 124 21.04 -52.29 14.88
N GLU C 125 22.35 -52.02 14.87
CA GLU C 125 23.27 -52.55 13.85
C GLU C 125 23.18 -54.08 13.66
N GLU C 126 23.15 -54.80 14.79
CA GLU C 126 23.02 -56.26 14.75
C GLU C 126 21.65 -56.69 14.24
N VAL C 127 20.59 -55.96 14.63
CA VAL C 127 19.25 -56.25 14.14
C VAL C 127 19.21 -56.15 12.64
N ILE C 128 19.72 -55.06 12.08
CA ILE C 128 19.54 -54.90 10.61
C ILE C 128 20.44 -55.87 9.84
N ARG C 129 21.61 -56.18 10.40
CA ARG C 129 22.52 -57.16 9.78
C ARG C 129 21.86 -58.51 9.59
N ASN C 130 20.99 -58.89 10.56
CA ASN C 130 20.30 -60.20 10.62
C ASN C 130 18.95 -60.30 9.88
N ASP C 131 18.51 -59.21 9.28
CA ASP C 131 17.21 -59.10 8.73
C ASP C 131 17.17 -59.45 7.25
N PRO C 132 16.35 -60.45 6.89
CA PRO C 132 16.38 -60.93 5.49
C PRO C 132 15.98 -59.83 4.47
N ALA C 133 15.04 -58.95 4.81
CA ALA C 133 14.68 -57.83 3.93
C ALA C 133 15.86 -56.81 3.74
N VAL C 134 16.59 -56.52 4.78
CA VAL C 134 17.74 -55.62 4.71
C VAL C 134 18.90 -56.23 3.99
N ILE C 135 19.17 -57.50 4.24
CA ILE C 135 20.15 -58.29 3.48
C ILE C 135 19.83 -58.27 1.96
N GLU C 136 18.58 -58.50 1.57
CA GLU C 136 18.18 -58.43 0.15
C GLU C 136 18.43 -57.02 -0.47
N GLN C 137 18.25 -55.97 0.32
CA GLN C 137 18.46 -54.61 -0.15
C GLN C 137 19.94 -54.30 -0.39
N CYS C 138 20.80 -54.96 0.37
CA CYS C 138 22.24 -54.82 0.32
C CYS C 138 22.74 -55.58 -0.92
N VAL C 139 22.25 -56.83 -1.11
CA VAL C 139 22.56 -57.62 -2.30
C VAL C 139 22.19 -56.76 -3.53
N LEU C 140 20.96 -56.26 -3.59
CA LEU C 140 20.56 -55.38 -4.69
C LEU C 140 21.46 -54.14 -4.84
N SER C 141 22.01 -53.65 -3.73
CA SER C 141 22.86 -52.46 -3.75
C SER C 141 24.35 -52.83 -4.04
N GLY C 142 24.59 -54.09 -4.43
CA GLY C 142 25.91 -54.57 -4.75
C GLY C 142 26.83 -55.05 -3.62
N ILE C 143 26.27 -55.43 -2.46
CA ILE C 143 27.02 -56.03 -1.37
C ILE C 143 26.56 -57.50 -1.19
N PRO C 144 27.46 -58.51 -1.35
CA PRO C 144 26.97 -59.90 -1.21
C PRO C 144 26.45 -60.20 0.21
N ALA C 145 25.45 -61.06 0.27
CA ALA C 145 24.81 -61.49 1.52
C ALA C 145 25.78 -61.86 2.63
N ASN C 146 26.85 -62.60 2.35
CA ASN C 146 27.77 -62.92 3.44
C ASN C 146 28.72 -61.81 3.88
N GLU C 147 28.44 -60.60 3.44
CA GLU C 147 29.34 -59.52 3.76
C GLU C 147 28.64 -58.51 4.66
N MET C 148 27.54 -58.94 5.26
CA MET C 148 26.75 -58.08 6.09
C MET C 148 27.53 -57.50 7.27
N HIS C 149 28.71 -58.07 7.56
CA HIS C 149 29.55 -57.58 8.68
C HIS C 149 30.24 -56.27 8.32
N LYS C 150 30.21 -55.95 7.02
CA LYS C 150 30.78 -54.72 6.47
C LYS C 150 29.75 -53.62 6.37
N VAL C 151 28.49 -53.93 6.72
CA VAL C 151 27.38 -52.96 6.68
C VAL C 151 27.22 -52.41 8.05
N TYR C 152 27.17 -51.08 8.16
CA TYR C 152 27.03 -50.35 9.43
C TYR C 152 25.80 -49.42 9.39
N CYS C 153 25.39 -48.86 10.53
CA CYS C 153 24.34 -47.85 10.44
C CYS C 153 24.41 -46.92 11.61
N ASP C 154 24.07 -45.65 11.40
CA ASP C 154 23.85 -44.79 12.55
C ASP C 154 22.36 -44.86 12.90
N PRO C 155 22.01 -45.32 14.13
CA PRO C 155 20.61 -45.56 14.34
C PRO C 155 19.95 -44.39 15.05
N TRP C 156 19.47 -43.41 14.31
CA TRP C 156 18.75 -42.25 14.80
C TRP C 156 17.40 -42.69 15.30
N THR C 157 16.83 -41.95 16.26
CA THR C 157 15.37 -42.03 16.42
CA THR C 157 15.36 -42.04 16.42
C THR C 157 14.80 -41.78 15.03
N ILE C 158 13.67 -42.42 14.72
CA ILE C 158 12.91 -42.09 13.52
C ILE C 158 12.53 -40.61 13.50
N GLY C 159 12.51 -40.00 14.65
CA GLY C 159 12.32 -38.54 14.73
C GLY C 159 10.84 -38.24 14.83
N TYR C 160 10.24 -38.16 13.66
CA TYR C 160 8.82 -38.29 13.55
C TYR C 160 8.36 -38.90 12.21
N ASP C 161 7.61 -40.01 12.23
CA ASP C 161 6.99 -40.54 11.00
C ASP C 161 5.53 -40.74 11.27
N GLU C 162 4.71 -40.06 10.48
CA GLU C 162 3.28 -40.05 10.70
C GLU C 162 2.65 -41.43 10.42
N ARG C 163 3.38 -42.38 9.79
CA ARG C 163 2.85 -43.77 9.66
C ARG C 163 2.70 -44.53 11.05
N TRP C 164 3.46 -44.12 12.08
CA TRP C 164 3.42 -44.81 13.35
C TRP C 164 3.26 -43.94 14.57
N GLY C 165 3.50 -42.64 14.50
CA GLY C 165 3.22 -41.82 15.68
C GLY C 165 4.15 -42.24 16.78
N THR C 166 3.63 -42.43 18.00
CA THR C 166 4.46 -42.87 19.12
C THR C 166 4.05 -44.28 19.46
N GLY C 167 3.38 -44.92 18.51
CA GLY C 167 2.65 -46.17 18.79
C GLY C 167 3.58 -47.33 18.98
N LYS C 168 4.76 -47.22 18.35
CA LYS C 168 5.91 -48.12 18.61
C LYS C 168 7.12 -47.27 18.86
N ARG C 169 8.13 -47.79 19.55
CA ARG C 169 9.40 -47.11 19.73
C ARG C 169 10.28 -47.41 18.51
N LEU C 170 10.66 -46.38 17.76
CA LEU C 170 11.31 -46.62 16.46
C LEU C 170 12.63 -45.87 16.24
N GLN C 171 13.52 -46.54 15.51
CA GLN C 171 14.74 -45.95 14.98
C GLN C 171 14.71 -46.08 13.49
N GLN C 172 15.49 -45.24 12.84
CA GLN C 172 15.68 -45.30 11.41
C GLN C 172 17.22 -45.52 11.26
N ALA C 173 17.57 -46.53 10.51
CA ALA C 173 18.97 -46.92 10.39
C ALA C 173 19.62 -46.16 9.22
N LEU C 174 20.51 -45.23 9.49
CA LEU C 174 21.16 -44.54 8.37
C LEU C 174 22.31 -45.48 8.00
N VAL C 175 22.11 -46.25 6.92
CA VAL C 175 23.00 -47.34 6.49
C VAL C 175 24.29 -46.95 5.75
N TYR C 176 25.40 -47.56 6.11
CA TYR C 176 26.69 -47.19 5.47
C TYR C 176 27.51 -48.41 5.22
N TYR C 177 28.57 -48.31 4.45
CA TYR C 177 29.35 -49.51 4.22
C TYR C 177 30.83 -49.23 4.50
N ARG C 178 31.56 -50.20 5.08
CA ARG C 178 33.05 -50.16 5.26
C ARG C 178 33.71 -51.30 4.54
N SER C 179 34.72 -50.99 3.71
CA SER C 179 35.56 -52.00 3.06
CA SER C 179 35.54 -52.02 3.07
C SER C 179 36.45 -52.66 4.10
N ASP C 180 36.84 -51.87 5.11
CA ASP C 180 37.71 -52.33 6.19
C ASP C 180 37.25 -51.61 7.47
N GLU C 181 37.40 -52.24 8.62
CA GLU C 181 36.78 -51.73 9.81
C GLU C 181 37.34 -50.41 10.23
N ASP C 182 38.52 -50.11 9.71
CA ASP C 182 39.16 -48.84 10.07
C ASP C 182 38.72 -47.65 9.13
N ASP C 183 37.97 -47.95 8.06
CA ASP C 183 37.45 -46.89 7.21
C ASP C 183 36.56 -45.93 8.03
N SER C 184 36.53 -44.67 7.60
CA SER C 184 35.39 -43.83 7.87
C SER C 184 34.26 -44.20 6.86
N GLN C 185 33.09 -44.61 7.38
CA GLN C 185 32.01 -45.18 6.53
C GLN C 185 31.24 -44.11 5.63
N TYR C 186 31.43 -42.84 5.96
CA TYR C 186 30.61 -41.74 5.48
C TYR C 186 30.76 -41.43 3.99
N SER C 187 31.82 -41.91 3.39
CA SER C 187 31.96 -41.82 1.95
C SER C 187 31.11 -42.86 1.27
N HIS C 188 30.60 -43.81 2.03
CA HIS C 188 29.84 -44.95 1.42
C HIS C 188 28.41 -45.20 1.96
N PRO C 189 27.51 -44.18 1.90
CA PRO C 189 26.13 -44.49 2.36
C PRO C 189 25.40 -45.37 1.36
N LEU C 190 24.42 -46.10 1.84
CA LEU C 190 23.56 -46.83 0.95
C LEU C 190 22.26 -46.07 0.73
N ASP C 191 21.45 -46.56 -0.21
CA ASP C 191 20.29 -45.79 -0.62
C ASP C 191 19.01 -45.99 0.15
N PHE C 192 18.92 -46.98 1.04
CA PHE C 192 17.63 -47.31 1.63
C PHE C 192 17.70 -47.03 3.12
N CYS C 193 16.53 -47.00 3.78
CA CYS C 193 16.49 -46.70 5.22
C CYS C 193 15.56 -47.65 5.98
N PRO C 194 16.10 -48.66 6.69
CA PRO C 194 15.32 -49.55 7.57
C PRO C 194 14.74 -48.83 8.79
N ILE C 195 13.48 -49.17 9.07
CA ILE C 195 12.74 -48.70 10.24
C ILE C 195 12.76 -49.83 11.27
N VAL C 196 13.32 -49.55 12.44
CA VAL C 196 13.52 -50.59 13.44
C VAL C 196 12.74 -50.32 14.72
N ASP C 197 12.05 -51.38 15.15
CA ASP C 197 11.32 -51.37 16.43
C ASP C 197 12.30 -51.56 17.53
N THR C 198 12.58 -50.52 18.29
CA THR C 198 13.58 -50.57 19.36
C THR C 198 13.42 -51.67 20.40
N GLU C 199 12.19 -51.99 20.80
CA GLU C 199 11.99 -52.90 21.92
C GLU C 199 11.80 -54.31 21.43
N GLU C 200 11.18 -54.46 20.27
CA GLU C 200 10.98 -55.76 19.69
C GLU C 200 12.25 -56.18 18.92
N LYS C 201 13.21 -55.26 18.75
CA LYS C 201 14.45 -55.56 18.05
C LYS C 201 14.15 -56.17 16.67
N LYS C 202 13.37 -55.45 15.86
CA LYS C 202 12.84 -56.00 14.62
C LYS C 202 12.72 -54.91 13.54
N VAL C 203 13.19 -55.20 12.33
CA VAL C 203 12.92 -54.32 11.17
C VAL C 203 11.44 -54.42 10.80
N ILE C 204 10.68 -53.32 10.93
CA ILE C 204 9.27 -53.37 10.51
C ILE C 204 8.97 -52.82 9.10
N PHE C 205 9.93 -52.10 8.54
CA PHE C 205 9.70 -51.42 7.28
C PHE C 205 11.04 -51.01 6.66
N ILE C 206 11.08 -50.96 5.32
CA ILE C 206 12.20 -50.30 4.68
C ILE C 206 11.79 -49.22 3.70
N ASP C 207 12.16 -47.96 3.95
CA ASP C 207 12.10 -46.92 2.88
C ASP C 207 13.13 -47.14 1.78
N ILE C 208 12.63 -47.31 0.58
CA ILE C 208 13.39 -47.61 -0.60
C ILE C 208 13.08 -46.56 -1.61
N PRO C 209 14.11 -45.87 -2.13
CA PRO C 209 13.80 -44.84 -3.12
C PRO C 209 13.32 -45.40 -4.45
N ASN C 210 12.64 -44.53 -5.19
CA ASN C 210 12.21 -44.79 -6.59
C ASN C 210 13.46 -45.04 -7.47
N ARG C 211 14.43 -44.15 -7.31
CA ARG C 211 15.71 -44.20 -8.05
C ARG C 211 16.79 -44.98 -7.26
N ARG C 212 17.06 -46.24 -7.61
CA ARG C 212 18.14 -46.98 -6.90
C ARG C 212 19.55 -46.44 -7.13
N ARG C 213 20.37 -46.34 -6.11
CA ARG C 213 21.80 -46.06 -6.30
C ARG C 213 22.61 -47.17 -5.65
N LYS C 214 23.30 -47.98 -6.45
CA LYS C 214 24.21 -49.01 -5.89
C LYS C 214 25.38 -48.42 -5.10
N VAL C 215 26.04 -49.21 -4.25
CA VAL C 215 27.10 -48.71 -3.32
C VAL C 215 28.22 -48.10 -4.17
N SER C 216 28.76 -46.96 -3.76
CA SER C 216 29.89 -46.40 -4.45
C SER C 216 31.08 -47.38 -4.59
N LYS C 217 31.67 -47.45 -5.79
CA LYS C 217 32.82 -48.30 -6.03
C LYS C 217 34.12 -47.51 -5.82
N HIS C 218 34.04 -46.24 -5.43
CA HIS C 218 35.26 -45.47 -5.09
C HIS C 218 35.94 -45.91 -3.80
N LYS C 219 37.18 -45.51 -3.60
CA LYS C 219 37.88 -45.80 -2.35
C LYS C 219 37.25 -44.97 -1.25
N HIS C 220 37.27 -45.49 -0.05
CA HIS C 220 36.80 -44.75 1.09
C HIS C 220 37.62 -43.46 1.33
N ALA C 221 36.97 -42.45 1.92
CA ALA C 221 37.66 -41.19 2.22
C ALA C 221 38.17 -41.17 3.65
N ASN C 222 39.45 -41.45 3.87
CA ASN C 222 39.94 -41.82 5.21
C ASN C 222 40.82 -40.72 5.71
N PHE C 223 41.19 -40.75 6.98
CA PHE C 223 41.82 -39.59 7.58
C PHE C 223 42.79 -39.90 8.73
N TYR C 224 43.01 -41.16 9.05
CA TYR C 224 44.10 -41.50 9.97
C TYR C 224 45.47 -41.38 9.24
N PRO C 225 46.57 -41.16 9.99
CA PRO C 225 47.93 -41.09 9.39
C PRO C 225 48.26 -42.15 8.33
N LYS C 226 47.94 -43.41 8.57
CA LYS C 226 48.20 -44.48 7.57
C LYS C 226 47.44 -44.27 6.29
N HIS C 227 46.25 -43.70 6.43
CA HIS C 227 45.47 -43.32 5.26
C HIS C 227 46.07 -42.08 4.56
N MET C 228 46.39 -41.05 5.33
CA MET C 228 46.94 -39.82 4.78
C MET C 228 48.25 -40.11 4.03
N ILE C 229 49.02 -41.08 4.54
CA ILE C 229 50.28 -41.52 3.90
C ILE C 229 50.03 -42.10 2.48
N GLU C 230 49.05 -43.00 2.35
CA GLU C 230 48.69 -43.47 1.01
C GLU C 230 48.13 -42.33 0.09
N LYS C 231 47.36 -41.41 0.69
CA LYS C 231 46.68 -40.38 -0.08
C LYS C 231 47.65 -39.25 -0.51
N VAL C 232 48.41 -38.70 0.42
CA VAL C 232 49.26 -37.55 0.08
C VAL C 232 50.79 -37.82 0.21
N GLY C 233 51.16 -39.04 0.58
CA GLY C 233 52.56 -39.44 0.49
C GLY C 233 53.30 -39.41 1.81
N ALA C 234 52.98 -38.44 2.68
CA ALA C 234 53.58 -38.35 4.02
C ALA C 234 52.83 -37.42 4.92
N MET C 235 52.93 -37.63 6.24
CA MET C 235 52.46 -36.67 7.22
C MET C 235 53.41 -35.48 7.30
N ARG C 236 52.92 -34.32 7.71
CA ARG C 236 53.82 -33.22 8.04
C ARG C 236 54.72 -33.64 9.19
N PRO C 237 55.98 -33.17 9.19
CA PRO C 237 56.85 -33.25 10.35
C PRO C 237 56.09 -32.84 11.62
N GLU C 238 56.14 -33.68 12.64
CA GLU C 238 55.88 -33.28 14.01
C GLU C 238 56.35 -31.85 14.34
N ALA C 239 55.42 -31.02 14.78
CA ALA C 239 55.66 -29.61 15.05
C ALA C 239 56.52 -29.49 16.28
N PRO C 240 57.25 -28.38 16.45
CA PRO C 240 57.85 -28.14 17.76
C PRO C 240 56.80 -27.78 18.83
N PRO C 241 56.91 -28.35 20.04
CA PRO C 241 55.95 -28.18 21.15
C PRO C 241 55.81 -26.77 21.74
N ILE C 242 54.57 -26.47 22.10
CA ILE C 242 54.19 -25.29 22.84
C ILE C 242 53.80 -25.86 24.19
N ASN C 243 54.48 -25.47 25.27
CA ASN C 243 54.33 -26.14 26.58
C ASN C 243 53.62 -25.29 27.63
N VAL C 244 52.61 -25.83 28.27
CA VAL C 244 51.88 -25.06 29.28
C VAL C 244 52.12 -25.68 30.63
N THR C 245 52.61 -24.85 31.56
CA THR C 245 52.86 -25.30 32.92
C THR C 245 52.40 -24.29 33.95
N GLN C 246 51.99 -24.80 35.10
CA GLN C 246 51.63 -23.96 36.23
C GLN C 246 52.33 -24.48 37.49
N PRO C 247 53.60 -24.08 37.69
CA PRO C 247 54.47 -24.65 38.75
C PRO C 247 54.01 -24.35 40.17
N GLU C 248 53.26 -23.26 40.36
CA GLU C 248 52.66 -22.99 41.65
C GLU C 248 51.16 -23.35 41.72
N GLY C 249 50.71 -24.26 40.87
CA GLY C 249 49.29 -24.61 40.85
C GLY C 249 48.42 -23.61 40.08
N VAL C 250 47.12 -23.68 40.35
CA VAL C 250 46.10 -22.90 39.67
C VAL C 250 45.55 -21.91 40.69
N SER C 251 44.86 -20.89 40.22
CA SER C 251 44.26 -19.87 41.11
C SER C 251 42.83 -20.22 41.55
N PHE C 252 42.19 -21.17 40.86
CA PHE C 252 40.81 -21.54 41.23
C PHE C 252 40.76 -22.51 42.44
N LYS C 253 39.65 -22.51 43.21
CA LYS C 253 39.47 -23.44 44.34
C LYS C 253 38.18 -24.26 44.22
N MET C 254 38.31 -25.57 44.07
CA MET C 254 37.15 -26.51 44.13
C MET C 254 36.92 -27.14 45.49
N THR C 255 35.70 -27.01 45.98
CA THR C 255 35.23 -27.65 47.20
C THR C 255 34.09 -28.57 46.79
N GLY C 256 34.41 -29.83 46.53
CA GLY C 256 33.49 -30.73 45.85
C GLY C 256 33.18 -30.15 44.47
N ASN C 257 31.89 -29.90 44.20
CA ASN C 257 31.47 -29.37 42.93
C ASN C 257 31.39 -27.84 42.90
N VAL C 258 31.73 -27.21 44.02
CA VAL C 258 31.62 -25.79 44.10
C VAL C 258 32.92 -25.11 43.69
N MET C 259 32.84 -24.21 42.70
CA MET C 259 34.01 -23.48 42.18
C MET C 259 34.14 -22.03 42.68
N GLU C 260 35.35 -21.61 42.95
CA GLU C 260 35.65 -20.22 43.35
C GLU C 260 36.87 -19.83 42.54
N TRP C 261 36.73 -18.72 41.80
CA TRP C 261 37.73 -18.25 40.86
C TRP C 261 37.48 -16.79 40.61
N SER C 262 38.46 -15.96 40.92
CA SER C 262 38.42 -14.52 40.57
C SER C 262 37.08 -13.86 40.95
N ASN C 263 36.65 -14.09 42.17
CA ASN C 263 35.41 -13.56 42.68
C ASN C 263 34.13 -14.26 42.26
N PHE C 264 34.19 -15.12 41.23
CA PHE C 264 33.00 -15.93 40.84
C PHE C 264 32.82 -17.11 41.79
N LYS C 265 31.61 -17.42 42.19
CA LYS C 265 31.40 -18.68 42.87
C LYS C 265 30.25 -19.37 42.17
N PHE C 266 30.26 -20.67 42.10
CA PHE C 266 29.13 -21.36 41.45
C PHE C 266 29.25 -22.85 41.58
N HIS C 267 28.12 -23.54 41.46
CA HIS C 267 28.09 -24.98 41.52
C HIS C 267 28.04 -25.60 40.12
N ILE C 268 28.91 -26.60 39.92
CA ILE C 268 29.08 -27.21 38.63
C ILE C 268 28.37 -28.58 38.65
N GLY C 269 27.17 -28.63 38.08
CA GLY C 269 26.39 -29.86 38.04
C GLY C 269 26.61 -30.56 36.72
N PHE C 270 25.98 -31.72 36.54
CA PHE C 270 26.01 -32.48 35.28
C PHE C 270 24.87 -33.44 35.28
N ASN C 271 24.21 -33.64 34.12
CA ASN C 271 23.21 -34.67 34.03
C ASN C 271 23.12 -35.36 32.66
N TYR C 272 22.47 -36.50 32.61
CA TYR C 272 22.39 -37.25 31.34
C TYR C 272 22.00 -36.47 30.04
N ARG C 273 21.22 -35.37 30.19
CA ARG C 273 20.56 -34.71 29.06
C ARG C 273 21.13 -33.34 28.73
N GLU C 274 21.21 -32.45 29.71
CA GLU C 274 21.83 -31.14 29.50
C GLU C 274 23.37 -31.14 29.44
N GLY C 275 24.01 -32.14 30.05
CA GLY C 275 25.48 -32.10 30.24
C GLY C 275 25.77 -31.11 31.36
N ILE C 276 26.70 -30.17 31.18
CA ILE C 276 27.05 -29.20 32.20
C ILE C 276 25.90 -28.28 32.54
N VAL C 277 25.68 -28.17 33.84
CA VAL C 277 24.69 -27.28 34.43
C VAL C 277 25.42 -26.48 35.47
N LEU C 278 25.48 -25.17 35.26
CA LEU C 278 26.10 -24.25 36.19
C LEU C 278 25.05 -23.54 37.08
N SER C 279 25.22 -23.58 38.44
CA SER C 279 24.17 -23.14 39.32
C SER C 279 24.67 -22.15 40.34
N ASP C 280 23.74 -21.37 40.90
CA ASP C 280 23.98 -20.60 42.06
C ASP C 280 25.22 -19.73 41.82
N VAL C 281 25.22 -19.07 40.68
CA VAL C 281 26.37 -18.32 40.24
C VAL C 281 26.37 -16.96 40.88
N SER C 282 27.44 -16.59 41.59
CA SER C 282 27.57 -15.22 42.06
C SER C 282 28.97 -14.61 41.96
N TYR C 283 29.03 -13.32 42.29
CA TYR C 283 30.20 -12.55 42.16
C TYR C 283 30.51 -11.83 43.46
N ASN C 284 31.74 -11.95 43.92
CA ASN C 284 32.17 -11.27 45.12
C ASN C 284 32.74 -9.90 44.79
N ASP C 285 31.88 -8.89 44.96
CA ASP C 285 32.20 -7.52 44.67
C ASP C 285 32.72 -6.91 45.98
N HIS C 286 34.02 -7.05 46.25
CA HIS C 286 34.67 -6.40 47.46
C HIS C 286 33.95 -6.69 48.81
N GLY C 287 33.58 -7.96 49.05
CA GLY C 287 32.85 -8.33 50.26
C GLY C 287 31.35 -8.50 50.14
N ASN C 288 30.73 -7.82 49.17
CA ASN C 288 29.31 -7.96 48.91
C ASN C 288 29.10 -9.10 47.89
N VAL C 289 28.55 -10.21 48.32
CA VAL C 289 28.43 -11.37 47.41
C VAL C 289 27.16 -11.27 46.60
N ARG C 290 27.30 -10.91 45.33
CA ARG C 290 26.14 -10.56 44.51
C ARG C 290 25.64 -11.69 43.58
N PRO C 291 24.38 -12.15 43.74
CA PRO C 291 24.02 -13.22 42.77
C PRO C 291 23.93 -12.69 41.34
N ILE C 292 23.96 -13.60 40.37
CA ILE C 292 23.84 -13.28 38.94
C ILE C 292 22.85 -14.24 38.28
N PHE C 293 23.15 -15.52 38.33
CA PHE C 293 22.26 -16.53 37.78
C PHE C 293 21.97 -17.68 38.78
N HIS C 294 20.72 -18.12 38.82
CA HIS C 294 20.42 -19.34 39.54
C HIS C 294 20.81 -20.63 38.79
N ARG C 295 20.59 -20.64 37.46
CA ARG C 295 20.88 -21.80 36.63
C ARG C 295 21.10 -21.36 35.18
N ILE C 296 22.10 -21.97 34.54
CA ILE C 296 22.43 -21.76 33.09
C ILE C 296 22.90 -23.09 32.51
N SER C 297 22.39 -23.42 31.34
CA SER C 297 22.65 -24.70 30.65
C SER C 297 22.09 -24.67 29.23
N LEU C 298 22.40 -25.67 28.45
CA LEU C 298 21.73 -25.86 27.16
C LEU C 298 20.62 -26.87 27.44
N SER C 299 19.39 -26.53 27.03
CA SER C 299 18.22 -27.28 27.46
C SER C 299 17.57 -28.09 26.29
N GLU C 300 17.86 -27.68 25.04
CA GLU C 300 17.46 -28.47 23.85
C GLU C 300 18.28 -28.07 22.61
N MET C 301 18.26 -28.89 21.57
CA MET C 301 18.85 -28.49 20.31
C MET C 301 17.97 -28.89 19.20
N ILE C 302 18.16 -28.33 18.00
CA ILE C 302 17.60 -29.06 16.85
C ILE C 302 18.49 -28.86 15.65
N VAL C 303 18.56 -29.86 14.76
CA VAL C 303 19.48 -29.84 13.62
C VAL C 303 18.69 -30.15 12.36
N PRO C 304 17.98 -29.12 11.83
CA PRO C 304 17.06 -29.48 10.74
C PRO C 304 17.78 -29.52 9.40
N TYR C 305 17.62 -30.62 8.71
CA TYR C 305 18.10 -30.76 7.36
C TYR C 305 17.16 -30.13 6.37
N GLY C 306 17.73 -29.74 5.23
CA GLY C 306 17.00 -28.90 4.30
C GLY C 306 16.85 -29.58 2.94
N SER C 307 16.81 -30.92 2.87
CA SER C 307 16.36 -31.56 1.63
C SER C 307 14.92 -32.03 1.80
N PRO C 308 14.04 -31.67 0.87
CA PRO C 308 12.63 -31.98 0.98
C PRO C 308 12.32 -33.42 0.61
N GLU C 309 13.26 -34.12 -0.02
CA GLU C 309 12.95 -35.46 -0.60
C GLU C 309 12.81 -36.51 0.51
N PHE C 310 11.88 -37.43 0.28
CA PHE C 310 11.62 -38.53 1.17
C PHE C 310 12.82 -39.45 1.27
N PRO C 311 13.16 -39.96 2.47
CA PRO C 311 12.62 -39.65 3.84
C PRO C 311 13.43 -38.61 4.61
N HIS C 312 14.09 -37.71 3.90
CA HIS C 312 15.11 -36.88 4.56
C HIS C 312 14.53 -35.81 5.48
N GLN C 313 13.20 -35.62 5.43
CA GLN C 313 12.51 -34.74 6.44
C GLN C 313 12.66 -35.29 7.89
N ARG C 314 13.08 -36.54 8.03
CA ARG C 314 13.13 -37.19 9.37
C ARG C 314 14.47 -36.92 9.99
N LYS C 315 15.31 -36.13 9.28
CA LYS C 315 16.58 -35.70 9.84
C LYS C 315 16.45 -34.29 10.41
N HIS C 316 16.19 -34.23 11.71
CA HIS C 316 15.99 -33.00 12.50
C HIS C 316 16.16 -33.39 14.00
N ALA C 317 17.28 -34.07 14.27
CA ALA C 317 17.68 -34.49 15.58
C ALA C 317 17.52 -33.34 16.56
N LEU C 318 16.93 -33.58 17.73
CA LEU C 318 17.02 -32.65 18.82
C LEU C 318 17.92 -33.43 19.75
N ASP C 319 19.21 -33.17 19.66
CA ASP C 319 20.21 -34.07 20.21
C ASP C 319 20.12 -34.21 21.75
N ILE C 320 19.95 -33.09 22.40
CA ILE C 320 19.80 -33.11 23.83
C ILE C 320 18.58 -33.93 24.26
N GLY C 321 17.38 -33.63 23.74
CA GLY C 321 16.19 -34.33 24.19
C GLY C 321 16.09 -35.75 23.66
N GLU C 322 16.79 -36.07 22.59
CA GLU C 322 16.57 -37.42 22.00
C GLU C 322 17.71 -38.36 22.27
N TYR C 323 18.89 -37.88 22.70
CA TYR C 323 20.08 -38.75 23.01
C TYR C 323 20.85 -38.39 24.27
N GLY C 324 20.88 -37.10 24.59
CA GLY C 324 21.48 -36.59 25.84
C GLY C 324 22.90 -36.09 25.70
N ALA C 325 23.16 -34.84 26.05
CA ALA C 325 24.52 -34.33 26.02
C ALA C 325 25.40 -35.03 27.02
N GLY C 326 24.82 -35.65 28.03
CA GLY C 326 25.60 -36.36 29.08
C GLY C 326 25.80 -37.76 28.57
N TYR C 327 24.71 -38.42 28.27
CA TYR C 327 24.82 -39.78 27.69
C TYR C 327 25.86 -39.94 26.60
N MET C 328 25.92 -38.94 25.72
CA MET C 328 26.81 -38.92 24.57
CA MET C 328 26.83 -38.97 24.57
C MET C 328 28.22 -38.40 24.86
N THR C 329 28.45 -37.87 26.07
CA THR C 329 29.72 -37.19 26.41
C THR C 329 31.04 -38.03 26.33
N ASN C 330 32.15 -37.43 25.89
CA ASN C 330 33.43 -38.18 25.77
C ASN C 330 34.23 -38.18 27.09
N PRO C 331 34.94 -39.29 27.40
CA PRO C 331 36.04 -39.19 28.38
C PRO C 331 37.14 -38.36 27.77
N LEU C 332 37.55 -37.30 28.46
CA LEU C 332 38.50 -36.36 27.94
C LEU C 332 39.93 -36.78 28.38
N SER C 333 40.98 -36.12 27.90
CA SER C 333 42.33 -36.36 28.47
C SER C 333 43.09 -37.52 27.84
N LEU C 334 42.40 -38.63 27.56
CA LEU C 334 42.99 -39.75 26.84
C LEU C 334 43.33 -39.35 25.38
N GLY C 335 42.75 -38.23 24.91
CA GLY C 335 43.00 -37.70 23.55
C GLY C 335 43.64 -36.32 23.54
N CYS C 336 44.01 -35.82 24.73
CA CYS C 336 44.66 -34.48 24.91
C CYS C 336 43.70 -33.37 24.39
N ASP C 337 42.42 -33.57 24.74
CA ASP C 337 41.28 -32.71 24.46
C ASP C 337 41.44 -31.42 25.21
N CYS C 338 42.05 -31.53 26.37
CA CYS C 338 42.20 -30.44 27.30
C CYS C 338 43.68 -30.30 27.60
N LYS C 339 44.29 -29.22 27.10
CA LYS C 339 45.70 -28.97 27.40
C LYS C 339 45.90 -28.09 28.65
N GLY C 340 46.90 -28.45 29.46
CA GLY C 340 47.28 -27.63 30.60
C GLY C 340 47.07 -28.40 31.89
N VAL C 341 46.94 -27.67 33.01
CA VAL C 341 46.71 -28.27 34.36
C VAL C 341 45.22 -28.39 34.65
N ILE C 342 44.70 -29.62 34.57
CA ILE C 342 43.29 -29.86 34.49
C ILE C 342 42.76 -30.48 35.77
N HIS C 343 41.55 -30.08 36.18
CA HIS C 343 40.72 -30.78 37.18
C HIS C 343 39.56 -31.52 36.44
N TYR C 344 39.41 -32.82 36.59
CA TYR C 344 38.37 -33.55 35.88
C TYR C 344 37.19 -33.87 36.77
N LEU C 345 35.98 -33.92 36.20
CA LEU C 345 34.85 -34.55 36.89
C LEU C 345 34.27 -35.74 36.13
N ASP C 346 33.81 -36.75 36.86
CA ASP C 346 33.26 -37.96 36.29
C ASP C 346 31.76 -37.83 36.27
N ALA C 347 31.11 -38.66 35.46
CA ALA C 347 29.68 -38.59 35.33
C ALA C 347 29.04 -39.94 35.64
N HIS C 348 27.91 -39.93 36.35
CA HIS C 348 27.32 -41.23 36.71
C HIS C 348 25.89 -41.39 36.20
N PHE C 349 25.63 -42.48 35.47
CA PHE C 349 24.31 -42.77 34.96
C PHE C 349 23.89 -44.15 35.35
N SER C 350 22.63 -44.49 35.03
CA SER C 350 22.19 -45.87 35.16
C SER C 350 22.25 -46.54 33.81
N ASP C 351 22.51 -47.83 33.76
CA ASP C 351 22.29 -48.55 32.52
C ASP C 351 20.89 -49.18 32.55
N ARG C 352 20.53 -50.01 31.55
CA ARG C 352 19.16 -50.54 31.40
C ARG C 352 18.83 -51.50 32.52
N ALA C 353 19.83 -52.20 33.02
CA ALA C 353 19.63 -53.13 34.12
C ALA C 353 19.51 -52.44 35.50
N GLY C 354 19.70 -51.11 35.57
CA GLY C 354 19.68 -50.46 36.88
C GLY C 354 21.02 -50.28 37.60
N ASP C 355 22.10 -50.80 37.03
CA ASP C 355 23.43 -50.57 37.56
C ASP C 355 24.07 -49.27 37.14
N PRO C 356 24.73 -48.60 38.10
CA PRO C 356 25.41 -47.34 37.81
C PRO C 356 26.52 -47.54 36.82
N ILE C 357 26.66 -46.63 35.87
CA ILE C 357 27.84 -46.61 35.02
C ILE C 357 28.54 -45.28 35.16
N THR C 358 29.86 -45.29 34.94
CA THR C 358 30.69 -44.07 35.05
C THR C 358 31.28 -43.74 33.68
N VAL C 359 31.26 -42.44 33.31
CA VAL C 359 32.11 -41.92 32.27
C VAL C 359 33.16 -41.09 33.01
N LYS C 360 34.41 -41.52 32.86
CA LYS C 360 35.56 -40.88 33.50
C LYS C 360 35.93 -39.59 32.79
N ASN C 361 36.31 -38.57 33.54
CA ASN C 361 36.73 -37.30 32.99
C ASN C 361 35.74 -36.73 31.96
N ALA C 362 34.47 -36.61 32.36
CA ALA C 362 33.42 -36.12 31.48
C ALA C 362 33.45 -34.60 31.36
N VAL C 363 33.99 -33.93 32.37
CA VAL C 363 34.04 -32.47 32.43
C VAL C 363 35.47 -32.03 32.76
N CYS C 364 35.97 -31.04 32.02
CA CYS C 364 37.32 -30.63 32.25
C CYS C 364 37.36 -29.16 32.57
N ILE C 365 38.08 -28.86 33.63
CA ILE C 365 38.11 -27.56 34.20
C ILE C 365 39.55 -27.10 34.22
N HIS C 366 39.80 -25.91 33.68
CA HIS C 366 41.13 -25.32 33.70
C HIS C 366 41.14 -23.84 33.45
N GLU C 367 42.24 -23.20 33.85
CA GLU C 367 42.39 -21.81 33.54
C GLU C 367 43.41 -21.58 32.40
N GLU C 368 43.18 -20.54 31.58
CA GLU C 368 44.06 -20.24 30.44
C GLU C 368 44.34 -18.76 30.24
N ASP C 369 45.41 -18.46 29.47
CA ASP C 369 45.72 -17.08 29.13
C ASP C 369 44.67 -16.66 28.16
N ASP C 370 44.24 -15.40 28.28
CA ASP C 370 43.27 -14.91 27.38
C ASP C 370 43.65 -13.55 26.80
N GLY C 371 44.93 -13.36 26.47
CA GLY C 371 45.44 -12.10 25.95
C GLY C 371 45.35 -10.97 26.96
N LEU C 372 45.06 -9.76 26.48
CA LEU C 372 44.98 -8.57 27.36
C LEU C 372 43.60 -8.42 28.00
N LEU C 373 43.57 -8.09 29.30
CA LEU C 373 42.38 -7.61 29.95
C LEU C 373 42.15 -6.11 29.65
N PHE C 374 43.22 -5.35 29.73
CA PHE C 374 43.18 -3.92 29.39
C PHE C 374 44.59 -3.33 29.36
N LYS C 375 44.67 -2.18 28.69
CA LYS C 375 45.92 -1.50 28.45
C LYS C 375 45.67 -0.02 28.19
N HIS C 376 46.49 0.84 28.78
CA HIS C 376 46.56 2.19 28.30
C HIS C 376 47.89 2.88 28.57
N SER C 377 48.36 3.61 27.56
CA SER C 377 49.56 4.45 27.64
C SER C 377 49.31 5.90 27.28
N ASP C 378 50.13 6.81 27.84
CA ASP C 378 50.03 8.25 27.56
C ASP C 378 51.02 8.58 26.44
N PHE C 379 50.56 9.21 25.36
CA PHE C 379 51.42 9.65 24.26
C PHE C 379 52.40 10.76 24.71
N ARG C 380 52.06 11.49 25.77
CA ARG C 380 52.85 12.66 26.10
C ARG C 380 54.32 12.32 26.38
N ASP C 381 54.61 11.07 26.73
CA ASP C 381 55.98 10.68 27.06
C ASP C 381 56.31 9.46 26.26
N ASN C 382 55.80 9.43 25.05
CA ASN C 382 55.99 8.30 24.19
C ASN C 382 55.61 6.95 24.75
N PHE C 383 54.52 6.92 25.52
CA PHE C 383 53.99 5.65 26.04
C PHE C 383 54.81 5.06 27.22
N ALA C 384 55.61 5.90 27.88
CA ALA C 384 56.34 5.50 29.06
C ALA C 384 55.38 5.31 30.22
N THR C 385 54.46 6.27 30.34
CA THR C 385 53.30 6.17 31.22
C THR C 385 52.43 5.09 30.57
N SER C 386 52.31 3.93 31.23
CA SER C 386 51.63 2.76 30.64
C SER C 386 51.24 1.72 31.70
N LEU C 387 49.99 1.24 31.57
CA LEU C 387 49.47 0.15 32.41
C LEU C 387 48.98 -1.02 31.56
N VAL C 388 49.44 -2.21 31.91
CA VAL C 388 49.05 -3.41 31.20
C VAL C 388 48.76 -4.54 32.16
N THR C 389 47.55 -5.08 32.05
CA THR C 389 47.11 -6.25 32.76
C THR C 389 46.72 -7.33 31.76
N ARG C 390 47.15 -8.55 32.02
CA ARG C 390 46.79 -9.67 31.21
C ARG C 390 45.58 -10.36 31.80
N ALA C 391 44.79 -10.99 30.95
CA ALA C 391 43.57 -11.67 31.35
C ALA C 391 43.75 -13.18 31.43
N THR C 392 43.09 -13.80 32.41
CA THR C 392 43.02 -15.24 32.54
C THR C 392 41.54 -15.60 32.36
N LYS C 393 41.26 -16.74 31.73
CA LYS C 393 39.86 -17.21 31.64
C LYS C 393 39.69 -18.58 32.30
N LEU C 394 38.51 -18.89 32.85
CA LEU C 394 38.30 -20.19 33.46
C LEU C 394 37.37 -20.99 32.57
N VAL C 395 37.83 -22.15 32.04
CA VAL C 395 37.07 -22.98 31.07
C VAL C 395 36.49 -24.25 31.75
N VAL C 396 35.17 -24.42 31.67
CA VAL C 396 34.52 -25.59 32.16
C VAL C 396 33.97 -26.22 30.88
N SER C 397 34.36 -27.43 30.53
CA SER C 397 34.05 -27.98 29.22
CA SER C 397 34.08 -27.97 29.22
C SER C 397 33.76 -29.47 29.20
N GLN C 398 33.11 -29.93 28.10
CA GLN C 398 32.79 -31.29 27.85
C GLN C 398 32.72 -31.35 26.35
N ILE C 399 32.80 -32.54 25.77
CA ILE C 399 32.70 -32.70 24.31
C ILE C 399 31.82 -33.91 24.09
N PHE C 400 30.74 -33.83 23.27
CA PHE C 400 29.90 -35.02 23.13
C PHE C 400 29.81 -35.46 21.67
N THR C 401 29.45 -36.73 21.49
CA THR C 401 29.46 -37.32 20.16
C THR C 401 28.08 -37.79 19.84
N ALA C 402 27.46 -37.19 18.81
CA ALA C 402 26.18 -37.64 18.32
C ALA C 402 26.42 -38.34 17.01
N ALA C 403 26.69 -39.64 17.07
CA ALA C 403 27.01 -40.46 15.88
C ALA C 403 28.16 -39.84 15.07
N ASN C 404 27.81 -39.08 14.04
CA ASN C 404 28.81 -38.46 13.20
C ASN C 404 29.34 -37.16 13.81
N GLU C 406 30.48 -33.95 16.41
CA GLU C 406 31.17 -33.74 17.66
C GLU C 406 30.84 -32.34 18.06
N TYR C 407 30.35 -32.18 19.27
CA TYR C 407 30.09 -30.86 19.81
C TYR C 407 30.97 -30.58 21.00
N CYS C 408 31.76 -29.53 20.98
CA CYS C 408 32.73 -29.28 22.02
C CYS C 408 32.16 -28.06 22.68
N LEU C 409 31.84 -28.11 23.98
CA LEU C 409 31.17 -26.97 24.64
C LEU C 409 32.06 -26.37 25.72
N TYR C 410 32.17 -25.05 25.78
CA TYR C 410 33.11 -24.47 26.70
C TYR C 410 32.44 -23.36 27.45
N TRP C 411 32.24 -23.54 28.75
CA TRP C 411 31.72 -22.43 29.52
C TRP C 411 32.92 -21.65 30.12
N VAL C 412 32.93 -20.34 29.95
CA VAL C 412 34.14 -19.53 30.06
C VAL C 412 33.76 -18.34 30.94
N PHE C 413 34.55 -18.07 31.97
CA PHE C 413 34.30 -16.99 32.92
C PHE C 413 35.49 -16.09 32.73
N MET C 414 35.24 -14.78 32.72
CA MET C 414 36.28 -13.83 32.39
C MET C 414 36.47 -12.80 33.51
N GLN C 415 37.55 -12.05 33.46
CA GLN C 415 37.97 -11.31 34.66
C GLN C 415 37.36 -9.93 34.72
N ASP C 416 36.58 -9.62 33.70
CA ASP C 416 35.80 -8.40 33.70
C ASP C 416 34.40 -8.72 34.15
N GLY C 417 34.20 -9.94 34.64
CA GLY C 417 32.86 -10.35 35.09
C GLY C 417 31.90 -10.95 34.05
N ALA C 418 32.36 -11.15 32.82
CA ALA C 418 31.48 -11.67 31.78
C ALA C 418 31.55 -13.20 31.76
N ILE C 419 30.56 -13.83 31.11
CA ILE C 419 30.47 -15.29 30.98
C ILE C 419 30.14 -15.51 29.52
N ARG C 420 30.86 -16.42 28.88
CA ARG C 420 30.77 -16.64 27.44
C ARG C 420 30.47 -18.13 27.26
N LEU C 421 29.61 -18.51 26.33
CA LEU C 421 29.58 -19.90 25.92
C LEU C 421 30.21 -20.03 24.52
N ASP C 422 31.27 -20.83 24.41
CA ASP C 422 31.89 -21.15 23.13
C ASP C 422 31.58 -22.58 22.75
N ILE C 423 31.24 -22.79 21.48
CA ILE C 423 30.98 -24.15 20.99
C ILE C 423 31.86 -24.32 19.75
N ARG C 424 32.52 -25.47 19.62
CA ARG C 424 33.18 -25.76 18.38
C ARG C 424 32.52 -26.99 17.78
N LEU C 425 32.16 -26.87 16.54
CA LEU C 425 31.51 -27.96 15.84
C LEU C 425 32.54 -28.75 15.04
N THR C 426 32.64 -30.06 15.28
CA THR C 426 33.55 -30.84 14.45
C THR C 426 32.94 -32.23 14.17
N GLY C 427 33.76 -33.23 13.85
CA GLY C 427 33.24 -34.54 13.49
C GLY C 427 33.05 -34.65 12.00
N ILE C 428 32.09 -35.45 11.56
CA ILE C 428 31.87 -35.80 10.14
C ILE C 428 30.48 -35.38 9.69
N LEU C 429 30.38 -34.82 8.50
CA LEU C 429 29.10 -34.57 7.85
C LEU C 429 28.18 -35.80 7.76
N ASN C 430 26.86 -35.59 7.95
CA ASN C 430 25.88 -36.62 7.63
C ASN C 430 25.88 -36.67 6.13
N THR C 431 25.96 -37.86 5.56
CA THR C 431 25.99 -37.98 4.11
C THR C 431 24.89 -38.92 3.63
N TYR C 432 24.44 -38.68 2.41
CA TYR C 432 23.54 -39.58 1.75
C TYR C 432 24.16 -39.88 0.39
N ILE C 433 23.71 -40.93 -0.27
CA ILE C 433 24.33 -41.33 -1.51
C ILE C 433 23.91 -40.38 -2.65
N LEU C 434 24.77 -40.24 -3.67
CA LEU C 434 24.52 -39.43 -4.82
C LEU C 434 24.87 -40.27 -6.03
N GLY C 435 23.95 -40.44 -6.97
CA GLY C 435 24.21 -41.11 -8.27
C GLY C 435 25.31 -40.41 -9.09
N ASP C 436 25.86 -41.12 -10.07
CA ASP C 436 26.95 -40.59 -10.90
C ASP C 436 26.54 -39.29 -11.63
N ASP C 437 25.38 -39.36 -12.28
CA ASP C 437 24.90 -38.15 -12.95
CA ASP C 437 24.80 -38.21 -12.98
C ASP C 437 23.74 -37.45 -12.16
N GLU C 438 23.93 -37.30 -10.84
CA GLU C 438 22.91 -36.69 -10.00
C GLU C 438 23.47 -35.38 -9.43
N GLU C 439 22.65 -34.33 -9.37
CA GLU C 439 23.11 -33.04 -8.93
C GLU C 439 22.66 -32.94 -7.47
N ALA C 440 23.57 -32.60 -6.58
CA ALA C 440 23.29 -32.51 -5.15
C ALA C 440 22.43 -31.28 -4.88
N GLY C 441 22.75 -30.18 -5.58
CA GLY C 441 22.18 -28.85 -5.27
C GLY C 441 20.71 -28.92 -5.69
N PRO C 442 19.90 -28.05 -5.09
CA PRO C 442 20.33 -26.96 -4.19
C PRO C 442 20.31 -27.32 -2.73
N TRP C 443 19.96 -28.58 -2.44
CA TRP C 443 19.82 -29.00 -1.02
C TRP C 443 21.06 -29.60 -0.34
N GLY C 444 22.12 -29.79 -1.11
CA GLY C 444 23.36 -30.31 -0.57
C GLY C 444 24.53 -30.14 -1.56
N THR C 445 25.67 -30.74 -1.17
CA THR C 445 26.96 -30.55 -1.85
C THR C 445 27.60 -31.88 -2.15
N ARG C 446 28.04 -32.08 -3.40
CA ARG C 446 28.88 -33.24 -3.73
C ARG C 446 30.23 -32.99 -3.09
N VAL C 447 30.49 -33.58 -1.91
CA VAL C 447 31.77 -33.34 -1.24
C VAL C 447 32.82 -34.41 -1.52
N TYR C 448 32.44 -35.40 -2.32
CA TYR C 448 33.28 -36.52 -2.67
C TYR C 448 32.50 -37.32 -3.70
N PRO C 449 33.17 -38.12 -4.54
CA PRO C 449 32.30 -38.76 -5.53
C PRO C 449 31.21 -39.61 -4.91
N ASN C 450 30.00 -39.46 -5.45
CA ASN C 450 28.85 -40.17 -4.93
C ASN C 450 28.40 -39.77 -3.51
N VAL C 451 28.79 -38.60 -3.02
CA VAL C 451 28.49 -38.30 -1.59
C VAL C 451 27.81 -36.98 -1.59
N ASN C 452 26.62 -36.93 -0.97
CA ASN C 452 25.79 -35.75 -0.93
C ASN C 452 25.66 -35.37 0.52
N ALA C 453 26.29 -34.25 0.90
CA ALA C 453 26.18 -33.75 2.24
C ALA C 453 25.09 -32.73 2.21
N HIS C 454 23.91 -33.04 2.79
CA HIS C 454 22.74 -32.12 2.79
C HIS C 454 22.92 -30.87 3.64
N ASN C 455 22.23 -29.80 3.21
CA ASN C 455 22.16 -28.57 4.00
C ASN C 455 21.49 -28.85 5.32
N HIS C 456 21.89 -28.10 6.34
CA HIS C 456 21.21 -28.19 7.61
C HIS C 456 21.46 -26.99 8.51
N GLN C 457 20.71 -26.88 9.63
CA GLN C 457 21.09 -25.85 10.59
C GLN C 457 21.46 -26.54 11.91
N HIS C 458 22.25 -25.90 12.75
CA HIS C 458 22.43 -26.42 14.05
C HIS C 458 21.98 -25.33 14.97
N LEU C 459 20.91 -25.57 15.73
CA LEU C 459 20.31 -24.57 16.62
C LEU C 459 20.25 -25.05 18.06
N PHE C 460 20.45 -24.14 19.03
CA PHE C 460 20.62 -24.55 20.43
C PHE C 460 19.76 -23.70 21.30
N SER C 461 19.30 -24.23 22.44
CA SER C 461 18.45 -23.38 23.28
C SER C 461 19.14 -23.15 24.61
N LEU C 462 19.71 -21.97 24.79
CA LEU C 462 20.37 -21.66 26.04
C LEU C 462 19.24 -21.34 27.05
N ARG C 463 19.15 -22.05 28.19
CA ARG C 463 18.21 -21.71 29.27
C ARG C 463 18.88 -20.97 30.41
N ILE C 464 18.47 -19.75 30.65
CA ILE C 464 19.07 -18.98 31.77
C ILE C 464 17.97 -18.68 32.78
N ASP C 465 18.19 -19.09 34.04
CA ASP C 465 17.31 -18.71 35.07
C ASP C 465 18.06 -17.60 35.78
N PRO C 466 17.75 -16.34 35.47
CA PRO C 466 18.58 -15.30 36.10
C PRO C 466 18.24 -14.97 37.56
N ARG C 467 19.15 -14.24 38.23
CA ARG C 467 18.90 -13.69 39.58
C ARG C 467 19.81 -12.48 39.67
N ILE C 468 19.69 -11.61 38.65
CA ILE C 468 20.55 -10.45 38.49
C ILE C 468 20.57 -9.57 39.80
N ASP C 469 21.66 -9.64 40.56
CA ASP C 469 21.81 -8.81 41.82
C ASP C 469 20.72 -9.12 42.84
N GLY C 470 20.22 -10.35 42.83
CA GLY C 470 18.99 -10.65 43.61
C GLY C 470 17.68 -11.03 42.87
N ASP C 471 16.56 -11.01 43.59
CA ASP C 471 15.23 -11.42 43.10
C ASP C 471 14.43 -10.28 42.51
N GLY C 472 13.69 -10.60 41.44
CA GLY C 472 12.88 -9.62 40.76
C GLY C 472 13.54 -9.11 39.49
N ASN C 473 13.22 -9.76 38.36
CA ASN C 473 14.01 -9.56 37.17
C ASN C 473 13.16 -9.21 35.98
N SER C 474 13.78 -8.67 34.95
CA SER C 474 13.10 -8.25 33.73
C SER C 474 14.06 -8.46 32.62
N ALA C 475 13.53 -8.35 31.42
CA ALA C 475 14.31 -8.53 30.23
C ALA C 475 13.86 -7.47 29.23
N ALA C 476 14.74 -7.03 28.35
CA ALA C 476 14.39 -5.97 27.41
C ALA C 476 15.15 -6.26 26.13
N ALA C 477 14.61 -5.86 24.96
CA ALA C 477 15.40 -5.77 23.71
C ALA C 477 16.04 -4.39 23.66
N CYS C 478 17.28 -4.33 23.21
CA CYS C 478 18.05 -3.10 23.08
C CYS C 478 18.48 -2.90 21.61
N ASP C 479 17.95 -1.81 21.04
CA ASP C 479 18.10 -1.46 19.64
C ASP C 479 18.81 -0.12 19.46
N ALA C 480 19.91 -0.11 18.73
CA ALA C 480 20.56 1.13 18.28
C ALA C 480 19.67 1.88 17.23
N LYS C 481 19.40 3.16 17.45
CA LYS C 481 18.56 3.94 16.54
C LYS C 481 19.07 5.34 16.34
N SER C 482 19.01 5.85 15.11
CA SER C 482 19.28 7.29 14.91
C SER C 482 18.20 8.13 15.60
N SER C 483 18.55 9.35 16.04
CA SER C 483 17.50 10.28 16.43
C SER C 483 16.35 10.33 15.39
N PRO C 484 15.06 10.40 15.81
CA PRO C 484 14.00 10.54 14.79
C PRO C 484 13.96 12.00 14.18
N TYR C 485 14.60 12.96 14.86
CA TYR C 485 14.83 14.29 14.28
C TYR C 485 15.73 14.28 13.07
N PRO C 486 15.35 15.02 12.00
CA PRO C 486 16.12 14.98 10.75
C PRO C 486 17.37 15.85 10.74
N LEU C 487 18.28 15.53 9.82
CA LEU C 487 19.44 16.41 9.52
C LEU C 487 19.03 17.85 9.29
N GLY C 488 19.76 18.77 9.89
CA GLY C 488 19.42 20.16 9.73
C GLY C 488 18.43 20.75 10.73
N SER C 489 17.84 19.93 11.62
CA SER C 489 16.95 20.45 12.66
C SER C 489 17.76 20.93 13.89
N PRO C 490 17.18 21.82 14.71
CA PRO C 490 17.86 22.24 15.96
C PRO C 490 18.37 21.08 16.82
N GLU C 491 17.57 20.01 16.83
CA GLU C 491 17.77 18.83 17.68
C GLU C 491 18.82 17.85 17.13
N ASN C 492 19.20 17.97 15.88
CA ASN C 492 20.09 16.98 15.24
C ASN C 492 20.70 17.68 14.02
N MET C 493 21.36 18.81 14.27
CA MET C 493 21.82 19.71 13.25
C MET C 493 22.65 19.06 12.19
N TYR C 494 23.56 18.17 12.59
CA TYR C 494 24.50 17.53 11.72
C TYR C 494 24.17 16.03 11.49
N GLY C 495 23.00 15.56 11.95
CA GLY C 495 22.53 14.18 11.58
C GLY C 495 23.26 13.00 12.25
N ASN C 496 23.99 13.32 13.32
CA ASN C 496 24.81 12.33 14.00
C ASN C 496 24.20 11.72 15.23
N ALA C 497 23.11 12.27 15.73
CA ALA C 497 22.54 11.80 17.04
C ALA C 497 22.09 10.36 16.96
N PHE C 498 22.42 9.54 17.96
CA PHE C 498 21.77 8.20 18.03
C PHE C 498 21.73 7.79 19.45
N TYR C 499 20.85 6.84 19.75
CA TYR C 499 20.61 6.42 21.18
C TYR C 499 20.25 4.94 21.13
N SER C 500 20.21 4.32 22.32
CA SER C 500 19.69 2.94 22.56
C SER C 500 18.21 2.92 22.99
N GLU C 501 17.33 2.39 22.15
CA GLU C 501 15.92 2.25 22.53
C GLU C 501 15.81 0.94 23.25
N LYS C 502 15.44 0.99 24.53
CA LYS C 502 15.26 -0.20 25.34
C LYS C 502 13.77 -0.50 25.39
N THR C 503 13.36 -1.72 25.04
CA THR C 503 11.94 -2.10 25.09
C THR C 503 11.72 -3.14 26.15
N THR C 504 11.22 -2.76 27.33
CA THR C 504 11.06 -3.74 28.40
C THR C 504 9.91 -4.66 28.06
N PHE C 505 10.13 -5.98 28.09
CA PHE C 505 9.03 -6.97 27.89
C PHE C 505 8.05 -6.95 29.07
N LYS C 506 6.77 -6.66 28.85
CA LYS C 506 5.81 -6.65 29.97
C LYS C 506 5.15 -8.00 30.07
N THR C 507 4.78 -8.60 28.94
CA THR C 507 4.19 -9.93 28.98
C THR C 507 4.97 -10.93 28.12
N VAL C 508 4.79 -12.23 28.34
CA VAL C 508 5.48 -13.20 27.54
C VAL C 508 5.54 -12.80 26.03
N LYS C 509 4.39 -12.43 25.50
CA LYS C 509 4.31 -12.10 24.10
C LYS C 509 5.33 -11.03 23.71
N ASP C 510 5.52 -9.99 24.53
CA ASP C 510 6.46 -8.93 24.15
C ASP C 510 7.90 -9.43 23.84
N SER C 511 8.25 -10.54 24.47
CA SER C 511 9.59 -11.07 24.48
C SER C 511 9.95 -11.85 23.25
N LEU C 512 8.96 -12.33 22.48
CA LEU C 512 9.24 -13.20 21.34
C LEU C 512 9.87 -12.35 20.23
N THR C 513 11.21 -12.29 20.25
CA THR C 513 12.07 -11.40 19.45
C THR C 513 13.30 -12.15 18.74
N ASN C 514 13.73 -11.63 17.60
CA ASN C 514 14.89 -12.13 16.93
C ASN C 514 16.03 -11.16 16.96
N TYR C 515 17.22 -11.69 16.72
CA TYR C 515 18.37 -10.88 16.44
C TYR C 515 18.02 -10.01 15.25
N GLU C 516 18.36 -8.74 15.32
CA GLU C 516 18.14 -7.82 14.21
C GLU C 516 19.46 -7.08 13.96
N SER C 517 20.01 -7.32 12.78
CA SER C 517 21.25 -6.67 12.35
C SER C 517 21.03 -5.18 12.06
N ALA C 518 19.81 -4.82 11.71
CA ALA C 518 19.50 -3.45 11.38
C ALA C 518 19.57 -2.50 12.59
N THR C 519 19.53 -3.07 13.79
CA THR C 519 19.58 -2.31 15.03
C THR C 519 20.72 -2.72 15.98
N GLY C 520 21.55 -3.70 15.58
CA GLY C 520 22.58 -4.19 16.50
C GLY C 520 21.98 -4.67 17.84
N ARG C 521 20.86 -5.38 17.73
CA ARG C 521 20.05 -5.74 18.90
C ARG C 521 20.86 -6.53 19.92
N SER C 522 20.77 -6.13 21.18
CA SER C 522 21.18 -7.02 22.26
C SER C 522 19.99 -7.12 23.19
N TRP C 523 20.09 -7.94 24.25
CA TRP C 523 19.03 -8.07 25.25
C TRP C 523 19.63 -7.87 26.63
N ASP C 524 18.88 -7.16 27.46
CA ASP C 524 19.32 -7.04 28.84
C ASP C 524 18.52 -8.00 29.66
N ILE C 525 19.18 -8.58 30.67
CA ILE C 525 18.45 -9.24 31.73
C ILE C 525 18.83 -8.38 32.93
N PHE C 526 17.86 -7.73 33.58
CA PHE C 526 18.20 -6.69 34.61
C PHE C 526 17.31 -6.71 35.91
N ASN C 527 17.67 -5.91 36.92
CA ASN C 527 16.91 -5.92 38.14
C ASN C 527 16.32 -4.56 38.39
N PRO C 528 15.03 -4.42 38.06
CA PRO C 528 14.39 -3.07 38.16
C PRO C 528 14.21 -2.46 39.56
N ASN C 529 14.53 -3.23 40.59
CA ASN C 529 14.38 -2.78 41.96
C ASN C 529 15.62 -1.99 42.40
N LYS C 530 16.69 -1.98 41.56
CA LYS C 530 18.01 -1.42 41.92
C LYS C 530 18.57 -0.50 40.82
N VAL C 531 19.42 0.44 41.24
CA VAL C 531 19.97 1.52 40.42
C VAL C 531 21.49 1.54 40.56
N ASN C 532 22.19 1.71 39.46
CA ASN C 532 23.57 2.00 39.51
C ASN C 532 23.77 3.47 39.99
N PRO C 533 24.46 3.68 41.11
CA PRO C 533 24.55 5.06 41.62
C PRO C 533 25.23 6.01 40.66
N TYR C 534 26.09 5.50 39.79
CA TYR C 534 26.64 6.38 38.78
C TYR C 534 25.69 6.68 37.62
N SER C 535 25.34 5.65 36.82
CA SER C 535 24.61 5.84 35.57
C SER C 535 23.08 6.01 35.72
N GLY C 536 22.51 5.66 36.87
CA GLY C 536 21.05 5.67 37.05
C GLY C 536 20.31 4.52 36.35
N LYS C 537 21.05 3.55 35.82
CA LYS C 537 20.39 2.46 35.12
C LYS C 537 20.29 1.21 36.04
N PRO C 538 19.25 0.37 35.86
CA PRO C 538 19.18 -0.88 36.59
C PRO C 538 20.48 -1.67 36.38
N PRO C 539 20.90 -2.49 37.37
CA PRO C 539 22.07 -3.36 37.09
C PRO C 539 21.59 -4.52 36.18
N SER C 540 22.49 -5.01 35.34
CA SER C 540 22.06 -5.86 34.25
C SER C 540 23.18 -6.75 33.77
N TYR C 541 22.80 -7.90 33.19
CA TYR C 541 23.65 -8.72 32.36
C TYR C 541 23.02 -8.69 30.98
N LYS C 542 23.83 -8.31 29.98
CA LYS C 542 23.40 -8.04 28.63
C LYS C 542 23.83 -9.25 27.77
N LEU C 543 22.93 -9.86 27.04
CA LEU C 543 23.23 -10.90 26.15
C LEU C 543 23.63 -10.23 24.80
N VAL C 544 24.86 -10.53 24.38
CA VAL C 544 25.47 -10.08 23.14
C VAL C 544 25.66 -11.33 22.27
N SER C 545 24.96 -11.45 21.19
CA SER C 545 24.89 -12.72 20.50
C SER C 545 24.42 -12.39 19.11
N THR C 546 25.23 -12.69 18.10
CA THR C 546 24.82 -12.41 16.73
C THR C 546 24.73 -13.72 15.91
N GLN C 547 25.15 -14.85 16.45
CA GLN C 547 24.94 -16.06 15.62
C GLN C 547 23.55 -16.58 15.88
N CYS C 548 22.60 -15.97 15.18
CA CYS C 548 21.21 -16.17 15.48
C CYS C 548 20.38 -16.47 14.22
N PRO C 549 20.57 -17.65 13.65
CA PRO C 549 19.85 -17.91 12.36
C PRO C 549 18.35 -17.83 12.55
N PRO C 550 17.66 -17.23 11.63
CA PRO C 550 16.22 -17.55 11.60
C PRO C 550 16.01 -19.02 11.39
N LEU C 551 14.86 -19.52 11.79
CA LEU C 551 14.49 -20.90 11.49
C LEU C 551 14.03 -21.03 10.04
N LEU C 552 14.69 -21.83 9.24
CA LEU C 552 14.35 -21.88 7.83
C LEU C 552 13.13 -22.78 7.47
N ALA C 553 12.92 -23.88 8.17
CA ALA C 553 11.68 -24.63 8.03
C ALA C 553 10.46 -23.71 8.16
N LYS C 554 9.48 -23.98 7.33
CA LYS C 554 8.29 -23.17 7.34
C LYS C 554 7.45 -23.27 8.62
N GLU C 555 6.70 -22.22 8.89
CA GLU C 555 5.57 -22.31 9.79
C GLU C 555 4.64 -23.51 9.55
N GLY C 556 4.47 -24.28 10.62
CA GLY C 556 3.56 -25.38 10.65
C GLY C 556 4.21 -26.63 10.13
N SER C 557 5.53 -26.59 9.92
CA SER C 557 6.24 -27.83 9.49
C SER C 557 6.59 -28.66 10.70
N LEU C 558 6.74 -29.97 10.48
CA LEU C 558 7.38 -30.83 11.42
C LEU C 558 8.44 -30.12 12.29
N VAL C 559 9.45 -29.56 11.64
CA VAL C 559 10.52 -28.91 12.39
C VAL C 559 10.00 -27.76 13.30
N ALA C 560 9.18 -26.85 12.80
CA ALA C 560 8.82 -25.67 13.61
C ALA C 560 7.89 -26.09 14.73
N LYS C 561 7.09 -27.15 14.49
CA LYS C 561 6.21 -27.72 15.52
C LYS C 561 6.90 -28.46 16.71
N ARG C 562 7.90 -29.29 16.42
CA ARG C 562 8.56 -29.97 17.49
C ARG C 562 9.56 -29.05 18.20
N ALA C 563 10.00 -27.96 17.57
CA ALA C 563 10.87 -26.95 18.27
C ALA C 563 10.25 -25.56 18.33
N PRO C 564 9.17 -25.39 19.11
CA PRO C 564 8.49 -24.08 19.20
C PRO C 564 9.40 -23.03 19.75
N TRP C 565 10.44 -23.39 20.49
CA TRP C 565 11.42 -22.38 20.99
C TRP C 565 12.31 -21.79 19.85
N ALA C 566 12.46 -22.54 18.77
CA ALA C 566 13.50 -22.21 17.77
C ALA C 566 13.09 -21.11 16.79
N SER C 567 11.83 -20.68 16.79
CA SER C 567 11.44 -19.68 15.80
CA SER C 567 11.47 -19.68 15.79
C SER C 567 11.67 -18.29 16.34
N HIS C 568 12.11 -18.17 17.56
CA HIS C 568 12.50 -16.81 18.02
C HIS C 568 13.86 -16.92 18.64
N SER C 569 14.68 -15.86 18.56
CA SER C 569 16.00 -15.86 19.15
C SER C 569 15.83 -15.87 20.66
N VAL C 570 14.80 -15.17 21.12
CA VAL C 570 14.56 -15.01 22.50
C VAL C 570 13.08 -15.35 22.88
N ASN C 571 12.90 -16.20 23.89
CA ASN C 571 11.64 -16.45 24.58
C ASN C 571 11.76 -16.26 26.14
N VAL C 572 10.95 -15.41 26.74
CA VAL C 572 11.00 -15.19 28.18
C VAL C 572 9.63 -15.65 28.75
N VAL C 573 9.66 -16.46 29.83
CA VAL C 573 8.42 -16.97 30.41
C VAL C 573 8.52 -16.92 31.93
N PRO C 574 7.38 -16.91 32.63
CA PRO C 574 7.49 -16.97 34.09
C PRO C 574 8.27 -18.23 34.55
N TYR C 575 9.00 -18.10 35.66
CA TYR C 575 9.57 -19.30 36.31
C TYR C 575 8.50 -20.26 36.87
N LYS C 576 8.65 -21.54 36.63
CA LYS C 576 8.04 -22.52 37.51
C LYS C 576 9.04 -23.60 37.69
N ASP C 577 8.80 -24.44 38.67
CA ASP C 577 9.63 -25.56 38.92
C ASP C 577 9.47 -26.57 37.78
N ASN C 578 10.58 -27.22 37.45
CA ASN C 578 10.53 -28.29 36.47
CA ASN C 578 10.62 -28.26 36.44
C ASN C 578 10.10 -27.79 35.08
N ARG C 579 10.55 -26.61 34.69
CA ARG C 579 10.38 -26.00 33.36
C ARG C 579 11.74 -25.94 32.70
N LEU C 580 12.18 -27.10 32.18
CA LEU C 580 13.56 -27.30 31.80
C LEU C 580 13.69 -27.30 30.32
N TYR C 581 12.92 -28.19 29.67
CA TYR C 581 13.10 -28.72 28.32
C TYR C 581 12.00 -28.21 27.35
N PRO C 582 12.33 -27.20 26.51
CA PRO C 582 11.30 -26.46 25.76
C PRO C 582 10.67 -27.24 24.60
N SER C 583 11.15 -28.44 24.30
CA SER C 583 10.43 -29.26 23.30
C SER C 583 9.75 -30.40 24.07
N GLY C 584 9.59 -30.19 25.38
CA GLY C 584 8.81 -31.24 26.12
C GLY C 584 9.66 -32.30 26.81
N ASP C 585 9.07 -33.06 27.72
CA ASP C 585 9.91 -33.98 28.53
C ASP C 585 10.30 -35.24 27.77
N HIS C 586 9.50 -35.73 26.85
CA HIS C 586 9.84 -36.99 26.14
C HIS C 586 9.78 -36.70 24.69
N VAL C 587 10.95 -36.49 24.11
CA VAL C 587 10.97 -35.84 22.82
C VAL C 587 10.79 -36.78 21.61
N PRO C 588 11.51 -37.93 21.55
CA PRO C 588 11.36 -38.68 20.30
C PRO C 588 9.94 -38.94 19.91
N GLN C 589 9.67 -38.78 18.60
CA GLN C 589 8.36 -39.23 18.00
C GLN C 589 7.13 -38.40 18.39
N TRP C 590 7.32 -37.34 19.19
CA TRP C 590 6.23 -36.40 19.40
C TRP C 590 6.04 -35.69 18.06
N SER C 591 4.81 -35.56 17.58
CA SER C 591 4.50 -34.92 16.30
C SER C 591 4.56 -33.39 16.31
N GLY C 592 4.57 -32.78 17.50
CA GLY C 592 4.76 -31.33 17.61
C GLY C 592 3.36 -30.78 17.80
N ASP C 593 2.34 -31.65 17.72
CA ASP C 593 1.01 -31.19 18.18
C ASP C 593 0.76 -31.27 19.71
N GLY C 594 0.33 -30.17 20.28
CA GLY C 594 -0.05 -30.27 21.67
C GLY C 594 0.52 -29.15 22.49
N VAL C 595 -0.08 -28.87 23.65
CA VAL C 595 0.38 -27.73 24.46
C VAL C 595 1.41 -28.29 25.48
N ARG C 596 2.69 -28.36 25.12
CA ARG C 596 3.72 -28.84 26.05
C ARG C 596 5.01 -28.02 25.84
N GLY C 597 5.97 -28.10 26.74
CA GLY C 597 7.25 -27.36 26.55
C GLY C 597 7.07 -25.86 26.44
N MET C 598 7.84 -25.25 25.50
CA MET C 598 7.69 -23.78 25.22
C MET C 598 6.26 -23.36 24.85
N ARG C 599 5.58 -24.19 24.04
CA ARG C 599 4.24 -23.80 23.66
C ARG C 599 3.29 -23.65 24.92
N GLU C 600 3.39 -24.58 25.87
CA GLU C 600 2.64 -24.48 27.14
C GLU C 600 3.12 -23.30 27.96
N TRP C 601 4.42 -23.07 28.05
CA TRP C 601 4.93 -21.93 28.85
C TRP C 601 4.55 -20.56 28.27
N ILE C 602 4.55 -20.39 26.96
CA ILE C 602 4.06 -19.14 26.40
C ILE C 602 2.53 -19.00 26.67
N GLY C 603 1.77 -20.09 26.50
CA GLY C 603 0.31 -20.02 26.64
C GLY C 603 -0.27 -19.03 25.64
N ASP C 604 -1.13 -18.15 26.14
CA ASP C 604 -1.74 -17.16 25.30
C ASP C 604 -0.84 -15.87 25.21
N GLY C 605 0.36 -15.93 25.75
CA GLY C 605 1.31 -14.78 25.69
C GLY C 605 0.98 -13.66 26.66
N SER C 606 -0.07 -13.81 27.46
CA SER C 606 -0.48 -12.70 28.33
C SER C 606 0.19 -12.57 29.70
N GLU C 607 0.93 -13.59 30.18
CA GLU C 607 1.41 -13.58 31.58
C GLU C 607 2.52 -12.55 31.86
N ASN C 608 2.51 -11.94 33.05
CA ASN C 608 3.52 -10.93 33.34
C ASN C 608 4.89 -11.57 33.37
N ILE C 609 5.88 -10.90 32.80
CA ILE C 609 7.29 -11.23 32.99
C ILE C 609 8.08 -9.99 33.52
N ASP C 610 7.41 -8.96 34.00
CA ASP C 610 8.17 -7.77 34.37
C ASP C 610 8.32 -7.79 35.90
N ASN C 611 9.56 -7.75 36.39
CA ASN C 611 9.90 -7.72 37.84
C ASN C 611 9.32 -8.92 38.61
N THR C 612 9.69 -10.11 38.17
CA THR C 612 9.24 -11.36 38.77
C THR C 612 10.33 -12.42 38.57
N ASP C 613 10.04 -13.69 38.79
CA ASP C 613 10.99 -14.74 38.54
C ASP C 613 10.72 -15.17 37.09
N ILE C 614 11.71 -15.01 36.22
CA ILE C 614 11.56 -15.33 34.81
C ILE C 614 12.55 -16.44 34.36
N LEU C 615 12.21 -17.11 33.24
CA LEU C 615 13.16 -17.92 32.51
C LEU C 615 13.40 -17.33 31.07
N PHE C 616 14.67 -17.15 30.74
CA PHE C 616 15.09 -16.60 29.46
C PHE C 616 15.71 -17.71 28.62
N PHE C 617 15.02 -18.15 27.59
CA PHE C 617 15.52 -19.13 26.65
C PHE C 617 15.99 -18.42 25.32
N HIS C 618 17.21 -18.71 24.84
CA HIS C 618 17.85 -18.00 23.76
C HIS C 618 18.21 -18.99 22.67
N THR C 619 17.67 -18.79 21.48
CA THR C 619 17.99 -19.69 20.38
C THR C 619 19.22 -19.12 19.68
N PHE C 620 20.23 -19.95 19.37
CA PHE C 620 21.40 -19.47 18.64
C PHE C 620 21.96 -20.67 17.94
N GLY C 621 22.85 -20.47 16.99
CA GLY C 621 23.47 -21.56 16.26
C GLY C 621 23.98 -21.11 14.90
N ILE C 622 24.06 -22.06 13.98
CA ILE C 622 24.58 -21.76 12.64
C ILE C 622 23.73 -22.34 11.53
N THR C 623 23.90 -21.81 10.32
CA THR C 623 23.42 -22.51 9.13
C THR C 623 24.60 -23.06 8.33
N HIS C 624 24.52 -24.35 8.00
CA HIS C 624 25.65 -25.11 7.47
C HIS C 624 25.42 -25.61 5.99
N PHE C 625 26.11 -24.96 5.07
CA PHE C 625 26.02 -25.34 3.66
C PHE C 625 27.33 -26.09 3.42
N PRO C 626 27.28 -27.42 3.29
CA PRO C 626 28.58 -28.14 3.40
C PRO C 626 29.56 -27.83 2.25
N ALA C 627 30.85 -27.88 2.52
CA ALA C 627 31.81 -27.70 1.39
C ALA C 627 32.84 -28.79 1.39
N PRO C 628 33.63 -28.91 0.34
CA PRO C 628 34.53 -30.11 0.51
C PRO C 628 35.62 -30.01 1.62
N GLU C 629 35.98 -28.78 2.08
CA GLU C 629 36.85 -28.61 3.26
C GLU C 629 36.35 -29.39 4.49
N ASP C 630 35.05 -29.69 4.50
CA ASP C 630 34.42 -30.29 5.65
C ASP C 630 34.58 -31.80 5.68
N PHE C 631 35.06 -32.37 4.58
CA PHE C 631 35.02 -33.82 4.41
C PHE C 631 36.47 -34.30 4.21
N PRO C 632 36.78 -35.55 4.61
CA PRO C 632 35.96 -36.53 5.34
C PRO C 632 35.82 -36.29 6.85
N LEU C 633 36.50 -35.28 7.39
CA LEU C 633 36.46 -34.93 8.82
C LEU C 633 36.56 -33.40 8.84
N MET C 634 35.67 -32.70 9.56
CA MET C 634 35.55 -31.26 9.40
CA MET C 634 35.52 -31.27 9.41
CA MET C 634 35.52 -31.27 9.42
C MET C 634 36.34 -30.41 10.43
N PRO C 635 37.05 -29.36 9.95
CA PRO C 635 37.66 -28.50 10.96
C PRO C 635 36.65 -27.81 11.85
N ALA C 636 37.01 -27.68 13.12
CA ALA C 636 36.29 -26.88 14.09
C ALA C 636 35.64 -25.63 13.53
N GLU C 637 34.32 -25.52 13.72
CA GLU C 637 33.61 -24.30 13.35
C GLU C 637 33.09 -23.68 14.65
N PRO C 638 33.38 -22.38 14.90
CA PRO C 638 33.05 -21.70 16.16
C PRO C 638 31.66 -21.07 16.18
N ILE C 639 31.04 -21.09 17.36
CA ILE C 639 29.83 -20.38 17.69
C ILE C 639 30.20 -19.80 19.08
N THR C 640 29.84 -18.54 19.32
CA THR C 640 30.00 -17.99 20.63
C THR C 640 28.85 -17.08 20.99
N LEU C 641 28.62 -16.91 22.29
CA LEU C 641 27.72 -15.87 22.82
C LEU C 641 28.23 -15.44 24.13
N MET C 642 27.88 -14.22 24.52
CA MET C 642 28.43 -13.66 25.70
C MET C 642 27.34 -13.03 26.55
N LEU C 643 27.51 -13.08 27.86
CA LEU C 643 26.69 -12.32 28.75
C LEU C 643 27.58 -11.34 29.59
N ARG C 644 27.42 -10.03 29.37
CA ARG C 644 28.36 -8.96 29.92
C ARG C 644 27.74 -8.13 31.02
N PRO C 645 28.48 -7.88 32.11
CA PRO C 645 27.84 -6.93 33.07
C PRO C 645 27.83 -5.50 32.52
N ARG C 646 26.67 -4.85 32.57
CA ARG C 646 26.49 -3.44 32.13
C ARG C 646 25.67 -2.75 33.21
N HIS C 647 26.25 -1.70 33.79
CA HIS C 647 25.70 -1.02 34.98
C HIS C 647 25.56 -1.93 36.15
N PHE C 648 26.19 -3.10 36.09
CA PHE C 648 26.25 -3.97 37.28
C PHE C 648 27.25 -3.42 38.27
N PHE C 649 28.42 -3.04 37.76
CA PHE C 649 29.43 -2.46 38.63
C PHE C 649 29.45 -0.96 38.45
N THR C 650 30.10 -0.27 39.39
CA THR C 650 30.28 1.17 39.27
C THR C 650 31.58 1.57 38.62
N GLU C 651 32.50 0.61 38.43
CA GLU C 651 33.71 0.81 37.61
C GLU C 651 34.21 -0.54 37.16
N ASN C 652 35.15 -0.54 36.19
CA ASN C 652 35.83 -1.74 35.80
C ASN C 652 36.23 -2.58 37.01
N PRO C 653 35.74 -3.84 37.09
CA PRO C 653 35.92 -4.72 38.25
C PRO C 653 37.28 -5.43 38.30
N GLY C 654 38.03 -5.40 37.19
CA GLY C 654 39.36 -6.03 37.14
C GLY C 654 40.54 -5.14 37.54
N LEU C 655 40.27 -3.94 38.05
CA LEU C 655 41.38 -3.00 38.36
C LEU C 655 42.26 -3.37 39.59
N ASP C 656 41.75 -4.22 40.48
CA ASP C 656 42.57 -4.69 41.58
C ASP C 656 43.39 -5.91 41.20
N ILE C 657 43.34 -6.37 39.96
CA ILE C 657 44.26 -7.41 39.49
C ILE C 657 45.63 -6.81 39.21
N GLN C 658 46.70 -7.45 39.69
CA GLN C 658 48.09 -6.96 39.54
C GLN C 658 48.42 -6.86 38.07
N PRO C 659 48.83 -5.65 37.63
CA PRO C 659 49.30 -5.41 36.27
C PRO C 659 50.47 -6.32 35.91
N SER C 660 50.61 -6.63 34.62
CA SER C 660 51.77 -7.34 34.08
C SER C 660 52.91 -6.34 34.03
N TYR C 661 52.56 -5.07 33.80
CA TYR C 661 53.47 -3.91 33.78
C TYR C 661 52.70 -2.66 34.15
N ALA C 662 53.39 -1.75 34.82
CA ALA C 662 52.81 -0.45 35.14
C ALA C 662 53.88 0.54 35.54
N MET C 663 53.85 1.70 34.87
CA MET C 663 54.75 2.77 35.16
C MET C 663 53.95 4.02 35.15
N THR C 664 53.94 4.76 36.27
CA THR C 664 53.31 6.10 36.32
C THR C 664 54.12 7.18 35.62
N THR C 665 53.56 8.37 35.53
CA THR C 665 54.22 9.49 34.84
C THR C 665 55.40 10.00 35.68
N SER C 666 55.19 10.18 36.98
CA SER C 666 56.30 10.49 37.91
C SER C 666 57.41 9.42 37.88
N GLU C 667 57.02 8.14 37.92
CA GLU C 667 57.98 7.04 37.80
C GLU C 667 58.79 7.11 36.51
N ALA C 668 58.15 7.60 35.45
CA ALA C 668 58.78 7.68 34.15
C ALA C 668 59.77 8.84 34.05
N LYS C 669 59.40 9.98 34.65
CA LYS C 669 60.22 11.20 34.69
C LYS C 669 61.49 10.94 35.49
N ARG C 670 61.33 10.39 36.68
CA ARG C 670 62.46 10.10 37.57
C ARG C 670 63.19 8.81 37.14
N ALA C 671 62.74 8.19 36.05
CA ALA C 671 63.48 7.06 35.48
C ALA C 671 64.35 7.60 34.35
N VAL C 672 65.37 8.37 34.70
CA VAL C 672 66.25 8.98 33.68
C VAL C 672 65.54 10.02 32.82
N PRO D 18 70.92 5.04 -2.53
CA PRO D 18 71.04 4.11 -1.39
C PRO D 18 71.31 2.64 -1.79
N ALA D 19 71.14 1.74 -0.80
CA ALA D 19 71.26 0.31 -1.00
C ALA D 19 69.85 -0.26 -1.18
N ARG D 20 69.76 -1.31 -2.00
CA ARG D 20 68.47 -1.98 -2.30
C ARG D 20 68.02 -3.07 -1.31
N PRO D 21 66.72 -3.03 -0.89
CA PRO D 21 66.09 -4.21 -0.23
C PRO D 21 65.77 -5.40 -1.19
N ALA D 22 66.02 -6.64 -0.74
CA ALA D 22 65.73 -7.88 -1.51
C ALA D 22 64.32 -7.90 -2.13
N HIS D 23 63.32 -7.70 -1.25
CA HIS D 23 61.89 -7.76 -1.58
C HIS D 23 61.24 -6.41 -1.92
N PRO D 24 60.62 -6.32 -3.08
CA PRO D 24 60.03 -5.09 -3.57
C PRO D 24 58.98 -4.44 -2.63
N LEU D 25 58.44 -5.22 -1.69
CA LEU D 25 57.42 -4.76 -0.76
C LEU D 25 57.93 -4.34 0.59
N ASP D 26 59.23 -4.50 0.83
CA ASP D 26 59.78 -4.11 2.13
C ASP D 26 59.58 -2.62 2.36
N PRO D 27 59.10 -2.26 3.54
CA PRO D 27 59.00 -0.86 3.89
C PRO D 27 60.39 -0.20 3.80
N LEU D 28 60.44 1.11 3.47
CA LEU D 28 61.70 1.85 3.30
C LEU D 28 62.68 1.74 4.48
N SER D 29 63.96 1.52 4.17
CA SER D 29 65.02 1.55 5.19
C SER D 29 65.26 2.98 5.75
N THR D 30 65.95 3.11 6.89
CA THR D 30 66.23 4.42 7.48
C THR D 30 67.05 5.23 6.50
N ALA D 31 67.93 4.53 5.79
CA ALA D 31 68.81 5.15 4.79
C ALA D 31 68.00 5.53 3.56
N GLU D 32 67.04 4.68 3.18
CA GLU D 32 66.08 5.03 2.12
C GLU D 32 65.24 6.24 2.50
N ILE D 33 64.78 6.32 3.75
CA ILE D 33 64.09 7.54 4.19
C ILE D 33 64.99 8.79 4.03
N LYS D 34 66.25 8.69 4.48
CA LYS D 34 67.20 9.81 4.44
C LYS D 34 67.59 10.23 3.02
N ALA D 35 67.74 9.25 2.12
CA ALA D 35 67.99 9.55 0.71
C ALA D 35 66.84 10.37 0.11
N ALA D 36 65.61 10.00 0.49
CA ALA D 36 64.42 10.67 -0.06
C ALA D 36 64.31 12.09 0.45
N THR D 37 64.48 12.30 1.74
CA THR D 37 64.41 13.65 2.29
C THR D 37 65.52 14.57 1.74
N ASN D 38 66.74 14.03 1.59
CA ASN D 38 67.86 14.79 1.01
C ASN D 38 67.49 15.25 -0.41
N THR D 39 66.97 14.30 -1.19
CA THR D 39 66.52 14.53 -2.57
C THR D 39 65.48 15.64 -2.66
N VAL D 40 64.40 15.51 -1.88
CA VAL D 40 63.32 16.47 -1.83
C VAL D 40 63.84 17.85 -1.41
N LYS D 41 64.56 17.88 -0.27
CA LYS D 41 65.10 19.12 0.33
C LYS D 41 65.88 19.99 -0.63
N SER D 42 66.67 19.34 -1.47
CA SER D 42 67.44 20.08 -2.43
C SER D 42 66.71 20.34 -3.77
N TYR D 43 65.75 19.49 -4.15
CA TYR D 43 64.84 19.85 -5.24
C TYR D 43 64.15 21.16 -4.87
N PHE D 44 63.77 21.29 -3.61
CA PHE D 44 63.15 22.51 -3.08
C PHE D 44 64.16 23.45 -2.44
N ALA D 45 65.21 23.78 -3.19
CA ALA D 45 66.38 24.45 -2.60
C ALA D 45 66.08 25.84 -2.05
N GLY D 46 66.63 26.10 -0.86
CA GLY D 46 66.47 27.38 -0.15
C GLY D 46 65.03 27.83 0.08
N LYS D 47 64.11 26.87 0.17
CA LYS D 47 62.75 27.07 0.71
C LYS D 47 62.67 26.29 2.02
N LYS D 48 62.07 26.86 3.06
CA LYS D 48 61.94 26.09 4.29
C LYS D 48 60.72 25.18 4.20
N ILE D 49 60.97 23.91 3.93
CA ILE D 49 59.94 22.90 3.97
C ILE D 49 60.03 22.10 5.24
N SER D 50 59.02 21.26 5.47
CA SER D 50 59.05 20.35 6.61
C SER D 50 58.31 19.11 6.17
N PHE D 51 58.45 18.03 6.94
CA PHE D 51 58.12 16.71 6.43
C PHE D 51 56.93 16.10 7.15
N ASN D 52 55.90 15.83 6.38
CA ASN D 52 54.70 15.20 6.91
C ASN D 52 54.69 13.64 6.81
N THR D 53 55.06 13.11 5.66
CA THR D 53 54.98 11.69 5.38
C THR D 53 56.18 11.33 4.48
N VAL D 54 56.91 10.25 4.77
CA VAL D 54 57.83 9.67 3.76
C VAL D 54 57.75 8.18 3.90
N THR D 55 57.30 7.54 2.84
CA THR D 55 56.88 6.17 2.93
C THR D 55 57.02 5.49 1.58
N LEU D 56 57.10 4.17 1.57
CA LEU D 56 57.17 3.43 0.30
C LEU D 56 55.95 3.68 -0.63
N ARG D 57 56.22 3.91 -1.91
CA ARG D 57 55.19 3.80 -2.92
C ARG D 57 55.29 2.36 -3.45
N GLU D 58 54.33 1.50 -3.12
CA GLU D 58 54.36 0.11 -3.57
C GLU D 58 54.35 0.07 -5.12
N PRO D 59 55.00 -0.95 -5.75
CA PRO D 59 54.96 -1.11 -7.23
C PRO D 59 53.57 -1.35 -7.70
N ALA D 60 53.29 -1.03 -8.95
CA ALA D 60 52.02 -1.42 -9.61
C ALA D 60 51.78 -2.93 -9.37
N ARG D 61 50.53 -3.28 -9.08
CA ARG D 61 50.09 -4.68 -8.93
C ARG D 61 50.64 -5.56 -10.05
N LYS D 62 50.57 -5.05 -11.27
CA LYS D 62 50.88 -5.87 -12.46
C LYS D 62 52.41 -6.07 -12.58
N ALA D 63 53.16 -5.03 -12.24
CA ALA D 63 54.59 -5.08 -12.34
C ALA D 63 55.10 -6.07 -11.29
N TYR D 64 54.53 -5.97 -10.07
CA TYR D 64 54.89 -6.86 -8.99
C TYR D 64 54.68 -8.29 -9.38
N ILE D 65 53.50 -8.60 -9.86
CA ILE D 65 53.22 -9.97 -10.27
C ILE D 65 54.16 -10.43 -11.44
N GLN D 66 54.52 -9.56 -12.35
CA GLN D 66 55.36 -9.98 -13.49
C GLN D 66 56.73 -10.32 -12.94
N TRP D 67 57.20 -9.57 -11.95
CA TRP D 67 58.52 -9.83 -11.35
C TRP D 67 58.51 -11.16 -10.60
N LYS D 68 57.46 -11.36 -9.83
CA LYS D 68 57.32 -12.53 -8.99
C LYS D 68 57.18 -13.77 -9.85
N GLU D 69 56.44 -13.70 -10.94
CA GLU D 69 56.00 -14.95 -11.58
C GLU D 69 56.35 -15.11 -13.04
N GLN D 70 56.74 -14.01 -13.69
CA GLN D 70 56.94 -13.98 -15.15
C GLN D 70 58.34 -13.48 -15.56
N GLY D 71 59.35 -13.75 -14.73
CA GLY D 71 60.71 -13.22 -14.89
C GLY D 71 60.95 -11.73 -15.11
N GLY D 72 59.94 -10.89 -14.88
CA GLY D 72 60.03 -9.46 -15.14
C GLY D 72 61.03 -8.73 -14.24
N PRO D 73 61.26 -7.43 -14.50
CA PRO D 73 62.23 -6.69 -13.73
C PRO D 73 61.76 -6.32 -12.34
N LEU D 74 62.72 -6.22 -11.44
CA LEU D 74 62.55 -5.59 -10.13
C LEU D 74 62.03 -4.16 -10.29
N PRO D 75 60.80 -3.89 -9.77
CA PRO D 75 60.29 -2.53 -9.93
C PRO D 75 61.22 -1.52 -9.28
N PRO D 76 61.22 -0.27 -9.81
CA PRO D 76 62.06 0.72 -9.19
C PRO D 76 61.62 1.00 -7.76
N ARG D 77 62.58 1.33 -6.93
CA ARG D 77 62.26 1.63 -5.58
C ARG D 77 61.88 3.10 -5.47
N LEU D 78 60.67 3.40 -4.97
CA LEU D 78 60.06 4.74 -5.03
C LEU D 78 59.60 5.23 -3.66
N ALA D 79 59.85 6.47 -3.30
CA ALA D 79 59.31 6.97 -2.05
C ALA D 79 58.26 8.02 -2.36
N TYR D 80 57.15 7.99 -1.61
CA TYR D 80 56.09 8.98 -1.66
C TYR D 80 56.31 9.94 -0.52
N TYR D 81 56.14 11.22 -0.78
CA TYR D 81 56.34 12.22 0.25
C TYR D 81 55.25 13.30 0.28
N VAL D 82 55.11 13.90 1.43
CA VAL D 82 54.16 14.96 1.60
C VAL D 82 54.92 15.93 2.49
N ILE D 83 54.92 17.19 2.07
CA ILE D 83 55.60 18.28 2.78
C ILE D 83 54.74 19.52 2.91
N LEU D 84 55.01 20.29 3.97
CA LEU D 84 54.52 21.65 4.15
C LEU D 84 55.65 22.65 3.80
N GLU D 85 55.29 23.81 3.27
CA GLU D 85 56.23 24.95 3.19
C GLU D 85 55.67 26.13 3.96
N ALA D 86 56.47 26.76 4.81
CA ALA D 86 56.08 28.01 5.48
C ALA D 86 55.50 29.01 4.49
N GLY D 87 54.44 29.70 4.91
CA GLY D 87 53.71 30.66 4.06
C GLY D 87 52.97 30.07 2.85
N LYS D 88 52.75 28.76 2.86
CA LYS D 88 52.03 28.19 1.72
C LYS D 88 50.84 27.31 2.17
N PRO D 89 49.64 27.63 1.64
CA PRO D 89 48.45 26.86 1.99
C PRO D 89 48.57 25.38 1.60
N GLY D 90 48.13 24.48 2.45
CA GLY D 90 48.02 23.07 2.06
C GLY D 90 49.34 22.36 2.08
N VAL D 91 49.55 21.49 1.09
CA VAL D 91 50.73 20.63 1.08
C VAL D 91 51.25 20.48 -0.34
N LYS D 92 52.46 19.89 -0.43
CA LYS D 92 53.01 19.37 -1.70
C LYS D 92 53.26 17.91 -1.47
N GLU D 93 53.07 17.12 -2.51
CA GLU D 93 53.29 15.68 -2.44
C GLU D 93 54.08 15.30 -3.71
N GLY D 94 54.73 14.15 -3.71
CA GLY D 94 55.25 13.61 -4.95
C GLY D 94 55.96 12.30 -4.69
N LEU D 95 56.79 11.93 -5.67
CA LEU D 95 57.45 10.66 -5.74
C LEU D 95 58.94 10.89 -5.96
N VAL D 96 59.79 10.19 -5.19
CA VAL D 96 61.23 10.21 -5.45
C VAL D 96 61.64 8.88 -6.02
N ASP D 97 62.32 8.88 -7.18
CA ASP D 97 63.01 7.66 -7.67
C ASP D 97 64.33 7.55 -6.93
N LEU D 98 64.46 6.49 -6.12
CA LEU D 98 65.59 6.39 -5.18
C LEU D 98 66.91 6.03 -5.87
N ALA D 99 66.85 5.13 -6.84
CA ALA D 99 68.06 4.69 -7.48
C ALA D 99 68.79 5.90 -8.05
N SER D 100 68.05 6.83 -8.63
CA SER D 100 68.64 7.97 -9.34
C SER D 100 68.63 9.23 -8.51
N LEU D 101 68.30 9.07 -7.23
CA LEU D 101 68.15 10.20 -6.30
C LEU D 101 67.42 11.45 -6.87
N SER D 102 66.31 11.24 -7.57
CA SER D 102 65.58 12.39 -8.14
C SER D 102 64.05 12.42 -7.86
N VAL D 103 63.50 13.63 -7.79
CA VAL D 103 62.06 13.87 -7.70
C VAL D 103 61.49 13.64 -9.09
N ILE D 104 60.66 12.62 -9.27
CA ILE D 104 60.19 12.32 -10.60
C ILE D 104 58.73 12.71 -10.80
N GLU D 105 58.06 13.16 -9.74
CA GLU D 105 56.65 13.55 -9.82
C GLU D 105 56.27 14.44 -8.66
N THR D 106 55.69 15.60 -8.93
CA THR D 106 55.44 16.57 -7.90
C THR D 106 54.19 17.38 -8.14
N ARG D 107 53.37 17.59 -7.12
CA ARG D 107 52.24 18.53 -7.27
C ARG D 107 51.89 19.24 -6.01
N ALA D 108 51.26 20.38 -6.19
CA ALA D 108 50.86 21.22 -5.09
C ALA D 108 49.35 21.12 -4.89
N LEU D 109 48.98 20.97 -3.61
CA LEU D 109 47.62 20.72 -3.18
C LEU D 109 47.26 21.78 -2.13
N GLU D 110 46.70 22.90 -2.59
CA GLU D 110 46.59 24.06 -1.70
C GLU D 110 45.34 23.97 -0.80
N THR D 111 44.44 23.03 -1.15
CA THR D 111 43.15 22.99 -0.50
C THR D 111 42.90 21.72 0.32
N VAL D 112 43.96 21.02 0.72
CA VAL D 112 43.84 19.84 1.54
C VAL D 112 44.66 20.01 2.82
N GLN D 113 44.33 19.21 3.81
CA GLN D 113 45.16 19.16 4.97
C GLN D 113 45.57 17.73 5.13
N PRO D 114 46.81 17.51 5.63
CA PRO D 114 47.32 16.14 5.77
C PRO D 114 47.24 15.58 7.18
N ILE D 115 47.49 14.26 7.26
CA ILE D 115 47.58 13.50 8.47
C ILE D 115 48.39 14.24 9.59
N LEU D 116 47.91 14.21 10.84
CA LEU D 116 48.65 14.88 11.92
C LEU D 116 49.70 13.92 12.45
N THR D 117 50.98 14.29 12.37
CA THR D 117 52.09 13.45 12.88
C THR D 117 52.23 13.52 14.39
N VAL D 118 53.15 12.72 14.93
CA VAL D 118 53.45 12.77 16.35
C VAL D 118 53.80 14.21 16.79
N GLU D 119 54.61 14.89 15.99
CA GLU D 119 55.09 16.24 16.35
C GLU D 119 54.01 17.30 16.36
N ASP D 120 53.03 17.15 15.45
CA ASP D 120 51.88 18.06 15.37
C ASP D 120 51.04 18.05 16.62
N LEU D 121 50.85 16.87 17.20
CA LEU D 121 50.15 16.71 18.46
C LEU D 121 50.96 17.22 19.66
N CYS D 122 52.28 17.08 19.63
CA CYS D 122 53.11 17.37 20.80
CA CYS D 122 53.24 17.42 20.73
C CYS D 122 53.04 18.83 21.24
N SER D 123 52.97 19.79 20.32
CA SER D 123 53.05 21.16 20.75
C SER D 123 51.74 21.84 21.07
N THR D 124 50.61 21.17 20.83
CA THR D 124 49.29 21.81 21.07
C THR D 124 49.08 22.21 22.55
N GLU D 125 49.46 21.34 23.48
CA GLU D 125 49.29 21.56 24.95
C GLU D 125 49.92 22.89 25.42
N GLU D 126 51.15 23.12 24.98
CA GLU D 126 51.91 24.25 25.42
C GLU D 126 51.35 25.53 24.79
N VAL D 127 50.81 25.39 23.58
CA VAL D 127 50.04 26.49 23.00
C VAL D 127 48.84 26.88 23.90
N ILE D 128 48.02 25.91 24.32
CA ILE D 128 46.79 26.31 25.04
C ILE D 128 47.11 26.76 26.45
N ARG D 129 48.08 26.09 27.11
CA ARG D 129 48.64 26.53 28.41
C ARG D 129 49.12 27.97 28.44
N ASN D 130 49.74 28.43 27.35
CA ASN D 130 50.20 29.83 27.20
C ASN D 130 49.26 30.86 26.51
N ASP D 131 48.07 30.42 26.06
CA ASP D 131 47.10 31.39 25.49
C ASP D 131 46.30 32.14 26.59
N PRO D 132 46.23 33.50 26.49
CA PRO D 132 45.46 34.32 27.48
C PRO D 132 43.95 34.09 27.49
N ALA D 133 43.35 33.89 26.32
CA ALA D 133 41.91 33.56 26.27
C ALA D 133 41.73 32.19 26.92
N VAL D 134 42.61 31.27 26.61
CA VAL D 134 42.45 29.95 27.20
C VAL D 134 42.59 30.06 28.71
N ILE D 135 43.64 30.76 29.14
CA ILE D 135 43.90 30.95 30.57
C ILE D 135 42.65 31.50 31.28
N GLU D 136 42.09 32.59 30.76
CA GLU D 136 40.86 33.15 31.28
C GLU D 136 39.72 32.14 31.43
N GLN D 137 39.50 31.30 30.39
CA GLN D 137 38.54 30.20 30.52
C GLN D 137 38.87 29.20 31.63
N CYS D 138 40.13 28.81 31.75
CA CYS D 138 40.56 28.07 32.91
C CYS D 138 40.22 28.75 34.23
N VAL D 139 40.35 30.09 34.31
CA VAL D 139 40.04 30.83 35.55
C VAL D 139 38.53 30.91 35.80
N LEU D 140 37.74 31.20 34.78
CA LEU D 140 36.28 31.11 34.92
C LEU D 140 35.83 29.71 35.29
N SER D 141 36.63 28.71 34.91
CA SER D 141 36.30 27.29 35.16
C SER D 141 36.70 26.77 36.52
N GLY D 142 37.46 27.57 37.26
CA GLY D 142 37.71 27.30 38.66
C GLY D 142 39.11 26.78 38.87
N ILE D 143 39.96 26.97 37.85
CA ILE D 143 41.34 26.64 38.01
C ILE D 143 42.22 27.91 37.85
N PRO D 144 42.94 28.29 38.93
CA PRO D 144 43.72 29.53 38.95
C PRO D 144 44.81 29.56 37.89
N ALA D 145 45.16 30.76 37.47
CA ALA D 145 46.06 30.99 36.34
C ALA D 145 47.51 30.48 36.56
N ASN D 146 47.97 30.60 37.80
CA ASN D 146 49.25 29.99 38.22
C ASN D 146 49.23 28.44 38.28
N GLU D 147 48.11 27.81 37.92
CA GLU D 147 48.03 26.35 37.89
C GLU D 147 47.87 25.81 36.49
N MET D 148 48.31 26.58 35.49
CA MET D 148 48.11 26.18 34.10
C MET D 148 48.81 24.88 33.73
N HIS D 149 49.76 24.46 34.57
CA HIS D 149 50.49 23.19 34.40
C HIS D 149 49.63 21.93 34.60
N LYS D 150 48.48 22.11 35.29
CA LYS D 150 47.51 21.03 35.59
C LYS D 150 46.50 20.78 34.46
N VAL D 151 46.59 21.63 33.45
CA VAL D 151 45.68 21.59 32.33
C VAL D 151 46.28 20.87 31.14
N TYR D 152 45.52 19.94 30.61
CA TYR D 152 46.00 19.07 29.57
C TYR D 152 45.01 19.08 28.40
N CYS D 153 45.41 18.56 27.24
CA CYS D 153 44.47 18.39 26.19
C CYS D 153 44.80 17.27 25.26
N ASP D 154 43.75 16.68 24.68
CA ASP D 154 43.91 15.75 23.58
C ASP D 154 43.69 16.55 22.33
N PRO D 155 44.76 16.68 21.53
CA PRO D 155 44.67 17.60 20.40
C PRO D 155 44.18 16.80 19.20
N TRP D 156 42.94 16.99 18.81
CA TRP D 156 42.36 16.25 17.72
C TRP D 156 42.49 17.11 16.46
N THR D 157 42.57 16.49 15.29
CA THR D 157 42.15 17.27 14.16
C THR D 157 40.78 17.88 14.54
N ILE D 158 40.58 19.13 14.12
CA ILE D 158 39.26 19.73 14.10
C ILE D 158 38.25 18.84 13.28
N GLY D 159 38.78 17.99 12.39
CA GLY D 159 37.91 17.00 11.74
C GLY D 159 37.26 17.65 10.53
N TYR D 160 36.20 18.40 10.80
CA TYR D 160 35.66 19.34 9.85
C TYR D 160 34.86 20.43 10.59
N ASP D 161 35.21 21.70 10.34
CA ASP D 161 34.38 22.81 10.77
C ASP D 161 34.10 23.71 9.56
N GLU D 162 32.83 23.96 9.30
CA GLU D 162 32.40 24.76 8.14
C GLU D 162 32.78 26.24 8.28
N ARG D 163 33.32 26.66 9.40
CA ARG D 163 33.72 28.08 9.53
C ARG D 163 35.03 28.37 8.84
N TRP D 164 35.85 27.32 8.71
CA TRP D 164 37.20 27.43 8.16
C TRP D 164 37.54 26.52 6.97
N GLY D 165 36.73 25.45 6.70
CA GLY D 165 37.07 24.60 5.57
C GLY D 165 38.48 24.06 5.72
N THR D 166 39.27 23.99 4.65
CA THR D 166 40.68 23.56 4.74
C THR D 166 41.57 24.80 4.65
N GLY D 167 41.05 25.98 4.94
CA GLY D 167 41.78 27.24 4.72
C GLY D 167 42.93 27.50 5.65
N LYS D 168 42.93 26.86 6.80
CA LYS D 168 44.00 26.92 7.76
C LYS D 168 44.11 25.48 8.22
N ARG D 169 45.28 25.05 8.69
CA ARG D 169 45.38 23.68 9.23
C ARG D 169 44.95 23.78 10.69
N LEU D 170 43.90 23.03 11.11
CA LEU D 170 43.43 23.18 12.50
C LEU D 170 43.31 21.92 13.42
N GLN D 171 43.41 22.17 14.72
CA GLN D 171 43.15 21.19 15.76
C GLN D 171 42.15 21.75 16.73
N GLN D 172 41.34 20.84 17.30
CA GLN D 172 40.45 21.18 18.40
C GLN D 172 41.12 20.56 19.62
N ALA D 173 41.24 21.32 20.68
CA ALA D 173 41.88 20.78 21.89
C ALA D 173 40.83 20.35 22.93
N LEU D 174 40.61 19.04 23.10
CA LEU D 174 39.69 18.57 24.15
C LEU D 174 40.45 18.70 25.48
N VAL D 175 39.90 19.49 26.41
CA VAL D 175 40.62 19.96 27.56
C VAL D 175 40.23 19.17 28.82
N TYR D 176 41.24 18.84 29.61
CA TYR D 176 41.13 18.07 30.85
C TYR D 176 41.98 18.70 31.95
N TYR D 177 41.77 18.26 33.19
CA TYR D 177 42.49 18.78 34.38
C TYR D 177 43.04 17.63 35.22
N ARG D 178 44.29 17.76 35.66
CA ARG D 178 44.90 16.75 36.56
C ARG D 178 45.20 17.36 37.93
N SER D 179 44.85 16.72 39.03
CA SER D 179 45.31 17.21 40.38
C SER D 179 46.80 16.90 40.56
N ASP D 180 47.15 15.72 40.08
CA ASP D 180 48.51 15.25 40.18
C ASP D 180 48.85 14.65 38.81
N GLU D 181 50.10 14.81 38.39
CA GLU D 181 50.52 14.36 37.08
C GLU D 181 50.24 12.89 36.79
N ASP D 182 50.02 12.10 37.84
CA ASP D 182 49.80 10.67 37.72
C ASP D 182 48.31 10.33 37.66
N ASP D 183 47.44 11.33 37.73
CA ASP D 183 46.00 11.13 37.56
C ASP D 183 45.69 10.66 36.12
N SER D 184 44.59 9.95 35.96
CA SER D 184 43.99 9.83 34.66
C SER D 184 43.03 11.02 34.53
N GLN D 185 43.29 11.86 33.53
CA GLN D 185 42.59 13.14 33.40
C GLN D 185 41.14 13.03 33.01
N TYR D 186 40.75 11.88 32.45
CA TYR D 186 39.43 11.76 31.82
C TYR D 186 38.23 11.87 32.76
N SER D 187 38.50 11.93 34.07
CA SER D 187 37.43 12.19 35.02
C SER D 187 37.12 13.66 35.12
N HIS D 188 37.93 14.48 34.45
CA HIS D 188 37.86 15.92 34.68
C HIS D 188 38.00 16.82 33.41
N PRO D 189 37.16 16.57 32.38
CA PRO D 189 37.03 17.47 31.26
C PRO D 189 36.61 18.86 31.69
N LEU D 190 37.06 19.85 30.94
CA LEU D 190 36.52 21.17 31.05
C LEU D 190 35.42 21.38 30.03
N ASP D 191 34.77 22.52 30.09
CA ASP D 191 33.54 22.67 29.33
C ASP D 191 33.75 23.23 27.96
N PHE D 192 34.95 23.60 27.64
CA PHE D 192 35.17 24.44 26.47
C PHE D 192 36.21 23.85 25.54
N CYS D 193 36.23 24.37 24.30
CA CYS D 193 37.00 23.78 23.23
C CYS D 193 37.78 24.79 22.38
N PRO D 194 39.10 24.95 22.66
CA PRO D 194 39.98 25.83 21.85
C PRO D 194 40.31 25.25 20.48
N ILE D 195 40.27 26.14 19.47
CA ILE D 195 40.63 25.83 18.11
C ILE D 195 42.01 26.42 17.90
N VAL D 196 42.91 25.62 17.35
CA VAL D 196 44.30 25.90 17.20
C VAL D 196 44.75 25.79 15.74
N ASP D 197 45.35 26.86 15.25
CA ASP D 197 46.07 26.87 13.97
C ASP D 197 47.41 26.16 14.19
N THR D 198 47.52 24.99 13.57
CA THR D 198 48.60 24.04 13.79
C THR D 198 49.98 24.63 13.41
N GLU D 199 50.06 25.27 12.24
CA GLU D 199 51.30 25.85 11.72
C GLU D 199 51.70 27.17 12.38
N GLU D 200 50.74 27.99 12.78
CA GLU D 200 51.06 29.27 13.45
C GLU D 200 51.35 29.02 14.93
N LYS D 201 50.90 27.90 15.47
CA LYS D 201 51.04 27.57 16.90
C LYS D 201 50.33 28.65 17.72
N LYS D 202 49.10 28.93 17.34
CA LYS D 202 48.27 29.80 18.14
C LYS D 202 46.78 29.50 18.16
N VAL D 203 46.16 29.92 19.26
CA VAL D 203 44.77 29.69 19.47
C VAL D 203 43.96 30.74 18.71
N ILE D 204 43.10 30.28 17.80
CA ILE D 204 42.35 31.23 16.94
C ILE D 204 40.87 31.42 17.32
N PHE D 205 40.33 30.50 18.13
CA PHE D 205 38.93 30.57 18.56
C PHE D 205 38.72 29.66 19.78
N ILE D 206 37.74 29.95 20.62
CA ILE D 206 37.36 29.00 21.66
C ILE D 206 35.86 28.76 21.62
N ASP D 207 35.42 27.52 21.40
CA ASP D 207 33.99 27.22 21.38
C ASP D 207 33.54 27.19 22.82
N ILE D 208 32.55 27.99 23.15
CA ILE D 208 32.16 28.11 24.55
C ILE D 208 30.71 27.83 24.72
N PRO D 209 30.36 26.92 25.62
CA PRO D 209 28.93 26.62 25.73
C PRO D 209 28.08 27.73 26.44
N ASN D 210 26.77 27.72 26.18
CA ASN D 210 25.82 28.63 26.85
C ASN D 210 25.74 28.48 28.36
N ARG D 211 25.64 27.22 28.79
CA ARG D 211 25.65 26.85 30.20
C ARG D 211 27.10 26.46 30.53
N ARG D 212 27.79 27.28 31.32
CA ARG D 212 29.09 26.93 31.90
C ARG D 212 29.02 25.77 32.93
N ARG D 213 30.06 24.93 32.96
CA ARG D 213 30.21 23.86 33.94
C ARG D 213 31.65 23.97 34.38
N LYS D 214 31.86 24.46 35.61
CA LYS D 214 33.18 24.58 36.20
C LYS D 214 33.73 23.19 36.45
N VAL D 215 35.06 23.10 36.64
CA VAL D 215 35.70 21.82 36.86
C VAL D 215 35.14 21.02 38.04
N SER D 216 35.03 19.70 37.84
CA SER D 216 34.55 18.78 38.88
C SER D 216 35.44 18.86 40.11
N LYS D 217 34.82 18.80 41.28
CA LYS D 217 35.65 18.88 42.53
C LYS D 217 35.82 17.53 43.17
N HIS D 218 35.19 16.49 42.59
CA HIS D 218 35.44 15.08 42.98
C HIS D 218 36.89 14.64 42.79
N LYS D 219 37.30 13.62 43.56
CA LYS D 219 38.59 12.97 43.34
C LYS D 219 38.63 12.45 41.90
N HIS D 220 39.85 12.27 41.40
CA HIS D 220 40.09 11.69 40.11
C HIS D 220 39.85 10.18 40.11
N ALA D 221 39.24 9.69 39.03
CA ALA D 221 38.98 8.27 38.84
C ALA D 221 40.23 7.54 38.34
N ASN D 222 41.04 7.04 39.25
CA ASN D 222 42.35 6.50 38.87
C ASN D 222 42.46 4.99 38.89
N PHE D 223 43.52 4.46 38.34
CA PHE D 223 43.57 3.01 38.11
C PHE D 223 44.95 2.34 38.31
N TYR D 224 45.97 3.08 38.77
CA TYR D 224 47.26 2.44 39.10
C TYR D 224 47.16 1.71 40.45
N PRO D 225 48.02 0.69 40.69
CA PRO D 225 47.93 -0.02 41.96
C PRO D 225 47.92 0.91 43.19
N LYS D 226 48.84 1.87 43.25
CA LYS D 226 48.81 2.80 44.37
C LYS D 226 47.46 3.47 44.46
N HIS D 227 46.83 3.75 43.32
CA HIS D 227 45.48 4.33 43.40
C HIS D 227 44.45 3.37 43.91
N MET D 228 44.57 2.10 43.52
CA MET D 228 43.56 1.11 43.88
C MET D 228 43.69 0.66 45.38
N ILE D 229 44.90 0.76 45.90
CA ILE D 229 45.09 0.50 47.32
C ILE D 229 44.23 1.50 48.13
N GLU D 230 44.32 2.78 47.80
CA GLU D 230 43.49 3.76 48.50
C GLU D 230 42.00 3.53 48.30
N LYS D 231 41.60 3.12 47.12
CA LYS D 231 40.17 3.03 46.81
C LYS D 231 39.48 1.76 47.41
N VAL D 232 40.14 0.61 47.37
CA VAL D 232 39.47 -0.63 47.84
C VAL D 232 40.25 -1.42 48.94
N GLY D 233 41.34 -0.82 49.45
CA GLY D 233 42.13 -1.39 50.56
C GLY D 233 43.43 -2.04 50.14
N ALA D 234 43.41 -2.78 49.04
CA ALA D 234 44.51 -3.66 48.66
C ALA D 234 44.32 -4.17 47.24
N MET D 235 45.43 -4.50 46.58
CA MET D 235 45.37 -5.26 45.35
C MET D 235 45.11 -6.72 45.66
N ARG D 236 44.61 -7.43 44.65
CA ARG D 236 44.60 -8.89 44.67
C ARG D 236 46.05 -9.44 44.72
N PRO D 237 46.24 -10.56 45.43
CA PRO D 237 47.58 -11.17 45.41
C PRO D 237 47.97 -11.69 44.02
N GLU D 238 49.25 -11.57 43.67
CA GLU D 238 49.74 -12.16 42.44
C GLU D 238 49.19 -13.59 42.28
N ALA D 239 48.73 -13.91 41.07
CA ALA D 239 48.22 -15.24 40.81
C ALA D 239 49.37 -16.14 40.43
N PRO D 240 49.25 -17.44 40.73
CA PRO D 240 50.25 -18.43 40.30
C PRO D 240 50.43 -18.30 38.78
N PRO D 241 51.69 -18.23 38.30
CA PRO D 241 51.98 -17.95 36.91
C PRO D 241 51.51 -19.02 35.95
N ILE D 242 51.25 -18.62 34.71
CA ILE D 242 50.95 -19.59 33.65
C ILE D 242 52.05 -19.41 32.67
N ASN D 243 52.85 -20.46 32.47
CA ASN D 243 54.06 -20.36 31.65
C ASN D 243 53.97 -21.08 30.31
N VAL D 244 54.45 -20.39 29.29
CA VAL D 244 54.43 -20.90 27.94
C VAL D 244 55.82 -20.85 27.35
N THR D 245 56.32 -22.03 26.98
CA THR D 245 57.70 -22.16 26.52
C THR D 245 57.69 -22.93 25.23
N GLN D 246 58.65 -22.63 24.37
CA GLN D 246 58.87 -23.42 23.17
C GLN D 246 60.35 -23.85 23.12
N PRO D 247 60.67 -25.04 23.70
CA PRO D 247 62.06 -25.44 23.88
C PRO D 247 62.78 -25.81 22.57
N GLU D 248 62.02 -26.33 21.60
CA GLU D 248 62.51 -26.62 20.26
C GLU D 248 62.37 -25.47 19.31
N GLY D 249 61.99 -24.30 19.80
CA GLY D 249 61.78 -23.14 18.93
C GLY D 249 60.38 -23.10 18.33
N VAL D 250 60.27 -22.40 17.21
CA VAL D 250 58.99 -22.13 16.54
C VAL D 250 58.85 -22.88 15.19
N SER D 251 57.62 -23.10 14.71
CA SER D 251 57.44 -23.82 13.45
C SER D 251 57.36 -22.87 12.25
N PHE D 252 57.38 -21.57 12.51
CA PHE D 252 57.43 -20.64 11.41
C PHE D 252 58.86 -20.29 11.01
N LYS D 253 59.08 -20.02 9.72
CA LYS D 253 60.33 -19.52 9.23
C LYS D 253 60.12 -18.14 8.61
N MET D 254 60.83 -17.13 9.17
CA MET D 254 61.00 -15.81 8.56
C MET D 254 62.36 -15.63 7.86
N THR D 255 62.26 -15.24 6.57
CA THR D 255 63.34 -14.82 5.69
C THR D 255 63.09 -13.35 5.37
N GLY D 256 63.83 -12.45 6.01
CA GLY D 256 63.51 -11.01 5.95
C GLY D 256 62.11 -10.68 6.47
N ASN D 257 61.26 -10.12 5.60
CA ASN D 257 59.86 -9.85 5.96
C ASN D 257 58.89 -10.95 5.47
N VAL D 258 59.38 -11.93 4.73
CA VAL D 258 58.52 -13.00 4.20
C VAL D 258 58.32 -14.05 5.29
N MET D 259 57.07 -14.47 5.45
CA MET D 259 56.70 -15.45 6.43
C MET D 259 56.27 -16.76 5.79
N GLU D 260 56.72 -17.87 6.40
CA GLU D 260 56.27 -19.20 6.03
C GLU D 260 55.80 -19.96 7.26
N TRP D 261 54.57 -20.49 7.15
CA TRP D 261 53.95 -21.18 8.28
C TRP D 261 52.84 -22.06 7.77
N SER D 262 52.90 -23.33 8.19
CA SER D 262 51.82 -24.28 7.93
CA SER D 262 51.83 -24.29 7.92
C SER D 262 51.27 -24.11 6.50
N ASN D 263 52.16 -24.11 5.49
CA ASN D 263 51.81 -23.96 4.06
C ASN D 263 51.44 -22.57 3.61
N PHE D 264 51.29 -21.66 4.55
CA PHE D 264 51.08 -20.25 4.22
C PHE D 264 52.39 -19.57 3.90
N LYS D 265 52.39 -18.76 2.85
CA LYS D 265 53.51 -17.88 2.56
C LYS D 265 52.99 -16.48 2.23
N PHE D 266 53.55 -15.47 2.87
CA PHE D 266 53.07 -14.13 2.66
C PHE D 266 54.17 -13.15 3.04
N HIS D 267 54.05 -11.87 2.63
CA HIS D 267 54.99 -10.82 2.99
C HIS D 267 54.35 -9.95 4.11
N ILE D 268 55.11 -9.62 5.15
CA ILE D 268 54.62 -8.72 6.21
C ILE D 268 55.16 -7.30 6.05
N GLY D 269 54.27 -6.39 5.64
CA GLY D 269 54.64 -4.99 5.43
C GLY D 269 54.17 -4.10 6.57
N PHE D 270 54.51 -2.81 6.51
CA PHE D 270 54.10 -1.86 7.53
C PHE D 270 54.31 -0.44 7.03
N ASN D 271 53.37 0.44 7.33
CA ASN D 271 53.47 1.82 6.94
C ASN D 271 52.80 2.76 7.91
N TYR D 272 53.13 4.03 7.80
CA TYR D 272 52.79 5.05 8.79
C TYR D 272 51.29 5.13 9.01
N ARG D 273 50.53 4.54 8.09
CA ARG D 273 49.07 4.84 8.00
C ARG D 273 48.15 3.66 8.27
N GLU D 274 48.24 2.59 7.49
CA GLU D 274 47.48 1.35 7.70
C GLU D 274 48.01 0.47 8.87
N GLY D 275 49.27 0.69 9.29
CA GLY D 275 49.97 -0.25 10.20
C GLY D 275 50.36 -1.49 9.37
N ILE D 276 50.07 -2.67 9.89
CA ILE D 276 50.31 -3.90 9.12
C ILE D 276 49.61 -3.96 7.76
N VAL D 277 50.35 -4.42 6.75
CA VAL D 277 49.81 -4.74 5.43
C VAL D 277 50.31 -6.13 5.09
N LEU D 278 49.40 -7.06 4.81
CA LEU D 278 49.79 -8.44 4.48
C LEU D 278 49.72 -8.61 2.99
N SER D 279 50.78 -9.09 2.35
CA SER D 279 50.82 -9.13 0.91
C SER D 279 51.21 -10.48 0.36
N ASP D 280 50.85 -10.68 -0.90
CA ASP D 280 51.30 -11.83 -1.63
C ASP D 280 51.07 -13.10 -0.82
N VAL D 281 49.81 -13.33 -0.47
CA VAL D 281 49.43 -14.44 0.37
C VAL D 281 49.11 -15.64 -0.48
N SER D 282 49.80 -16.73 -0.22
CA SER D 282 49.53 -17.97 -0.95
C SER D 282 49.45 -19.18 0.00
N TYR D 283 48.99 -20.32 -0.51
CA TYR D 283 48.92 -21.52 0.28
C TYR D 283 49.48 -22.66 -0.59
N ASN D 284 50.39 -23.43 -0.01
CA ASN D 284 51.02 -24.53 -0.74
C ASN D 284 50.21 -25.81 -0.52
N ASP D 285 49.47 -26.20 -1.54
CA ASP D 285 48.57 -27.31 -1.48
C ASP D 285 49.27 -28.51 -2.15
N HIS D 286 50.06 -29.22 -1.30
CA HIS D 286 50.85 -30.40 -1.68
C HIS D 286 51.68 -30.15 -2.95
N GLY D 287 52.42 -29.05 -2.98
CA GLY D 287 53.27 -28.73 -4.10
C GLY D 287 52.75 -27.67 -5.06
N ASN D 288 51.43 -27.57 -5.18
CA ASN D 288 50.79 -26.52 -5.96
C ASN D 288 50.59 -25.26 -5.13
N VAL D 289 51.45 -24.27 -5.31
CA VAL D 289 51.40 -23.01 -4.56
C VAL D 289 50.31 -22.08 -5.12
N ARG D 290 49.23 -21.90 -4.36
CA ARG D 290 48.05 -21.20 -4.91
C ARG D 290 47.89 -19.85 -4.25
N PRO D 291 47.87 -18.78 -5.05
CA PRO D 291 47.65 -17.41 -4.51
C PRO D 291 46.24 -17.27 -3.87
N ILE D 292 46.12 -16.41 -2.86
CA ILE D 292 44.86 -16.13 -2.22
C ILE D 292 44.48 -14.65 -2.31
N PHE D 293 45.32 -13.80 -1.71
CA PHE D 293 45.16 -12.36 -1.70
C PHE D 293 46.49 -11.72 -2.09
N HIS D 294 46.38 -10.68 -2.94
CA HIS D 294 47.50 -9.85 -3.29
C HIS D 294 47.79 -8.82 -2.21
N ARG D 295 46.76 -8.27 -1.58
CA ARG D 295 46.99 -7.38 -0.47
C ARG D 295 45.79 -7.33 0.50
N ILE D 296 46.07 -7.37 1.80
CA ILE D 296 45.05 -7.21 2.79
C ILE D 296 45.48 -6.26 3.92
N SER D 297 44.57 -5.38 4.39
CA SER D 297 44.91 -4.38 5.41
C SER D 297 43.67 -3.63 5.87
N LEU D 298 43.81 -2.82 6.93
CA LEU D 298 42.77 -1.87 7.28
C LEU D 298 43.11 -0.54 6.56
N SER D 299 42.13 0.12 5.93
CA SER D 299 42.46 1.26 5.10
C SER D 299 41.88 2.55 5.62
N GLU D 300 40.89 2.46 6.50
CA GLU D 300 40.35 3.66 7.03
C GLU D 300 39.51 3.27 8.21
N MET D 301 39.32 4.23 9.10
CA MET D 301 38.37 4.09 10.20
C MET D 301 37.46 5.29 10.26
N ILE D 302 36.36 5.15 10.98
CA ILE D 302 35.61 6.34 11.45
C ILE D 302 34.90 5.93 12.73
N VAL D 303 35.01 6.81 13.74
CA VAL D 303 34.44 6.58 15.08
C VAL D 303 33.42 7.72 15.34
N PRO D 304 32.22 7.62 14.71
CA PRO D 304 31.27 8.72 14.81
C PRO D 304 30.55 8.82 16.21
N TYR D 305 30.70 9.95 16.92
CA TYR D 305 29.90 10.19 18.14
C TYR D 305 28.46 10.57 17.89
N GLY D 306 27.63 10.35 18.89
CA GLY D 306 26.15 10.30 18.75
C GLY D 306 25.42 11.37 19.53
N SER D 307 26.20 12.35 20.02
CA SER D 307 25.65 13.55 20.67
C SER D 307 25.50 14.64 19.62
N PRO D 308 24.27 15.18 19.41
CA PRO D 308 24.14 16.26 18.39
C PRO D 308 24.59 17.65 18.85
N GLU D 309 24.95 17.80 20.12
CA GLU D 309 25.24 19.12 20.70
C GLU D 309 26.57 19.68 20.25
N PHE D 310 26.57 20.94 19.86
CA PHE D 310 27.77 21.63 19.43
C PHE D 310 28.73 21.65 20.59
N PRO D 311 30.05 21.45 20.36
CA PRO D 311 30.72 21.13 19.09
C PRO D 311 30.89 19.63 18.84
N HIS D 312 30.07 18.80 19.44
CA HIS D 312 30.44 17.39 19.54
C HIS D 312 30.30 16.63 18.20
N GLN D 313 29.63 17.27 17.23
CA GLN D 313 29.51 16.78 15.83
C GLN D 313 30.89 16.69 15.23
N ARG D 314 31.86 17.36 15.83
CA ARG D 314 33.21 17.33 15.34
C ARG D 314 34.02 16.16 15.88
N LYS D 315 33.41 15.32 16.71
CA LYS D 315 34.05 14.05 17.08
C LYS D 315 33.56 12.91 16.15
N HIS D 316 34.37 12.60 15.15
CA HIS D 316 34.16 11.45 14.30
C HIS D 316 35.49 11.09 13.65
N ALA D 317 36.47 10.77 14.45
CA ALA D 317 37.81 10.53 13.97
C ALA D 317 37.88 9.47 12.90
N LEU D 318 38.66 9.75 11.87
CA LEU D 318 39.04 8.72 10.91
C LEU D 318 40.51 8.44 11.22
N ASP D 319 40.76 7.62 12.24
CA ASP D 319 42.04 7.51 12.90
C ASP D 319 43.14 7.07 11.95
N ILE D 320 42.82 6.22 10.99
CA ILE D 320 43.83 5.76 10.05
C ILE D 320 44.25 6.86 9.12
N GLY D 321 43.32 7.57 8.50
CA GLY D 321 43.64 8.67 7.56
C GLY D 321 44.08 10.00 8.24
N GLU D 322 43.77 10.17 9.51
CA GLU D 322 43.98 11.48 10.15
C GLU D 322 45.09 11.48 11.11
N TYR D 323 45.52 10.30 11.56
CA TYR D 323 46.63 10.19 12.56
C TYR D 323 47.60 9.05 12.23
N GLY D 324 47.11 7.97 11.61
CA GLY D 324 47.96 6.85 11.17
C GLY D 324 48.10 5.81 12.25
N ALA D 325 47.65 4.61 11.91
CA ALA D 325 47.84 3.47 12.77
C ALA D 325 49.31 3.06 12.91
N GLY D 326 50.15 3.39 11.94
CA GLY D 326 51.61 3.25 12.07
C GLY D 326 52.19 4.31 13.03
N TYR D 327 51.91 5.58 12.79
CA TYR D 327 52.39 6.66 13.65
C TYR D 327 51.96 6.54 15.12
N MET D 328 50.86 5.83 15.38
CA MET D 328 50.28 5.76 16.70
C MET D 328 50.68 4.46 17.40
N THR D 329 51.44 3.62 16.74
CA THR D 329 51.58 2.26 17.21
C THR D 329 52.52 2.16 18.41
N ASN D 330 52.26 1.16 19.27
CA ASN D 330 53.03 1.03 20.54
C ASN D 330 54.30 0.19 20.36
N PRO D 331 55.44 0.62 20.98
CA PRO D 331 56.51 -0.34 21.18
C PRO D 331 56.00 -1.45 22.14
N LEU D 332 56.14 -2.70 21.72
CA LEU D 332 55.44 -3.82 22.31
C LEU D 332 56.21 -4.70 23.32
N SER D 333 57.53 -4.72 23.30
CA SER D 333 58.28 -5.56 24.24
C SER D 333 58.12 -5.25 25.75
N LEU D 334 58.31 -3.97 26.14
CA LEU D 334 58.37 -3.49 27.55
C LEU D 334 57.12 -3.80 28.41
N GLY D 335 55.96 -3.37 27.95
CA GLY D 335 54.67 -3.87 28.50
C GLY D 335 54.67 -5.36 28.25
N CYS D 336 53.72 -6.11 28.77
CA CYS D 336 53.83 -7.54 28.53
C CYS D 336 52.76 -7.98 27.53
N ASP D 337 52.80 -7.26 26.41
CA ASP D 337 51.76 -7.25 25.39
C ASP D 337 51.62 -8.56 24.67
N CYS D 338 52.76 -9.13 24.27
CA CYS D 338 52.80 -10.39 23.56
C CYS D 338 53.55 -11.41 24.44
N LYS D 339 52.88 -12.51 24.77
CA LYS D 339 53.39 -13.56 25.66
C LYS D 339 53.89 -14.76 24.84
N GLY D 340 55.09 -15.22 25.13
CA GLY D 340 55.65 -16.43 24.49
C GLY D 340 56.96 -16.18 23.78
N VAL D 341 57.24 -16.99 22.76
CA VAL D 341 58.42 -16.78 21.92
C VAL D 341 58.10 -15.88 20.69
N ILE D 342 58.63 -14.67 20.74
CA ILE D 342 58.24 -13.55 19.88
C ILE D 342 59.34 -13.25 18.85
N HIS D 343 58.94 -13.07 17.58
CA HIS D 343 59.75 -12.39 16.56
C HIS D 343 59.20 -10.96 16.33
N TYR D 344 59.99 -9.93 16.59
CA TYR D 344 59.52 -8.55 16.44
C TYR D 344 59.97 -7.93 15.13
N LEU D 345 59.16 -6.99 14.61
CA LEU D 345 59.64 -6.09 13.52
C LEU D 345 59.64 -4.62 14.01
N ASP D 346 60.54 -3.81 13.46
CA ASP D 346 60.60 -2.38 13.82
C ASP D 346 59.83 -1.59 12.77
N ALA D 347 59.36 -0.41 13.13
CA ALA D 347 58.84 0.50 12.10
C ALA D 347 59.78 1.68 11.89
N HIS D 348 59.90 2.17 10.64
CA HIS D 348 60.68 3.39 10.38
C HIS D 348 59.90 4.47 9.64
N PHE D 349 59.97 5.70 10.16
CA PHE D 349 59.23 6.86 9.65
C PHE D 349 60.15 8.05 9.42
N SER D 350 59.64 9.14 8.85
CA SER D 350 60.36 10.42 8.92
C SER D 350 59.78 11.34 10.00
N ASP D 351 60.63 12.20 10.55
CA ASP D 351 60.14 13.26 11.43
C ASP D 351 60.02 14.54 10.59
N ARG D 352 59.58 15.65 11.19
CA ARG D 352 59.36 16.97 10.53
C ARG D 352 60.59 17.49 9.82
N ALA D 353 61.76 17.31 10.44
CA ALA D 353 63.02 17.75 9.84
C ALA D 353 63.54 16.84 8.71
N GLY D 354 63.00 15.63 8.56
CA GLY D 354 63.49 14.70 7.51
C GLY D 354 64.48 13.60 7.95
N ASP D 355 64.57 13.36 9.27
CA ASP D 355 65.45 12.35 9.88
C ASP D 355 64.64 11.12 10.25
N PRO D 356 65.16 9.93 9.89
CA PRO D 356 64.47 8.68 10.18
C PRO D 356 64.31 8.51 11.68
N ILE D 357 63.09 8.12 12.09
CA ILE D 357 62.82 7.71 13.47
C ILE D 357 62.37 6.28 13.41
N THR D 358 62.79 5.52 14.41
CA THR D 358 62.37 4.15 14.56
C THR D 358 61.39 4.06 15.75
N VAL D 359 60.40 3.18 15.62
CA VAL D 359 59.81 2.65 16.84
C VAL D 359 60.09 1.17 16.87
N LYS D 360 60.69 0.75 17.98
CA LYS D 360 61.17 -0.57 18.22
C LYS D 360 59.99 -1.52 18.49
N ASN D 361 60.01 -2.68 17.85
CA ASN D 361 59.04 -3.74 18.10
C ASN D 361 57.61 -3.27 17.89
N ALA D 362 57.33 -2.78 16.72
CA ALA D 362 56.08 -2.17 16.42
C ALA D 362 55.08 -3.25 16.10
N VAL D 363 55.61 -4.36 15.59
CA VAL D 363 54.85 -5.57 15.23
C VAL D 363 55.41 -6.83 15.95
N CYS D 364 54.54 -7.66 16.51
CA CYS D 364 54.96 -8.92 17.05
CA CYS D 364 54.94 -8.95 17.04
C CYS D 364 54.34 -10.09 16.25
N ILE D 365 55.08 -11.19 16.17
CA ILE D 365 54.72 -12.39 15.44
C ILE D 365 54.95 -13.60 16.40
N HIS D 366 53.92 -14.42 16.63
CA HIS D 366 54.07 -15.61 17.44
C HIS D 366 53.03 -16.65 17.14
N GLU D 367 53.27 -17.87 17.65
CA GLU D 367 52.38 -18.99 17.54
C GLU D 367 51.73 -19.20 18.88
N GLU D 368 50.44 -19.50 18.86
CA GLU D 368 49.68 -19.76 20.05
C GLU D 368 48.94 -21.07 19.81
N ASP D 369 48.71 -21.79 20.90
CA ASP D 369 47.78 -22.86 20.83
C ASP D 369 46.39 -22.23 20.59
N ASP D 370 45.58 -22.97 19.83
CA ASP D 370 44.26 -22.52 19.48
C ASP D 370 43.21 -23.65 19.62
N GLY D 371 43.40 -24.53 20.60
CA GLY D 371 42.46 -25.58 20.94
C GLY D 371 42.34 -26.68 19.90
N LEU D 372 41.14 -27.22 19.68
CA LEU D 372 40.99 -28.36 18.77
C LEU D 372 40.96 -27.95 17.32
N LEU D 373 41.66 -28.70 16.48
CA LEU D 373 41.54 -28.47 15.06
C LEU D 373 40.39 -29.32 14.60
N PHE D 374 40.37 -30.56 15.05
CA PHE D 374 39.22 -31.42 14.76
C PHE D 374 39.29 -32.67 15.63
N LYS D 375 38.19 -33.40 15.78
CA LYS D 375 38.17 -34.66 16.51
C LYS D 375 37.03 -35.51 15.97
N HIS D 376 37.16 -36.83 15.98
CA HIS D 376 36.00 -37.70 15.85
C HIS D 376 36.23 -39.03 16.54
N SER D 377 35.20 -39.60 17.19
CA SER D 377 35.28 -40.91 17.81
C SER D 377 34.11 -41.77 17.38
N ASP D 378 34.25 -43.09 17.49
CA ASP D 378 33.17 -44.02 17.21
C ASP D 378 32.46 -44.50 18.51
N PHE D 379 31.19 -44.17 18.68
CA PHE D 379 30.39 -44.70 19.77
C PHE D 379 30.39 -46.24 19.83
N ARG D 380 30.72 -46.94 18.73
CA ARG D 380 30.52 -48.40 18.69
C ARG D 380 31.43 -49.14 19.65
N ASP D 381 32.63 -48.59 19.86
CA ASP D 381 33.56 -49.15 20.85
C ASP D 381 33.76 -48.12 21.93
N ASN D 382 32.67 -47.41 22.21
CA ASN D 382 32.59 -46.39 23.25
C ASN D 382 33.74 -45.39 23.19
N PHE D 383 33.96 -44.81 22.01
CA PHE D 383 34.98 -43.75 21.84
C PHE D 383 36.45 -44.18 21.98
N ALA D 384 36.72 -45.50 21.96
CA ALA D 384 38.10 -45.98 21.88
C ALA D 384 38.68 -45.61 20.53
N THR D 385 37.93 -45.92 19.46
CA THR D 385 38.32 -45.49 18.10
C THR D 385 38.19 -43.97 18.09
N SER D 386 39.30 -43.26 17.97
CA SER D 386 39.26 -41.82 18.15
C SER D 386 40.47 -41.19 17.53
N LEU D 387 40.27 -40.03 16.93
CA LEU D 387 41.36 -39.18 16.41
C LEU D 387 41.14 -37.75 16.87
N VAL D 388 42.20 -37.13 17.41
CA VAL D 388 42.20 -35.77 17.92
C VAL D 388 43.42 -35.02 17.42
N THR D 389 43.20 -33.88 16.78
CA THR D 389 44.27 -33.03 16.26
C THR D 389 44.12 -31.63 16.85
N ARG D 390 45.20 -31.13 17.44
CA ARG D 390 45.21 -29.80 18.04
C ARG D 390 45.58 -28.75 17.03
N ALA D 391 45.14 -27.54 17.29
CA ALA D 391 45.24 -26.42 16.39
C ALA D 391 46.25 -25.45 16.95
N THR D 392 47.04 -24.89 16.04
CA THR D 392 48.01 -23.85 16.35
C THR D 392 47.65 -22.70 15.44
N LYS D 393 47.76 -21.47 15.92
CA LYS D 393 47.45 -20.33 15.08
C LYS D 393 48.65 -19.40 14.96
N LEU D 394 48.80 -18.78 13.78
CA LEU D 394 49.87 -17.81 13.59
C LEU D 394 49.33 -16.40 13.76
N VAL D 395 49.93 -15.61 14.65
CA VAL D 395 49.39 -14.27 14.98
C VAL D 395 50.42 -13.16 14.67
N VAL D 396 50.05 -12.20 13.82
CA VAL D 396 50.83 -11.01 13.57
C VAL D 396 49.96 -9.82 14.02
N SER D 397 50.57 -8.87 14.74
CA SER D 397 49.81 -7.98 15.60
CA SER D 397 49.81 -7.97 15.59
C SER D 397 50.51 -6.64 15.90
N GLN D 398 49.74 -5.62 16.27
CA GLN D 398 50.28 -4.30 16.69
C GLN D 398 49.23 -3.77 17.59
N ILE D 399 49.64 -2.86 18.47
CA ILE D 399 48.68 -2.08 19.23
C ILE D 399 48.95 -0.62 18.93
N PHE D 400 47.91 0.16 18.65
CA PHE D 400 48.12 1.59 18.64
C PHE D 400 47.26 2.35 19.63
N THR D 401 47.78 3.49 20.07
CA THR D 401 47.08 4.44 20.94
C THR D 401 46.70 5.67 20.14
N ALA D 402 45.39 5.90 20.04
CA ALA D 402 44.89 7.14 19.51
C ALA D 402 44.43 8.03 20.67
N ALA D 403 45.33 8.88 21.19
CA ALA D 403 45.06 9.59 22.46
C ALA D 403 44.46 8.71 23.64
N ASN D 404 43.16 8.86 23.93
CA ASN D 404 42.49 8.10 24.97
C ASN D 404 42.35 6.62 24.64
N GLU D 406 42.86 2.69 23.05
CA GLU D 406 43.77 1.64 22.57
C GLU D 406 43.10 0.62 21.66
N TYR D 407 43.74 0.41 20.51
CA TYR D 407 43.26 -0.56 19.49
C TYR D 407 44.27 -1.69 19.30
N CYS D 408 43.90 -2.91 19.67
CA CYS D 408 44.81 -4.03 19.56
C CYS D 408 44.43 -4.84 18.35
N LEU D 409 45.35 -4.99 17.42
CA LEU D 409 45.06 -5.60 16.11
C LEU D 409 45.79 -6.93 15.93
N TYR D 410 45.10 -7.99 15.50
CA TYR D 410 45.72 -9.32 15.40
C TYR D 410 45.31 -10.00 14.13
N TRP D 411 46.29 -10.26 13.26
CA TRP D 411 46.02 -10.93 11.99
C TRP D 411 46.39 -12.33 12.28
N VAL D 412 45.40 -13.22 12.12
CA VAL D 412 45.52 -14.60 12.60
C VAL D 412 45.41 -15.59 11.46
N PHE D 413 46.43 -16.45 11.30
CA PHE D 413 46.40 -17.50 10.28
C PHE D 413 46.12 -18.83 10.91
N MET D 414 45.36 -19.67 10.23
CA MET D 414 44.87 -20.88 10.88
C MET D 414 45.08 -22.12 9.99
N GLN D 415 45.05 -23.32 10.57
CA GLN D 415 45.50 -24.53 9.86
C GLN D 415 44.40 -25.28 9.11
N ASP D 416 43.16 -24.78 9.20
CA ASP D 416 42.15 -25.10 8.18
C ASP D 416 42.21 -24.15 6.97
N GLY D 417 43.22 -23.29 6.91
CA GLY D 417 43.31 -22.36 5.78
C GLY D 417 42.57 -21.06 5.90
N ALA D 418 41.86 -20.85 7.00
CA ALA D 418 41.14 -19.58 7.27
C ALA D 418 42.09 -18.51 7.70
N ILE D 419 41.66 -17.24 7.53
CA ILE D 419 42.41 -16.07 7.97
C ILE D 419 41.35 -15.22 8.61
N ARG D 420 41.69 -14.71 9.80
CA ARG D 420 40.78 -14.05 10.68
C ARG D 420 41.39 -12.71 11.12
N LEU D 421 40.58 -11.66 11.31
CA LEU D 421 41.17 -10.43 11.95
C LEU D 421 40.44 -10.37 13.23
N ASP D 422 41.21 -10.23 14.32
CA ASP D 422 40.66 -10.01 15.68
C ASP D 422 41.14 -8.66 16.15
N ILE D 423 40.22 -7.88 16.70
CA ILE D 423 40.50 -6.58 17.26
C ILE D 423 40.07 -6.63 18.70
N ARG D 424 40.84 -5.95 19.56
CA ARG D 424 40.38 -5.68 20.91
C ARG D 424 40.48 -4.19 21.18
N LEU D 425 39.36 -3.59 21.57
CA LEU D 425 39.31 -2.16 21.85
C LEU D 425 39.51 -1.96 23.36
N THR D 426 40.52 -1.22 23.78
CA THR D 426 40.64 -0.89 25.23
C THR D 426 41.06 0.56 25.38
N GLY D 427 41.80 0.95 26.43
CA GLY D 427 42.09 2.35 26.68
C GLY D 427 40.91 2.95 27.43
N ILE D 428 40.67 4.23 27.19
CA ILE D 428 39.79 5.04 28.05
C ILE D 428 38.67 5.75 27.30
N LEU D 429 37.43 5.75 27.83
CA LEU D 429 36.33 6.50 27.18
C LEU D 429 36.68 7.97 26.92
N ASN D 430 36.27 8.45 25.77
CA ASN D 430 36.28 9.86 25.58
C ASN D 430 35.15 10.39 26.45
N THR D 431 35.47 11.44 27.21
CA THR D 431 34.50 11.99 28.13
C THR D 431 34.33 13.48 27.96
N TYR D 432 33.13 13.93 28.26
CA TYR D 432 32.89 15.36 28.35
C TYR D 432 32.29 15.65 29.71
N ILE D 433 32.32 16.90 30.11
CA ILE D 433 31.84 17.28 31.41
C ILE D 433 30.29 17.20 31.47
N LEU D 434 29.79 16.88 32.66
CA LEU D 434 28.35 16.79 32.90
C LEU D 434 28.04 17.62 34.18
N GLY D 435 27.00 18.45 34.16
CA GLY D 435 26.67 19.27 35.34
C GLY D 435 26.06 18.42 36.45
N ASP D 436 26.09 18.93 37.69
CA ASP D 436 25.55 18.17 38.84
C ASP D 436 24.18 17.57 38.60
N ASP D 437 23.29 18.39 38.06
CA ASP D 437 21.92 17.98 37.83
C ASP D 437 21.58 17.62 36.35
N GLU D 438 22.58 17.62 35.44
CA GLU D 438 22.35 17.48 34.02
C GLU D 438 22.19 15.98 33.67
N GLU D 439 21.24 15.65 32.81
CA GLU D 439 21.00 14.26 32.37
CA GLU D 439 21.06 14.24 32.42
C GLU D 439 21.94 13.92 31.21
N ALA D 440 22.70 12.84 31.28
CA ALA D 440 23.52 12.46 30.11
C ALA D 440 22.70 11.91 28.93
N GLY D 441 21.59 11.25 29.24
CA GLY D 441 20.83 10.44 28.27
C GLY D 441 20.08 11.47 27.47
N PRO D 442 19.68 11.13 26.23
CA PRO D 442 19.94 9.80 25.61
C PRO D 442 21.29 9.57 24.89
N TRP D 443 22.15 10.61 24.83
CA TRP D 443 23.35 10.61 23.97
C TRP D 443 24.60 10.07 24.64
N GLY D 444 24.52 9.84 25.93
CA GLY D 444 25.68 9.38 26.61
C GLY D 444 25.33 8.87 27.99
N THR D 445 26.36 8.58 28.76
CA THR D 445 26.15 7.90 30.03
C THR D 445 26.94 8.56 31.13
N ARG D 446 26.31 8.77 32.28
CA ARG D 446 27.05 9.22 33.47
C ARG D 446 27.82 7.99 33.99
N VAL D 447 29.14 7.96 33.73
CA VAL D 447 29.99 6.87 34.19
C VAL D 447 30.73 7.13 35.51
N TYR D 448 30.54 8.35 36.03
CA TYR D 448 31.26 8.85 37.18
C TYR D 448 30.67 10.24 37.52
N PRO D 449 30.61 10.64 38.80
CA PRO D 449 30.08 12.04 38.99
C PRO D 449 30.63 13.08 38.04
N ASN D 450 29.73 13.81 37.38
CA ASN D 450 30.09 14.91 36.43
C ASN D 450 30.78 14.46 35.14
N VAL D 451 30.64 13.20 34.78
CA VAL D 451 31.28 12.65 33.60
C VAL D 451 30.26 12.05 32.61
N ASN D 452 30.20 12.64 31.43
CA ASN D 452 29.38 12.17 30.34
C ASN D 452 30.31 11.51 29.31
N ALA D 453 30.08 10.23 29.04
CA ALA D 453 30.82 9.47 28.03
C ALA D 453 29.83 9.33 26.84
N HIS D 454 29.99 10.09 25.78
CA HIS D 454 28.94 10.14 24.74
C HIS D 454 28.86 8.81 23.99
N ASN D 455 27.69 8.47 23.46
CA ASN D 455 27.52 7.32 22.52
C ASN D 455 28.39 7.51 21.28
N HIS D 456 28.98 6.41 20.74
CA HIS D 456 29.82 6.48 19.52
C HIS D 456 29.83 5.12 18.80
N GLN D 457 30.24 5.05 17.52
CA GLN D 457 30.54 3.76 16.86
C GLN D 457 32.01 3.70 16.62
N HIS D 458 32.59 2.50 16.54
CA HIS D 458 33.97 2.29 16.05
C HIS D 458 33.82 1.49 14.77
N LEU D 459 34.06 2.12 13.63
CA LEU D 459 33.91 1.45 12.30
C LEU D 459 35.24 1.30 11.52
N PHE D 460 35.47 0.18 10.84
CA PHE D 460 36.73 -0.08 10.10
C PHE D 460 36.48 -0.47 8.62
N SER D 461 37.39 -0.05 7.73
CA SER D 461 37.30 -0.44 6.32
C SER D 461 38.39 -1.47 6.06
N LEU D 462 37.99 -2.73 6.03
CA LEU D 462 38.93 -3.74 5.62
C LEU D 462 39.08 -3.71 4.07
N ARG D 463 40.31 -3.45 3.62
CA ARG D 463 40.66 -3.55 2.18
C ARG D 463 41.22 -4.90 1.71
N ILE D 464 40.51 -5.61 0.85
CA ILE D 464 41.02 -6.85 0.34
C ILE D 464 41.30 -6.74 -1.16
N ASP D 465 42.54 -6.97 -1.56
CA ASP D 465 42.86 -7.13 -2.96
C ASP D 465 43.03 -8.61 -3.21
N PRO D 466 41.98 -9.22 -3.71
CA PRO D 466 41.97 -10.70 -3.78
C PRO D 466 42.75 -11.25 -5.00
N ARG D 467 43.18 -12.49 -4.88
CA ARG D 467 43.72 -13.26 -6.04
C ARG D 467 43.42 -14.73 -5.88
N ILE D 468 42.14 -15.06 -5.78
CA ILE D 468 41.64 -16.36 -5.36
C ILE D 468 42.02 -17.47 -6.38
N ASP D 469 43.06 -18.26 -6.05
CA ASP D 469 43.55 -19.31 -6.93
C ASP D 469 44.03 -18.69 -8.23
N GLY D 470 44.46 -17.46 -8.19
CA GLY D 470 44.84 -16.78 -9.42
C GLY D 470 44.01 -15.56 -9.74
N ASP D 471 44.15 -15.16 -11.01
CA ASP D 471 43.62 -13.89 -11.55
C ASP D 471 42.29 -14.01 -12.24
N GLY D 472 41.49 -12.94 -12.17
CA GLY D 472 40.11 -13.01 -12.66
C GLY D 472 39.19 -13.49 -11.53
N ASN D 473 38.68 -12.55 -10.70
CA ASN D 473 37.83 -12.86 -9.57
C ASN D 473 36.47 -12.14 -9.71
N SER D 474 35.55 -12.53 -8.84
CA SER D 474 34.21 -11.94 -8.74
C SER D 474 33.76 -11.94 -7.29
N ALA D 475 32.68 -11.25 -6.95
CA ALA D 475 32.23 -11.32 -5.56
C ALA D 475 30.73 -11.62 -5.52
N ALA D 476 30.22 -12.12 -4.39
CA ALA D 476 28.81 -12.51 -4.29
C ALA D 476 28.31 -12.36 -2.87
N ALA D 477 27.00 -12.08 -2.75
CA ALA D 477 26.27 -12.16 -1.51
C ALA D 477 25.59 -13.54 -1.55
N CYS D 478 25.70 -14.23 -0.40
CA CYS D 478 25.18 -15.56 -0.14
C CYS D 478 24.21 -15.52 0.99
N ASP D 479 22.94 -15.82 0.67
CA ASP D 479 21.81 -15.63 1.60
C ASP D 479 21.09 -16.94 1.77
N ALA D 480 20.86 -17.32 3.03
CA ALA D 480 20.14 -18.54 3.32
C ALA D 480 18.65 -18.26 3.05
N LYS D 481 17.97 -19.15 2.32
CA LYS D 481 16.59 -18.90 2.09
CA LYS D 481 16.59 -18.92 1.96
C LYS D 481 15.81 -20.22 2.07
N SER D 482 14.59 -20.14 2.57
CA SER D 482 13.69 -21.25 2.49
C SER D 482 13.27 -21.52 1.07
N SER D 483 13.03 -22.74 0.68
CA SER D 483 12.49 -22.98 -0.66
C SER D 483 11.25 -22.09 -0.90
N PRO D 484 11.07 -21.54 -2.14
CA PRO D 484 9.82 -20.78 -2.33
C PRO D 484 8.58 -21.68 -2.39
N TYR D 485 8.71 -22.99 -2.56
CA TYR D 485 7.50 -23.84 -2.59
C TYR D 485 6.94 -23.98 -1.20
N PRO D 486 5.59 -24.02 -1.04
CA PRO D 486 5.04 -23.90 0.33
C PRO D 486 4.94 -25.27 0.96
N LEU D 487 4.67 -25.30 2.26
CA LEU D 487 4.47 -26.55 3.00
C LEU D 487 3.35 -27.28 2.39
N GLY D 488 3.53 -28.59 2.16
CA GLY D 488 2.44 -29.50 1.64
C GLY D 488 2.42 -29.64 0.13
N SER D 489 3.31 -28.95 -0.57
CA SER D 489 3.39 -29.06 -2.04
C SER D 489 4.26 -30.25 -2.34
N PRO D 490 4.16 -30.82 -3.56
CA PRO D 490 5.04 -31.97 -3.88
C PRO D 490 6.52 -31.65 -3.74
N GLU D 491 6.86 -30.37 -3.82
CA GLU D 491 8.23 -29.95 -3.88
C GLU D 491 8.79 -29.61 -2.52
N ASN D 492 7.94 -29.37 -1.51
CA ASN D 492 8.48 -29.09 -0.17
C ASN D 492 7.44 -29.66 0.84
N MET D 493 7.15 -30.97 0.73
CA MET D 493 6.03 -31.61 1.46
C MET D 493 5.94 -31.31 2.94
N TYR D 494 7.08 -31.26 3.63
CA TYR D 494 7.11 -30.98 5.05
C TYR D 494 7.75 -29.64 5.34
N GLY D 495 7.99 -28.85 4.29
CA GLY D 495 8.34 -27.43 4.50
C GLY D 495 9.72 -27.17 5.08
N ASN D 496 10.63 -28.12 4.91
CA ASN D 496 11.98 -28.02 5.52
C ASN D 496 13.10 -27.64 4.53
N ALA D 497 12.82 -27.71 3.24
CA ALA D 497 13.75 -27.36 2.16
C ALA D 497 14.30 -25.95 2.26
N PHE D 498 15.61 -25.84 2.11
CA PHE D 498 16.27 -24.54 2.13
C PHE D 498 17.64 -24.66 1.44
N TYR D 499 18.10 -23.53 0.86
CA TYR D 499 19.23 -23.47 -0.07
C TYR D 499 19.95 -22.15 0.19
N SER D 500 21.13 -22.04 -0.40
CA SER D 500 21.88 -20.84 -0.40
C SER D 500 21.68 -20.07 -1.75
N GLU D 501 21.16 -18.86 -1.66
CA GLU D 501 21.02 -18.00 -2.85
C GLU D 501 22.24 -17.14 -3.05
N LYS D 502 22.94 -17.39 -4.17
CA LYS D 502 24.17 -16.67 -4.49
C LYS D 502 23.88 -15.59 -5.52
N THR D 503 24.17 -14.34 -5.14
CA THR D 503 23.97 -13.19 -6.05
C THR D 503 25.32 -12.61 -6.41
N THR D 504 25.77 -13.00 -7.62
CA THR D 504 27.07 -12.59 -8.12
C THR D 504 26.96 -11.12 -8.55
N PHE D 505 27.75 -10.25 -7.95
CA PHE D 505 27.76 -8.84 -8.36
C PHE D 505 28.29 -8.68 -9.80
N LYS D 506 27.54 -8.00 -10.67
CA LYS D 506 27.89 -7.78 -12.09
C LYS D 506 28.55 -6.41 -12.24
N THR D 507 27.99 -5.40 -11.55
CA THR D 507 28.59 -4.08 -11.58
C THR D 507 28.77 -3.51 -10.18
N VAL D 508 29.56 -2.44 -10.04
CA VAL D 508 29.75 -1.81 -8.71
C VAL D 508 28.47 -1.69 -7.92
N LYS D 509 27.46 -1.06 -8.53
CA LYS D 509 26.19 -0.82 -7.90
C LYS D 509 25.64 -2.10 -7.15
N ASP D 510 25.68 -3.26 -7.81
CA ASP D 510 25.17 -4.52 -7.26
C ASP D 510 25.83 -4.93 -5.95
N SER D 511 27.11 -4.62 -5.83
CA SER D 511 27.89 -5.04 -4.71
C SER D 511 27.56 -4.27 -3.43
N LEU D 512 26.83 -3.16 -3.52
CA LEU D 512 26.71 -2.27 -2.33
C LEU D 512 25.69 -2.81 -1.33
N THR D 513 26.18 -3.57 -0.35
CA THR D 513 25.27 -4.44 0.41
C THR D 513 25.62 -4.44 1.87
N ASN D 514 24.63 -4.72 2.69
CA ASN D 514 24.81 -4.80 4.13
C ASN D 514 24.59 -6.18 4.64
N TYR D 515 25.10 -6.39 5.87
CA TYR D 515 25.01 -7.68 6.50
C TYR D 515 23.50 -7.77 6.78
N GLU D 516 22.88 -8.94 6.61
CA GLU D 516 21.46 -9.10 6.92
C GLU D 516 21.31 -10.31 7.86
N SER D 517 20.80 -10.09 9.08
CA SER D 517 20.57 -11.23 9.99
C SER D 517 19.52 -12.25 9.46
N ALA D 518 18.55 -11.76 8.70
CA ALA D 518 17.39 -12.53 8.27
C ALA D 518 17.73 -13.63 7.27
N THR D 519 18.88 -13.53 6.60
CA THR D 519 19.33 -14.55 5.65
C THR D 519 20.71 -15.12 6.04
N GLY D 520 21.26 -14.63 7.14
CA GLY D 520 22.61 -15.02 7.61
C GLY D 520 23.64 -14.77 6.56
N ARG D 521 23.58 -13.59 5.98
CA ARG D 521 24.32 -13.25 4.78
C ARG D 521 25.78 -13.44 5.01
N SER D 522 26.41 -14.14 4.07
CA SER D 522 27.89 -14.06 3.91
C SER D 522 28.19 -13.55 2.49
N TRP D 523 29.46 -13.30 2.23
CA TRP D 523 29.96 -12.94 0.89
C TRP D 523 31.10 -13.86 0.44
N ASP D 524 31.12 -14.15 -0.84
CA ASP D 524 32.10 -15.01 -1.42
C ASP D 524 32.96 -14.12 -2.31
N ILE D 525 34.28 -14.32 -2.25
CA ILE D 525 35.22 -13.87 -3.26
C ILE D 525 35.73 -15.09 -3.98
N PHE D 526 35.56 -15.18 -5.28
CA PHE D 526 35.79 -16.47 -5.93
C PHE D 526 36.39 -16.42 -7.35
N ASN D 527 36.85 -17.55 -7.84
CA ASN D 527 37.44 -17.54 -9.14
C ASN D 527 36.48 -18.18 -10.14
N PRO D 528 35.76 -17.38 -10.97
CA PRO D 528 34.84 -18.04 -11.96
C PRO D 528 35.53 -18.78 -13.08
N ASN D 529 36.87 -18.81 -13.11
CA ASN D 529 37.61 -19.44 -14.21
C ASN D 529 37.92 -20.90 -13.90
N LYS D 530 37.63 -21.27 -12.65
CA LYS D 530 38.01 -22.55 -12.06
C LYS D 530 36.84 -23.22 -11.37
N VAL D 531 36.90 -24.53 -11.18
CA VAL D 531 35.82 -25.38 -10.67
C VAL D 531 36.42 -26.36 -9.64
N ASN D 532 35.74 -26.52 -8.52
CA ASN D 532 36.11 -27.61 -7.63
C ASN D 532 35.74 -28.98 -8.26
N PRO D 533 36.71 -29.92 -8.33
CA PRO D 533 36.37 -31.15 -9.10
C PRO D 533 35.30 -31.99 -8.40
N TYR D 534 35.09 -31.76 -7.09
CA TYR D 534 34.02 -32.51 -6.40
C TYR D 534 32.64 -31.79 -6.41
N SER D 535 32.62 -30.56 -5.86
CA SER D 535 31.36 -29.80 -5.77
C SER D 535 30.83 -29.14 -7.02
N GLY D 536 31.66 -28.93 -8.04
CA GLY D 536 31.22 -28.24 -9.26
C GLY D 536 31.22 -26.74 -9.03
N LYS D 537 31.65 -26.28 -7.85
CA LYS D 537 31.65 -24.83 -7.55
C LYS D 537 33.01 -24.21 -7.70
N PRO D 538 33.06 -22.90 -7.99
CA PRO D 538 34.37 -22.24 -8.06
C PRO D 538 35.06 -22.18 -6.70
N PRO D 539 36.41 -22.12 -6.71
CA PRO D 539 37.12 -22.00 -5.42
C PRO D 539 36.88 -20.62 -4.87
N SER D 540 36.77 -20.55 -3.56
CA SER D 540 36.57 -19.22 -2.95
C SER D 540 37.09 -19.04 -1.53
N TYR D 541 37.19 -17.79 -1.10
CA TYR D 541 37.26 -17.43 0.29
C TYR D 541 35.95 -16.77 0.64
N LYS D 542 35.33 -17.25 1.73
CA LYS D 542 34.04 -16.73 2.21
C LYS D 542 34.24 -15.71 3.39
N LEU D 543 33.71 -14.51 3.22
CA LEU D 543 33.75 -13.51 4.28
C LEU D 543 32.58 -13.84 5.25
N VAL D 544 32.92 -14.34 6.45
CA VAL D 544 31.93 -14.60 7.45
C VAL D 544 32.14 -13.47 8.47
N SER D 545 31.17 -12.56 8.58
CA SER D 545 31.38 -11.32 9.42
C SER D 545 29.98 -10.82 9.86
N THR D 546 29.73 -10.71 11.15
CA THR D 546 28.39 -10.31 11.58
C THR D 546 28.57 -9.06 12.48
N GLN D 547 29.78 -8.67 12.81
CA GLN D 547 29.84 -7.36 13.50
C GLN D 547 29.88 -6.20 12.44
N CYS D 548 28.71 -5.89 11.88
CA CYS D 548 28.51 -5.01 10.75
C CYS D 548 27.39 -4.02 11.11
N PRO D 549 27.68 -3.01 11.96
CA PRO D 549 26.58 -2.15 12.35
C PRO D 549 26.19 -1.29 11.17
N PRO D 550 24.94 -0.93 11.08
CA PRO D 550 24.62 0.15 10.18
C PRO D 550 25.30 1.46 10.62
N LEU D 551 25.57 2.33 9.65
CA LEU D 551 25.99 3.69 9.91
C LEU D 551 24.83 4.50 10.51
N LEU D 552 24.90 4.89 11.77
CA LEU D 552 23.72 5.42 12.42
C LEU D 552 23.50 6.87 12.03
N ALA D 553 24.59 7.61 11.82
CA ALA D 553 24.51 8.96 11.16
C ALA D 553 23.68 9.01 9.88
N LYS D 554 22.95 10.10 9.71
CA LYS D 554 21.94 10.17 8.65
C LYS D 554 22.58 10.40 7.27
N GLU D 555 21.87 10.00 6.19
CA GLU D 555 22.26 10.35 4.82
C GLU D 555 22.43 11.82 4.69
N GLY D 556 23.54 12.28 4.12
CA GLY D 556 23.76 13.72 3.97
C GLY D 556 24.50 14.32 5.12
N SER D 557 24.74 13.52 6.15
CA SER D 557 25.46 14.04 7.30
C SER D 557 26.94 14.13 7.02
N LEU D 558 27.59 14.97 7.82
CA LEU D 558 29.02 15.12 7.81
C LEU D 558 29.69 13.76 7.86
N VAL D 559 29.25 12.88 8.78
CA VAL D 559 29.90 11.60 8.96
C VAL D 559 29.77 10.74 7.70
N ALA D 560 28.57 10.68 7.13
CA ALA D 560 28.33 9.85 5.95
C ALA D 560 29.00 10.46 4.72
N LYS D 561 29.14 11.78 4.68
CA LYS D 561 29.81 12.43 3.51
C LYS D 561 31.32 12.19 3.58
N ARG D 562 31.90 12.20 4.77
CA ARG D 562 33.33 11.94 4.86
C ARG D 562 33.77 10.48 4.82
N ALA D 563 32.85 9.56 5.15
CA ALA D 563 33.13 8.14 5.04
C ALA D 563 32.14 7.43 4.11
N PRO D 564 32.17 7.75 2.82
CA PRO D 564 31.16 7.17 1.90
C PRO D 564 31.17 5.61 1.89
N TRP D 565 32.29 5.01 2.25
CA TRP D 565 32.45 3.56 2.41
C TRP D 565 31.67 2.94 3.58
N ALA D 566 31.40 3.70 4.64
CA ALA D 566 30.84 3.15 5.88
C ALA D 566 29.38 2.86 5.80
N SER D 567 28.68 3.46 4.82
CA SER D 567 27.25 3.31 4.60
CA SER D 567 27.24 3.27 4.67
C SER D 567 26.87 1.94 4.05
N HIS D 568 27.84 1.12 3.63
CA HIS D 568 27.54 -0.28 3.24
C HIS D 568 28.51 -1.23 3.88
N SER D 569 28.11 -2.45 4.20
CA SER D 569 29.06 -3.38 4.84
C SER D 569 30.07 -3.89 3.79
N VAL D 570 29.71 -3.89 2.49
CA VAL D 570 30.60 -4.34 1.43
C VAL D 570 30.54 -3.33 0.27
N ASN D 571 31.68 -3.05 -0.35
CA ASN D 571 31.80 -2.13 -1.49
C ASN D 571 32.81 -2.85 -2.40
N VAL D 572 32.43 -3.22 -3.62
CA VAL D 572 33.38 -3.82 -4.56
C VAL D 572 33.53 -2.88 -5.78
N VAL D 573 34.77 -2.51 -6.14
CA VAL D 573 35.00 -1.60 -7.28
C VAL D 573 36.19 -2.21 -8.08
N PRO D 574 36.39 -1.79 -9.36
CA PRO D 574 37.58 -2.35 -10.05
C PRO D 574 38.91 -1.99 -9.41
N TYR D 575 39.89 -2.86 -9.64
CA TYR D 575 41.22 -2.58 -9.19
C TYR D 575 41.73 -1.45 -10.07
N LYS D 576 42.29 -0.42 -9.43
CA LYS D 576 43.25 0.43 -10.09
C LYS D 576 44.44 0.69 -9.13
N ASP D 577 45.61 0.96 -9.67
CA ASP D 577 46.71 1.35 -8.83
C ASP D 577 46.46 2.53 -7.92
N ASN D 578 46.99 2.43 -6.70
CA ASN D 578 46.83 3.45 -5.68
C ASN D 578 45.37 3.76 -5.31
N ARG D 579 44.50 2.76 -5.33
CA ARG D 579 43.16 2.90 -4.73
C ARG D 579 43.26 2.30 -3.32
N LEU D 580 43.82 3.08 -2.40
CA LEU D 580 44.11 2.59 -1.08
C LEU D 580 43.15 3.14 -0.06
N TYR D 581 43.01 4.46 -0.07
CA TYR D 581 42.31 5.19 1.06
C TYR D 581 40.88 5.70 0.70
N PRO D 582 39.83 4.99 1.16
CA PRO D 582 38.44 5.20 0.67
C PRO D 582 37.77 6.53 1.10
N SER D 583 38.37 7.26 2.06
CA SER D 583 37.95 8.63 2.32
C SER D 583 38.93 9.67 1.69
N GLY D 584 39.71 9.25 0.70
CA GLY D 584 40.67 10.13 0.11
C GLY D 584 42.07 10.08 0.71
N ASP D 585 43.01 10.64 -0.02
CA ASP D 585 44.44 10.73 0.34
C ASP D 585 44.70 11.63 1.55
N HIS D 586 44.01 12.75 1.63
CA HIS D 586 44.31 13.74 2.67
C HIS D 586 43.01 14.07 3.36
N VAL D 587 42.79 13.39 4.48
CA VAL D 587 41.47 13.27 5.07
C VAL D 587 41.08 14.50 5.94
N PRO D 588 42.00 15.01 6.79
CA PRO D 588 41.50 16.08 7.67
C PRO D 588 40.88 17.29 6.95
N GLN D 589 39.70 17.71 7.42
CA GLN D 589 39.03 18.97 7.09
C GLN D 589 38.37 18.95 5.73
N TRP D 590 38.46 17.82 5.06
CA TRP D 590 37.58 17.57 3.91
C TRP D 590 36.14 17.60 4.37
N SER D 591 35.28 18.33 3.65
CA SER D 591 33.89 18.43 4.00
C SER D 591 33.11 17.20 3.65
N GLY D 592 33.66 16.37 2.79
CA GLY D 592 32.89 15.24 2.34
C GLY D 592 32.24 15.53 1.03
N ASP D 593 32.41 16.76 0.51
CA ASP D 593 31.85 17.06 -0.81
C ASP D 593 32.91 16.78 -1.89
N GLY D 594 32.53 16.05 -2.93
CA GLY D 594 33.48 15.77 -3.98
C GLY D 594 33.54 14.34 -4.45
N VAL D 595 33.94 14.17 -5.72
CA VAL D 595 34.21 12.85 -6.21
C VAL D 595 35.67 12.43 -5.85
N ARG D 596 35.87 11.82 -4.68
CA ARG D 596 37.18 11.28 -4.32
C ARG D 596 37.00 10.01 -3.54
N GLY D 597 38.09 9.27 -3.28
CA GLY D 597 38.07 8.00 -2.61
C GLY D 597 36.94 7.10 -3.13
N MET D 598 36.30 6.38 -2.21
CA MET D 598 35.22 5.40 -2.52
C MET D 598 34.15 6.05 -3.42
N ARG D 599 33.83 7.33 -3.18
CA ARG D 599 32.83 8.00 -4.03
C ARG D 599 33.27 7.98 -5.52
N GLU D 600 34.59 8.19 -5.70
CA GLU D 600 35.18 8.17 -6.99
C GLU D 600 35.20 6.75 -7.57
N TRP D 601 35.63 5.79 -6.76
CA TRP D 601 35.79 4.46 -7.28
C TRP D 601 34.44 3.87 -7.65
N ILE D 602 33.40 4.13 -6.84
CA ILE D 602 32.06 3.71 -7.23
C ILE D 602 31.58 4.36 -8.55
N GLY D 603 31.91 5.64 -8.76
CA GLY D 603 31.45 6.34 -9.98
C GLY D 603 29.92 6.39 -10.10
N ASP D 604 29.39 6.02 -11.26
CA ASP D 604 27.99 5.98 -11.46
C ASP D 604 27.45 4.54 -11.18
N GLY D 605 28.34 3.65 -10.69
CA GLY D 605 27.94 2.31 -10.20
C GLY D 605 27.85 1.29 -11.35
N SER D 606 28.25 1.68 -12.57
CA SER D 606 27.97 0.80 -13.73
C SER D 606 29.17 -0.03 -14.18
N GLU D 607 30.38 0.23 -13.63
CA GLU D 607 31.55 -0.49 -14.12
C GLU D 607 31.54 -1.98 -13.77
N ASN D 608 32.19 -2.81 -14.59
CA ASN D 608 32.18 -4.26 -14.36
C ASN D 608 33.13 -4.65 -13.20
N ILE D 609 32.64 -5.50 -12.32
CA ILE D 609 33.42 -6.10 -11.28
C ILE D 609 33.30 -7.65 -11.34
N ASP D 610 32.77 -8.20 -12.42
CA ASP D 610 32.59 -9.66 -12.51
C ASP D 610 33.76 -10.27 -13.33
N ASN D 611 34.54 -11.18 -12.78
CA ASN D 611 35.65 -11.79 -13.54
C ASN D 611 36.76 -10.81 -13.98
N THR D 612 37.29 -10.08 -13.01
CA THR D 612 38.26 -9.09 -13.36
C THR D 612 39.14 -8.84 -12.15
N ASP D 613 39.86 -7.73 -12.13
CA ASP D 613 40.69 -7.45 -10.98
C ASP D 613 39.87 -6.53 -10.13
N ILE D 614 39.58 -6.96 -8.90
CA ILE D 614 38.64 -6.23 -8.07
C ILE D 614 39.23 -5.74 -6.74
N LEU D 615 38.54 -4.83 -6.05
CA LEU D 615 38.90 -4.50 -4.66
C LEU D 615 37.63 -4.59 -3.88
N PHE D 616 37.71 -5.20 -2.69
CA PHE D 616 36.57 -5.55 -1.88
C PHE D 616 36.81 -4.83 -0.59
N PHE D 617 35.97 -3.84 -0.23
CA PHE D 617 36.19 -3.10 1.00
C PHE D 617 35.07 -3.42 1.99
N HIS D 618 35.42 -3.89 3.21
CA HIS D 618 34.43 -4.32 4.09
C HIS D 618 34.32 -3.40 5.33
N THR D 619 33.11 -2.91 5.62
CA THR D 619 32.87 -2.10 6.82
C THR D 619 32.31 -3.02 7.90
N PHE D 620 32.96 -3.02 9.06
CA PHE D 620 32.57 -3.84 10.22
C PHE D 620 32.93 -3.04 11.47
N GLY D 621 32.48 -3.48 12.65
CA GLY D 621 32.77 -2.68 13.87
C GLY D 621 31.72 -2.90 14.91
N ILE D 622 31.68 -1.98 15.86
CA ILE D 622 30.73 -2.07 16.99
C ILE D 622 30.03 -0.71 17.24
N THR D 623 28.89 -0.71 17.95
CA THR D 623 28.24 0.50 18.38
C THR D 623 28.40 0.50 19.92
N HIS D 624 28.96 1.55 20.49
CA HIS D 624 29.31 1.54 21.89
C HIS D 624 28.38 2.46 22.68
N PHE D 625 27.63 1.86 23.61
CA PHE D 625 26.94 2.68 24.61
C PHE D 625 27.66 2.56 25.91
N PRO D 626 28.37 3.62 26.34
CA PRO D 626 29.24 3.40 27.51
C PRO D 626 28.50 2.95 28.78
N ALA D 627 29.12 2.06 29.54
CA ALA D 627 28.61 1.70 30.91
C ALA D 627 29.68 1.98 31.96
N PRO D 628 29.29 2.16 33.25
CA PRO D 628 30.31 2.41 34.30
C PRO D 628 31.46 1.38 34.32
N GLU D 629 31.21 0.17 33.79
CA GLU D 629 32.22 -0.90 33.70
C GLU D 629 33.39 -0.53 32.82
N ASP D 630 33.18 0.39 31.87
CA ASP D 630 34.21 0.72 30.92
C ASP D 630 35.12 1.84 31.44
N PHE D 631 34.85 2.31 32.67
CA PHE D 631 35.53 3.53 33.27
C PHE D 631 36.15 3.12 34.60
N PRO D 632 37.26 3.78 35.06
CA PRO D 632 38.07 4.80 34.37
C PRO D 632 38.96 4.19 33.28
N LEU D 633 39.02 2.86 33.22
CA LEU D 633 39.75 2.17 32.18
C LEU D 633 38.95 0.97 31.72
N MET D 634 38.96 0.74 30.42
CA MET D 634 38.00 -0.15 29.79
C MET D 634 38.54 -1.54 29.63
N PRO D 635 37.84 -2.55 30.11
CA PRO D 635 38.09 -3.95 29.72
C PRO D 635 37.94 -4.19 28.22
N ALA D 636 38.77 -5.09 27.66
CA ALA D 636 38.89 -5.25 26.23
C ALA D 636 37.56 -5.64 25.61
N GLU D 637 37.21 -5.07 24.47
CA GLU D 637 36.00 -5.50 23.82
C GLU D 637 36.35 -6.16 22.48
N PRO D 638 35.83 -7.38 22.22
CA PRO D 638 36.32 -8.06 21.05
C PRO D 638 35.58 -7.71 19.71
N ILE D 639 36.30 -7.62 18.61
CA ILE D 639 35.67 -7.62 17.27
C ILE D 639 36.41 -8.63 16.40
N THR D 640 35.70 -9.36 15.52
CA THR D 640 36.33 -10.39 14.67
C THR D 640 35.56 -10.56 13.36
N LEU D 641 36.30 -10.92 12.30
CA LEU D 641 35.74 -11.29 11.00
C LEU D 641 36.68 -12.38 10.52
N MET D 642 36.22 -13.18 9.57
CA MET D 642 37.03 -14.30 9.19
C MET D 642 36.85 -14.58 7.70
N LEU D 643 37.93 -14.97 7.02
CA LEU D 643 37.85 -15.41 5.65
C LEU D 643 38.22 -16.87 5.59
N ARG D 644 37.36 -17.67 4.91
CA ARG D 644 37.32 -19.13 5.02
CA ARG D 644 37.32 -19.13 5.02
C ARG D 644 37.39 -19.78 3.66
N PRO D 645 38.26 -20.78 3.48
CA PRO D 645 38.22 -21.37 2.15
C PRO D 645 36.96 -22.23 1.96
N ARG D 646 36.13 -21.96 0.96
CA ARG D 646 35.01 -22.86 0.69
C ARG D 646 35.14 -23.25 -0.76
N HIS D 647 35.28 -24.55 -1.00
CA HIS D 647 35.45 -25.11 -2.35
C HIS D 647 36.80 -24.81 -2.97
N PHE D 648 37.66 -24.23 -2.17
CA PHE D 648 39.00 -23.96 -2.51
C PHE D 648 39.80 -25.27 -2.50
N PHE D 649 39.67 -26.10 -1.44
CA PHE D 649 40.31 -27.43 -1.42
C PHE D 649 39.32 -28.53 -1.73
N THR D 650 39.79 -29.71 -2.10
CA THR D 650 38.88 -30.80 -2.34
C THR D 650 38.63 -31.67 -1.11
N GLU D 651 39.36 -31.42 0.00
CA GLU D 651 39.18 -32.05 1.31
C GLU D 651 39.78 -31.14 2.41
N ASN D 652 39.49 -31.45 3.67
CA ASN D 652 40.14 -30.81 4.85
C ASN D 652 41.71 -30.74 4.74
N PRO D 653 42.26 -29.53 4.55
CA PRO D 653 43.72 -29.36 4.30
C PRO D 653 44.64 -29.60 5.54
N GLY D 654 44.09 -29.70 6.74
CA GLY D 654 44.86 -30.02 7.92
C GLY D 654 45.07 -31.51 8.24
N LEU D 655 44.58 -32.41 7.41
CA LEU D 655 44.52 -33.82 7.77
C LEU D 655 45.90 -34.48 7.77
N ASP D 656 46.91 -33.76 7.30
CA ASP D 656 48.25 -34.30 7.38
C ASP D 656 49.05 -33.72 8.55
N ILE D 657 48.39 -32.95 9.42
CA ILE D 657 49.02 -32.61 10.70
C ILE D 657 48.98 -33.85 11.62
N GLN D 658 50.07 -34.10 12.33
CA GLN D 658 50.15 -35.21 13.29
C GLN D 658 49.07 -35.06 14.35
N PRO D 659 48.15 -36.04 14.42
CA PRO D 659 47.18 -36.08 15.51
C PRO D 659 47.88 -36.04 16.87
N SER D 660 47.23 -35.47 17.88
CA SER D 660 47.70 -35.56 19.26
C SER D 660 47.44 -36.99 19.78
N TYR D 661 46.34 -37.57 19.33
CA TYR D 661 46.05 -38.93 19.65
C TYR D 661 45.27 -39.55 18.52
N ALA D 662 45.57 -40.80 18.20
CA ALA D 662 44.88 -41.47 17.16
C ALA D 662 44.82 -42.96 17.51
N MET D 663 43.61 -43.51 17.65
CA MET D 663 43.45 -44.93 17.68
C MET D 663 42.44 -45.49 16.71
N THR D 664 42.87 -46.43 15.87
CA THR D 664 41.92 -47.10 14.96
C THR D 664 41.04 -48.13 15.60
N THR D 665 40.07 -48.60 14.84
CA THR D 665 39.18 -49.61 15.39
C THR D 665 39.92 -50.94 15.64
N SER D 666 40.75 -51.35 14.69
CA SER D 666 41.59 -52.54 14.88
C SER D 666 42.64 -52.36 16.01
N GLU D 667 43.21 -51.15 16.15
CA GLU D 667 44.15 -50.89 17.25
C GLU D 667 43.46 -50.98 18.59
N ALA D 668 42.24 -50.47 18.67
CA ALA D 668 41.47 -50.58 19.91
C ALA D 668 41.16 -52.05 20.29
N LYS D 669 40.92 -52.89 19.28
CA LYS D 669 40.62 -54.32 19.47
C LYS D 669 41.82 -55.14 19.99
N ARG D 670 43.05 -54.77 19.56
CA ARG D 670 44.29 -55.33 20.09
C ARG D 670 44.60 -54.86 21.52
N ALA D 671 44.12 -53.68 21.92
CA ALA D 671 44.34 -53.20 23.30
C ALA D 671 43.52 -54.01 24.30
N VAL D 672 42.34 -54.46 23.87
CA VAL D 672 41.39 -55.22 24.73
C VAL D 672 41.51 -56.80 24.68
N ALA E 19 20.58 66.12 14.96
CA ALA E 19 19.21 66.67 15.21
C ALA E 19 18.09 65.74 14.68
N ARG E 20 17.02 65.63 15.46
CA ARG E 20 15.99 64.58 15.33
C ARG E 20 14.94 64.78 14.20
N PRO E 21 14.59 63.67 13.49
CA PRO E 21 13.37 63.60 12.64
C PRO E 21 12.08 63.71 13.47
N ALA E 22 11.00 64.24 12.89
CA ALA E 22 9.68 64.15 13.55
C ALA E 22 9.18 62.67 13.50
N HIS E 23 9.55 61.95 12.45
CA HIS E 23 9.03 60.56 12.32
C HIS E 23 10.07 59.49 12.60
N PRO E 24 9.87 58.71 13.68
CA PRO E 24 10.84 57.74 14.15
C PRO E 24 11.15 56.65 13.13
N LEU E 25 10.38 56.53 12.07
CA LEU E 25 10.75 55.55 11.03
C LEU E 25 11.49 56.13 9.77
N ASP E 26 11.67 57.46 9.68
CA ASP E 26 12.55 58.07 8.68
C ASP E 26 13.94 57.43 8.67
N PRO E 27 14.47 57.09 7.47
CA PRO E 27 15.82 56.56 7.42
C PRO E 27 16.78 57.61 7.94
N LEU E 28 17.99 57.17 8.35
CA LEU E 28 19.05 58.14 8.81
C LEU E 28 19.36 59.21 7.79
N SER E 29 19.31 60.47 8.21
CA SER E 29 19.80 61.54 7.37
C SER E 29 21.31 61.41 7.22
N THR E 30 21.86 62.15 6.28
CA THR E 30 23.30 62.27 6.06
C THR E 30 24.03 62.76 7.32
N ALA E 31 23.43 63.73 8.05
CA ALA E 31 24.06 64.26 9.25
C ALA E 31 24.09 63.17 10.31
N GLU E 32 22.98 62.43 10.42
CA GLU E 32 22.93 61.32 11.38
C GLU E 32 23.98 60.23 11.08
N ILE E 33 24.23 59.97 9.80
CA ILE E 33 25.16 58.93 9.36
C ILE E 33 26.55 59.40 9.83
N LYS E 34 26.88 60.65 9.48
CA LYS E 34 28.15 61.27 9.83
C LYS E 34 28.47 61.11 11.31
N ALA E 35 27.49 61.44 12.13
CA ALA E 35 27.55 61.45 13.57
C ALA E 35 27.72 60.02 14.12
N ALA E 36 27.05 59.09 13.45
CA ALA E 36 27.19 57.67 13.79
C ALA E 36 28.61 57.22 13.54
N THR E 37 29.16 57.56 12.38
CA THR E 37 30.51 57.13 12.02
C THR E 37 31.58 57.83 12.87
N ASN E 38 31.45 59.15 13.06
CA ASN E 38 32.40 59.83 13.98
C ASN E 38 32.45 59.12 15.34
N THR E 39 31.28 58.91 15.94
CA THR E 39 31.17 58.15 17.21
C THR E 39 31.92 56.83 17.18
N VAL E 40 31.70 56.05 16.12
CA VAL E 40 32.25 54.74 16.09
C VAL E 40 33.75 54.87 16.00
N LYS E 41 34.19 55.72 15.08
CA LYS E 41 35.61 56.07 14.98
C LYS E 41 36.29 56.46 16.30
N SER E 42 35.66 57.36 17.07
CA SER E 42 36.21 57.83 18.35
CA SER E 42 36.26 57.81 18.33
C SER E 42 36.14 56.70 19.38
N TYR E 43 35.25 55.74 19.17
CA TYR E 43 35.18 54.60 20.08
C TYR E 43 36.40 53.67 19.87
N PHE E 44 36.68 53.34 18.60
CA PHE E 44 37.82 52.51 18.22
C PHE E 44 39.09 53.30 18.00
N ALA E 45 39.44 54.16 18.99
CA ALA E 45 40.49 55.15 18.83
C ALA E 45 41.82 54.47 18.48
N GLY E 46 42.46 54.96 17.42
CA GLY E 46 43.77 54.44 16.97
C GLY E 46 43.70 53.24 16.02
N LYS E 47 42.55 52.54 16.01
CA LYS E 47 42.37 51.36 15.16
C LYS E 47 41.94 51.71 13.73
N LYS E 48 42.52 50.99 12.78
CA LYS E 48 42.16 51.12 11.39
C LYS E 48 40.83 50.30 11.18
N ILE E 49 39.74 50.99 10.83
CA ILE E 49 38.44 50.37 10.64
C ILE E 49 37.75 50.88 9.36
N SER E 50 36.87 50.09 8.78
CA SER E 50 36.19 50.55 7.58
C SER E 50 34.71 50.23 7.74
N PHE E 51 33.84 50.99 7.07
CA PHE E 51 32.42 50.89 7.34
C PHE E 51 31.75 50.13 6.22
N ASN E 52 31.03 49.13 6.65
CA ASN E 52 30.28 48.24 5.77
C ASN E 52 28.82 48.64 5.69
N THR E 53 28.22 48.92 6.88
CA THR E 53 26.81 49.32 7.04
C THR E 53 26.63 50.29 8.20
N VAL E 54 25.93 51.39 7.89
CA VAL E 54 25.43 52.33 8.87
CA VAL E 54 25.40 52.28 8.91
C VAL E 54 24.01 52.71 8.49
N THR E 55 23.02 52.36 9.31
CA THR E 55 21.65 52.41 8.86
C THR E 55 20.72 52.43 10.04
N LEU E 56 19.47 52.87 9.86
CA LEU E 56 18.53 53.00 11.06
C LEU E 56 18.40 51.66 11.82
N ARG E 57 18.60 51.65 13.15
CA ARG E 57 17.92 50.65 13.97
C ARG E 57 16.44 51.07 14.27
N GLU E 58 15.48 50.42 13.59
CA GLU E 58 14.06 50.79 13.77
C GLU E 58 13.67 50.51 15.20
N PRO E 59 12.72 51.28 15.75
CA PRO E 59 12.43 51.06 17.18
C PRO E 59 11.63 49.77 17.41
N ALA E 60 11.67 49.24 18.62
CA ALA E 60 10.75 48.20 19.01
C ALA E 60 9.32 48.45 18.50
N ARG E 61 8.63 47.38 18.13
CA ARG E 61 7.29 47.54 17.61
C ARG E 61 6.31 48.09 18.67
N LYS E 62 6.46 47.59 19.90
CA LYS E 62 5.60 47.96 21.00
C LYS E 62 5.86 49.42 21.36
N ALA E 63 7.13 49.79 21.47
CA ALA E 63 7.54 51.19 21.75
C ALA E 63 6.95 52.14 20.70
N TYR E 64 7.06 51.75 19.43
CA TYR E 64 6.53 52.50 18.30
C TYR E 64 4.98 52.71 18.35
N ILE E 65 4.22 51.64 18.62
CA ILE E 65 2.74 51.72 18.61
C ILE E 65 2.24 52.46 19.86
N GLN E 66 3.05 52.41 20.90
CA GLN E 66 2.73 53.08 22.13
C GLN E 66 2.91 54.53 21.85
N TRP E 67 3.93 54.84 21.05
CA TRP E 67 4.23 56.24 20.75
C TRP E 67 3.12 56.83 19.90
N LYS E 68 2.77 56.10 18.83
CA LYS E 68 1.77 56.52 17.86
C LYS E 68 0.33 56.69 18.40
N GLU E 69 -0.09 55.77 19.28
CA GLU E 69 -1.49 55.57 19.59
C GLU E 69 -1.83 55.68 21.09
N GLN E 70 -0.84 55.49 21.95
CA GLN E 70 -1.09 55.47 23.39
C GLN E 70 -0.30 56.51 24.15
N GLY E 71 -0.10 57.68 23.55
CA GLY E 71 0.69 58.75 24.18
C GLY E 71 1.97 58.30 24.89
N GLY E 72 2.69 57.31 24.33
CA GLY E 72 4.00 56.84 24.84
C GLY E 72 5.11 57.78 24.40
N PRO E 73 6.34 57.60 24.93
CA PRO E 73 7.39 58.55 24.56
C PRO E 73 8.02 58.27 23.17
N LEU E 74 8.60 59.30 22.59
CA LEU E 74 9.39 59.16 21.39
C LEU E 74 10.61 58.24 21.61
N PRO E 75 10.75 57.17 20.79
CA PRO E 75 11.85 56.20 20.92
C PRO E 75 13.18 56.87 20.66
N PRO E 76 14.25 56.38 21.30
CA PRO E 76 15.53 56.97 20.91
C PRO E 76 15.90 56.66 19.46
N ARG E 77 16.63 57.62 18.89
CA ARG E 77 17.07 57.65 17.52
C ARG E 77 18.40 56.89 17.48
N LEU E 78 18.35 55.67 16.95
CA LEU E 78 19.43 54.73 17.05
C LEU E 78 20.02 54.30 15.66
N ALA E 79 21.36 54.19 15.60
CA ALA E 79 22.03 53.76 14.37
C ALA E 79 22.70 52.37 14.52
N TYR E 80 22.43 51.48 13.57
CA TYR E 80 23.11 50.17 13.49
C TYR E 80 24.34 50.22 12.58
N TYR E 81 25.48 49.70 13.07
CA TYR E 81 26.64 49.64 12.21
C TYR E 81 27.31 48.29 12.11
N VAL E 82 27.99 48.06 10.99
CA VAL E 82 28.89 46.93 10.87
C VAL E 82 30.20 47.51 10.40
N ILE E 83 31.30 47.05 11.00
CA ILE E 83 32.62 47.51 10.60
C ILE E 83 33.56 46.33 10.38
N LEU E 84 34.61 46.54 9.56
CA LEU E 84 35.76 45.68 9.49
C LEU E 84 36.98 46.32 10.21
N GLU E 85 37.83 45.50 10.84
CA GLU E 85 39.13 46.00 11.26
C GLU E 85 40.25 45.32 10.48
N ALA E 86 41.25 46.08 10.03
CA ALA E 86 42.46 45.51 9.41
C ALA E 86 43.16 44.42 10.28
N GLY E 87 43.42 43.25 9.67
CA GLY E 87 44.01 42.08 10.33
C GLY E 87 43.20 41.45 11.46
N LYS E 88 41.91 41.79 11.57
CA LYS E 88 40.99 41.07 12.45
C LYS E 88 40.01 40.25 11.59
N PRO E 89 39.75 39.01 11.99
CA PRO E 89 38.77 38.34 11.11
C PRO E 89 37.31 38.81 11.35
N GLY E 90 36.47 38.56 10.33
CA GLY E 90 35.04 38.80 10.44
C GLY E 90 34.68 40.28 10.52
N VAL E 91 33.78 40.60 11.42
CA VAL E 91 33.29 41.95 11.56
C VAL E 91 33.11 42.30 13.04
N LYS E 92 32.85 43.59 13.29
CA LYS E 92 32.23 44.04 14.52
C LYS E 92 30.91 44.76 14.20
N GLU E 93 29.94 44.65 15.06
CA GLU E 93 28.66 45.32 14.82
C GLU E 93 28.19 46.05 16.08
N GLY E 94 27.27 46.99 15.96
CA GLY E 94 26.72 47.59 17.18
C GLY E 94 25.70 48.70 16.99
N LEU E 95 25.41 49.39 18.09
CA LEU E 95 24.45 50.49 18.11
C LEU E 95 25.00 51.80 18.67
N VAL E 96 24.63 52.87 18.00
CA VAL E 96 24.90 54.19 18.42
C VAL E 96 23.60 54.88 18.78
N ASP E 97 23.56 55.45 19.98
CA ASP E 97 22.48 56.32 20.39
C ASP E 97 22.86 57.70 19.90
N LEU E 98 22.15 58.19 18.88
CA LEU E 98 22.44 59.48 18.26
C LEU E 98 22.25 60.73 19.17
N ALA E 99 21.26 60.69 20.05
CA ALA E 99 20.97 61.85 20.90
C ALA E 99 22.21 62.26 21.74
N SER E 100 22.89 61.26 22.30
CA SER E 100 24.05 61.42 23.17
C SER E 100 25.40 61.09 22.52
N LEU E 101 25.45 60.98 21.21
CA LEU E 101 26.70 60.64 20.49
C LEU E 101 27.55 59.51 21.08
N SER E 102 26.95 58.38 21.42
CA SER E 102 27.73 57.32 22.05
C SER E 102 27.34 55.90 21.66
N VAL E 103 28.32 55.02 21.66
CA VAL E 103 28.16 53.59 21.39
C VAL E 103 27.55 52.91 22.61
N ILE E 104 26.42 52.21 22.43
CA ILE E 104 25.71 51.61 23.55
C ILE E 104 25.79 50.10 23.54
N GLU E 105 26.23 49.53 22.44
CA GLU E 105 26.11 48.09 22.23
C GLU E 105 27.10 47.73 21.12
N THR E 106 27.94 46.73 21.36
CA THR E 106 29.07 46.42 20.50
C THR E 106 29.47 44.97 20.71
N ARG E 107 29.65 44.22 19.63
CA ARG E 107 30.14 42.84 19.70
C ARG E 107 30.92 42.43 18.46
N ALA E 108 31.96 41.62 18.66
CA ALA E 108 32.85 41.18 17.62
C ALA E 108 32.32 39.83 17.07
N LEU E 109 32.33 39.63 15.75
CA LEU E 109 31.75 38.37 15.12
C LEU E 109 32.81 37.87 14.23
N GLU E 110 33.74 37.06 14.74
CA GLU E 110 34.92 36.65 13.97
C GLU E 110 34.68 35.59 12.88
N THR E 111 33.46 35.06 12.81
CA THR E 111 33.21 33.95 11.87
C THR E 111 32.00 34.15 10.91
N VAL E 112 31.74 35.41 10.56
CA VAL E 112 30.74 35.78 9.56
C VAL E 112 31.40 36.72 8.50
N GLN E 113 30.76 36.88 7.35
CA GLN E 113 31.12 37.92 6.41
C GLN E 113 29.93 38.84 6.11
N PRO E 114 30.17 40.16 5.88
CA PRO E 114 29.06 41.06 5.62
C PRO E 114 28.68 41.15 4.14
N ILE E 115 27.50 41.72 3.91
CA ILE E 115 27.00 42.07 2.60
C ILE E 115 28.13 42.82 1.85
N LEU E 116 28.20 42.66 0.55
CA LEU E 116 29.28 43.25 -0.21
C LEU E 116 28.81 44.62 -0.70
N THR E 117 29.51 45.68 -0.34
CA THR E 117 29.15 47.03 -0.81
C THR E 117 29.64 47.35 -2.22
N VAL E 118 29.24 48.51 -2.73
CA VAL E 118 29.60 48.92 -4.14
C VAL E 118 31.11 49.05 -4.29
N GLU E 119 31.73 49.63 -3.26
CA GLU E 119 33.17 49.71 -3.18
C GLU E 119 33.78 48.35 -3.02
N ASP E 120 33.04 47.37 -2.50
CA ASP E 120 33.62 46.02 -2.44
C ASP E 120 33.62 45.38 -3.84
N LEU E 121 32.55 45.61 -4.58
CA LEU E 121 32.43 45.07 -5.92
C LEU E 121 33.39 45.73 -6.92
N CYS E 122 33.48 47.07 -6.88
CA CYS E 122 34.29 47.87 -7.84
C CYS E 122 35.83 47.58 -7.91
N SER E 123 36.44 47.19 -6.78
CA SER E 123 37.86 46.87 -6.75
C SER E 123 38.30 45.55 -7.45
N THR E 124 37.38 44.64 -7.77
CA THR E 124 37.82 43.28 -8.18
C THR E 124 38.40 43.20 -9.57
N GLU E 125 37.76 43.88 -10.51
CA GLU E 125 38.21 43.86 -11.90
C GLU E 125 39.65 44.17 -12.00
N GLU E 126 40.06 45.18 -11.24
CA GLU E 126 41.43 45.63 -11.29
C GLU E 126 42.34 44.59 -10.63
N VAL E 127 41.90 43.98 -9.53
CA VAL E 127 42.65 42.86 -8.93
C VAL E 127 42.92 41.74 -9.93
N ILE E 128 41.88 41.29 -10.63
CA ILE E 128 42.07 40.12 -11.55
C ILE E 128 42.82 40.47 -12.83
N ARG E 129 42.66 41.71 -13.31
CA ARG E 129 43.43 42.17 -14.48
C ARG E 129 44.93 42.18 -14.20
N ASN E 130 45.35 42.32 -12.94
CA ASN E 130 46.77 42.44 -12.68
C ASN E 130 47.38 41.18 -12.11
N ASP E 131 46.65 40.07 -12.11
CA ASP E 131 47.18 38.90 -11.45
C ASP E 131 47.87 37.96 -12.44
N PRO E 132 49.16 37.66 -12.18
CA PRO E 132 49.92 36.87 -13.13
C PRO E 132 49.18 35.58 -13.49
N ALA E 133 48.56 34.90 -12.49
CA ALA E 133 47.93 33.58 -12.73
C ALA E 133 46.69 33.72 -13.59
N VAL E 134 45.85 34.72 -13.27
CA VAL E 134 44.73 35.15 -14.13
C VAL E 134 45.15 35.50 -15.57
N ILE E 135 46.33 36.12 -15.71
CA ILE E 135 46.73 36.71 -16.98
C ILE E 135 47.09 35.54 -17.82
N GLU E 136 47.74 34.60 -17.15
CA GLU E 136 48.13 33.36 -17.74
C GLU E 136 46.90 32.57 -18.25
N GLN E 137 45.83 32.54 -17.46
CA GLN E 137 44.60 31.84 -17.91
C GLN E 137 43.96 32.53 -19.10
N CYS E 138 43.99 33.86 -19.16
CA CYS E 138 43.47 34.55 -20.34
C CYS E 138 44.28 34.21 -21.59
N VAL E 139 45.62 34.33 -21.52
CA VAL E 139 46.52 33.91 -22.59
C VAL E 139 46.21 32.47 -23.05
N LEU E 140 46.05 31.52 -22.13
CA LEU E 140 45.70 30.13 -22.55
C LEU E 140 44.31 30.03 -23.23
N SER E 141 43.39 30.94 -22.86
CA SER E 141 42.00 31.04 -23.38
C SER E 141 41.92 31.84 -24.69
N GLY E 142 43.07 32.35 -25.11
CA GLY E 142 43.14 33.02 -26.41
C GLY E 142 43.06 34.53 -26.38
N ILE E 143 43.33 35.13 -25.20
CA ILE E 143 43.44 36.61 -25.06
C ILE E 143 44.86 37.01 -24.67
N PRO E 144 45.56 37.84 -25.48
CA PRO E 144 46.93 38.26 -25.23
C PRO E 144 47.11 39.00 -23.93
N ALA E 145 48.24 38.80 -23.28
CA ALA E 145 48.60 39.49 -22.03
C ALA E 145 48.45 40.99 -22.10
N ASN E 146 48.69 41.62 -23.25
CA ASN E 146 48.55 43.10 -23.31
C ASN E 146 47.11 43.55 -23.65
N GLU E 147 46.16 42.62 -23.56
CA GLU E 147 44.78 42.94 -23.86
C GLU E 147 43.88 42.71 -22.64
N MET E 148 44.42 42.95 -21.44
CA MET E 148 43.70 42.67 -20.18
C MET E 148 42.61 43.67 -19.88
N HIS E 149 42.75 44.88 -20.43
CA HIS E 149 41.72 45.91 -20.29
C HIS E 149 40.38 45.51 -20.99
N LYS E 150 40.43 44.52 -21.89
CA LYS E 150 39.26 43.84 -22.49
C LYS E 150 38.67 42.65 -21.66
N VAL E 151 39.15 42.44 -20.43
CA VAL E 151 38.64 41.36 -19.59
C VAL E 151 37.86 42.02 -18.49
N TYR E 152 36.69 41.46 -18.14
CA TYR E 152 35.84 42.08 -17.13
C TYR E 152 35.40 40.95 -16.26
N CYS E 153 34.84 41.29 -15.09
CA CYS E 153 34.14 40.29 -14.34
C CYS E 153 33.01 40.83 -13.51
N ASP E 154 32.05 39.97 -13.26
CA ASP E 154 31.05 40.28 -12.31
C ASP E 154 31.55 39.65 -11.01
N PRO E 155 31.82 40.51 -10.02
CA PRO E 155 32.42 40.09 -8.78
C PRO E 155 31.42 39.53 -7.77
N TRP E 156 31.10 38.26 -7.80
CA TRP E 156 30.07 37.75 -6.89
C TRP E 156 30.71 37.55 -5.52
N THR E 157 29.95 37.58 -4.45
CA THR E 157 30.43 36.80 -3.29
C THR E 157 30.67 35.33 -3.73
N ILE E 158 31.62 34.67 -3.11
CA ILE E 158 31.73 33.23 -3.31
C ILE E 158 30.44 32.44 -2.93
N GLY E 159 29.56 33.08 -2.17
CA GLY E 159 28.35 32.42 -1.69
C GLY E 159 28.61 31.44 -0.56
N TYR E 160 28.94 30.24 -0.97
CA TYR E 160 29.65 29.32 -0.11
C TYR E 160 30.55 28.34 -0.87
N ASP E 161 31.82 28.42 -0.46
CA ASP E 161 32.82 27.36 -0.75
C ASP E 161 33.35 26.63 0.55
N GLU E 162 33.13 25.31 0.61
CA GLU E 162 33.59 24.49 1.73
C GLU E 162 35.12 24.42 1.93
N ARG E 163 35.94 24.92 0.99
CA ARG E 163 37.34 24.88 1.16
C ARG E 163 37.73 26.04 2.03
N TRP E 164 36.90 27.08 2.19
CA TRP E 164 37.31 28.24 3.05
C TRP E 164 36.34 28.70 4.12
N GLY E 165 35.09 28.27 4.04
CA GLY E 165 34.07 28.66 5.00
C GLY E 165 33.96 30.14 4.99
N THR E 166 33.99 30.72 6.19
CA THR E 166 34.04 32.15 6.39
C THR E 166 35.42 32.62 6.86
N GLY E 167 36.44 31.79 6.69
CA GLY E 167 37.76 32.10 7.26
C GLY E 167 38.46 33.28 6.60
N LYS E 168 38.17 33.51 5.31
CA LYS E 168 38.54 34.72 4.57
C LYS E 168 37.26 35.30 3.97
N ARG E 169 37.21 36.61 3.74
CA ARG E 169 36.11 37.23 2.92
C ARG E 169 36.42 36.98 1.46
N LEU E 170 35.64 36.13 0.79
CA LEU E 170 35.97 35.79 -0.60
C LEU E 170 34.95 36.21 -1.64
N GLN E 171 35.45 36.47 -2.85
CA GLN E 171 34.61 36.68 -4.02
C GLN E 171 34.96 35.70 -5.16
N GLN E 172 33.98 35.36 -5.97
CA GLN E 172 34.32 34.66 -7.22
C GLN E 172 34.16 35.64 -8.42
N ALA E 173 35.16 35.75 -9.30
CA ALA E 173 35.01 36.62 -10.48
C ALA E 173 34.47 35.76 -11.67
N LEU E 174 33.25 36.02 -12.11
CA LEU E 174 32.73 35.38 -13.31
C LEU E 174 33.27 36.27 -14.40
N VAL E 175 34.18 35.71 -15.19
CA VAL E 175 34.99 36.48 -16.10
CA VAL E 175 34.99 36.49 -16.11
C VAL E 175 34.42 36.52 -17.57
N TYR E 176 34.52 37.67 -18.20
CA TYR E 176 33.96 37.87 -19.51
C TYR E 176 34.96 38.67 -20.31
N TYR E 177 34.75 38.69 -21.63
CA TYR E 177 35.56 39.45 -22.54
C TYR E 177 34.76 40.47 -23.37
N ARG E 178 35.31 41.68 -23.54
CA ARG E 178 34.74 42.62 -24.52
C ARG E 178 35.69 42.95 -25.67
N SER E 179 35.22 42.88 -26.92
CA SER E 179 36.10 43.27 -28.04
CA SER E 179 36.04 43.28 -28.10
C SER E 179 36.21 44.78 -28.09
N ASP E 180 35.11 45.43 -27.70
CA ASP E 180 35.04 46.86 -27.62
C ASP E 180 34.30 47.20 -26.32
N GLU E 181 34.65 48.30 -25.67
CA GLU E 181 33.98 48.69 -24.41
C GLU E 181 32.43 48.83 -24.45
N ASP E 182 31.88 49.11 -25.61
CA ASP E 182 30.48 49.33 -25.71
C ASP E 182 29.75 48.00 -25.91
N ASP E 183 30.52 46.93 -26.01
CA ASP E 183 29.94 45.55 -26.05
C ASP E 183 29.16 45.16 -24.80
N SER E 184 28.14 44.31 -25.00
CA SER E 184 27.57 43.60 -23.85
C SER E 184 28.45 42.31 -23.75
N GLN E 185 29.20 42.21 -22.65
CA GLN E 185 30.20 41.11 -22.52
C GLN E 185 29.61 39.68 -22.47
N TYR E 186 28.32 39.56 -22.15
CA TYR E 186 27.67 38.31 -21.85
C TYR E 186 27.62 37.21 -22.92
N SER E 187 27.90 37.50 -24.17
CA SER E 187 28.00 36.47 -25.23
C SER E 187 29.44 35.85 -25.23
N HIS E 188 30.32 36.49 -24.40
CA HIS E 188 31.68 36.04 -24.26
C HIS E 188 32.26 35.74 -22.85
N PRO E 189 31.65 34.78 -22.09
CA PRO E 189 32.23 34.44 -20.81
C PRO E 189 33.46 33.60 -21.08
N LEU E 190 34.37 33.61 -20.13
CA LEU E 190 35.52 32.70 -20.21
C LEU E 190 35.26 31.46 -19.32
N ASP E 191 36.15 30.45 -19.44
CA ASP E 191 35.89 29.12 -18.92
C ASP E 191 36.24 28.95 -17.42
N PHE E 192 36.88 29.95 -16.83
CA PHE E 192 37.54 29.71 -15.56
C PHE E 192 37.05 30.74 -14.49
N CYS E 193 37.37 30.51 -13.21
CA CYS E 193 36.81 31.24 -12.11
C CYS E 193 37.80 31.70 -10.99
N PRO E 194 38.33 32.92 -11.08
CA PRO E 194 39.21 33.48 -10.02
C PRO E 194 38.48 33.65 -8.70
N ILE E 195 39.08 33.27 -7.58
CA ILE E 195 38.53 33.45 -6.23
C ILE E 195 39.39 34.54 -5.61
N VAL E 196 38.80 35.62 -5.13
CA VAL E 196 39.60 36.74 -4.70
C VAL E 196 39.33 37.01 -3.24
N ASP E 197 40.42 37.18 -2.50
CA ASP E 197 40.36 37.63 -1.10
C ASP E 197 40.01 39.09 -1.13
N THR E 198 38.79 39.41 -0.72
CA THR E 198 38.24 40.75 -0.82
C THR E 198 39.09 41.78 -0.10
N GLU E 199 39.53 41.47 1.13
CA GLU E 199 40.22 42.47 1.96
C GLU E 199 41.71 42.61 1.60
N GLU E 200 42.40 41.48 1.44
CA GLU E 200 43.79 41.44 0.89
C GLU E 200 43.94 41.89 -0.59
N LYS E 201 42.85 41.96 -1.35
CA LYS E 201 42.94 42.35 -2.76
C LYS E 201 43.92 41.40 -3.52
N LYS E 202 43.81 40.08 -3.27
CA LYS E 202 44.66 39.13 -3.97
C LYS E 202 43.79 37.98 -4.51
N VAL E 203 44.20 37.43 -5.65
CA VAL E 203 43.66 36.18 -6.18
C VAL E 203 44.30 35.07 -5.38
N ILE E 204 43.48 34.21 -4.77
CA ILE E 204 44.05 33.13 -3.93
C ILE E 204 43.90 31.76 -4.61
N PHE E 205 43.02 31.63 -5.58
CA PHE E 205 42.82 30.35 -6.26
C PHE E 205 42.10 30.67 -7.52
N ILE E 206 42.26 29.84 -8.55
CA ILE E 206 41.39 29.84 -9.71
C ILE E 206 40.83 28.41 -9.96
N ASP E 207 39.52 28.28 -10.07
CA ASP E 207 38.88 27.04 -10.50
C ASP E 207 39.00 26.89 -12.02
N ILE E 208 39.67 25.83 -12.47
CA ILE E 208 39.88 25.60 -13.90
C ILE E 208 39.23 24.26 -14.28
N PRO E 209 38.35 24.25 -15.27
CA PRO E 209 37.71 22.97 -15.61
C PRO E 209 38.62 21.99 -16.36
N ASN E 210 38.34 20.70 -16.24
CA ASN E 210 39.13 19.69 -17.00
C ASN E 210 39.14 19.93 -18.49
N ARG E 211 37.97 20.14 -19.08
CA ARG E 211 37.85 20.54 -20.50
CA ARG E 211 37.94 20.53 -20.49
C ARG E 211 38.00 22.06 -20.66
N ARG E 212 39.06 22.51 -21.31
CA ARG E 212 39.28 23.93 -21.55
C ARG E 212 38.41 24.43 -22.69
N ARG E 213 37.91 25.64 -22.60
CA ARG E 213 37.23 26.20 -23.75
C ARG E 213 37.68 27.63 -23.96
N LYS E 214 38.25 27.89 -25.13
CA LYS E 214 38.82 29.21 -25.47
C LYS E 214 37.70 30.16 -25.83
N VAL E 215 37.97 31.44 -25.61
CA VAL E 215 37.05 32.50 -25.81
C VAL E 215 36.41 32.37 -27.18
N SER E 216 35.10 32.62 -27.24
CA SER E 216 34.35 32.52 -28.51
C SER E 216 34.90 33.53 -29.53
N LYS E 217 34.82 33.12 -30.80
CA LYS E 217 35.27 33.96 -31.92
C LYS E 217 34.13 34.65 -32.61
N HIS E 218 32.88 34.41 -32.17
CA HIS E 218 31.72 35.10 -32.73
C HIS E 218 31.72 36.63 -32.36
N LYS E 219 31.01 37.42 -33.13
CA LYS E 219 30.72 38.79 -32.77
C LYS E 219 29.95 38.81 -31.42
N HIS E 220 30.17 39.85 -30.65
CA HIS E 220 29.34 40.11 -29.51
C HIS E 220 27.87 40.25 -29.94
N ALA E 221 27.00 39.61 -29.15
CA ALA E 221 25.57 39.87 -29.21
C ALA E 221 25.17 41.19 -28.51
N ASN E 222 25.04 42.28 -29.28
CA ASN E 222 24.84 43.66 -28.75
C ASN E 222 23.41 44.21 -28.94
N PHE E 223 23.02 45.28 -28.23
CA PHE E 223 21.63 45.71 -28.33
C PHE E 223 21.39 47.24 -28.28
N TYR E 224 22.45 48.02 -28.47
CA TYR E 224 22.24 49.46 -28.64
C TYR E 224 21.80 49.82 -30.07
N PRO E 225 21.14 50.96 -30.24
CA PRO E 225 20.67 51.23 -31.64
C PRO E 225 21.78 51.15 -32.74
N LYS E 226 23.01 51.63 -32.49
CA LYS E 226 24.12 51.44 -33.50
C LYS E 226 24.44 49.98 -33.89
N HIS E 227 24.46 49.10 -32.90
CA HIS E 227 24.60 47.68 -33.12
C HIS E 227 23.45 47.09 -33.89
N MET E 228 22.23 47.54 -33.58
CA MET E 228 21.01 47.01 -34.22
C MET E 228 20.90 47.39 -35.69
N ILE E 229 21.23 48.66 -35.98
CA ILE E 229 21.47 49.12 -37.38
C ILE E 229 22.42 48.13 -38.14
N GLU E 230 23.60 47.82 -37.61
CA GLU E 230 24.44 46.76 -38.21
C GLU E 230 23.71 45.41 -38.38
N LYS E 231 22.94 45.00 -37.36
CA LYS E 231 22.42 43.64 -37.29
C LYS E 231 21.29 43.46 -38.27
N VAL E 232 20.34 44.39 -38.20
CA VAL E 232 19.12 44.23 -38.96
C VAL E 232 18.87 45.34 -40.01
N GLY E 233 19.79 46.30 -40.14
CA GLY E 233 19.67 47.27 -41.23
C GLY E 233 19.15 48.64 -40.80
N ALA E 234 18.28 48.67 -39.80
CA ALA E 234 17.61 49.90 -39.41
C ALA E 234 16.79 49.73 -38.11
N MET E 235 16.72 50.78 -37.32
CA MET E 235 15.77 50.84 -36.24
C MET E 235 14.33 51.06 -36.74
N ARG E 236 13.35 50.72 -35.90
CA ARG E 236 11.98 51.08 -36.21
C ARG E 236 11.84 52.60 -36.10
N PRO E 237 11.00 53.19 -36.96
CA PRO E 237 10.63 54.62 -36.82
C PRO E 237 10.11 54.93 -35.39
N GLU E 238 10.51 56.06 -34.81
CA GLU E 238 9.99 56.52 -33.52
C GLU E 238 8.44 56.49 -33.54
N ALA E 239 7.84 55.87 -32.52
CA ALA E 239 6.38 55.76 -32.45
C ALA E 239 5.72 57.14 -32.14
N PRO E 240 4.47 57.32 -32.59
CA PRO E 240 3.71 58.51 -32.21
C PRO E 240 3.51 58.53 -30.70
N PRO E 241 3.75 59.69 -30.03
CA PRO E 241 3.82 59.58 -28.57
C PRO E 241 2.47 59.40 -27.81
N ILE E 242 2.58 58.92 -26.56
CA ILE E 242 1.46 58.76 -25.65
C ILE E 242 1.82 59.65 -24.48
N ASN E 243 1.02 60.67 -24.25
CA ASN E 243 1.36 61.65 -23.24
C ASN E 243 0.43 61.61 -22.05
N VAL E 244 1.06 61.75 -20.89
CA VAL E 244 0.39 61.62 -19.63
C VAL E 244 0.58 62.95 -18.93
N THR E 245 -0.52 63.66 -18.75
CA THR E 245 -0.44 64.92 -18.03
C THR E 245 -1.42 64.96 -16.89
N GLN E 246 -0.99 65.62 -15.82
CA GLN E 246 -1.85 65.88 -14.69
C GLN E 246 -1.95 67.38 -14.42
N PRO E 247 -2.80 68.07 -15.20
CA PRO E 247 -2.80 69.53 -15.18
C PRO E 247 -3.14 70.13 -13.82
N GLU E 248 -4.00 69.47 -13.04
CA GLU E 248 -4.39 70.01 -11.73
C GLU E 248 -3.64 69.42 -10.54
N GLY E 249 -2.48 68.81 -10.80
CA GLY E 249 -1.65 68.16 -9.77
C GLY E 249 -2.05 66.69 -9.51
N VAL E 250 -1.63 66.15 -8.35
CA VAL E 250 -1.96 64.78 -7.95
C VAL E 250 -3.04 64.73 -6.86
N SER E 251 -3.71 63.60 -6.79
CA SER E 251 -4.63 63.35 -5.68
C SER E 251 -3.92 62.93 -4.38
N PHE E 252 -2.70 62.44 -4.44
CA PHE E 252 -2.05 61.94 -3.23
C PHE E 252 -1.36 63.06 -2.49
N LYS E 253 -1.03 62.88 -1.23
CA LYS E 253 -0.30 63.92 -0.50
C LYS E 253 0.86 63.36 0.37
N MET E 254 2.07 63.88 0.18
CA MET E 254 3.24 63.52 1.04
C MET E 254 3.54 64.57 2.14
N THR E 255 3.88 64.06 3.33
CA THR E 255 4.30 64.87 4.49
C THR E 255 5.54 64.18 5.01
N GLY E 256 6.72 64.69 4.64
CA GLY E 256 7.97 63.93 4.81
C GLY E 256 7.83 62.58 4.10
N ASN E 257 7.88 61.50 4.85
CA ASN E 257 7.85 60.19 4.21
C ASN E 257 6.48 59.55 4.34
N VAL E 258 5.59 60.32 4.97
CA VAL E 258 4.23 59.86 5.19
C VAL E 258 3.33 60.14 4.01
N MET E 259 2.72 59.06 3.52
CA MET E 259 1.90 59.13 2.35
C MET E 259 0.41 58.98 2.67
N GLU E 260 -0.40 59.76 1.97
CA GLU E 260 -1.83 59.77 2.16
C GLU E 260 -2.46 59.77 0.81
N TRP E 261 -3.31 58.76 0.56
CA TRP E 261 -3.91 58.57 -0.74
C TRP E 261 -5.09 57.61 -0.63
N SER E 262 -6.20 58.04 -1.22
CA SER E 262 -7.40 57.25 -1.32
C SER E 262 -7.69 56.48 -0.02
N ASN E 263 -7.64 57.19 1.11
CA ASN E 263 -7.94 56.64 2.45
C ASN E 263 -6.77 55.86 3.08
N PHE E 264 -5.80 55.43 2.25
CA PHE E 264 -4.56 54.82 2.73
C PHE E 264 -3.65 55.84 3.41
N LYS E 265 -3.03 55.39 4.48
CA LYS E 265 -1.98 56.21 5.10
C LYS E 265 -0.84 55.29 5.48
N PHE E 266 0.40 55.70 5.20
CA PHE E 266 1.54 54.88 5.56
C PHE E 266 2.89 55.57 5.42
N HIS E 267 3.90 55.02 6.06
CA HIS E 267 5.22 55.59 6.01
C HIS E 267 6.10 54.85 4.97
N ILE E 268 6.69 55.61 4.04
CA ILE E 268 7.58 55.04 3.04
C ILE E 268 9.01 55.19 3.53
N GLY E 269 9.60 54.06 3.91
CA GLY E 269 10.98 53.99 4.33
C GLY E 269 11.90 53.34 3.34
N PHE E 270 13.17 53.28 3.70
CA PHE E 270 14.16 52.75 2.75
C PHE E 270 15.42 52.41 3.54
N ASN E 271 15.89 51.17 3.35
CA ASN E 271 17.26 50.90 3.74
C ASN E 271 18.06 50.17 2.66
N TYR E 272 19.39 50.16 2.88
CA TYR E 272 20.44 49.53 2.05
C TYR E 272 20.20 48.06 1.65
N ARG E 273 19.38 47.33 2.42
CA ARG E 273 19.26 45.91 2.27
C ARG E 273 17.87 45.50 1.71
N GLU E 274 16.79 45.98 2.31
CA GLU E 274 15.43 45.63 1.88
C GLU E 274 14.95 46.52 0.75
N GLY E 275 15.65 47.66 0.55
CA GLY E 275 15.15 48.69 -0.33
C GLY E 275 13.92 49.32 0.31
N ILE E 276 12.83 49.45 -0.44
CA ILE E 276 11.57 50.03 0.05
C ILE E 276 11.00 49.18 1.22
N VAL E 277 10.66 49.88 2.31
CA VAL E 277 9.96 49.35 3.48
C VAL E 277 8.69 50.18 3.81
N LEU E 278 7.50 49.55 3.68
CA LEU E 278 6.25 50.27 3.99
C LEU E 278 5.77 49.94 5.41
N SER E 279 5.44 50.97 6.17
CA SER E 279 5.16 50.83 7.60
C SER E 279 3.91 51.53 8.03
N ASP E 280 3.37 51.07 9.14
CA ASP E 280 2.33 51.79 9.83
C ASP E 280 1.22 52.08 8.85
N VAL E 281 0.75 51.02 8.20
CA VAL E 281 -0.21 51.13 7.14
C VAL E 281 -1.62 51.09 7.67
N SER E 282 -2.40 52.11 7.38
CA SER E 282 -3.82 52.15 7.83
C SER E 282 -4.75 52.54 6.71
N TYR E 283 -6.04 52.36 6.94
CA TYR E 283 -7.05 52.72 5.98
C TYR E 283 -8.16 53.47 6.71
N ASN E 284 -8.56 54.59 6.16
CA ASN E 284 -9.42 55.47 6.95
C ASN E 284 -10.84 55.17 6.50
N ASP E 285 -11.55 54.39 7.33
CA ASP E 285 -12.86 53.85 6.99
C ASP E 285 -13.95 54.77 7.54
N HIS E 286 -14.22 55.80 6.74
CA HIS E 286 -15.22 56.85 6.97
C HIS E 286 -15.07 57.45 8.32
N GLY E 287 -13.85 57.82 8.69
CA GLY E 287 -13.56 58.37 10.01
C GLY E 287 -12.92 57.38 10.97
N ASN E 288 -13.23 56.09 10.81
CA ASN E 288 -12.59 55.05 11.67
C ASN E 288 -11.22 54.58 11.09
N VAL E 289 -10.14 55.11 11.66
CA VAL E 289 -8.79 54.83 11.14
C VAL E 289 -8.37 53.41 11.54
N ARG E 290 -8.38 52.50 10.56
CA ARG E 290 -8.10 51.07 10.86
C ARG E 290 -6.69 50.63 10.42
N PRO E 291 -5.83 50.23 11.40
CA PRO E 291 -4.53 49.61 11.02
C PRO E 291 -4.74 48.38 10.09
N ILE E 292 -3.77 48.13 9.19
CA ILE E 292 -3.85 46.98 8.29
C ILE E 292 -2.57 46.23 8.56
N PHE E 293 -1.44 46.92 8.36
CA PHE E 293 -0.11 46.31 8.50
C PHE E 293 0.84 47.21 9.28
N HIS E 294 1.62 46.60 10.18
CA HIS E 294 2.75 47.34 10.77
C HIS E 294 3.92 47.56 9.79
N ARG E 295 4.30 46.50 9.05
CA ARG E 295 5.52 46.59 8.25
C ARG E 295 5.43 45.55 7.14
N ILE E 296 5.74 45.98 5.91
CA ILE E 296 5.78 45.03 4.80
C ILE E 296 6.99 45.38 3.92
N SER E 297 7.70 44.36 3.43
CA SER E 297 8.89 44.55 2.61
C SER E 297 9.43 43.22 2.05
N LEU E 298 10.37 43.25 1.11
CA LEU E 298 11.17 42.04 0.79
C LEU E 298 12.31 41.83 1.79
N SER E 299 12.49 40.60 2.26
CA SER E 299 13.45 40.42 3.39
C SER E 299 14.72 39.57 3.00
N GLU E 300 14.63 38.89 1.88
CA GLU E 300 15.67 38.02 1.38
C GLU E 300 15.19 37.59 -0.01
N MET E 301 16.09 37.04 -0.83
CA MET E 301 15.77 36.48 -2.18
C MET E 301 16.72 35.32 -2.27
N ILE E 302 16.49 34.37 -3.15
CA ILE E 302 17.60 33.52 -3.50
C ILE E 302 17.35 33.12 -4.96
N VAL E 303 18.43 33.12 -5.75
CA VAL E 303 18.36 32.75 -7.19
C VAL E 303 19.20 31.46 -7.41
N PRO E 304 18.65 30.33 -7.00
CA PRO E 304 19.51 29.15 -7.16
C PRO E 304 19.58 28.69 -8.63
N TYR E 305 20.81 28.56 -9.18
CA TYR E 305 21.09 27.88 -10.49
C TYR E 305 20.98 26.41 -10.48
N GLY E 306 20.66 25.81 -11.66
CA GLY E 306 20.30 24.41 -11.68
C GLY E 306 21.28 23.60 -12.47
N SER E 307 22.52 24.10 -12.64
CA SER E 307 23.58 23.25 -13.20
C SER E 307 24.43 22.62 -12.08
N PRO E 308 24.53 21.28 -12.07
CA PRO E 308 25.27 20.58 -11.02
C PRO E 308 26.79 20.56 -11.18
N GLU E 309 27.30 21.01 -12.32
CA GLU E 309 28.70 20.91 -12.64
C GLU E 309 29.49 22.03 -11.93
N PHE E 310 30.69 21.69 -11.46
CA PHE E 310 31.53 22.58 -10.69
C PHE E 310 32.08 23.70 -11.55
N PRO E 311 32.14 24.93 -11.04
CA PRO E 311 31.74 25.42 -9.72
C PRO E 311 30.39 26.14 -9.74
N HIS E 312 29.44 25.65 -10.55
CA HIS E 312 28.16 26.39 -10.64
C HIS E 312 27.17 26.30 -9.49
N GLN E 313 27.35 25.29 -8.62
CA GLN E 313 26.70 25.23 -7.32
C GLN E 313 26.91 26.51 -6.51
N ARG E 314 27.92 27.32 -6.84
CA ARG E 314 28.18 28.54 -5.97
C ARG E 314 27.36 29.73 -6.50
N LYS E 315 26.55 29.42 -7.52
CA LYS E 315 25.62 30.40 -8.06
C LYS E 315 24.26 30.10 -7.49
N HIS E 316 23.97 30.77 -6.38
CA HIS E 316 22.65 30.75 -5.73
C HIS E 316 22.57 32.09 -4.93
N ALA E 317 22.70 33.18 -5.65
CA ALA E 317 22.78 34.51 -5.00
C ALA E 317 21.59 34.84 -4.06
N LEU E 318 21.89 35.40 -2.89
CA LEU E 318 20.84 35.84 -2.05
C LEU E 318 20.95 37.34 -2.12
N ASP E 319 20.30 37.95 -3.12
CA ASP E 319 20.68 39.33 -3.50
C ASP E 319 20.55 40.33 -2.37
N ILE E 320 19.45 40.24 -1.63
CA ILE E 320 19.11 41.27 -0.70
C ILE E 320 20.14 41.17 0.46
N GLY E 321 20.40 39.94 0.90
CA GLY E 321 21.28 39.72 2.00
C GLY E 321 22.77 39.82 1.68
N GLU E 322 23.12 39.50 0.43
CA GLU E 322 24.49 39.46 0.07
C GLU E 322 25.02 40.74 -0.59
N TYR E 323 24.13 41.52 -1.22
CA TYR E 323 24.53 42.75 -1.94
C TYR E 323 23.70 44.00 -1.50
N GLY E 324 22.40 43.84 -1.18
CA GLY E 324 21.55 44.97 -0.72
C GLY E 324 20.74 45.62 -1.84
N ALA E 325 19.42 45.42 -1.81
CA ALA E 325 18.48 46.05 -2.72
C ALA E 325 18.52 47.57 -2.69
N GLY E 326 18.87 48.20 -1.54
CA GLY E 326 19.13 49.65 -1.58
C GLY E 326 20.49 49.98 -2.15
N TYR E 327 21.52 49.24 -1.71
CA TYR E 327 22.87 49.48 -2.19
C TYR E 327 22.95 49.40 -3.70
N MET E 328 22.16 48.51 -4.33
CA MET E 328 22.17 48.29 -5.80
C MET E 328 21.15 49.13 -6.53
N THR E 329 20.44 50.01 -5.84
CA THR E 329 19.33 50.66 -6.50
C THR E 329 19.71 51.69 -7.57
N ASN E 330 18.89 51.86 -8.61
CA ASN E 330 19.21 52.81 -9.69
C ASN E 330 18.60 54.23 -9.40
N PRO E 331 19.35 55.34 -9.70
CA PRO E 331 18.69 56.67 -9.81
C PRO E 331 17.68 56.55 -10.93
N LEU E 332 16.43 56.96 -10.69
CA LEU E 332 15.35 56.80 -11.66
C LEU E 332 15.23 58.14 -12.40
N SER E 333 14.89 58.14 -13.70
CA SER E 333 15.26 59.28 -14.61
C SER E 333 16.44 60.16 -14.13
N LEU E 334 17.58 60.21 -14.84
CA LEU E 334 17.79 60.04 -16.30
C LEU E 334 16.96 59.11 -17.20
N GLY E 335 16.72 57.87 -16.77
CA GLY E 335 16.28 56.83 -17.70
C GLY E 335 14.81 56.65 -18.06
N CYS E 336 13.97 57.68 -17.92
CA CYS E 336 12.56 57.58 -18.34
CA CYS E 336 12.53 57.59 -18.30
C CYS E 336 11.87 56.31 -17.75
N ASP E 337 12.25 55.95 -16.53
CA ASP E 337 11.77 54.75 -15.84
C ASP E 337 10.38 54.94 -15.30
N CYS E 338 10.05 56.21 -15.06
CA CYS E 338 8.90 56.61 -14.26
C CYS E 338 8.12 57.69 -15.02
N LYS E 339 7.12 57.25 -15.79
CA LYS E 339 6.37 58.15 -16.64
C LYS E 339 5.18 58.73 -15.89
N GLY E 340 5.14 60.06 -15.79
CA GLY E 340 4.05 60.79 -15.11
C GLY E 340 4.54 61.98 -14.29
N VAL E 341 3.63 62.55 -13.49
CA VAL E 341 3.99 63.49 -12.43
C VAL E 341 4.53 62.74 -11.20
N ILE E 342 5.84 62.77 -11.07
CA ILE E 342 6.54 61.87 -10.17
C ILE E 342 7.02 62.58 -8.90
N HIS E 343 6.92 61.93 -7.74
CA HIS E 343 7.52 62.46 -6.53
C HIS E 343 8.66 61.49 -6.26
N TYR E 344 9.85 61.99 -6.01
CA TYR E 344 11.05 61.20 -5.90
C TYR E 344 11.53 61.25 -4.43
N LEU E 345 12.26 60.20 -4.03
CA LEU E 345 12.96 60.15 -2.78
C LEU E 345 14.42 59.76 -3.01
N ASP E 346 15.30 60.26 -2.14
CA ASP E 346 16.73 60.05 -2.17
C ASP E 346 17.02 58.95 -1.17
N ALA E 347 18.04 58.11 -1.44
CA ALA E 347 18.57 57.20 -0.40
C ALA E 347 19.90 57.67 0.18
N HIS E 348 20.16 57.37 1.47
CA HIS E 348 21.47 57.74 2.01
C HIS E 348 22.18 56.58 2.68
N PHE E 349 23.48 56.40 2.41
CA PHE E 349 24.28 55.30 2.98
C PHE E 349 25.62 55.79 3.50
N SER E 350 26.35 54.95 4.21
CA SER E 350 27.76 55.19 4.41
C SER E 350 28.66 54.57 3.32
N ASP E 351 29.76 55.26 3.02
CA ASP E 351 30.86 54.62 2.33
C ASP E 351 31.85 53.99 3.31
N ARG E 352 32.87 53.32 2.78
CA ARG E 352 33.98 52.73 3.56
C ARG E 352 34.66 53.62 4.61
N ALA E 353 34.78 54.92 4.32
CA ALA E 353 35.42 55.88 5.19
C ALA E 353 34.42 56.37 6.24
N GLY E 354 33.15 56.04 6.03
CA GLY E 354 32.15 56.51 6.97
C GLY E 354 31.68 57.89 6.63
N ASP E 355 31.78 58.23 5.35
CA ASP E 355 31.18 59.41 4.77
C ASP E 355 29.83 59.06 4.14
N PRO E 356 28.80 59.93 4.31
CA PRO E 356 27.50 59.67 3.72
C PRO E 356 27.59 59.74 2.21
N ILE E 357 26.94 58.80 1.51
CA ILE E 357 26.77 58.94 0.06
C ILE E 357 25.27 59.05 -0.28
N THR E 358 24.94 59.77 -1.35
CA THR E 358 23.55 59.87 -1.75
C THR E 358 23.31 59.11 -3.08
N VAL E 359 22.15 58.44 -3.16
CA VAL E 359 21.54 58.02 -4.43
C VAL E 359 20.25 58.84 -4.64
N LYS E 360 20.33 59.75 -5.63
CA LYS E 360 19.22 60.62 -5.97
C LYS E 360 18.15 59.78 -6.64
N ASN E 361 16.88 60.08 -6.35
CA ASN E 361 15.75 59.52 -7.08
C ASN E 361 15.76 57.99 -7.06
N ALA E 362 15.94 57.47 -5.84
CA ALA E 362 16.00 56.07 -5.50
C ALA E 362 14.62 55.40 -5.50
N VAL E 363 13.61 56.16 -5.10
CA VAL E 363 12.24 55.67 -5.08
C VAL E 363 11.35 56.65 -5.82
N CYS E 364 10.51 56.13 -6.68
CA CYS E 364 9.63 57.02 -7.41
C CYS E 364 8.20 56.73 -7.04
N ILE E 365 7.42 57.79 -6.88
CA ILE E 365 6.04 57.65 -6.46
C ILE E 365 5.10 58.38 -7.42
N HIS E 366 4.05 57.71 -7.87
CA HIS E 366 3.10 58.35 -8.78
C HIS E 366 1.75 57.63 -8.87
N GLU E 367 0.75 58.31 -9.41
CA GLU E 367 -0.51 57.64 -9.47
C GLU E 367 -0.82 57.44 -10.94
N GLU E 368 -1.48 56.35 -11.25
CA GLU E 368 -1.70 55.90 -12.64
C GLU E 368 -3.14 55.49 -12.81
N ASP E 369 -3.66 55.68 -14.02
CA ASP E 369 -4.93 55.10 -14.38
C ASP E 369 -4.81 53.56 -14.26
N ASP E 370 -5.85 52.85 -13.82
CA ASP E 370 -5.79 51.38 -13.69
C ASP E 370 -7.02 50.65 -14.21
N GLY E 371 -7.60 51.15 -15.30
CA GLY E 371 -8.78 50.50 -15.95
C GLY E 371 -10.06 50.79 -15.13
N LEU E 372 -11.02 49.86 -15.20
CA LEU E 372 -12.29 49.98 -14.44
C LEU E 372 -12.14 49.58 -13.00
N LEU E 373 -12.85 50.27 -12.09
CA LEU E 373 -12.90 49.85 -10.71
C LEU E 373 -14.11 48.92 -10.63
N PHE E 374 -15.21 49.30 -11.30
CA PHE E 374 -16.44 48.52 -11.34
C PHE E 374 -17.36 49.10 -12.37
N LYS E 375 -18.28 48.25 -12.83
CA LYS E 375 -19.25 48.66 -13.78
C LYS E 375 -20.50 47.74 -13.68
N HIS E 376 -21.67 48.37 -13.76
CA HIS E 376 -22.94 47.64 -13.95
C HIS E 376 -24.03 48.40 -14.77
N SER E 377 -24.60 47.68 -15.73
CA SER E 377 -25.70 48.16 -16.54
C SER E 377 -26.89 47.20 -16.54
N ASP E 378 -28.12 47.74 -16.67
CA ASP E 378 -29.41 46.99 -16.69
C ASP E 378 -29.83 46.66 -18.13
N PHE E 379 -29.93 45.39 -18.47
CA PHE E 379 -30.36 45.00 -19.80
C PHE E 379 -31.79 45.45 -20.09
N ARG E 380 -32.60 45.68 -19.05
CA ARG E 380 -34.01 46.04 -19.20
C ARG E 380 -34.27 47.31 -20.06
N ASP E 381 -33.43 48.36 -19.90
CA ASP E 381 -33.45 49.50 -20.85
C ASP E 381 -32.23 49.52 -21.78
N ASN E 382 -31.78 48.32 -22.14
CA ASN E 382 -30.64 48.15 -23.03
C ASN E 382 -29.39 48.89 -22.58
N PHE E 383 -29.05 48.76 -21.30
CA PHE E 383 -27.78 49.28 -20.76
C PHE E 383 -27.74 50.80 -20.63
N ALA E 384 -28.85 51.48 -20.94
CA ALA E 384 -29.02 52.92 -20.62
C ALA E 384 -28.93 53.18 -19.12
N THR E 385 -29.45 52.26 -18.31
CA THR E 385 -29.15 52.33 -16.87
C THR E 385 -27.75 51.76 -16.69
N SER E 386 -26.83 52.61 -16.24
CA SER E 386 -25.45 52.24 -16.14
C SER E 386 -24.65 53.10 -15.20
N LEU E 387 -23.74 52.47 -14.47
CA LEU E 387 -22.78 53.22 -13.69
C LEU E 387 -21.41 52.63 -13.93
N VAL E 388 -20.42 53.49 -14.05
CA VAL E 388 -19.03 53.13 -14.41
C VAL E 388 -18.11 53.98 -13.60
N THR E 389 -17.24 53.31 -12.82
CA THR E 389 -16.19 54.04 -12.08
C THR E 389 -14.84 53.50 -12.50
N ARG E 390 -13.94 54.44 -12.75
CA ARG E 390 -12.58 54.14 -13.17
C ARG E 390 -11.66 54.09 -11.97
N ALA E 391 -10.58 53.38 -12.13
CA ALA E 391 -9.61 53.01 -11.09
C ALA E 391 -8.35 53.76 -11.28
N THR E 392 -7.82 54.25 -10.16
CA THR E 392 -6.51 54.83 -10.08
CA THR E 392 -6.50 54.82 -10.09
C THR E 392 -5.64 53.97 -9.09
N LYS E 393 -4.35 53.75 -9.39
CA LYS E 393 -3.49 53.03 -8.48
C LYS E 393 -2.37 53.90 -8.07
N LEU E 394 -1.83 53.71 -6.86
CA LEU E 394 -0.65 54.45 -6.37
C LEU E 394 0.58 53.54 -6.51
N VAL E 395 1.64 53.97 -7.16
CA VAL E 395 2.77 53.08 -7.33
C VAL E 395 3.94 53.59 -6.53
N VAL E 396 4.55 52.77 -5.70
CA VAL E 396 5.80 53.18 -5.02
C VAL E 396 6.90 52.21 -5.51
N SER E 397 7.87 52.66 -6.32
CA SER E 397 8.80 51.74 -6.95
CA SER E 397 8.80 51.75 -6.96
C SER E 397 10.26 52.09 -6.86
N GLN E 398 11.09 51.09 -7.08
CA GLN E 398 12.53 51.24 -7.23
C GLN E 398 12.91 50.26 -8.29
N ILE E 399 14.04 50.50 -8.92
CA ILE E 399 14.71 49.51 -9.79
C ILE E 399 16.16 49.27 -9.31
N PHE E 400 16.52 47.99 -9.09
CA PHE E 400 17.90 47.68 -8.66
C PHE E 400 18.57 46.78 -9.68
N THR E 401 19.89 46.95 -9.78
CA THR E 401 20.76 46.25 -10.71
C THR E 401 21.75 45.39 -9.93
N ALA E 402 21.72 44.10 -10.19
CA ALA E 402 22.60 43.17 -9.54
C ALA E 402 23.48 42.54 -10.62
N ALA E 403 24.47 43.27 -11.00
CA ALA E 403 25.39 42.96 -12.08
C ALA E 403 24.57 42.80 -13.36
N ASN E 404 24.34 41.56 -13.82
CA ASN E 404 23.60 41.37 -15.11
C ASN E 404 22.03 41.60 -15.05
N GLU E 406 18.21 43.11 -13.78
CA GLU E 406 17.40 44.22 -13.21
C GLU E 406 16.04 43.70 -12.67
N TYR E 407 15.80 44.05 -11.40
CA TYR E 407 14.56 43.82 -10.64
C TYR E 407 13.78 45.12 -10.53
N CYS E 408 12.64 45.22 -11.23
CA CYS E 408 11.80 46.38 -11.13
C CYS E 408 10.73 46.00 -10.12
N LEU E 409 10.74 46.70 -8.99
CA LEU E 409 9.79 46.43 -7.90
C LEU E 409 8.73 47.49 -7.81
N TYR E 410 7.46 47.10 -7.75
CA TYR E 410 6.44 48.11 -7.68
C TYR E 410 5.48 47.77 -6.59
N TRP E 411 5.43 48.58 -5.54
CA TRP E 411 4.38 48.45 -4.53
C TRP E 411 3.13 49.23 -4.99
N VAL E 412 1.96 48.62 -4.87
CA VAL E 412 0.79 49.16 -5.52
C VAL E 412 -0.43 49.14 -4.58
N PHE E 413 -0.96 50.33 -4.30
CA PHE E 413 -2.16 50.49 -3.48
C PHE E 413 -3.38 50.71 -4.39
N MET E 414 -4.50 50.09 -4.11
CA MET E 414 -5.61 50.21 -5.05
C MET E 414 -6.91 50.67 -4.38
N GLN E 415 -7.88 51.15 -5.16
CA GLN E 415 -9.03 51.83 -4.54
C GLN E 415 -10.11 50.91 -3.97
N ASP E 416 -10.01 49.60 -4.21
CA ASP E 416 -10.80 48.64 -3.43
C ASP E 416 -10.20 48.30 -2.05
N GLY E 417 -9.06 48.88 -1.70
CA GLY E 417 -8.43 48.52 -0.43
C GLY E 417 -7.34 47.45 -0.56
N ALA E 418 -7.15 46.88 -1.76
CA ALA E 418 -6.13 45.84 -1.96
C ALA E 418 -4.73 46.45 -2.11
N ILE E 419 -3.70 45.72 -1.72
CA ILE E 419 -2.31 46.09 -1.95
C ILE E 419 -1.62 45.01 -2.77
N ARG E 420 -0.93 45.41 -3.85
CA ARG E 420 -0.30 44.49 -4.78
C ARG E 420 1.23 44.65 -4.79
N LEU E 421 2.02 43.58 -4.86
CA LEU E 421 3.44 43.74 -5.23
C LEU E 421 3.59 43.25 -6.69
N ASP E 422 4.01 44.14 -7.58
CA ASP E 422 4.38 43.68 -8.95
C ASP E 422 5.90 43.80 -9.07
N ILE E 423 6.48 42.79 -9.71
CA ILE E 423 7.86 42.79 -9.99
C ILE E 423 7.98 42.45 -11.48
N ARG E 424 8.94 43.06 -12.13
CA ARG E 424 9.27 42.65 -13.47
C ARG E 424 10.77 42.45 -13.46
N LEU E 425 11.19 41.31 -14.04
CA LEU E 425 12.62 40.95 -14.20
C LEU E 425 13.01 41.30 -15.64
N THR E 426 14.15 41.96 -15.78
CA THR E 426 14.71 42.19 -17.11
C THR E 426 16.26 42.25 -16.90
N GLY E 427 17.00 42.95 -17.76
CA GLY E 427 18.47 42.82 -17.69
C GLY E 427 18.90 41.69 -18.65
N ILE E 428 20.07 41.11 -18.30
CA ILE E 428 20.77 40.14 -19.04
C ILE E 428 20.91 38.77 -18.32
N LEU E 429 20.71 37.69 -19.09
CA LEU E 429 20.98 36.38 -18.56
C LEU E 429 22.41 36.29 -17.97
N ASN E 430 22.60 35.61 -16.83
CA ASN E 430 23.93 35.04 -16.46
C ASN E 430 24.21 33.94 -17.49
N THR E 431 25.46 33.94 -18.02
CA THR E 431 25.91 33.10 -19.10
C THR E 431 27.28 32.51 -18.70
N TYR E 432 27.54 31.30 -19.22
CA TYR E 432 28.74 30.54 -19.04
C TYR E 432 29.11 30.01 -20.44
N ILE E 433 30.38 29.64 -20.66
CA ILE E 433 30.81 29.34 -21.96
C ILE E 433 30.30 27.95 -22.42
N LEU E 434 30.07 27.77 -23.70
CA LEU E 434 29.64 26.46 -24.16
C LEU E 434 30.60 26.07 -25.30
N GLY E 435 31.22 24.87 -25.28
CA GLY E 435 32.08 24.47 -26.38
C GLY E 435 31.40 24.27 -27.75
N ASP E 436 32.14 24.29 -28.84
CA ASP E 436 31.50 24.13 -30.18
C ASP E 436 30.66 22.87 -30.26
N ASP E 437 31.12 21.80 -29.60
CA ASP E 437 30.33 20.58 -29.77
CA ASP E 437 30.59 20.41 -29.63
C ASP E 437 29.65 20.15 -28.46
N GLU E 438 29.63 21.09 -27.49
CA GLU E 438 28.99 20.90 -26.20
C GLU E 438 27.45 21.12 -26.25
N GLU E 439 26.70 20.24 -25.60
CA GLU E 439 25.23 20.35 -25.42
C GLU E 439 24.93 21.18 -24.20
N ALA E 440 24.06 22.19 -24.28
CA ALA E 440 23.73 22.90 -23.06
C ALA E 440 22.80 22.11 -22.21
N GLY E 441 21.85 21.44 -22.88
CA GLY E 441 20.66 20.83 -22.14
C GLY E 441 21.27 19.72 -21.30
N PRO E 442 20.62 19.28 -20.22
CA PRO E 442 19.33 19.70 -19.79
C PRO E 442 19.41 20.82 -18.73
N TRP E 443 20.60 21.30 -18.41
CA TRP E 443 20.74 22.39 -17.35
C TRP E 443 20.74 23.83 -17.83
N GLY E 444 20.76 24.04 -19.15
CA GLY E 444 20.73 25.34 -19.72
C GLY E 444 20.40 25.39 -21.19
N THR E 445 20.39 26.59 -21.73
CA THR E 445 19.99 26.74 -23.16
C THR E 445 21.09 27.39 -23.94
N ARG E 446 21.35 26.86 -25.15
CA ARG E 446 22.26 27.62 -26.06
C ARG E 446 21.51 28.83 -26.65
N VAL E 447 21.64 30.00 -26.03
CA VAL E 447 20.85 31.18 -26.45
C VAL E 447 21.52 31.88 -27.62
N TYR E 448 22.73 31.43 -27.98
CA TYR E 448 23.64 32.15 -28.92
C TYR E 448 24.84 31.28 -29.05
N PRO E 449 25.56 31.29 -30.18
CA PRO E 449 26.68 30.30 -30.33
C PRO E 449 27.74 30.52 -29.20
N ASN E 450 28.14 29.38 -28.59
CA ASN E 450 29.08 29.36 -27.44
C ASN E 450 28.55 29.96 -26.16
N VAL E 451 27.22 30.13 -26.04
CA VAL E 451 26.62 30.72 -24.82
C VAL E 451 25.63 29.77 -24.16
N ASN E 452 25.97 29.26 -22.96
CA ASN E 452 25.06 28.44 -22.17
C ASN E 452 24.42 29.38 -21.16
N ALA E 453 23.12 29.58 -21.27
CA ALA E 453 22.42 30.25 -20.13
C ALA E 453 21.74 29.20 -19.23
N HIS E 454 22.25 29.07 -18.00
CA HIS E 454 21.87 27.96 -17.08
C HIS E 454 20.46 28.23 -16.52
N ASN E 455 19.63 27.20 -16.37
CA ASN E 455 18.36 27.25 -15.59
C ASN E 455 18.59 27.84 -14.14
N HIS E 456 17.61 28.57 -13.64
CA HIS E 456 17.67 29.05 -12.26
C HIS E 456 16.23 29.41 -11.78
N GLN E 457 16.04 29.65 -10.50
CA GLN E 457 14.74 30.11 -10.05
C GLN E 457 15.04 31.46 -9.54
N HIS E 458 14.02 32.32 -9.38
CA HIS E 458 14.24 33.56 -8.62
C HIS E 458 13.19 33.48 -7.54
N LEU E 459 13.64 33.41 -6.24
CA LEU E 459 12.74 33.32 -5.10
C LEU E 459 12.92 34.56 -4.17
N PHE E 460 11.80 35.06 -3.66
CA PHE E 460 11.69 36.27 -2.90
C PHE E 460 11.01 35.86 -1.60
N SER E 461 11.34 36.53 -0.50
CA SER E 461 10.70 36.24 0.76
C SER E 461 10.02 37.52 1.24
N LEU E 462 8.70 37.59 1.07
CA LEU E 462 7.96 38.78 1.43
C LEU E 462 7.74 38.61 2.94
N ARG E 463 8.06 39.65 3.69
CA ARG E 463 7.90 39.72 5.16
C ARG E 463 6.74 40.67 5.48
N ILE E 464 5.61 40.10 5.89
CA ILE E 464 4.43 40.83 6.43
C ILE E 464 4.38 40.81 7.99
N ASP E 465 4.50 41.98 8.64
CA ASP E 465 4.18 42.16 10.07
C ASP E 465 2.74 42.73 10.17
N PRO E 466 1.75 41.86 10.40
CA PRO E 466 0.44 42.35 10.17
C PRO E 466 -0.11 43.04 11.47
N ARG E 467 -1.13 43.87 11.32
CA ARG E 467 -1.86 44.38 12.49
C ARG E 467 -3.31 44.57 12.01
N ILE E 468 -3.92 43.50 11.45
CA ILE E 468 -5.23 43.57 10.78
C ILE E 468 -6.36 44.10 11.71
N ASP E 469 -6.83 45.30 11.43
CA ASP E 469 -7.82 45.89 12.32
C ASP E 469 -7.38 45.93 13.78
N GLY E 470 -6.10 46.08 14.07
CA GLY E 470 -5.67 46.11 15.49
C GLY E 470 -4.83 44.90 15.85
N ASP E 471 -4.46 44.80 17.11
CA ASP E 471 -3.57 43.74 17.55
C ASP E 471 -4.22 42.40 17.84
N GLY E 472 -3.40 41.34 17.81
CA GLY E 472 -3.84 40.01 18.09
C GLY E 472 -4.29 39.41 16.74
N ASN E 473 -3.38 38.77 16.01
CA ASN E 473 -3.72 38.26 14.69
C ASN E 473 -3.48 36.79 14.63
N SER E 474 -3.99 36.21 13.55
CA SER E 474 -3.89 34.83 13.23
C SER E 474 -3.74 34.65 11.67
N ALA E 475 -3.34 33.47 11.27
CA ALA E 475 -3.25 33.20 9.88
C ALA E 475 -3.81 31.81 9.63
N ALA E 476 -4.20 31.55 8.37
CA ALA E 476 -4.90 30.35 7.99
C ALA E 476 -4.64 30.02 6.53
N ALA E 477 -4.71 28.72 6.15
CA ALA E 477 -4.76 28.32 4.73
C ALA E 477 -6.25 28.12 4.37
N CYS E 478 -6.64 28.55 3.15
CA CYS E 478 -8.05 28.35 2.67
C CYS E 478 -8.03 27.52 1.41
N ASP E 479 -8.75 26.39 1.41
CA ASP E 479 -8.66 25.45 0.28
C ASP E 479 -10.03 25.23 -0.24
N ALA E 480 -10.24 25.49 -1.52
CA ALA E 480 -11.52 25.16 -2.17
C ALA E 480 -11.67 23.66 -2.11
N LYS E 481 -12.75 23.12 -1.62
CA LYS E 481 -12.96 21.67 -1.64
CA LYS E 481 -12.98 21.66 -1.57
C LYS E 481 -14.41 21.41 -1.90
N SER E 482 -14.66 20.34 -2.70
CA SER E 482 -15.94 19.77 -2.84
C SER E 482 -16.46 19.29 -1.49
N SER E 483 -17.77 19.31 -1.37
CA SER E 483 -18.42 18.63 -0.28
C SER E 483 -17.96 17.18 -0.21
N PRO E 484 -17.73 16.68 1.01
CA PRO E 484 -17.41 15.23 1.11
C PRO E 484 -18.58 14.27 0.80
N TYR E 485 -19.81 14.74 0.69
CA TYR E 485 -20.95 13.81 0.49
C TYR E 485 -21.10 13.42 -0.99
N PRO E 486 -21.42 12.18 -1.27
CA PRO E 486 -21.34 11.90 -2.78
C PRO E 486 -22.48 12.45 -3.67
N LEU E 487 -22.19 12.51 -4.96
CA LEU E 487 -23.23 12.72 -5.97
C LEU E 487 -24.36 11.81 -5.62
N GLY E 488 -25.58 12.37 -5.57
CA GLY E 488 -26.79 11.52 -5.38
C GLY E 488 -27.20 11.35 -3.90
N SER E 489 -26.35 11.71 -2.94
CA SER E 489 -26.77 11.73 -1.53
C SER E 489 -27.84 12.80 -1.26
N PRO E 490 -28.64 12.68 -0.17
CA PRO E 490 -29.53 13.80 0.15
C PRO E 490 -28.78 15.13 0.33
N GLU E 491 -27.53 15.08 0.79
CA GLU E 491 -26.77 16.30 1.06
C GLU E 491 -26.18 16.98 -0.14
N ASN E 492 -26.13 16.26 -1.26
CA ASN E 492 -25.40 16.76 -2.39
C ASN E 492 -25.99 16.07 -3.61
N MET E 493 -27.27 16.29 -3.79
CA MET E 493 -28.05 15.50 -4.76
C MET E 493 -27.37 15.47 -6.10
N TYR E 494 -27.02 16.69 -6.57
CA TYR E 494 -26.44 16.85 -7.92
C TYR E 494 -24.90 17.02 -7.96
N GLY E 495 -24.27 16.76 -6.81
CA GLY E 495 -22.82 16.79 -6.73
C GLY E 495 -22.19 18.12 -7.03
N ASN E 496 -22.91 19.20 -6.89
CA ASN E 496 -22.34 20.54 -7.22
C ASN E 496 -21.78 21.24 -6.00
N ALA E 497 -21.97 20.65 -4.82
CA ALA E 497 -21.66 21.49 -3.64
C ALA E 497 -20.19 21.57 -3.40
N PHE E 498 -19.79 22.78 -2.92
CA PHE E 498 -18.44 23.07 -2.54
C PHE E 498 -18.23 24.22 -1.54
N TYR E 499 -17.10 24.22 -0.86
CA TYR E 499 -16.95 25.16 0.22
C TYR E 499 -15.43 25.52 0.34
N SER E 500 -15.10 26.45 1.23
CA SER E 500 -13.74 26.77 1.53
C SER E 500 -13.39 26.16 2.88
N GLU E 501 -12.30 25.40 2.98
CA GLU E 501 -11.89 24.86 4.26
C GLU E 501 -10.81 25.76 4.79
N LYS E 502 -11.07 26.38 5.90
CA LYS E 502 -10.11 27.26 6.59
C LYS E 502 -9.37 26.44 7.68
N THR E 503 -8.05 26.28 7.57
CA THR E 503 -7.26 25.63 8.58
C THR E 503 -6.49 26.75 9.27
N THR E 504 -6.89 27.11 10.49
CA THR E 504 -6.21 28.20 11.21
C THR E 504 -4.93 27.64 11.73
N PHE E 505 -3.82 28.34 11.56
CA PHE E 505 -2.58 27.79 12.11
C PHE E 505 -2.49 28.01 13.64
N LYS E 506 -2.28 26.91 14.40
CA LYS E 506 -2.16 27.01 15.90
C LYS E 506 -0.74 27.25 16.36
N THR E 507 0.17 26.46 15.77
CA THR E 507 1.58 26.54 16.04
C THR E 507 2.35 26.83 14.77
N VAL E 508 3.61 27.27 14.92
CA VAL E 508 4.49 27.46 13.80
C VAL E 508 4.44 26.26 12.86
N LYS E 509 4.53 25.05 13.40
CA LYS E 509 4.64 23.92 12.49
C LYS E 509 3.48 23.86 11.51
N ASP E 510 2.31 24.33 11.94
CA ASP E 510 1.05 24.18 11.19
C ASP E 510 1.11 25.09 9.98
N SER E 511 1.85 26.19 10.14
CA SER E 511 1.91 27.25 9.12
C SER E 511 2.74 26.92 7.87
N LEU E 512 3.64 25.94 7.99
CA LEU E 512 4.58 25.62 6.90
C LEU E 512 3.85 24.87 5.78
N THR E 513 3.42 25.71 4.82
CA THR E 513 2.52 25.29 3.81
C THR E 513 2.98 25.85 2.43
N ASN E 514 2.66 25.13 1.38
CA ASN E 514 2.92 25.54 0.03
C ASN E 514 1.64 25.90 -0.75
N TYR E 515 1.80 26.69 -1.77
CA TYR E 515 0.69 26.91 -2.66
C TYR E 515 0.30 25.49 -3.21
N GLU E 516 -1.00 25.26 -3.45
CA GLU E 516 -1.54 24.00 -3.99
C GLU E 516 -2.58 24.34 -5.06
N SER E 517 -2.25 24.09 -6.34
CA SER E 517 -3.23 24.21 -7.41
C SER E 517 -4.51 23.43 -7.16
N ALA E 518 -4.41 22.24 -6.58
CA ALA E 518 -5.54 21.28 -6.56
C ALA E 518 -6.70 21.81 -5.67
N THR E 519 -6.39 22.80 -4.79
CA THR E 519 -7.41 23.46 -4.03
C THR E 519 -7.40 25.00 -4.22
N GLY E 520 -6.56 25.59 -5.11
CA GLY E 520 -6.63 27.00 -5.26
C GLY E 520 -6.22 27.73 -3.97
N ARG E 521 -5.28 27.23 -3.21
CA ARG E 521 -5.07 27.70 -1.87
C ARG E 521 -4.82 29.19 -1.86
N SER E 522 -5.41 29.91 -0.89
CA SER E 522 -5.07 31.28 -0.51
C SER E 522 -4.75 31.23 0.94
N TRP E 523 -4.26 32.35 1.52
CA TRP E 523 -3.97 32.40 2.96
C TRP E 523 -4.67 33.59 3.57
N ASP E 524 -5.31 33.37 4.71
CA ASP E 524 -5.94 34.49 5.40
C ASP E 524 -5.01 34.94 6.50
N ILE E 525 -4.86 36.27 6.64
CA ILE E 525 -4.29 36.93 7.82
C ILE E 525 -5.41 37.78 8.47
N PHE E 526 -5.79 37.40 9.72
CA PHE E 526 -7.05 37.87 10.26
C PHE E 526 -7.00 38.24 11.76
N ASN E 527 -8.01 38.96 12.22
CA ASN E 527 -8.11 39.33 13.63
C ASN E 527 -9.26 38.51 14.25
N PRO E 528 -8.95 37.45 15.03
CA PRO E 528 -10.03 36.60 15.57
C PRO E 528 -10.82 37.26 16.76
N ASN E 529 -10.42 38.47 17.14
CA ASN E 529 -11.13 39.25 18.16
C ASN E 529 -12.31 40.09 17.62
N LYS E 530 -12.39 40.26 16.30
CA LYS E 530 -13.41 41.13 15.70
C LYS E 530 -14.21 40.29 14.75
N VAL E 531 -15.37 40.80 14.34
CA VAL E 531 -16.37 40.09 13.55
C VAL E 531 -17.00 41.07 12.63
N ASN E 532 -17.19 40.65 11.40
CA ASN E 532 -17.88 41.41 10.39
C ASN E 532 -19.38 41.29 10.67
N PRO E 533 -20.10 42.45 10.87
CA PRO E 533 -21.53 42.44 11.27
C PRO E 533 -22.41 41.74 10.25
N TYR E 534 -22.02 41.81 8.98
CA TYR E 534 -22.78 41.09 7.95
C TYR E 534 -22.43 39.60 7.88
N SER E 535 -21.20 39.27 7.51
CA SER E 535 -20.84 37.87 7.24
C SER E 535 -20.63 36.95 8.46
N GLY E 536 -20.29 37.54 9.61
CA GLY E 536 -19.98 36.74 10.78
C GLY E 536 -18.52 36.31 10.84
N LYS E 537 -17.69 36.74 9.87
CA LYS E 537 -16.31 36.24 9.74
C LYS E 537 -15.35 37.29 10.23
N PRO E 538 -14.18 36.87 10.74
CA PRO E 538 -13.24 37.89 11.26
C PRO E 538 -12.74 38.75 10.10
N PRO E 539 -12.34 40.01 10.37
CA PRO E 539 -11.79 40.83 9.30
C PRO E 539 -10.44 40.28 8.80
N SER E 540 -10.23 40.25 7.49
CA SER E 540 -9.01 39.70 7.01
C SER E 540 -8.49 40.41 5.80
N TYR E 541 -7.21 40.15 5.55
CA TYR E 541 -6.51 40.42 4.29
C TYR E 541 -6.06 39.08 3.81
N LYS E 542 -6.51 38.70 2.61
CA LYS E 542 -6.27 37.40 2.05
C LYS E 542 -5.12 37.60 1.09
N LEU E 543 -4.07 36.76 1.22
CA LEU E 543 -2.97 36.66 0.25
C LEU E 543 -3.41 35.77 -0.94
N VAL E 544 -3.49 36.36 -2.14
CA VAL E 544 -3.85 35.64 -3.38
C VAL E 544 -2.49 35.59 -4.20
N SER E 545 -1.84 34.43 -4.27
CA SER E 545 -0.50 34.34 -4.85
C SER E 545 -0.33 32.97 -5.53
N THR E 546 -0.04 32.94 -6.82
CA THR E 546 0.04 31.61 -7.50
C THR E 546 1.40 31.34 -8.09
N GLN E 547 2.21 32.39 -8.15
CA GLN E 547 3.63 32.28 -8.56
C GLN E 547 4.57 31.83 -7.43
N CYS E 548 4.33 30.60 -7.00
CA CYS E 548 4.91 30.02 -5.84
C CYS E 548 5.62 28.71 -6.18
N PRO E 549 6.83 28.78 -6.75
CA PRO E 549 7.54 27.53 -7.19
C PRO E 549 8.00 26.67 -5.99
N PRO E 550 7.91 25.32 -6.09
CA PRO E 550 8.67 24.47 -5.16
C PRO E 550 10.17 24.84 -5.21
N LEU E 551 10.89 24.77 -4.10
CA LEU E 551 12.34 24.92 -4.17
C LEU E 551 12.79 23.65 -4.86
N LEU E 552 13.49 23.77 -5.98
CA LEU E 552 13.90 22.56 -6.73
C LEU E 552 15.12 21.85 -6.19
N ALA E 553 16.03 22.59 -5.60
CA ALA E 553 17.21 22.07 -4.90
C ALA E 553 16.79 21.09 -3.81
N LYS E 554 17.48 19.96 -3.66
CA LYS E 554 17.03 18.90 -2.74
C LYS E 554 17.18 19.33 -1.28
N GLU E 555 16.41 18.66 -0.44
CA GLU E 555 16.52 18.81 0.99
C GLU E 555 17.98 18.49 1.38
N GLY E 556 18.51 19.30 2.28
CA GLY E 556 19.89 19.12 2.68
C GLY E 556 20.90 19.73 1.75
N SER E 557 20.46 20.32 0.64
CA SER E 557 21.37 20.96 -0.36
C SER E 557 21.87 22.28 0.24
N LEU E 558 22.94 22.84 -0.33
CA LEU E 558 23.52 24.13 0.12
C LEU E 558 22.45 25.18 0.06
N VAL E 559 21.71 25.10 -1.05
CA VAL E 559 20.67 26.09 -1.33
C VAL E 559 19.53 26.07 -0.31
N ALA E 560 19.06 24.88 -0.01
CA ALA E 560 17.97 24.68 0.96
C ALA E 560 18.46 25.02 2.36
N LYS E 561 19.73 24.75 2.64
CA LYS E 561 20.26 25.05 4.01
C LYS E 561 20.44 26.52 4.24
N ARG E 562 20.89 27.26 3.21
CA ARG E 562 21.20 28.71 3.34
C ARG E 562 19.95 29.54 3.15
N ALA E 563 18.95 28.96 2.51
CA ALA E 563 17.57 29.59 2.45
C ALA E 563 16.49 28.74 3.09
N PRO E 564 16.49 28.62 4.43
CA PRO E 564 15.54 27.69 5.07
C PRO E 564 14.07 28.12 4.86
N TRP E 565 13.84 29.39 4.50
CA TRP E 565 12.54 29.92 4.28
C TRP E 565 12.05 29.58 2.89
N ALA E 566 12.95 29.14 2.01
CA ALA E 566 12.49 29.03 0.64
C ALA E 566 11.70 27.76 0.32
N SER E 567 11.72 26.79 1.26
CA SER E 567 11.14 25.45 1.01
CA SER E 567 11.17 25.45 1.05
C SER E 567 9.65 25.43 1.30
N HIS E 568 9.15 26.49 1.97
CA HIS E 568 7.68 26.62 2.13
C HIS E 568 7.25 27.92 1.52
N SER E 569 6.07 27.97 0.91
CA SER E 569 5.48 29.20 0.41
C SER E 569 5.12 30.10 1.54
N VAL E 570 4.73 29.52 2.68
CA VAL E 570 4.40 30.33 3.86
C VAL E 570 5.11 29.81 5.11
N ASN E 571 5.66 30.74 5.92
CA ASN E 571 6.18 30.47 7.22
C ASN E 571 5.64 31.56 8.18
N VAL E 572 4.94 31.15 9.25
CA VAL E 572 4.43 32.12 10.19
C VAL E 572 5.08 31.82 11.54
N VAL E 573 5.75 32.82 12.16
CA VAL E 573 6.43 32.70 13.46
C VAL E 573 6.12 33.88 14.51
N PRO E 574 6.35 33.67 15.80
CA PRO E 574 6.08 34.80 16.70
C PRO E 574 6.85 35.99 16.29
N TYR E 575 6.21 37.14 16.36
CA TYR E 575 6.92 38.40 16.33
C TYR E 575 7.96 38.43 17.42
N LYS E 576 9.17 38.88 17.12
CA LYS E 576 10.06 39.46 18.12
C LYS E 576 10.76 40.61 17.44
N ASP E 577 11.24 41.58 18.23
CA ASP E 577 12.05 42.64 17.68
C ASP E 577 13.22 42.07 16.93
N ASN E 578 13.52 42.75 15.82
CA ASN E 578 14.67 42.44 15.02
C ASN E 578 14.70 41.07 14.35
N ARG E 579 13.53 40.52 14.06
CA ARG E 579 13.39 39.35 13.17
C ARG E 579 13.09 39.83 11.76
N LEU E 580 14.15 40.27 11.09
CA LEU E 580 14.02 40.84 9.77
C LEU E 580 14.41 39.78 8.71
N TYR E 581 15.56 39.13 8.88
CA TYR E 581 16.36 38.50 7.79
C TYR E 581 16.44 37.00 7.96
N PRO E 582 15.60 36.30 7.16
CA PRO E 582 15.31 34.89 7.37
C PRO E 582 16.48 34.02 7.05
N SER E 583 17.53 34.57 6.46
CA SER E 583 18.77 33.79 6.24
C SER E 583 19.92 34.26 7.16
N GLY E 584 19.62 35.04 8.18
CA GLY E 584 20.67 35.44 9.15
C GLY E 584 21.05 36.86 8.84
N ASP E 585 21.63 37.56 9.81
CA ASP E 585 22.01 38.96 9.68
C ASP E 585 23.21 39.11 8.75
N HIS E 586 24.10 38.10 8.69
CA HIS E 586 25.30 38.15 7.84
C HIS E 586 25.37 36.92 6.94
N VAL E 587 24.98 37.14 5.71
CA VAL E 587 24.65 36.01 4.87
C VAL E 587 25.88 35.49 4.07
N PRO E 588 26.70 36.38 3.42
CA PRO E 588 27.79 35.70 2.66
C PRO E 588 28.57 34.63 3.47
N GLN E 589 28.72 33.47 2.84
CA GLN E 589 29.62 32.44 3.33
C GLN E 589 29.16 31.64 4.55
N TRP E 590 27.96 31.90 5.10
CA TRP E 590 27.31 30.95 6.02
C TRP E 590 27.02 29.69 5.20
N SER E 591 27.45 28.53 5.70
CA SER E 591 27.18 27.22 5.09
C SER E 591 25.73 26.80 5.14
N GLY E 592 24.99 27.46 6.04
CA GLY E 592 23.64 27.05 6.29
C GLY E 592 23.49 26.06 7.44
N ASP E 593 24.60 25.75 8.13
CA ASP E 593 24.56 24.97 9.36
C ASP E 593 24.33 25.87 10.60
N GLY E 594 23.32 25.54 11.38
CA GLY E 594 23.07 26.21 12.62
C GLY E 594 21.71 26.83 12.73
N VAL E 595 21.41 27.27 13.94
CA VAL E 595 20.09 27.72 14.30
C VAL E 595 20.08 29.26 14.22
N ARG E 596 19.76 29.81 13.05
CA ARG E 596 19.74 31.28 12.92
C ARG E 596 18.67 31.61 11.93
N GLY E 597 18.28 32.90 11.84
CA GLY E 597 17.15 33.28 10.96
C GLY E 597 15.91 32.35 11.03
N MET E 598 15.29 32.10 9.88
CA MET E 598 14.06 31.30 9.88
C MET E 598 14.15 29.99 10.71
N ARG E 599 15.25 29.26 10.59
CA ARG E 599 15.45 28.02 11.33
C ARG E 599 15.34 28.27 12.86
N GLU E 600 15.95 29.36 13.32
CA GLU E 600 15.83 29.74 14.73
C GLU E 600 14.41 30.07 15.08
N TRP E 601 13.77 30.92 14.27
CA TRP E 601 12.43 31.46 14.62
C TRP E 601 11.38 30.34 14.62
N ILE E 602 11.57 29.34 13.75
CA ILE E 602 10.68 28.16 13.73
C ILE E 602 10.94 27.29 14.97
N GLY E 603 12.22 27.13 15.32
CA GLY E 603 12.58 26.41 16.54
C GLY E 603 12.08 25.02 16.38
N ASP E 604 11.40 24.51 17.40
CA ASP E 604 10.85 23.16 17.33
C ASP E 604 9.42 23.11 16.73
N GLY E 605 8.94 24.28 16.32
CA GLY E 605 7.67 24.42 15.65
C GLY E 605 6.46 24.41 16.58
N SER E 606 6.68 24.41 17.91
CA SER E 606 5.60 24.29 18.87
C SER E 606 5.02 25.62 19.34
N GLU E 607 5.72 26.75 19.16
CA GLU E 607 5.20 28.05 19.64
C GLU E 607 3.90 28.52 19.02
N ASN E 608 3.05 29.08 19.85
CA ASN E 608 1.79 29.65 19.45
C ASN E 608 1.89 30.77 18.41
N ILE E 609 0.94 30.80 17.48
CA ILE E 609 0.84 31.88 16.47
C ILE E 609 -0.65 32.20 16.20
N ASP E 610 -1.53 31.69 17.07
CA ASP E 610 -2.95 32.01 17.03
C ASP E 610 -3.28 33.17 17.94
N ASN E 611 -3.80 34.23 17.34
CA ASN E 611 -4.23 35.40 18.15
C ASN E 611 -3.12 35.88 19.03
N THR E 612 -2.13 36.43 18.36
CA THR E 612 -0.97 37.02 19.01
C THR E 612 -0.28 37.96 17.98
N ASP E 613 0.88 38.50 18.31
CA ASP E 613 1.72 39.16 17.30
C ASP E 613 2.57 38.10 16.48
N ILE E 614 2.45 38.17 15.16
CA ILE E 614 3.04 37.14 14.27
C ILE E 614 3.77 37.84 13.12
N LEU E 615 4.69 37.11 12.46
CA LEU E 615 5.38 37.60 11.28
C LEU E 615 5.05 36.54 10.22
N PHE E 616 4.69 37.00 9.02
CA PHE E 616 4.21 36.15 7.93
C PHE E 616 5.20 36.26 6.79
N PHE E 617 5.96 35.17 6.53
CA PHE E 617 7.00 35.19 5.52
C PHE E 617 6.50 34.37 4.37
N HIS E 618 6.32 35.07 3.23
CA HIS E 618 5.84 34.39 2.00
C HIS E 618 6.94 34.18 0.94
N THR E 619 7.03 32.97 0.42
CA THR E 619 8.01 32.73 -0.60
C THR E 619 7.27 32.62 -1.94
N PHE E 620 7.63 33.50 -2.88
CA PHE E 620 7.11 33.49 -4.24
C PHE E 620 8.27 33.77 -5.25
N GLY E 621 7.98 33.56 -6.55
CA GLY E 621 8.92 33.84 -7.62
C GLY E 621 8.67 32.99 -8.86
N ILE E 622 9.73 32.65 -9.58
CA ILE E 622 9.56 31.97 -10.88
C ILE E 622 10.70 30.99 -11.12
N THR E 623 10.44 30.04 -12.00
CA THR E 623 11.49 29.18 -12.49
C THR E 623 11.74 29.60 -13.97
N HIS E 624 13.01 29.90 -14.26
CA HIS E 624 13.43 30.45 -15.51
C HIS E 624 14.20 29.42 -16.33
N PHE E 625 13.61 28.91 -17.40
CA PHE E 625 14.31 28.14 -18.40
C PHE E 625 14.55 29.09 -19.60
N PRO E 626 15.80 29.56 -19.78
CA PRO E 626 16.10 30.62 -20.72
C PRO E 626 15.85 30.16 -22.12
N ALA E 627 15.56 31.10 -22.99
CA ALA E 627 15.25 30.81 -24.43
C ALA E 627 15.90 31.97 -25.18
N PRO E 628 16.10 31.82 -26.50
CA PRO E 628 16.82 32.91 -27.20
C PRO E 628 16.17 34.28 -27.11
N GLU E 629 14.85 34.30 -26.97
CA GLU E 629 14.15 35.55 -26.81
C GLU E 629 14.73 36.39 -25.66
N ASP E 630 15.37 35.72 -24.71
CA ASP E 630 15.77 36.38 -23.43
C ASP E 630 17.10 37.07 -23.71
N PHE E 631 17.60 36.90 -24.95
CA PHE E 631 18.97 37.27 -25.24
C PHE E 631 19.13 38.22 -26.44
N PRO E 632 20.13 39.15 -26.39
CA PRO E 632 21.17 39.40 -25.39
C PRO E 632 20.71 40.27 -24.24
N LEU E 633 19.46 40.75 -24.34
CA LEU E 633 18.76 41.56 -23.30
C LEU E 633 17.35 40.98 -23.26
N MET E 634 16.79 40.80 -22.07
CA MET E 634 15.54 40.10 -21.80
CA MET E 634 15.50 40.13 -21.92
C MET E 634 14.31 41.05 -21.75
N PRO E 635 13.22 40.71 -22.45
CA PRO E 635 11.97 41.43 -22.17
C PRO E 635 11.43 41.17 -20.74
N ALA E 636 10.86 42.19 -20.14
CA ALA E 636 10.48 42.07 -18.75
C ALA E 636 9.57 40.85 -18.55
N GLU E 637 9.79 40.09 -17.45
CA GLU E 637 8.98 38.93 -17.04
C GLU E 637 8.24 39.30 -15.76
N PRO E 638 6.91 39.26 -15.77
CA PRO E 638 6.12 39.69 -14.60
C PRO E 638 5.97 38.62 -13.51
N ILE E 639 6.05 39.06 -12.28
CA ILE E 639 5.65 38.30 -11.10
C ILE E 639 4.66 39.16 -10.31
N THR E 640 3.68 38.52 -9.70
CA THR E 640 2.77 39.31 -8.89
C THR E 640 2.12 38.50 -7.77
N LEU E 641 1.70 39.26 -6.76
CA LEU E 641 0.91 38.83 -5.63
C LEU E 641 0.07 39.99 -5.12
N MET E 642 -1.00 39.65 -4.38
CA MET E 642 -2.00 40.64 -3.96
C MET E 642 -2.47 40.35 -2.51
N LEU E 643 -2.75 41.38 -1.72
CA LEU E 643 -3.27 41.24 -0.37
C LEU E 643 -4.65 41.95 -0.43
N ARG E 644 -5.73 41.20 -0.34
CA ARG E 644 -7.03 41.83 -0.58
CA ARG E 644 -7.10 41.67 -0.67
C ARG E 644 -7.91 41.78 0.63
N PRO E 645 -8.63 42.90 0.88
CA PRO E 645 -9.49 42.82 2.10
C PRO E 645 -10.68 41.86 1.86
N ARG E 646 -10.87 40.90 2.75
CA ARG E 646 -12.06 40.03 2.72
C ARG E 646 -12.71 39.96 4.10
N HIS E 647 -13.96 40.44 4.16
CA HIS E 647 -14.72 40.62 5.39
C HIS E 647 -14.06 41.73 6.27
N PHE E 648 -13.12 42.46 5.69
CA PHE E 648 -12.61 43.67 6.36
C PHE E 648 -13.65 44.81 6.36
N PHE E 649 -14.31 45.02 5.21
CA PHE E 649 -15.36 46.04 5.07
C PHE E 649 -16.79 45.43 5.13
N THR E 650 -17.81 46.29 5.26
CA THR E 650 -19.19 45.79 5.22
C THR E 650 -19.78 45.94 3.82
N GLU E 651 -19.05 46.65 2.95
CA GLU E 651 -19.38 46.83 1.53
C GLU E 651 -18.14 47.34 0.77
N ASN E 652 -18.15 47.18 -0.56
CA ASN E 652 -17.21 47.80 -1.51
C ASN E 652 -16.85 49.19 -0.97
N PRO E 653 -15.58 49.40 -0.55
CA PRO E 653 -15.19 50.71 0.05
C PRO E 653 -14.98 51.78 -0.99
N GLY E 654 -15.09 51.48 -2.29
CA GLY E 654 -14.88 52.57 -3.29
C GLY E 654 -16.15 53.25 -3.81
N LEU E 655 -17.30 53.00 -3.19
CA LEU E 655 -18.58 53.41 -3.81
C LEU E 655 -18.82 54.95 -3.76
N ASP E 656 -18.16 55.61 -2.80
CA ASP E 656 -18.21 57.06 -2.70
C ASP E 656 -17.25 57.74 -3.67
N ILE E 657 -16.46 56.96 -4.41
CA ILE E 657 -15.68 57.54 -5.49
C ILE E 657 -16.62 57.97 -6.61
N GLN E 658 -16.34 59.14 -7.23
CA GLN E 658 -17.22 59.64 -8.27
C GLN E 658 -17.15 58.82 -9.55
N PRO E 659 -18.29 58.29 -9.97
CA PRO E 659 -18.34 57.60 -11.24
C PRO E 659 -17.88 58.49 -12.39
N SER E 660 -17.23 57.85 -13.35
CA SER E 660 -16.91 58.42 -14.63
C SER E 660 -18.20 58.68 -15.34
N TYR E 661 -19.14 57.75 -15.24
CA TYR E 661 -20.46 57.90 -15.84
C TYR E 661 -21.52 57.20 -14.98
N ALA E 662 -22.69 57.86 -14.84
CA ALA E 662 -23.79 57.38 -14.01
C ALA E 662 -25.17 57.82 -14.47
N MET E 663 -25.94 56.88 -15.01
CA MET E 663 -27.32 57.09 -15.34
C MET E 663 -28.27 56.09 -14.66
N THR E 664 -29.30 56.64 -14.00
CA THR E 664 -30.30 55.85 -13.27
C THR E 664 -31.45 55.42 -14.17
N THR E 665 -32.22 54.43 -13.72
CA THR E 665 -33.40 54.01 -14.48
C THR E 665 -34.40 55.17 -14.71
N SER E 666 -34.63 55.99 -13.69
CA SER E 666 -35.51 57.18 -13.80
C SER E 666 -34.97 58.22 -14.80
N GLU E 667 -33.68 58.55 -14.68
CA GLU E 667 -32.98 59.46 -15.60
C GLU E 667 -33.09 59.03 -17.06
N ALA E 668 -33.04 57.71 -17.30
CA ALA E 668 -33.05 57.16 -18.64
C ALA E 668 -34.44 57.25 -19.23
N LYS E 669 -35.46 57.05 -18.40
CA LYS E 669 -36.87 57.25 -18.78
C LYS E 669 -37.07 58.69 -19.29
N ARG E 670 -36.60 59.64 -18.48
CA ARG E 670 -36.72 61.09 -18.73
C ARG E 670 -36.03 61.60 -20.01
N ALA E 671 -34.77 61.24 -20.25
CA ALA E 671 -34.14 61.56 -21.54
C ALA E 671 -34.95 61.01 -22.76
N VAL E 672 -35.98 60.21 -22.47
CA VAL E 672 -37.01 59.60 -23.41
C VAL E 672 -36.54 58.30 -24.05
N PRO F 18 -24.33 40.20 -55.58
CA PRO F 18 -24.73 40.99 -54.40
C PRO F 18 -23.68 41.13 -53.27
N ALA F 19 -23.38 42.37 -52.85
CA ALA F 19 -22.92 42.67 -51.45
C ALA F 19 -21.53 42.28 -50.94
N ARG F 20 -20.81 41.42 -51.66
CA ARG F 20 -19.50 40.83 -51.25
C ARG F 20 -18.44 41.69 -50.49
N PRO F 21 -17.97 41.23 -49.30
CA PRO F 21 -17.00 42.08 -48.59
C PRO F 21 -15.52 41.82 -48.93
N ALA F 22 -14.67 42.72 -48.45
CA ALA F 22 -13.22 42.59 -48.54
C ALA F 22 -12.80 41.13 -48.25
N HIS F 23 -13.04 40.74 -47.02
CA HIS F 23 -12.33 39.69 -46.39
C HIS F 23 -13.34 38.61 -46.08
N PRO F 24 -13.00 37.36 -46.40
CA PRO F 24 -13.82 36.19 -46.10
C PRO F 24 -14.20 36.01 -44.62
N LEU F 25 -13.42 36.49 -43.68
CA LEU F 25 -13.76 36.39 -42.25
C LEU F 25 -14.54 37.57 -41.69
N ASP F 26 -14.94 38.49 -42.55
CA ASP F 26 -15.71 39.62 -42.06
C ASP F 26 -17.08 39.13 -41.61
N PRO F 27 -17.58 39.69 -40.48
CA PRO F 27 -18.93 39.35 -40.02
C PRO F 27 -19.92 39.75 -41.12
N LEU F 28 -21.09 39.11 -41.16
CA LEU F 28 -22.12 39.49 -42.16
C LEU F 28 -22.49 40.94 -41.92
N SER F 29 -22.63 41.73 -43.00
CA SER F 29 -23.16 43.10 -42.92
C SER F 29 -24.67 43.10 -42.70
N THR F 30 -25.23 44.28 -42.43
CA THR F 30 -26.66 44.37 -42.15
C THR F 30 -27.48 43.94 -43.38
N ALA F 31 -26.89 44.12 -44.55
CA ALA F 31 -27.55 43.73 -45.79
C ALA F 31 -27.43 42.25 -46.03
N GLU F 32 -26.25 41.68 -45.76
CA GLU F 32 -26.10 40.22 -45.88
C GLU F 32 -27.10 39.49 -44.95
N ILE F 33 -27.30 40.04 -43.75
CA ILE F 33 -28.25 39.44 -42.81
C ILE F 33 -29.67 39.53 -43.38
N LYS F 34 -30.03 40.67 -43.95
CA LYS F 34 -31.36 40.88 -44.50
C LYS F 34 -31.63 40.00 -45.70
N ALA F 35 -30.63 39.85 -46.55
CA ALA F 35 -30.71 38.93 -47.68
C ALA F 35 -30.93 37.48 -47.19
N ALA F 36 -30.28 37.14 -46.07
CA ALA F 36 -30.32 35.79 -45.56
C ALA F 36 -31.69 35.44 -45.00
N THR F 37 -32.27 36.33 -44.24
CA THR F 37 -33.57 36.08 -43.64
C THR F 37 -34.70 36.06 -44.68
N ASN F 38 -34.64 37.00 -45.63
CA ASN F 38 -35.53 37.01 -46.82
C ASN F 38 -35.52 35.64 -47.48
N THR F 39 -34.33 35.10 -47.70
CA THR F 39 -34.15 33.78 -48.35
C THR F 39 -34.87 32.69 -47.51
N VAL F 40 -34.56 32.64 -46.21
CA VAL F 40 -35.12 31.65 -45.31
C VAL F 40 -36.62 31.78 -45.29
N LYS F 41 -37.11 33.03 -45.17
CA LYS F 41 -38.56 33.30 -45.10
C LYS F 41 -39.26 32.73 -46.31
N SER F 42 -38.57 32.82 -47.42
CA SER F 42 -39.11 32.51 -48.70
C SER F 42 -39.07 30.98 -48.90
N TYR F 43 -38.02 30.36 -48.38
CA TYR F 43 -37.89 28.91 -48.43
C TYR F 43 -38.93 28.26 -47.51
N PHE F 44 -39.18 28.89 -46.38
CA PHE F 44 -40.25 28.43 -45.52
C PHE F 44 -41.55 29.18 -45.83
N ALA F 45 -41.98 29.06 -47.08
CA ALA F 45 -43.13 29.81 -47.60
C ALA F 45 -44.43 29.60 -46.80
N GLY F 46 -45.02 30.70 -46.33
CA GLY F 46 -46.28 30.68 -45.62
C GLY F 46 -46.25 29.99 -44.26
N LYS F 47 -45.05 29.63 -43.79
CA LYS F 47 -44.92 29.11 -42.42
C LYS F 47 -44.50 30.25 -41.51
N LYS F 48 -44.95 30.20 -40.27
CA LYS F 48 -44.65 31.24 -39.31
C LYS F 48 -43.32 30.92 -38.61
N ILE F 49 -42.28 31.67 -38.93
CA ILE F 49 -40.97 31.39 -38.38
C ILE F 49 -40.42 32.60 -37.69
N SER F 50 -39.54 32.38 -36.75
CA SER F 50 -38.85 33.50 -36.14
C SER F 50 -37.35 33.21 -36.12
N PHE F 51 -36.55 34.21 -35.85
CA PHE F 51 -35.12 34.04 -36.13
C PHE F 51 -34.40 34.04 -34.83
N ASN F 52 -33.63 32.97 -34.60
CA ASN F 52 -32.82 32.87 -33.39
C ASN F 52 -31.41 33.39 -33.63
N THR F 53 -30.83 32.96 -34.74
CA THR F 53 -29.45 33.24 -35.09
C THR F 53 -29.30 33.42 -36.58
N VAL F 54 -28.74 34.55 -36.98
CA VAL F 54 -28.20 34.71 -38.35
C VAL F 54 -26.78 35.20 -38.30
N THR F 55 -25.88 34.34 -38.73
CA THR F 55 -24.41 34.60 -38.58
C THR F 55 -23.51 33.98 -39.65
N LEU F 56 -22.33 34.55 -39.80
CA LEU F 56 -21.35 34.02 -40.75
C LEU F 56 -21.05 32.57 -40.48
N ARG F 57 -21.14 31.76 -41.52
CA ARG F 57 -20.51 30.46 -41.40
C ARG F 57 -19.09 30.67 -41.99
N GLU F 58 -18.07 30.66 -41.14
CA GLU F 58 -16.69 30.85 -41.56
C GLU F 58 -16.23 29.83 -42.57
N PRO F 59 -15.30 30.25 -43.44
CA PRO F 59 -14.94 29.24 -44.45
C PRO F 59 -14.09 28.17 -43.80
N ALA F 60 -14.17 26.95 -44.34
CA ALA F 60 -13.21 25.86 -44.13
C ALA F 60 -11.77 26.37 -43.98
N ARG F 61 -11.02 25.82 -43.03
CA ARG F 61 -9.65 26.29 -42.79
C ARG F 61 -8.76 26.13 -44.03
N LYS F 62 -8.86 24.96 -44.66
CA LYS F 62 -8.06 24.65 -45.82
C LYS F 62 -8.37 25.58 -47.02
N ALA F 63 -9.64 25.74 -47.40
CA ALA F 63 -10.03 26.71 -48.45
C ALA F 63 -9.61 28.13 -48.10
N TYR F 64 -9.66 28.52 -46.82
CA TYR F 64 -9.21 29.85 -46.47
C TYR F 64 -7.71 29.99 -46.74
N ILE F 65 -6.94 28.97 -46.37
CA ILE F 65 -5.53 29.08 -46.47
C ILE F 65 -5.09 29.05 -47.96
N GLN F 66 -5.72 28.19 -48.75
CA GLN F 66 -5.53 28.19 -50.19
C GLN F 66 -5.81 29.56 -50.81
N TRP F 67 -6.96 30.15 -50.47
CA TRP F 67 -7.28 31.48 -50.99
C TRP F 67 -6.16 32.47 -50.60
N LYS F 68 -5.87 32.58 -49.30
CA LYS F 68 -4.93 33.54 -48.77
C LYS F 68 -3.51 33.43 -49.30
N GLU F 69 -3.10 32.24 -49.72
CA GLU F 69 -1.67 31.93 -49.84
C GLU F 69 -1.26 31.16 -51.08
N GLN F 70 -2.20 30.42 -51.68
CA GLN F 70 -1.92 29.52 -52.79
C GLN F 70 -2.76 29.90 -54.02
N GLY F 71 -3.20 31.16 -54.09
CA GLY F 71 -4.11 31.59 -55.15
C GLY F 71 -5.36 30.73 -55.38
N GLY F 72 -5.94 30.18 -54.30
CA GLY F 72 -7.20 29.44 -54.41
C GLY F 72 -8.42 30.34 -54.60
N PRO F 73 -9.56 29.75 -54.98
CA PRO F 73 -10.79 30.55 -55.14
C PRO F 73 -11.18 31.30 -53.87
N LEU F 74 -11.84 32.45 -54.01
CA LEU F 74 -12.46 33.11 -52.87
C LEU F 74 -13.64 32.23 -52.41
N PRO F 75 -13.68 31.91 -51.10
CA PRO F 75 -14.73 31.00 -50.64
C PRO F 75 -16.11 31.65 -50.72
N PRO F 76 -17.18 30.84 -50.91
CA PRO F 76 -18.51 31.45 -50.90
C PRO F 76 -18.78 31.99 -49.54
N ARG F 77 -19.40 33.15 -49.55
CA ARG F 77 -20.02 33.81 -48.42
C ARG F 77 -21.27 33.03 -47.90
N LEU F 78 -21.14 32.32 -46.76
CA LEU F 78 -22.26 31.55 -46.17
C LEU F 78 -22.88 32.16 -44.89
N ALA F 79 -24.20 32.12 -44.77
CA ALA F 79 -24.88 32.60 -43.59
C ALA F 79 -25.46 31.38 -42.88
N TYR F 80 -25.08 31.16 -41.63
CA TYR F 80 -25.74 30.10 -40.85
C TYR F 80 -26.97 30.69 -40.16
N TYR F 81 -28.07 29.95 -40.21
CA TYR F 81 -29.25 30.37 -39.44
C TYR F 81 -29.82 29.30 -38.48
N VAL F 82 -30.43 29.80 -37.40
CA VAL F 82 -31.30 29.06 -36.50
C VAL F 82 -32.68 29.75 -36.44
N ILE F 83 -33.72 28.97 -36.75
CA ILE F 83 -35.10 29.50 -36.64
C ILE F 83 -36.02 28.66 -35.75
N LEU F 84 -37.07 29.27 -35.19
CA LEU F 84 -38.15 28.54 -34.56
C LEU F 84 -39.35 28.59 -35.46
N GLU F 85 -40.09 27.50 -35.50
CA GLU F 85 -41.42 27.51 -36.07
C GLU F 85 -42.54 27.28 -35.03
N ALA F 86 -43.39 28.29 -34.82
CA ALA F 86 -44.68 28.16 -34.11
C ALA F 86 -45.33 26.75 -34.25
N GLY F 87 -45.52 26.08 -33.10
CA GLY F 87 -46.19 24.78 -33.05
C GLY F 87 -45.30 23.61 -33.42
N LYS F 88 -43.98 23.86 -33.57
CA LYS F 88 -42.96 22.83 -33.86
C LYS F 88 -41.96 22.72 -32.69
N PRO F 89 -41.61 21.50 -32.31
CA PRO F 89 -40.65 21.46 -31.19
C PRO F 89 -39.22 21.76 -31.67
N GLY F 90 -38.46 22.39 -30.77
CA GLY F 90 -37.04 22.51 -31.04
C GLY F 90 -36.80 23.61 -32.06
N VAL F 91 -36.01 23.31 -33.09
CA VAL F 91 -35.50 24.33 -33.99
C VAL F 91 -35.19 23.75 -35.34
N LYS F 92 -34.98 24.66 -36.31
CA LYS F 92 -34.33 24.32 -37.57
C LYS F 92 -33.14 25.20 -37.74
N GLU F 93 -32.14 24.62 -38.41
CA GLU F 93 -30.85 25.27 -38.73
C GLU F 93 -30.43 24.90 -40.17
N GLY F 94 -29.61 25.77 -40.76
CA GLY F 94 -29.06 25.50 -42.06
C GLY F 94 -28.19 26.61 -42.58
N LEU F 95 -27.81 26.46 -43.83
CA LEU F 95 -26.95 27.45 -44.45
C LEU F 95 -27.62 28.17 -45.63
N VAL F 96 -27.49 29.49 -45.69
CA VAL F 96 -27.78 30.23 -46.94
C VAL F 96 -26.51 30.59 -47.71
N ASP F 97 -26.45 30.17 -48.99
CA ASP F 97 -25.45 30.71 -49.93
C ASP F 97 -25.95 32.06 -50.41
N LEU F 98 -25.21 33.11 -50.10
CA LEU F 98 -25.70 34.49 -50.23
C LEU F 98 -25.61 35.08 -51.66
N ALA F 99 -24.58 34.67 -52.41
CA ALA F 99 -24.43 35.03 -53.80
C ALA F 99 -25.68 34.55 -54.54
N SER F 100 -26.10 33.31 -54.32
CA SER F 100 -27.21 32.75 -55.11
C SER F 100 -28.57 32.89 -54.42
N LEU F 101 -28.58 33.56 -53.27
CA LEU F 101 -29.81 33.71 -52.48
C LEU F 101 -30.61 32.39 -52.32
N SER F 102 -29.90 31.32 -51.95
CA SER F 102 -30.57 30.05 -51.63
C SER F 102 -30.08 29.26 -50.40
N VAL F 103 -30.99 28.46 -49.86
CA VAL F 103 -30.74 27.62 -48.72
C VAL F 103 -30.14 26.36 -49.30
N ILE F 104 -28.93 25.99 -48.84
CA ILE F 104 -28.20 24.82 -49.39
C ILE F 104 -28.08 23.67 -48.39
N GLU F 105 -28.39 23.94 -47.12
CA GLU F 105 -28.53 22.89 -46.10
C GLU F 105 -29.57 23.41 -45.14
N THR F 106 -30.48 22.51 -44.75
CA THR F 106 -31.32 22.75 -43.59
C THR F 106 -31.68 21.43 -42.90
N ARG F 107 -31.75 21.46 -41.58
CA ARG F 107 -32.31 20.32 -40.85
C ARG F 107 -33.12 20.75 -39.65
N ALA F 108 -34.08 19.89 -39.31
CA ALA F 108 -34.85 20.10 -38.08
C ALA F 108 -34.24 19.33 -36.91
N LEU F 109 -34.14 20.03 -35.78
CA LEU F 109 -33.68 19.44 -34.54
C LEU F 109 -34.79 19.55 -33.50
N GLU F 110 -35.57 18.48 -33.36
CA GLU F 110 -36.74 18.62 -32.48
C GLU F 110 -36.47 18.56 -30.96
N THR F 111 -35.28 18.03 -30.59
CA THR F 111 -34.99 17.72 -29.25
C THR F 111 -33.80 18.61 -28.72
N VAL F 112 -33.57 19.79 -29.26
CA VAL F 112 -32.62 20.74 -28.64
C VAL F 112 -33.28 22.11 -28.40
N GLN F 113 -32.61 22.96 -27.63
CA GLN F 113 -33.03 24.33 -27.47
C GLN F 113 -31.90 25.33 -27.70
N PRO F 114 -32.18 26.46 -28.41
CA PRO F 114 -31.10 27.31 -28.85
C PRO F 114 -30.83 28.41 -27.84
N ILE F 115 -29.71 29.12 -28.00
CA ILE F 115 -29.33 30.31 -27.19
C ILE F 115 -30.50 31.33 -26.97
N LEU F 116 -30.62 31.88 -25.77
CA LEU F 116 -31.65 32.91 -25.51
C LEU F 116 -31.22 34.30 -26.03
N THR F 117 -32.10 34.97 -26.80
CA THR F 117 -31.79 36.30 -27.36
C THR F 117 -32.21 37.39 -26.38
N VAL F 118 -31.97 38.67 -26.69
CA VAL F 118 -32.46 39.73 -25.77
C VAL F 118 -33.99 39.73 -25.75
N GLU F 119 -34.59 39.42 -26.90
CA GLU F 119 -36.04 39.48 -27.02
C GLU F 119 -36.65 38.40 -26.14
N ASP F 120 -36.04 37.22 -26.15
CA ASP F 120 -36.42 36.13 -25.24
C ASP F 120 -36.35 36.50 -23.74
N LEU F 121 -35.28 37.19 -23.35
CA LEU F 121 -35.15 37.63 -21.97
C LEU F 121 -36.05 38.80 -21.61
N CYS F 122 -36.25 39.74 -22.54
CA CYS F 122 -37.06 40.94 -22.30
CA CYS F 122 -37.03 40.92 -22.22
C CYS F 122 -38.50 40.60 -21.89
N SER F 123 -39.10 39.63 -22.59
CA SER F 123 -40.51 39.33 -22.42
C SER F 123 -40.88 38.56 -21.15
N THR F 124 -39.90 37.99 -20.45
CA THR F 124 -40.23 37.09 -19.32
C THR F 124 -40.81 37.82 -18.11
N GLU F 125 -40.36 39.07 -17.86
CA GLU F 125 -40.83 39.83 -16.70
C GLU F 125 -42.32 40.13 -16.73
N GLU F 126 -42.81 40.47 -17.91
CA GLU F 126 -44.21 40.80 -18.04
C GLU F 126 -45.04 39.52 -17.89
N VAL F 127 -44.56 38.36 -18.39
CA VAL F 127 -45.22 37.08 -18.14
C VAL F 127 -45.40 36.82 -16.63
N ILE F 128 -44.35 36.97 -15.84
CA ILE F 128 -44.47 36.67 -14.43
C ILE F 128 -45.28 37.71 -13.62
N ARG F 129 -45.20 38.99 -13.96
CA ARG F 129 -46.04 39.96 -13.29
C ARG F 129 -47.53 39.69 -13.52
N ASN F 130 -47.91 39.19 -14.68
CA ASN F 130 -49.30 38.96 -15.03
C ASN F 130 -49.77 37.55 -14.69
N ASP F 131 -48.93 36.74 -14.05
CA ASP F 131 -49.36 35.37 -13.71
C ASP F 131 -50.08 35.24 -12.36
N PRO F 132 -51.28 34.62 -12.33
CA PRO F 132 -52.04 34.56 -11.08
C PRO F 132 -51.31 33.76 -10.02
N ALA F 133 -50.75 32.61 -10.37
CA ALA F 133 -50.00 31.84 -9.36
C ALA F 133 -48.73 32.56 -8.85
N VAL F 134 -48.09 33.35 -9.72
CA VAL F 134 -46.93 34.15 -9.28
C VAL F 134 -47.37 35.31 -8.41
N ILE F 135 -48.51 35.93 -8.78
CA ILE F 135 -49.07 37.07 -8.03
C ILE F 135 -49.35 36.56 -6.61
N GLU F 136 -49.91 35.35 -6.53
CA GLU F 136 -50.25 34.75 -5.22
C GLU F 136 -48.99 34.51 -4.33
N GLN F 137 -47.92 33.99 -4.96
CA GLN F 137 -46.65 33.78 -4.26
C GLN F 137 -46.03 35.09 -3.76
N CYS F 138 -46.18 36.17 -4.53
CA CYS F 138 -45.78 37.50 -4.10
C CYS F 138 -46.58 38.02 -2.91
N VAL F 139 -47.91 37.80 -2.96
CA VAL F 139 -48.79 38.17 -1.85
C VAL F 139 -48.31 37.40 -0.60
N LEU F 140 -48.19 36.08 -0.68
CA LEU F 140 -47.66 35.33 0.46
C LEU F 140 -46.28 35.81 0.97
N SER F 141 -45.47 36.43 0.11
CA SER F 141 -44.10 36.82 0.51
C SER F 141 -44.05 38.21 1.16
N GLY F 142 -45.23 38.87 1.24
CA GLY F 142 -45.37 40.18 1.86
C GLY F 142 -45.42 41.30 0.85
N ILE F 143 -45.68 40.96 -0.40
CA ILE F 143 -45.82 41.96 -1.44
C ILE F 143 -47.28 42.01 -1.93
N PRO F 144 -47.96 43.19 -1.79
CA PRO F 144 -49.38 43.23 -2.21
C PRO F 144 -49.58 43.04 -3.74
N ALA F 145 -50.63 42.33 -4.13
CA ALA F 145 -50.97 42.05 -5.55
C ALA F 145 -51.01 43.26 -6.50
N ASN F 146 -51.14 44.45 -5.95
CA ASN F 146 -51.18 45.62 -6.80
C ASN F 146 -49.86 46.42 -6.79
N GLU F 147 -48.79 45.76 -6.35
CA GLU F 147 -47.43 46.31 -6.38
C GLU F 147 -46.53 45.46 -7.27
N MET F 148 -47.17 44.77 -8.21
CA MET F 148 -46.49 43.82 -9.08
C MET F 148 -45.44 44.51 -10.01
N HIS F 149 -45.61 45.82 -10.21
CA HIS F 149 -44.66 46.63 -11.00
C HIS F 149 -43.30 46.74 -10.29
N LYS F 150 -43.27 46.30 -9.02
CA LYS F 150 -42.08 46.26 -8.15
C LYS F 150 -41.34 44.91 -8.15
N VAL F 151 -41.99 43.90 -8.74
CA VAL F 151 -41.39 42.61 -8.86
C VAL F 151 -40.59 42.60 -10.18
N TYR F 152 -39.34 42.11 -10.07
CA TYR F 152 -38.42 41.91 -11.21
C TYR F 152 -37.86 40.48 -11.28
N CYS F 153 -37.35 40.07 -12.44
CA CYS F 153 -36.68 38.80 -12.53
C CYS F 153 -35.56 38.82 -13.58
N ASP F 154 -34.51 38.04 -13.28
CA ASP F 154 -33.44 37.76 -14.20
C ASP F 154 -33.88 36.45 -14.82
N PRO F 155 -34.27 36.50 -16.08
CA PRO F 155 -34.82 35.34 -16.74
C PRO F 155 -33.72 34.32 -17.30
N TRP F 156 -33.17 33.48 -16.43
CA TRP F 156 -32.17 32.57 -16.85
C TRP F 156 -32.83 31.49 -17.70
N THR F 157 -32.11 30.85 -18.61
CA THR F 157 -32.54 29.52 -19.07
C THR F 157 -32.67 28.62 -17.85
N ILE F 158 -33.51 27.63 -17.97
CA ILE F 158 -33.68 26.77 -16.83
C ILE F 158 -32.38 26.00 -16.68
N GLY F 159 -31.55 25.96 -17.75
CA GLY F 159 -30.24 25.35 -17.72
C GLY F 159 -30.42 23.86 -17.95
N TYR F 160 -30.70 23.10 -16.88
CA TYR F 160 -31.27 21.70 -17.09
C TYR F 160 -32.17 21.32 -15.93
N ASP F 161 -33.37 20.89 -16.28
CA ASP F 161 -34.27 20.33 -15.30
C ASP F 161 -34.82 19.03 -15.87
N GLU F 162 -34.61 17.98 -15.12
CA GLU F 162 -35.02 16.64 -15.51
C GLU F 162 -36.54 16.39 -15.54
N ARG F 163 -37.34 17.28 -14.99
CA ARG F 163 -38.81 17.05 -15.04
C ARG F 163 -39.28 17.33 -16.48
N TRP F 164 -38.49 18.07 -17.29
CA TRP F 164 -38.95 18.47 -18.65
C TRP F 164 -37.97 18.23 -19.80
N GLY F 165 -36.67 18.09 -19.48
CA GLY F 165 -35.64 17.92 -20.50
C GLY F 165 -35.62 19.01 -21.55
N THR F 166 -35.66 18.65 -22.84
CA THR F 166 -35.77 19.68 -23.91
C THR F 166 -37.16 19.79 -24.48
N GLY F 167 -38.14 19.22 -23.80
CA GLY F 167 -39.46 19.05 -24.41
C GLY F 167 -40.23 20.33 -24.51
N LYS F 168 -39.85 21.37 -23.77
CA LYS F 168 -40.38 22.71 -23.95
C LYS F 168 -39.21 23.68 -23.76
N ARG F 169 -39.33 24.88 -24.24
CA ARG F 169 -38.26 25.81 -24.11
C ARG F 169 -38.52 26.55 -22.79
N LEU F 170 -37.68 26.35 -21.78
CA LEU F 170 -37.95 26.94 -20.48
C LEU F 170 -36.89 27.96 -19.99
N GLN F 171 -37.37 28.84 -19.14
CA GLN F 171 -36.57 29.78 -18.43
C GLN F 171 -36.95 29.64 -16.98
N GLN F 172 -36.09 30.07 -16.09
CA GLN F 172 -36.43 30.03 -14.68
C GLN F 172 -36.28 31.48 -14.25
N ALA F 173 -37.30 32.06 -13.62
CA ALA F 173 -37.24 33.47 -13.23
C ALA F 173 -36.61 33.63 -11.87
N LEU F 174 -35.43 34.14 -11.80
CA LEU F 174 -34.94 34.45 -10.46
C LEU F 174 -35.51 35.76 -10.03
N VAL F 175 -36.31 35.74 -8.97
CA VAL F 175 -37.18 36.82 -8.70
C VAL F 175 -36.65 37.81 -7.66
N TYR F 176 -36.67 39.10 -7.98
CA TYR F 176 -36.28 40.15 -7.01
C TYR F 176 -37.35 41.22 -6.85
N TYR F 177 -37.12 42.15 -5.90
CA TYR F 177 -38.03 43.21 -5.59
C TYR F 177 -37.31 44.55 -5.44
N ARG F 178 -37.85 45.62 -6.06
CA ARG F 178 -37.37 47.03 -5.88
C ARG F 178 -38.40 47.93 -5.19
N SER F 179 -38.00 48.60 -4.13
CA SER F 179 -38.81 49.69 -3.48
C SER F 179 -39.03 50.89 -4.42
N ASP F 180 -38.01 51.20 -5.19
CA ASP F 180 -38.04 52.28 -6.16
C ASP F 180 -37.31 51.76 -7.41
N GLU F 181 -37.73 52.18 -8.60
CA GLU F 181 -37.13 51.67 -9.86
C GLU F 181 -35.59 51.92 -10.00
N ASP F 182 -35.01 52.79 -9.18
CA ASP F 182 -33.60 53.10 -9.24
C ASP F 182 -32.81 52.24 -8.26
N ASP F 183 -33.48 51.44 -7.44
CA ASP F 183 -32.77 50.47 -6.59
C ASP F 183 -31.98 49.38 -7.32
N SER F 184 -30.89 48.91 -6.68
CA SER F 184 -30.32 47.60 -7.01
C SER F 184 -31.16 46.53 -6.33
N GLN F 185 -31.84 45.76 -7.16
CA GLN F 185 -32.79 44.75 -6.72
C GLN F 185 -32.18 43.65 -5.92
N TYR F 186 -30.85 43.51 -5.98
CA TYR F 186 -30.19 42.25 -5.58
C TYR F 186 -30.11 42.00 -4.06
N SER F 187 -30.42 43.06 -3.27
CA SER F 187 -30.61 42.90 -1.81
C SER F 187 -31.91 42.29 -1.39
N HIS F 188 -32.83 42.17 -2.32
CA HIS F 188 -34.18 41.68 -2.00
C HIS F 188 -34.69 40.56 -2.92
N PRO F 189 -33.92 39.48 -3.02
CA PRO F 189 -34.46 38.32 -3.76
C PRO F 189 -35.73 37.79 -3.09
N LEU F 190 -36.61 37.10 -3.83
CA LEU F 190 -37.71 36.38 -3.20
C LEU F 190 -37.34 34.90 -3.15
N ASP F 191 -38.21 34.13 -2.55
CA ASP F 191 -37.82 32.82 -2.14
C ASP F 191 -38.20 31.70 -3.13
N PHE F 192 -38.97 32.01 -4.16
CA PHE F 192 -39.56 30.96 -5.06
C PHE F 192 -39.03 31.21 -6.46
N CYS F 193 -39.29 30.28 -7.37
CA CYS F 193 -38.70 30.32 -8.68
C CYS F 193 -39.73 29.85 -9.69
N PRO F 194 -40.33 30.80 -10.44
CA PRO F 194 -41.32 30.49 -11.48
C PRO F 194 -40.62 29.81 -12.66
N ILE F 195 -41.20 28.75 -13.22
CA ILE F 195 -40.71 28.19 -14.46
C ILE F 195 -41.62 28.66 -15.63
N VAL F 196 -41.02 29.26 -16.66
CA VAL F 196 -41.76 29.89 -17.78
C VAL F 196 -41.51 29.20 -19.12
N ASP F 197 -42.60 28.91 -19.84
CA ASP F 197 -42.51 28.36 -21.20
C ASP F 197 -42.23 29.53 -22.10
N THR F 198 -41.04 29.57 -22.70
CA THR F 198 -40.56 30.78 -23.40
C THR F 198 -41.41 31.03 -24.63
N GLU F 199 -41.74 29.96 -25.34
CA GLU F 199 -42.57 30.08 -26.53
C GLU F 199 -44.06 30.33 -26.22
N GLU F 200 -44.67 29.62 -25.25
CA GLU F 200 -46.10 29.81 -24.97
C GLU F 200 -46.33 31.05 -24.12
N LYS F 201 -45.24 31.63 -23.58
CA LYS F 201 -45.29 32.79 -22.69
C LYS F 201 -46.21 32.60 -21.45
N LYS F 202 -46.06 31.46 -20.76
CA LYS F 202 -46.75 31.24 -19.48
C LYS F 202 -45.88 30.57 -18.46
N VAL F 203 -46.25 30.76 -17.20
CA VAL F 203 -45.68 30.08 -16.10
C VAL F 203 -46.30 28.67 -16.09
N ILE F 204 -45.49 27.63 -16.10
CA ILE F 204 -46.04 26.27 -16.03
C ILE F 204 -45.86 25.55 -14.72
N PHE F 205 -45.09 26.17 -13.81
CA PHE F 205 -44.73 25.60 -12.54
C PHE F 205 -44.05 26.70 -11.68
N ILE F 206 -44.03 26.51 -10.38
CA ILE F 206 -43.23 27.38 -9.49
C ILE F 206 -42.56 26.48 -8.42
N ASP F 207 -41.23 26.54 -8.34
CA ASP F 207 -40.50 25.87 -7.27
C ASP F 207 -40.67 26.77 -6.00
N ILE F 208 -41.20 26.18 -4.92
CA ILE F 208 -41.51 26.83 -3.69
C ILE F 208 -40.79 26.07 -2.59
N PRO F 209 -39.95 26.77 -1.78
CA PRO F 209 -39.20 26.06 -0.73
C PRO F 209 -40.12 25.56 0.40
N ASN F 210 -39.71 24.53 1.13
CA ASN F 210 -40.41 24.11 2.33
C ASN F 210 -40.43 25.16 3.43
N ARG F 211 -39.39 25.97 3.53
CA ARG F 211 -39.30 27.00 4.57
C ARG F 211 -39.50 28.25 3.78
N ARG F 212 -40.64 28.93 3.96
CA ARG F 212 -40.88 30.24 3.35
C ARG F 212 -40.06 31.35 4.01
N ARG F 213 -39.48 32.24 3.20
CA ARG F 213 -38.88 33.47 3.64
C ARG F 213 -39.57 34.64 2.91
N LYS F 214 -40.19 35.52 3.70
CA LYS F 214 -40.85 36.72 3.15
C LYS F 214 -39.80 37.77 2.75
N VAL F 215 -40.17 38.63 1.81
CA VAL F 215 -39.30 39.71 1.37
C VAL F 215 -38.61 40.47 2.53
N SER F 216 -37.34 40.79 2.38
CA SER F 216 -36.64 41.56 3.38
C SER F 216 -37.30 42.94 3.60
N LYS F 217 -37.26 43.38 4.85
CA LYS F 217 -37.80 44.67 5.15
C LYS F 217 -36.71 45.65 5.41
N HIS F 218 -35.44 45.25 5.16
CA HIS F 218 -34.33 46.20 5.29
C HIS F 218 -34.29 47.19 4.13
N LYS F 219 -33.64 48.34 4.32
CA LYS F 219 -33.35 49.28 3.19
C LYS F 219 -32.63 48.51 2.05
N HIS F 220 -32.86 48.90 0.81
CA HIS F 220 -32.13 48.35 -0.32
C HIS F 220 -30.65 48.67 -0.24
N ALA F 221 -29.80 47.76 -0.73
CA ALA F 221 -28.35 48.07 -0.80
C ALA F 221 -27.94 48.71 -2.14
N ASN F 222 -27.87 50.04 -2.10
CA ASN F 222 -27.75 50.89 -3.27
C ASN F 222 -26.38 51.49 -3.45
N PHE F 223 -26.12 51.97 -4.66
CA PHE F 223 -24.72 52.36 -4.99
C PHE F 223 -24.59 53.59 -5.91
N TYR F 224 -25.70 54.21 -6.34
CA TYR F 224 -25.55 55.43 -7.15
C TYR F 224 -25.17 56.60 -6.21
N PRO F 225 -24.51 57.65 -6.74
CA PRO F 225 -24.05 58.74 -5.87
C PRO F 225 -25.17 59.40 -5.02
N LYS F 226 -26.42 59.51 -5.51
CA LYS F 226 -27.50 59.97 -4.62
C LYS F 226 -27.69 59.03 -3.43
N HIS F 227 -27.66 57.72 -3.69
CA HIS F 227 -27.74 56.74 -2.63
C HIS F 227 -26.61 56.82 -1.63
N MET F 228 -25.40 57.05 -2.11
CA MET F 228 -24.22 57.03 -1.30
C MET F 228 -24.15 58.32 -0.49
N ILE F 229 -24.71 59.42 -0.99
CA ILE F 229 -24.84 60.65 -0.18
C ILE F 229 -25.72 60.36 1.03
N GLU F 230 -26.90 59.75 0.82
CA GLU F 230 -27.73 59.34 1.96
C GLU F 230 -26.94 58.42 2.94
N LYS F 231 -26.31 57.36 2.41
CA LYS F 231 -25.62 56.34 3.19
C LYS F 231 -24.37 56.76 3.99
N VAL F 232 -23.47 57.53 3.41
CA VAL F 232 -22.20 57.87 4.09
C VAL F 232 -21.93 59.36 4.22
N GLY F 233 -22.83 60.18 3.69
CA GLY F 233 -22.81 61.63 3.99
C GLY F 233 -22.45 62.46 2.78
N ALA F 234 -21.44 62.01 2.02
CA ALA F 234 -20.99 62.73 0.83
C ALA F 234 -20.19 61.79 -0.07
N MET F 235 -20.10 62.11 -1.36
CA MET F 235 -19.14 61.46 -2.25
C MET F 235 -17.73 61.99 -1.86
N ARG F 236 -16.67 61.37 -2.37
CA ARG F 236 -15.36 61.97 -2.20
C ARG F 236 -15.25 63.13 -3.20
N PRO F 237 -14.40 64.13 -2.90
CA PRO F 237 -14.12 65.18 -3.89
C PRO F 237 -13.81 64.59 -5.29
N GLU F 238 -14.13 65.30 -6.38
CA GLU F 238 -13.74 64.80 -7.68
C GLU F 238 -12.20 64.90 -7.77
N ALA F 239 -11.56 63.77 -8.13
CA ALA F 239 -10.11 63.69 -8.13
C ALA F 239 -9.51 64.46 -9.32
N PRO F 240 -8.28 65.03 -9.13
CA PRO F 240 -7.61 65.70 -10.25
C PRO F 240 -7.42 64.74 -11.40
N PRO F 241 -7.63 65.23 -12.63
CA PRO F 241 -7.67 64.31 -13.76
C PRO F 241 -6.28 63.81 -14.23
N ILE F 242 -6.28 62.64 -14.88
CA ILE F 242 -5.12 62.10 -15.56
C ILE F 242 -5.50 62.04 -17.04
N ASN F 243 -4.86 62.90 -17.85
CA ASN F 243 -5.21 63.01 -19.26
C ASN F 243 -4.23 62.24 -20.10
N VAL F 244 -4.80 61.52 -21.06
CA VAL F 244 -4.05 60.71 -21.98
C VAL F 244 -4.38 61.20 -23.38
N THR F 245 -3.35 61.63 -24.10
CA THR F 245 -3.53 62.23 -25.41
C THR F 245 -2.53 61.61 -26.38
N GLN F 246 -2.93 61.51 -27.63
CA GLN F 246 -2.03 61.05 -28.65
C GLN F 246 -2.01 62.06 -29.81
N PRO F 247 -1.22 63.18 -29.66
CA PRO F 247 -1.36 64.31 -30.57
C PRO F 247 -0.97 63.96 -32.01
N GLU F 248 -0.03 63.05 -32.17
CA GLU F 248 0.41 62.66 -33.53
C GLU F 248 -0.29 61.42 -34.06
N GLY F 249 -1.37 61.02 -33.42
CA GLY F 249 -2.11 59.79 -33.82
C GLY F 249 -1.61 58.45 -33.23
N VAL F 250 -2.12 57.36 -33.82
CA VAL F 250 -1.89 55.99 -33.33
C VAL F 250 -0.76 55.35 -34.13
N SER F 251 -0.08 54.34 -33.56
CA SER F 251 0.93 53.59 -34.33
C SER F 251 0.31 52.44 -35.14
N PHE F 252 -0.93 52.06 -34.87
CA PHE F 252 -1.51 50.89 -35.55
C PHE F 252 -2.31 51.30 -36.78
N LYS F 253 -2.52 50.37 -37.68
CA LYS F 253 -3.23 50.66 -38.91
C LYS F 253 -4.32 49.59 -39.16
N MET F 254 -5.58 50.01 -39.26
CA MET F 254 -6.69 49.11 -39.60
C MET F 254 -7.07 49.27 -41.04
N THR F 255 -7.26 48.15 -41.73
CA THR F 255 -7.73 48.13 -43.13
C THR F 255 -8.90 47.16 -43.15
N GLY F 256 -10.10 47.74 -43.03
CA GLY F 256 -11.33 47.02 -42.70
C GLY F 256 -11.19 46.52 -41.27
N ASN F 257 -11.32 45.22 -41.13
CA ASN F 257 -11.10 44.53 -39.86
C ASN F 257 -9.66 44.02 -39.64
N VAL F 258 -8.74 44.32 -40.53
CA VAL F 258 -7.40 43.76 -40.45
C VAL F 258 -6.49 44.74 -39.73
N MET F 259 -5.86 44.26 -38.66
CA MET F 259 -5.02 45.12 -37.80
C MET F 259 -3.56 44.88 -38.13
N GLU F 260 -2.80 45.97 -38.27
CA GLU F 260 -1.31 45.91 -38.26
C GLU F 260 -0.74 46.76 -37.15
N TRP F 261 -0.03 46.12 -36.23
CA TRP F 261 0.61 46.88 -35.14
C TRP F 261 1.86 46.09 -34.76
N SER F 262 2.98 46.80 -34.78
CA SER F 262 4.20 46.30 -34.21
C SER F 262 4.60 44.94 -34.76
N ASN F 263 4.55 44.79 -36.08
CA ASN F 263 4.80 43.48 -36.78
C ASN F 263 3.70 42.40 -36.78
N PHE F 264 2.70 42.57 -35.91
CA PHE F 264 1.53 41.68 -35.92
C PHE F 264 0.58 42.07 -36.98
N LYS F 265 0.04 41.07 -37.67
CA LYS F 265 -1.09 41.24 -38.53
C LYS F 265 -2.12 40.13 -38.18
N PHE F 266 -3.38 40.56 -38.05
CA PHE F 266 -4.48 39.66 -37.80
C PHE F 266 -5.81 40.28 -38.18
N HIS F 267 -6.82 39.42 -38.27
CA HIS F 267 -8.18 39.85 -38.57
C HIS F 267 -9.06 39.81 -37.29
N ILE F 268 -9.81 40.90 -37.08
CA ILE F 268 -10.59 41.06 -35.88
C ILE F 268 -12.04 40.80 -36.27
N GLY F 269 -12.59 39.67 -35.85
CA GLY F 269 -13.98 39.39 -36.14
C GLY F 269 -14.86 39.48 -34.92
N PHE F 270 -16.12 39.15 -35.10
CA PHE F 270 -17.09 39.27 -34.00
C PHE F 270 -18.32 38.49 -34.37
N ASN F 271 -18.85 37.75 -33.39
CA ASN F 271 -20.08 37.05 -33.64
C ASN F 271 -20.96 37.03 -32.39
N TYR F 272 -22.23 36.62 -32.59
CA TYR F 272 -23.30 36.66 -31.58
C TYR F 272 -22.91 35.95 -30.27
N ARG F 273 -22.04 34.96 -30.42
CA ARG F 273 -21.83 33.94 -29.42
C ARG F 273 -20.45 34.06 -28.78
N GLU F 274 -19.37 33.97 -29.58
CA GLU F 274 -18.04 34.10 -29.00
C GLU F 274 -17.69 35.55 -28.61
N GLY F 275 -18.41 36.53 -29.16
CA GLY F 275 -17.89 37.92 -29.19
C GLY F 275 -16.67 37.99 -30.08
N ILE F 276 -15.62 38.63 -29.59
CA ILE F 276 -14.33 38.78 -30.27
C ILE F 276 -13.74 37.46 -30.63
N VAL F 277 -13.37 37.35 -31.91
CA VAL F 277 -12.69 36.25 -32.58
C VAL F 277 -11.51 36.83 -33.40
N LEU F 278 -10.28 36.51 -33.00
CA LEU F 278 -9.07 36.87 -33.76
C LEU F 278 -8.57 35.76 -34.71
N SER F 279 -8.33 36.11 -35.97
CA SER F 279 -7.98 35.16 -36.98
C SER F 279 -6.68 35.51 -37.69
N ASP F 280 -5.97 34.46 -38.16
CA ASP F 280 -4.91 34.56 -39.18
C ASP F 280 -3.91 35.51 -38.58
N VAL F 281 -3.47 35.19 -37.37
CA VAL F 281 -2.56 36.02 -36.63
C VAL F 281 -1.12 35.70 -37.03
N SER F 282 -0.36 36.72 -37.47
CA SER F 282 1.01 36.48 -37.88
C SER F 282 1.97 37.55 -37.29
N TYR F 283 3.29 37.25 -37.22
CA TYR F 283 4.32 38.22 -36.81
C TYR F 283 5.29 38.44 -38.00
N ASN F 284 5.54 39.72 -38.32
CA ASN F 284 6.49 40.01 -39.39
C ASN F 284 7.90 40.10 -38.81
N ASP F 285 8.63 39.00 -39.00
CA ASP F 285 9.99 38.86 -38.48
C ASP F 285 11.03 39.37 -39.53
N HIS F 286 11.22 40.71 -39.60
CA HIS F 286 12.12 41.35 -40.54
C HIS F 286 11.97 40.76 -41.95
N GLY F 287 10.74 40.63 -42.41
CA GLY F 287 10.42 40.21 -43.79
C GLY F 287 9.95 38.80 -43.88
N ASN F 288 10.29 37.94 -42.90
CA ASN F 288 9.61 36.65 -42.86
C ASN F 288 8.28 36.74 -42.08
N VAL F 289 7.15 36.68 -42.83
CA VAL F 289 5.81 36.77 -42.23
C VAL F 289 5.48 35.38 -41.72
N ARG F 290 5.46 35.27 -40.39
CA ARG F 290 5.39 33.91 -39.79
C ARG F 290 4.03 33.78 -39.14
N PRO F 291 3.18 32.83 -39.64
CA PRO F 291 1.91 32.55 -38.97
C PRO F 291 2.11 32.15 -37.48
N ILE F 292 1.16 32.50 -36.61
CA ILE F 292 1.23 32.10 -35.21
C ILE F 292 -0.03 31.31 -34.88
N PHE F 293 -1.24 31.92 -35.03
CA PHE F 293 -2.55 31.25 -34.83
C PHE F 293 -3.51 31.42 -36.01
N HIS F 294 -4.16 30.36 -36.43
CA HIS F 294 -5.20 30.57 -37.39
C HIS F 294 -6.45 31.26 -36.78
N ARG F 295 -6.76 30.98 -35.51
CA ARG F 295 -7.96 31.49 -34.87
C ARG F 295 -7.85 31.33 -33.34
N ILE F 296 -8.23 32.37 -32.60
CA ILE F 296 -8.26 32.27 -31.16
C ILE F 296 -9.52 33.00 -30.65
N SER F 297 -10.21 32.43 -29.61
CA SER F 297 -11.36 33.10 -28.99
C SER F 297 -11.81 32.38 -27.75
N LEU F 298 -12.82 32.92 -27.03
CA LEU F 298 -13.40 32.22 -25.94
C LEU F 298 -14.54 31.35 -26.52
N SER F 299 -14.51 30.03 -26.30
CA SER F 299 -15.49 29.20 -27.10
C SER F 299 -16.69 28.79 -26.23
N GLU F 300 -16.60 28.97 -24.90
CA GLU F 300 -17.61 28.46 -23.94
C GLU F 300 -17.25 28.94 -22.56
N MET F 301 -18.25 29.01 -21.67
CA MET F 301 -18.06 29.29 -20.21
C MET F 301 -18.90 28.28 -19.39
N ILE F 302 -18.59 28.08 -18.11
CA ILE F 302 -19.53 27.49 -17.15
C ILE F 302 -19.37 28.23 -15.81
N VAL F 303 -20.52 28.68 -15.23
CA VAL F 303 -20.46 29.32 -13.90
C VAL F 303 -21.24 28.46 -12.85
N PRO F 304 -20.62 27.37 -12.40
CA PRO F 304 -21.34 26.42 -11.56
C PRO F 304 -21.46 26.99 -10.15
N TYR F 305 -22.66 27.07 -9.60
CA TYR F 305 -22.81 27.49 -8.20
C TYR F 305 -22.65 26.25 -7.23
N GLY F 306 -22.30 26.55 -5.99
CA GLY F 306 -21.95 25.46 -5.09
C GLY F 306 -22.93 25.24 -3.95
N SER F 307 -24.17 25.71 -4.07
CA SER F 307 -25.17 25.25 -3.09
C SER F 307 -25.91 24.01 -3.60
N PRO F 308 -25.93 22.93 -2.79
CA PRO F 308 -26.57 21.70 -3.28
C PRO F 308 -28.11 21.74 -3.09
N GLU F 309 -28.64 22.83 -2.51
CA GLU F 309 -30.05 22.86 -2.19
C GLU F 309 -30.89 23.21 -3.40
N PHE F 310 -32.05 22.55 -3.53
CA PHE F 310 -32.96 22.74 -4.65
C PHE F 310 -33.57 24.10 -4.59
N PRO F 311 -33.73 24.82 -5.75
CA PRO F 311 -33.37 24.42 -7.13
C PRO F 311 -31.99 25.04 -7.48
N HIS F 312 -31.14 25.32 -6.48
CA HIS F 312 -29.86 26.02 -6.81
C HIS F 312 -28.93 25.19 -7.72
N GLN F 313 -29.11 23.92 -7.77
CA GLN F 313 -28.42 23.14 -8.84
C GLN F 313 -28.56 23.62 -10.26
N ARG F 314 -29.59 24.41 -10.60
CA ARG F 314 -29.72 24.89 -11.99
C ARG F 314 -29.02 26.20 -12.24
N LYS F 315 -28.18 26.64 -11.31
CA LYS F 315 -27.28 27.78 -11.51
C LYS F 315 -25.86 27.26 -11.89
N HIS F 316 -25.67 27.18 -13.21
CA HIS F 316 -24.44 26.72 -13.81
C HIS F 316 -24.45 27.21 -15.19
N ALA F 317 -24.55 28.52 -15.22
CA ALA F 317 -24.67 29.27 -16.52
C ALA F 317 -23.52 29.02 -17.46
N LEU F 318 -23.84 28.48 -18.66
CA LEU F 318 -22.85 28.43 -19.73
C LEU F 318 -23.11 29.68 -20.57
N ASP F 319 -22.54 30.79 -20.17
CA ASP F 319 -23.00 32.09 -20.67
C ASP F 319 -22.79 32.35 -22.16
N ILE F 320 -21.73 31.82 -22.71
CA ILE F 320 -21.46 32.01 -24.13
C ILE F 320 -22.43 31.17 -24.97
N GLY F 321 -22.76 29.96 -24.53
CA GLY F 321 -23.56 29.03 -25.36
C GLY F 321 -25.02 29.19 -25.11
N GLU F 322 -25.34 29.78 -23.96
CA GLU F 322 -26.75 29.96 -23.62
C GLU F 322 -27.29 31.38 -23.85
N TYR F 323 -26.42 32.38 -24.00
CA TYR F 323 -26.94 33.77 -24.21
C TYR F 323 -26.13 34.55 -25.22
N GLY F 324 -24.84 34.30 -25.23
CA GLY F 324 -23.97 34.91 -26.25
C GLY F 324 -23.12 36.03 -25.74
N ALA F 325 -21.79 35.86 -25.82
CA ALA F 325 -20.93 36.96 -25.54
C ALA F 325 -21.11 38.15 -26.47
N GLY F 326 -21.57 37.88 -27.70
CA GLY F 326 -21.98 38.95 -28.68
C GLY F 326 -23.32 39.59 -28.31
N TYR F 327 -24.40 38.81 -28.33
CA TYR F 327 -25.69 39.34 -27.93
C TYR F 327 -25.70 40.13 -26.63
N MET F 328 -24.82 39.81 -25.68
CA MET F 328 -24.80 40.41 -24.32
CA MET F 328 -24.93 40.47 -24.40
C MET F 328 -23.96 41.68 -24.20
N THR F 329 -23.29 42.04 -25.31
CA THR F 329 -22.23 43.05 -25.31
C THR F 329 -22.73 44.48 -25.16
N ASN F 330 -21.97 45.29 -24.41
CA ASN F 330 -22.26 46.71 -24.19
C ASN F 330 -21.68 47.57 -25.29
N PRO F 331 -22.47 48.53 -25.82
CA PRO F 331 -21.89 49.68 -26.52
C PRO F 331 -20.98 50.42 -25.55
N LEU F 332 -19.76 50.76 -25.98
CA LEU F 332 -18.68 51.13 -25.05
C LEU F 332 -18.44 52.64 -24.93
N SER F 333 -18.72 53.37 -26.00
CA SER F 333 -18.74 54.83 -26.07
C SER F 333 -19.10 55.62 -24.77
N LEU F 334 -20.40 55.64 -24.43
CA LEU F 334 -21.00 56.49 -23.37
C LEU F 334 -20.31 56.45 -21.99
N GLY F 335 -20.02 55.24 -21.49
CA GLY F 335 -19.46 55.05 -20.16
C GLY F 335 -18.00 55.42 -19.89
N CYS F 336 -17.27 55.94 -20.90
CA CYS F 336 -15.83 56.17 -20.73
C CYS F 336 -15.17 54.84 -20.30
N ASP F 337 -15.54 53.75 -20.97
CA ASP F 337 -15.07 52.39 -20.64
C ASP F 337 -13.62 52.23 -21.09
N CYS F 338 -13.35 52.66 -22.32
CA CYS F 338 -12.03 52.60 -22.91
C CYS F 338 -11.51 54.02 -23.04
N LYS F 339 -10.47 54.34 -22.30
CA LYS F 339 -9.91 55.70 -22.28
C LYS F 339 -8.74 55.83 -23.29
N GLY F 340 -8.60 57.02 -23.90
CA GLY F 340 -7.51 57.33 -24.85
C GLY F 340 -8.01 57.56 -26.27
N VAL F 341 -7.16 57.38 -27.27
CA VAL F 341 -7.64 57.46 -28.67
C VAL F 341 -8.10 56.06 -29.17
N ILE F 342 -9.38 55.95 -29.54
CA ILE F 342 -9.99 54.65 -29.76
C ILE F 342 -10.52 54.47 -31.19
N HIS F 343 -10.33 53.27 -31.76
CA HIS F 343 -11.05 52.80 -32.98
C HIS F 343 -12.16 51.83 -32.52
N TYR F 344 -13.38 51.99 -33.03
CA TYR F 344 -14.55 51.18 -32.58
C TYR F 344 -15.05 50.28 -33.69
N LEU F 345 -15.54 49.09 -33.36
CA LEU F 345 -16.25 48.30 -34.35
C LEU F 345 -17.69 48.13 -33.86
N ASP F 346 -18.61 47.96 -34.78
CA ASP F 346 -20.01 47.74 -34.44
C ASP F 346 -20.31 46.27 -34.63
N ALA F 347 -21.34 45.78 -33.96
CA ALA F 347 -21.74 44.42 -34.24
C ALA F 347 -23.14 44.41 -34.87
N HIS F 348 -23.39 43.41 -35.72
CA HIS F 348 -24.62 43.29 -36.44
C HIS F 348 -25.21 41.89 -36.26
N PHE F 349 -26.49 41.84 -35.91
CA PHE F 349 -27.21 40.58 -35.63
C PHE F 349 -28.57 40.62 -36.36
N SER F 350 -29.34 39.53 -36.28
CA SER F 350 -30.75 39.55 -36.63
C SER F 350 -31.62 39.58 -35.38
N ASP F 351 -32.80 40.15 -35.47
CA ASP F 351 -33.73 40.02 -34.37
C ASP F 351 -34.78 39.01 -34.78
N ARG F 352 -35.82 38.82 -33.95
CA ARG F 352 -36.79 37.73 -34.23
C ARG F 352 -37.43 37.82 -35.60
N ALA F 353 -37.70 39.06 -36.04
CA ALA F 353 -38.47 39.26 -37.27
C ALA F 353 -37.61 39.02 -38.48
N GLY F 354 -36.28 38.99 -38.28
CA GLY F 354 -35.30 38.79 -39.37
C GLY F 354 -34.76 40.10 -39.91
N ASP F 355 -34.91 41.15 -39.11
CA ASP F 355 -34.33 42.46 -39.42
C ASP F 355 -32.98 42.65 -38.74
N PRO F 356 -32.04 43.28 -39.44
CA PRO F 356 -30.77 43.46 -38.76
C PRO F 356 -30.83 44.44 -37.60
N ILE F 357 -30.26 44.12 -36.46
CA ILE F 357 -30.00 45.13 -35.43
C ILE F 357 -28.50 45.36 -35.25
N THR F 358 -28.16 46.54 -34.79
CA THR F 358 -26.79 46.99 -34.68
C THR F 358 -26.54 47.29 -33.23
N VAL F 359 -25.39 46.88 -32.71
CA VAL F 359 -24.95 47.43 -31.43
C VAL F 359 -23.68 48.22 -31.75
N LYS F 360 -23.73 49.49 -31.36
CA LYS F 360 -22.74 50.45 -31.74
C LYS F 360 -21.57 50.23 -30.81
N ASN F 361 -20.35 50.41 -31.31
CA ASN F 361 -19.17 50.47 -30.45
C ASN F 361 -19.08 49.21 -29.58
N ALA F 362 -19.22 48.05 -30.24
CA ALA F 362 -19.23 46.81 -29.52
C ALA F 362 -17.79 46.37 -29.13
N VAL F 363 -16.80 46.81 -29.92
CA VAL F 363 -15.42 46.40 -29.73
C VAL F 363 -14.64 47.71 -29.72
N CYS F 364 -13.73 47.82 -28.80
CA CYS F 364 -12.91 49.02 -28.73
CA CYS F 364 -12.91 49.00 -28.72
C CYS F 364 -11.43 48.63 -28.91
N ILE F 365 -10.76 49.35 -29.79
CA ILE F 365 -9.34 49.10 -30.14
C ILE F 365 -8.48 50.31 -29.79
N HIS F 366 -7.42 50.08 -29.01
CA HIS F 366 -6.52 51.19 -28.64
C HIS F 366 -5.18 50.70 -28.11
N GLU F 367 -4.22 51.61 -28.04
CA GLU F 367 -2.90 51.30 -27.58
C GLU F 367 -2.60 52.13 -26.33
N GLU F 368 -1.94 51.49 -25.39
CA GLU F 368 -1.65 52.01 -24.09
C GLU F 368 -0.17 51.75 -23.75
N ASP F 369 0.39 52.66 -22.98
CA ASP F 369 1.60 52.44 -22.22
C ASP F 369 1.58 51.16 -21.41
N ASP F 370 2.71 50.46 -21.39
CA ASP F 370 2.76 49.25 -20.60
C ASP F 370 4.01 49.13 -19.73
N GLY F 371 4.48 50.25 -19.12
CA GLY F 371 5.74 50.29 -18.35
C GLY F 371 6.97 49.89 -19.18
N LEU F 372 7.93 49.26 -18.55
CA LEU F 372 9.22 49.00 -19.20
C LEU F 372 9.08 47.76 -20.07
N LEU F 373 9.65 47.78 -21.26
CA LEU F 373 9.88 46.60 -22.10
C LEU F 373 11.16 45.88 -21.62
N PHE F 374 12.26 46.63 -21.45
CA PHE F 374 13.54 46.08 -20.90
C PHE F 374 14.43 47.23 -20.50
N LYS F 375 15.45 46.96 -19.71
CA LYS F 375 16.41 47.96 -19.22
C LYS F 375 17.68 47.23 -18.77
N HIS F 376 18.86 47.76 -19.05
CA HIS F 376 20.04 47.26 -18.34
C HIS F 376 20.99 48.38 -18.15
N SER F 377 21.61 48.46 -16.96
CA SER F 377 22.63 49.47 -16.70
C SER F 377 23.82 48.71 -16.23
N ASP F 378 24.99 49.29 -16.42
CA ASP F 378 26.25 48.74 -15.98
C ASP F 378 26.73 49.47 -14.67
N PHE F 379 26.93 48.73 -13.58
CA PHE F 379 27.42 49.25 -12.29
C PHE F 379 28.85 49.82 -12.32
N ARG F 380 29.64 49.45 -13.35
CA ARG F 380 31.10 49.87 -13.41
C ARG F 380 31.27 51.38 -13.53
N ASP F 381 30.31 52.04 -14.19
CA ASP F 381 30.30 53.51 -14.30
C ASP F 381 29.13 54.15 -13.52
N ASN F 382 28.69 53.42 -12.49
CA ASN F 382 27.56 53.85 -11.66
C ASN F 382 26.26 54.05 -12.44
N PHE F 383 26.00 53.13 -13.38
CA PHE F 383 24.75 53.12 -14.13
C PHE F 383 24.65 54.24 -15.17
N ALA F 384 25.76 54.95 -15.41
CA ALA F 384 25.71 55.91 -16.49
C ALA F 384 25.59 55.13 -17.83
N THR F 385 26.23 54.00 -17.98
CA THR F 385 26.01 53.16 -19.24
C THR F 385 24.67 52.53 -19.01
N SER F 386 23.68 52.75 -19.89
CA SER F 386 22.27 52.38 -19.57
C SER F 386 21.41 52.40 -20.80
N LEU F 387 20.49 51.45 -20.89
CA LEU F 387 19.54 51.42 -22.01
C LEU F 387 18.18 51.09 -21.44
N VAL F 388 17.18 51.89 -21.81
CA VAL F 388 15.83 51.74 -21.31
C VAL F 388 14.86 51.88 -22.48
N THR F 389 13.99 50.89 -22.67
CA THR F 389 12.94 50.91 -23.73
C THR F 389 11.53 50.70 -23.15
N ARG F 390 10.58 51.54 -23.50
CA ARG F 390 9.27 51.41 -22.87
C ARG F 390 8.37 50.58 -23.77
N ALA F 391 7.36 49.99 -23.14
CA ALA F 391 6.47 49.11 -23.80
C ALA F 391 5.17 49.83 -24.15
N THR F 392 4.59 49.43 -25.27
CA THR F 392 3.27 49.78 -25.62
C THR F 392 2.52 48.48 -25.88
N LYS F 393 1.25 48.43 -25.47
CA LYS F 393 0.37 47.28 -25.70
C LYS F 393 -0.82 47.63 -26.59
N LEU F 394 -1.26 46.67 -27.38
CA LEU F 394 -2.47 46.87 -28.15
C LEU F 394 -3.60 46.07 -27.49
N VAL F 395 -4.76 46.73 -27.32
CA VAL F 395 -5.88 46.22 -26.54
C VAL F 395 -7.10 46.18 -27.43
N VAL F 396 -7.63 44.97 -27.68
CA VAL F 396 -8.82 44.80 -28.47
C VAL F 396 -9.80 44.30 -27.44
N SER F 397 -10.92 44.98 -27.22
CA SER F 397 -11.69 44.74 -26.02
CA SER F 397 -11.69 44.68 -26.03
C SER F 397 -13.23 44.78 -26.19
N GLN F 398 -13.94 44.11 -25.28
CA GLN F 398 -15.42 44.14 -25.24
C GLN F 398 -15.83 44.01 -23.80
N ILE F 399 -17.05 44.45 -23.48
CA ILE F 399 -17.66 44.22 -22.18
C ILE F 399 -19.08 43.72 -22.42
N PHE F 400 -19.42 42.58 -21.83
CA PHE F 400 -20.76 42.05 -21.88
C PHE F 400 -21.42 41.88 -20.51
N THR F 401 -22.74 41.99 -20.50
CA THR F 401 -23.50 42.00 -19.29
C THR F 401 -24.42 40.78 -19.35
N ALA F 402 -24.31 39.96 -18.30
CA ALA F 402 -25.10 38.77 -18.22
C ALA F 402 -26.00 38.89 -16.99
N ALA F 403 -27.17 39.48 -17.16
CA ALA F 403 -28.03 39.87 -16.03
C ALA F 403 -27.25 40.63 -15.00
N ASN F 404 -26.84 39.96 -13.94
CA ASN F 404 -26.14 40.61 -12.81
C ASN F 404 -24.63 40.81 -13.07
N GLU F 406 -20.88 41.50 -14.92
CA GLU F 406 -20.08 42.11 -15.97
C GLU F 406 -18.73 41.42 -16.21
N TYR F 407 -18.58 40.95 -17.46
CA TYR F 407 -17.34 40.38 -18.03
C TYR F 407 -16.64 41.34 -18.98
N CYS F 408 -15.53 41.94 -18.53
CA CYS F 408 -14.69 42.75 -19.34
C CYS F 408 -13.50 41.91 -19.89
N LEU F 409 -13.30 41.90 -21.19
CA LEU F 409 -12.39 40.99 -21.87
C LEU F 409 -11.36 41.83 -22.70
N TYR F 410 -10.06 41.65 -22.42
CA TYR F 410 -9.04 42.40 -23.15
C TYR F 410 -8.05 41.44 -23.85
N TRP F 411 -8.01 41.46 -25.16
CA TRP F 411 -7.00 40.68 -25.86
C TRP F 411 -5.84 41.66 -26.01
N VAL F 412 -4.67 41.24 -25.52
CA VAL F 412 -3.53 42.19 -25.39
C VAL F 412 -2.34 41.68 -26.22
N PHE F 413 -1.91 42.45 -27.23
CA PHE F 413 -0.73 42.11 -27.98
C PHE F 413 0.41 42.94 -27.41
N MET F 414 1.58 42.32 -27.28
CA MET F 414 2.71 42.97 -26.67
C MET F 414 3.89 42.91 -27.56
N GLN F 415 4.87 43.74 -27.26
CA GLN F 415 6.00 43.93 -28.16
C GLN F 415 7.17 42.96 -28.06
N ASP F 416 7.07 41.97 -27.18
CA ASP F 416 8.01 40.92 -27.11
C ASP F 416 7.42 39.76 -27.93
N GLY F 417 6.28 40.05 -28.61
CA GLY F 417 5.52 39.11 -29.45
C GLY F 417 4.58 38.25 -28.62
N ALA F 418 4.48 38.54 -27.33
CA ALA F 418 3.53 37.81 -26.50
C ALA F 418 2.05 38.27 -26.75
N ILE F 419 1.11 37.41 -26.39
CA ILE F 419 -0.31 37.68 -26.53
C ILE F 419 -0.93 37.26 -25.21
N ARG F 420 -1.77 38.11 -24.65
CA ARG F 420 -2.34 37.87 -23.33
C ARG F 420 -3.83 37.92 -23.44
N LEU F 421 -4.53 37.12 -22.63
CA LEU F 421 -5.94 37.43 -22.42
C LEU F 421 -6.14 37.92 -20.99
N ASP F 422 -6.60 39.15 -20.82
CA ASP F 422 -6.95 39.74 -19.49
C ASP F 422 -8.47 39.84 -19.33
N ILE F 423 -9.01 39.32 -18.21
CA ILE F 423 -10.43 39.45 -17.93
C ILE F 423 -10.61 40.23 -16.60
N ARG F 424 -11.65 41.05 -16.49
CA ARG F 424 -12.05 41.57 -15.18
C ARG F 424 -13.49 41.24 -14.94
N LEU F 425 -13.82 40.69 -13.77
CA LEU F 425 -15.21 40.48 -13.34
C LEU F 425 -15.63 41.65 -12.49
N THR F 426 -16.80 42.16 -12.83
CA THR F 426 -17.44 43.11 -12.04
C THR F 426 -18.92 42.91 -12.22
N GLY F 427 -19.69 43.92 -11.87
CA GLY F 427 -21.15 43.79 -11.76
C GLY F 427 -21.58 43.31 -10.39
N ILE F 428 -22.58 42.43 -10.35
CA ILE F 428 -23.29 42.18 -9.10
C ILE F 428 -23.39 40.70 -8.81
N LEU F 429 -23.18 40.36 -7.53
CA LEU F 429 -23.33 38.99 -7.05
C LEU F 429 -24.73 38.53 -7.35
N ASN F 430 -24.86 37.28 -7.76
CA ASN F 430 -26.13 36.60 -7.67
C ASN F 430 -26.49 36.29 -6.23
N THR F 431 -27.69 36.64 -5.80
CA THR F 431 -28.10 36.48 -4.45
C THR F 431 -29.44 35.78 -4.34
N TYR F 432 -29.62 35.05 -3.23
CA TYR F 432 -30.86 34.35 -2.91
C TYR F 432 -31.17 34.78 -1.48
N ILE F 433 -32.41 34.64 -1.05
CA ILE F 433 -32.82 35.23 0.27
C ILE F 433 -32.35 34.33 1.39
N LEU F 434 -32.14 34.97 2.52
CA LEU F 434 -31.65 34.30 3.72
C LEU F 434 -32.57 34.67 4.90
N GLY F 435 -33.07 33.66 5.63
CA GLY F 435 -33.95 33.88 6.81
C GLY F 435 -33.22 34.75 7.84
N ASP F 436 -33.94 35.44 8.73
CA ASP F 436 -33.28 36.13 9.88
C ASP F 436 -32.29 35.21 10.66
N ASP F 437 -32.72 34.00 11.03
CA ASP F 437 -31.82 33.13 11.79
C ASP F 437 -31.22 31.97 10.93
N GLU F 438 -31.10 32.22 9.63
CA GLU F 438 -30.56 31.22 8.70
C GLU F 438 -29.06 31.44 8.57
N GLU F 439 -28.33 30.33 8.67
CA GLU F 439 -26.89 30.30 8.41
C GLU F 439 -26.62 30.13 6.89
N ALA F 440 -25.91 31.11 6.34
CA ALA F 440 -25.51 31.12 4.93
C ALA F 440 -24.53 30.01 4.61
N GLY F 441 -23.47 29.88 5.41
CA GLY F 441 -22.34 28.95 5.09
C GLY F 441 -22.78 27.52 5.40
N PRO F 442 -22.03 26.53 4.93
CA PRO F 442 -20.79 26.63 4.17
C PRO F 442 -20.91 27.05 2.68
N TRP F 443 -22.13 27.19 2.13
CA TRP F 443 -22.31 27.33 0.67
C TRP F 443 -22.49 28.76 0.12
N GLY F 444 -22.56 29.78 0.98
CA GLY F 444 -22.58 31.16 0.56
C GLY F 444 -22.15 32.07 1.74
N THR F 445 -22.13 33.40 1.50
CA THR F 445 -21.88 34.42 2.56
C THR F 445 -23.08 35.38 2.80
N ARG F 446 -23.35 35.71 4.05
CA ARG F 446 -24.30 36.75 4.36
C ARG F 446 -23.53 38.03 4.04
N VAL F 447 -23.82 38.63 2.88
CA VAL F 447 -23.13 39.87 2.39
C VAL F 447 -23.89 41.17 2.77
N TYR F 448 -25.13 40.99 3.21
CA TYR F 448 -26.00 42.06 3.64
C TYR F 448 -27.12 41.36 4.40
N PRO F 449 -27.78 42.05 5.35
CA PRO F 449 -28.89 41.35 6.01
C PRO F 449 -29.92 40.69 5.06
N ASN F 450 -30.24 39.42 5.33
CA ASN F 450 -31.22 38.62 4.57
C ASN F 450 -30.76 38.26 3.13
N VAL F 451 -29.48 38.45 2.84
CA VAL F 451 -28.91 38.19 1.50
C VAL F 451 -27.78 37.14 1.52
N ASN F 452 -27.95 36.07 0.72
CA ASN F 452 -27.00 34.95 0.67
C ASN F 452 -26.36 34.93 -0.72
N ALA F 453 -25.07 35.12 -0.76
CA ALA F 453 -24.38 35.05 -2.02
C ALA F 453 -23.78 33.66 -2.12
N HIS F 454 -24.42 32.79 -2.91
CA HIS F 454 -23.88 31.43 -3.12
C HIS F 454 -22.46 31.36 -3.69
N ASN F 455 -21.64 30.46 -3.17
CA ASN F 455 -20.29 30.18 -3.79
C ASN F 455 -20.50 29.76 -5.23
N HIS F 456 -19.52 30.08 -6.07
CA HIS F 456 -19.54 29.60 -7.48
C HIS F 456 -18.15 29.73 -8.08
N GLN F 457 -17.93 29.08 -9.20
CA GLN F 457 -16.72 29.29 -10.00
C GLN F 457 -17.05 30.07 -11.28
N HIS F 458 -16.09 30.73 -11.89
CA HIS F 458 -16.22 31.24 -13.22
C HIS F 458 -15.18 30.47 -14.12
N LEU F 459 -15.61 29.62 -15.02
CA LEU F 459 -14.68 28.83 -15.91
C LEU F 459 -14.92 29.21 -17.35
N PHE F 460 -13.86 29.31 -18.12
CA PHE F 460 -13.90 29.82 -19.48
C PHE F 460 -13.13 28.77 -20.30
N SER F 461 -13.55 28.53 -21.55
CA SER F 461 -12.77 27.65 -22.43
C SER F 461 -12.20 28.49 -23.61
N LEU F 462 -10.89 28.81 -23.50
CA LEU F 462 -10.12 29.40 -24.57
C LEU F 462 -9.90 28.42 -25.68
N ARG F 463 -10.20 28.83 -26.92
CA ARG F 463 -10.08 27.91 -28.05
C ARG F 463 -9.00 28.45 -28.98
N ILE F 464 -7.90 27.72 -29.06
CA ILE F 464 -6.79 28.11 -29.85
C ILE F 464 -6.70 27.15 -31.00
N ASP F 465 -6.75 27.71 -32.21
CA ASP F 465 -6.44 26.96 -33.45
C ASP F 465 -5.09 27.37 -33.94
N PRO F 466 -4.04 26.57 -33.68
CA PRO F 466 -2.73 27.22 -33.87
C PRO F 466 -2.13 26.94 -35.23
N ARG F 467 -1.14 27.76 -35.58
CA ARG F 467 -0.38 27.53 -36.82
C ARG F 467 1.01 28.11 -36.58
N ILE F 468 1.69 27.56 -35.58
CA ILE F 468 2.99 28.06 -35.10
C ILE F 468 4.02 27.92 -36.20
N ASP F 469 4.38 29.06 -36.76
CA ASP F 469 5.40 29.12 -37.81
C ASP F 469 5.03 28.23 -38.99
N GLY F 470 3.73 28.05 -39.23
CA GLY F 470 3.23 27.21 -40.31
C GLY F 470 2.52 25.96 -39.78
N ASP F 471 2.31 25.05 -40.71
CA ASP F 471 1.43 23.92 -40.56
C ASP F 471 2.10 22.67 -40.03
N GLY F 472 1.34 21.87 -39.29
CA GLY F 472 1.88 20.68 -38.62
C GLY F 472 2.36 21.15 -37.25
N ASN F 473 1.50 21.03 -36.25
CA ASN F 473 1.86 21.44 -34.88
C ASN F 473 1.69 20.26 -33.91
N SER F 474 2.16 20.43 -32.67
CA SER F 474 2.01 19.43 -31.62
C SER F 474 1.86 20.22 -30.38
N ALA F 475 1.48 19.58 -29.27
CA ALA F 475 1.46 20.32 -28.01
C ALA F 475 2.14 19.41 -26.96
N ALA F 476 2.48 19.99 -25.80
CA ALA F 476 3.27 19.30 -24.81
C ALA F 476 2.99 19.98 -23.49
N ALA F 477 3.00 19.21 -22.39
CA ALA F 477 3.11 19.71 -21.02
C ALA F 477 4.60 19.84 -20.63
N CYS F 478 4.92 20.87 -19.83
CA CYS F 478 6.32 21.13 -19.39
C CYS F 478 6.43 21.31 -17.88
N ASP F 479 7.24 20.49 -17.22
CA ASP F 479 7.19 20.36 -15.75
C ASP F 479 8.58 20.64 -15.17
N ALA F 480 8.76 21.58 -14.25
CA ALA F 480 10.05 21.75 -13.63
C ALA F 480 10.26 20.55 -12.72
N LYS F 481 11.43 19.92 -12.81
CA LYS F 481 11.79 18.76 -12.04
C LYS F 481 13.22 18.88 -11.49
N SER F 482 13.42 18.42 -10.25
CA SER F 482 14.73 18.06 -9.78
C SER F 482 15.29 16.89 -10.58
N SER F 483 16.60 16.90 -10.77
CA SER F 483 17.34 15.77 -11.31
C SER F 483 17.00 14.58 -10.46
N PRO F 484 16.88 13.40 -11.07
CA PRO F 484 16.58 12.22 -10.26
C PRO F 484 17.78 11.78 -9.44
N TYR F 485 18.99 12.22 -9.77
CA TYR F 485 20.17 11.81 -9.02
C TYR F 485 20.24 12.45 -7.62
N PRO F 486 20.72 11.66 -6.63
CA PRO F 486 20.53 12.28 -5.31
C PRO F 486 21.60 13.26 -4.93
N LEU F 487 21.35 13.98 -3.82
CA LEU F 487 22.30 14.94 -3.28
C LEU F 487 23.53 14.14 -3.01
N GLY F 488 24.72 14.67 -3.33
CA GLY F 488 25.96 13.99 -3.05
C GLY F 488 26.40 12.92 -4.03
N SER F 489 25.65 12.70 -5.14
CA SER F 489 26.15 11.80 -6.16
C SER F 489 27.08 12.59 -7.12
N PRO F 490 27.87 11.87 -7.95
CA PRO F 490 28.75 12.58 -8.90
C PRO F 490 27.93 13.46 -9.85
N GLU F 491 26.71 13.01 -10.16
CA GLU F 491 25.77 13.72 -11.04
C GLU F 491 25.10 14.98 -10.43
N ASN F 492 25.07 15.12 -9.10
CA ASN F 492 24.31 16.17 -8.45
C ASN F 492 24.91 16.38 -7.03
N MET F 493 26.22 16.61 -6.99
CA MET F 493 26.98 16.59 -5.79
C MET F 493 26.31 17.50 -4.73
N TYR F 494 25.90 18.70 -5.11
CA TYR F 494 25.33 19.67 -4.21
C TYR F 494 23.80 19.76 -4.31
N GLY F 495 23.15 18.86 -5.09
CA GLY F 495 21.67 18.75 -5.02
C GLY F 495 20.90 19.92 -5.63
N ASN F 496 21.57 20.68 -6.48
CA ASN F 496 20.89 21.86 -7.12
C ASN F 496 20.39 21.56 -8.55
N ALA F 497 20.79 20.42 -9.10
CA ALA F 497 20.38 20.18 -10.52
C ALA F 497 18.88 20.19 -10.71
N PHE F 498 18.40 20.91 -11.73
CA PHE F 498 17.00 20.75 -12.16
C PHE F 498 16.78 21.06 -13.66
N TYR F 499 15.68 20.58 -14.23
CA TYR F 499 15.44 20.57 -15.67
C TYR F 499 13.95 20.71 -15.97
N SER F 500 13.59 20.97 -17.23
CA SER F 500 12.20 20.98 -17.61
C SER F 500 11.85 19.64 -18.31
N GLU F 501 10.91 18.86 -17.79
CA GLU F 501 10.54 17.63 -18.51
C GLU F 501 9.38 17.93 -19.45
N LYS F 502 9.58 17.64 -20.73
CA LYS F 502 8.62 17.97 -21.72
C LYS F 502 7.98 16.65 -22.19
N THR F 503 6.63 16.59 -22.15
CA THR F 503 5.94 15.36 -22.52
C THR F 503 5.11 15.73 -23.70
N THR F 504 5.54 15.30 -24.87
CA THR F 504 4.79 15.64 -26.08
C THR F 504 3.52 14.80 -26.11
N PHE F 505 2.36 15.38 -26.42
CA PHE F 505 1.13 14.62 -26.44
C PHE F 505 1.09 13.84 -27.78
N LYS F 506 0.88 12.55 -27.75
CA LYS F 506 0.83 11.75 -29.03
C LYS F 506 -0.61 11.53 -29.44
N THR F 507 -1.45 11.22 -28.46
CA THR F 507 -2.86 11.04 -28.76
C THR F 507 -3.67 11.97 -27.90
N VAL F 508 -4.95 12.15 -28.25
CA VAL F 508 -5.84 13.03 -27.54
C VAL F 508 -5.77 12.74 -26.08
N LYS F 509 -5.91 11.46 -25.74
CA LYS F 509 -5.87 11.08 -24.37
C LYS F 509 -4.67 11.70 -23.57
N ASP F 510 -3.44 11.71 -24.13
CA ASP F 510 -2.27 12.21 -23.38
C ASP F 510 -2.44 13.66 -23.03
N SER F 511 -3.34 14.35 -23.73
CA SER F 511 -3.30 15.79 -23.62
C SER F 511 -4.13 16.22 -22.40
N LEU F 512 -4.96 15.32 -21.86
CA LEU F 512 -5.98 15.73 -20.94
C LEU F 512 -5.23 15.97 -19.62
N THR F 513 -4.89 17.24 -19.32
CA THR F 513 -3.97 17.50 -18.23
C THR F 513 -4.40 18.77 -17.52
N ASN F 514 -3.94 18.91 -16.27
CA ASN F 514 -4.31 20.06 -15.36
C ASN F 514 -3.13 20.88 -14.96
N TYR F 515 -3.33 22.18 -14.68
CA TYR F 515 -2.21 22.97 -14.18
C TYR F 515 -1.71 22.24 -12.89
N GLU F 516 -0.40 22.21 -12.61
CA GLU F 516 0.13 21.61 -11.39
C GLU F 516 1.09 22.57 -10.70
N SER F 517 0.81 22.94 -9.47
CA SER F 517 1.65 23.89 -8.83
C SER F 517 2.97 23.18 -8.47
N ALA F 518 2.94 21.85 -8.37
CA ALA F 518 4.10 21.11 -7.85
C ALA F 518 5.24 21.11 -8.87
N THR F 519 4.93 21.38 -10.13
CA THR F 519 5.95 21.48 -11.20
C THR F 519 5.87 22.81 -11.97
N GLY F 520 5.07 23.80 -11.54
CA GLY F 520 4.87 25.07 -12.30
C GLY F 520 4.61 24.78 -13.77
N ARG F 521 3.80 23.74 -14.04
CA ARG F 521 3.45 23.35 -15.36
C ARG F 521 3.16 24.45 -16.31
N SER F 522 3.77 24.38 -17.48
CA SER F 522 3.27 25.23 -18.59
C SER F 522 3.06 24.27 -19.80
N TRP F 523 2.54 24.80 -20.92
CA TRP F 523 2.18 23.98 -22.09
C TRP F 523 2.81 24.68 -23.28
N ASP F 524 3.38 23.89 -24.18
CA ASP F 524 3.92 24.39 -25.43
C ASP F 524 3.01 23.98 -26.53
N ILE F 525 2.85 24.93 -27.46
CA ILE F 525 2.22 24.64 -28.72
C ILE F 525 3.34 24.95 -29.67
N PHE F 526 3.79 23.94 -30.41
CA PHE F 526 5.01 24.08 -31.17
C PHE F 526 4.96 23.40 -32.57
N ASN F 527 5.98 23.69 -33.40
CA ASN F 527 6.12 23.13 -34.76
C ASN F 527 7.32 22.15 -34.76
N PRO F 528 7.03 20.83 -34.74
CA PRO F 528 8.11 19.78 -34.68
C PRO F 528 8.88 19.72 -36.01
N ASN F 529 8.39 20.42 -37.05
CA ASN F 529 9.07 20.43 -38.37
C ASN F 529 10.19 21.49 -38.41
N LYS F 530 10.29 22.37 -37.43
CA LYS F 530 11.27 23.43 -37.46
C LYS F 530 12.17 23.41 -36.22
N VAL F 531 13.28 24.14 -36.24
CA VAL F 531 14.29 24.16 -35.15
C VAL F 531 14.91 25.51 -35.07
N ASN F 532 14.90 26.09 -33.90
CA ASN F 532 15.61 27.32 -33.68
C ASN F 532 17.11 26.99 -33.90
N PRO F 533 17.80 27.83 -34.69
CA PRO F 533 19.16 27.38 -34.96
C PRO F 533 20.15 27.68 -33.85
N TYR F 534 19.75 28.50 -32.89
CA TYR F 534 20.54 28.69 -31.69
C TYR F 534 20.32 27.55 -30.67
N SER F 535 19.12 27.45 -30.11
CA SER F 535 18.86 26.57 -29.00
C SER F 535 18.66 25.09 -29.39
N GLY F 536 18.33 24.86 -30.66
CA GLY F 536 18.07 23.50 -31.13
C GLY F 536 16.67 23.06 -30.80
N LYS F 537 15.80 23.96 -30.33
CA LYS F 537 14.43 23.53 -29.86
C LYS F 537 13.47 23.95 -30.90
N PRO F 538 12.30 23.25 -31.07
CA PRO F 538 11.27 23.82 -32.00
C PRO F 538 10.69 25.18 -31.59
N PRO F 539 10.38 26.02 -32.62
CA PRO F 539 9.69 27.29 -32.44
C PRO F 539 8.41 27.05 -31.62
N SER F 540 8.11 27.89 -30.63
CA SER F 540 6.91 27.58 -29.88
C SER F 540 6.22 28.79 -29.34
N TYR F 541 4.91 28.66 -29.11
CA TYR F 541 4.25 29.54 -28.19
C TYR F 541 3.92 28.75 -26.91
N LYS F 542 4.27 29.36 -25.76
CA LYS F 542 4.10 28.71 -24.52
C LYS F 542 2.93 29.33 -23.72
N LEU F 543 1.99 28.46 -23.32
CA LEU F 543 0.88 28.92 -22.48
C LEU F 543 1.32 29.02 -20.99
N VAL F 544 1.35 30.21 -20.42
CA VAL F 544 1.64 30.45 -18.99
C VAL F 544 0.33 30.90 -18.37
N SER F 545 -0.27 30.01 -17.61
CA SER F 545 -1.61 30.17 -17.07
C SER F 545 -1.59 29.47 -15.71
N THR F 546 -1.77 30.22 -14.63
CA THR F 546 -1.94 29.62 -13.31
C THR F 546 -3.34 29.77 -12.57
N GLN F 547 -4.27 30.58 -13.10
CA GLN F 547 -5.65 30.61 -12.64
C GLN F 547 -6.48 29.50 -13.34
N CYS F 548 -6.24 28.28 -12.91
CA CYS F 548 -6.80 27.02 -13.50
C CYS F 548 -7.43 26.19 -12.39
N PRO F 549 -8.66 26.57 -11.96
CA PRO F 549 -9.32 25.82 -10.88
C PRO F 549 -9.69 24.42 -11.35
N PRO F 550 -9.56 23.45 -10.45
CA PRO F 550 -10.15 22.18 -10.76
C PRO F 550 -11.67 22.41 -10.72
N LEU F 551 -12.43 21.62 -11.52
CA LEU F 551 -13.82 21.66 -11.47
C LEU F 551 -14.25 21.05 -10.15
N LEU F 552 -14.96 21.79 -9.33
CA LEU F 552 -15.28 21.32 -7.99
C LEU F 552 -16.53 20.36 -8.03
N ALA F 553 -17.49 20.60 -8.92
CA ALA F 553 -18.61 19.68 -9.11
C ALA F 553 -18.07 18.26 -9.34
N LYS F 554 -18.72 17.21 -8.82
CA LYS F 554 -18.15 15.84 -8.84
C LYS F 554 -18.29 15.23 -10.23
N GLU F 555 -17.51 14.18 -10.49
CA GLU F 555 -17.67 13.41 -11.75
C GLU F 555 -19.08 12.97 -11.81
N GLY F 556 -19.69 13.04 -12.98
CA GLY F 556 -21.05 12.52 -13.15
C GLY F 556 -22.07 13.56 -12.74
N SER F 557 -21.63 14.71 -12.18
CA SER F 557 -22.62 15.75 -11.90
C SER F 557 -23.16 16.35 -13.21
N LEU F 558 -24.21 17.18 -13.08
CA LEU F 558 -24.84 17.85 -14.19
C LEU F 558 -23.84 18.84 -14.75
N VAL F 559 -23.17 19.58 -13.87
CA VAL F 559 -22.17 20.57 -14.24
C VAL F 559 -21.04 19.82 -15.06
N ALA F 560 -20.57 18.69 -14.60
CA ALA F 560 -19.49 18.03 -15.28
C ALA F 560 -19.96 17.35 -16.58
N LYS F 561 -21.21 16.96 -16.68
CA LYS F 561 -21.64 16.28 -17.95
C LYS F 561 -21.99 17.33 -19.02
N ARG F 562 -22.29 18.56 -18.62
CA ARG F 562 -22.67 19.56 -19.60
C ARG F 562 -21.47 20.45 -19.98
N ALA F 563 -20.40 20.41 -19.15
CA ALA F 563 -19.15 21.05 -19.52
C ALA F 563 -17.98 20.06 -19.51
N PRO F 564 -17.94 19.03 -20.39
CA PRO F 564 -16.86 17.99 -20.37
C PRO F 564 -15.45 18.56 -20.56
N TRP F 565 -15.36 19.71 -21.24
CA TRP F 565 -14.10 20.45 -21.39
C TRP F 565 -13.65 20.99 -20.05
N ALA F 566 -14.55 21.29 -19.12
CA ALA F 566 -14.10 22.04 -17.86
C ALA F 566 -13.32 21.14 -16.82
N SER F 567 -13.46 19.81 -16.98
CA SER F 567 -12.77 18.84 -16.09
CA SER F 567 -12.75 18.87 -16.07
C SER F 567 -11.22 18.75 -16.35
N HIS F 568 -10.69 19.42 -17.39
CA HIS F 568 -9.22 19.44 -17.59
C HIS F 568 -8.74 20.84 -17.94
N SER F 569 -7.52 21.21 -17.55
CA SER F 569 -7.02 22.55 -17.89
C SER F 569 -6.71 22.55 -19.38
N VAL F 570 -6.29 21.41 -19.94
CA VAL F 570 -5.97 21.44 -21.33
C VAL F 570 -6.63 20.24 -21.98
N ASN F 571 -7.19 20.43 -23.16
CA ASN F 571 -7.77 19.33 -23.96
C ASN F 571 -7.26 19.64 -25.37
N VAL F 572 -6.66 18.66 -26.10
CA VAL F 572 -6.18 18.91 -27.46
C VAL F 572 -6.76 17.83 -28.38
N VAL F 573 -7.41 18.26 -29.48
CA VAL F 573 -8.09 17.30 -30.33
C VAL F 573 -7.64 17.62 -31.75
N PRO F 574 -7.84 16.68 -32.73
CA PRO F 574 -7.58 16.97 -34.15
C PRO F 574 -8.50 18.09 -34.66
N TYR F 575 -8.02 18.93 -35.57
CA TYR F 575 -8.87 19.91 -36.24
C TYR F 575 -9.80 19.18 -37.18
N LYS F 576 -11.05 19.61 -37.12
CA LYS F 576 -12.08 19.32 -38.12
CA LYS F 576 -12.04 19.36 -38.15
C LYS F 576 -12.77 20.68 -38.35
N ASP F 577 -13.44 20.82 -39.50
CA ASP F 577 -14.23 22.06 -39.65
C ASP F 577 -15.42 22.09 -38.64
N ASN F 578 -15.83 23.30 -38.24
CA ASN F 578 -17.03 23.45 -37.45
CA ASN F 578 -17.01 23.54 -37.35
C ASN F 578 -16.91 22.82 -36.00
N ARG F 579 -15.69 22.72 -35.45
CA ARG F 579 -15.47 22.28 -34.06
C ARG F 579 -15.24 23.55 -33.25
N LEU F 580 -16.31 24.27 -32.95
CA LEU F 580 -16.15 25.56 -32.33
C LEU F 580 -16.55 25.47 -30.88
N TYR F 581 -17.70 24.83 -30.62
CA TYR F 581 -18.41 24.92 -29.32
C TYR F 581 -18.35 23.63 -28.49
N PRO F 582 -17.57 23.63 -27.37
CA PRO F 582 -17.25 22.27 -26.77
C PRO F 582 -18.33 21.62 -25.88
N SER F 583 -19.42 22.34 -25.55
CA SER F 583 -20.64 21.79 -24.94
C SER F 583 -21.76 21.59 -25.97
N GLY F 584 -21.42 21.61 -27.25
CA GLY F 584 -22.28 21.20 -28.36
C GLY F 584 -22.81 22.47 -28.99
N ASP F 585 -23.58 22.28 -30.05
CA ASP F 585 -24.13 23.44 -30.76
C ASP F 585 -25.30 24.20 -30.08
N HIS F 586 -26.18 23.50 -29.42
CA HIS F 586 -27.33 24.11 -28.79
C HIS F 586 -27.32 23.63 -27.41
N VAL F 587 -26.88 24.53 -26.54
CA VAL F 587 -26.53 24.22 -25.18
C VAL F 587 -27.71 24.11 -24.23
N PRO F 588 -28.62 25.09 -24.21
CA PRO F 588 -29.61 25.06 -23.12
C PRO F 588 -30.42 23.72 -23.04
N GLN F 589 -30.68 23.28 -21.79
CA GLN F 589 -31.47 22.09 -21.53
C GLN F 589 -30.94 20.80 -22.08
N TRP F 590 -29.77 20.79 -22.71
CA TRP F 590 -29.04 19.52 -22.93
C TRP F 590 -28.70 18.89 -21.56
N SER F 591 -29.05 17.62 -21.37
CA SER F 591 -28.71 16.96 -20.09
C SER F 591 -27.19 16.67 -19.84
N GLY F 592 -26.33 16.81 -20.83
CA GLY F 592 -24.90 16.37 -20.73
C GLY F 592 -24.67 14.92 -21.07
N ASP F 593 -25.73 14.20 -21.42
CA ASP F 593 -25.62 12.83 -21.96
C ASP F 593 -25.58 12.87 -23.46
N GLY F 594 -24.59 12.18 -24.05
CA GLY F 594 -24.50 11.98 -25.48
C GLY F 594 -23.11 12.37 -25.97
N VAL F 595 -22.83 11.91 -27.17
CA VAL F 595 -21.54 12.12 -27.80
C VAL F 595 -21.70 13.40 -28.68
N ARG F 596 -21.28 14.55 -28.13
CA ARG F 596 -21.34 15.78 -28.87
C ARG F 596 -20.34 16.73 -28.19
N GLY F 597 -20.02 17.88 -28.81
CA GLY F 597 -18.97 18.74 -28.24
C GLY F 597 -17.62 18.02 -28.03
N MET F 598 -16.90 18.49 -27.01
CA MET F 598 -15.56 18.05 -26.68
C MET F 598 -15.58 16.51 -26.45
N ARG F 599 -16.68 16.02 -25.87
CA ARG F 599 -16.83 14.61 -25.65
C ARG F 599 -16.74 13.85 -26.94
N GLU F 600 -17.41 14.35 -27.98
CA GLU F 600 -17.33 13.80 -29.35
C GLU F 600 -15.89 13.94 -29.93
N TRP F 601 -15.22 15.07 -29.64
CA TRP F 601 -13.89 15.33 -30.30
C TRP F 601 -12.84 14.45 -29.68
N ILE F 602 -13.01 14.20 -28.39
CA ILE F 602 -12.15 13.26 -27.66
C ILE F 602 -12.34 11.83 -28.10
N GLY F 603 -13.58 11.39 -28.30
CA GLY F 603 -13.80 9.95 -28.81
C GLY F 603 -13.29 8.94 -27.77
N ASP F 604 -12.61 7.90 -28.26
CA ASP F 604 -11.86 6.92 -27.44
C ASP F 604 -10.48 7.41 -27.02
N GLY F 605 -10.10 8.60 -27.49
CA GLY F 605 -8.91 9.31 -26.96
C GLY F 605 -7.62 8.88 -27.70
N SER F 606 -7.77 8.02 -28.75
CA SER F 606 -6.66 7.39 -29.42
C SER F 606 -6.19 8.09 -30.72
N GLU F 607 -6.87 9.14 -31.15
CA GLU F 607 -6.44 9.87 -32.32
C GLU F 607 -5.20 10.72 -32.13
N ASN F 608 -4.44 10.78 -33.22
CA ASN F 608 -3.16 11.38 -33.25
C ASN F 608 -3.30 12.90 -33.21
N ILE F 609 -2.54 13.55 -32.34
CA ILE F 609 -2.44 15.01 -32.34
C ILE F 609 -0.97 15.48 -32.42
N ASP F 610 -0.06 14.56 -32.72
CA ASP F 610 1.34 14.89 -32.92
C ASP F 610 1.73 15.32 -34.36
N ASN F 611 2.19 16.56 -34.58
CA ASN F 611 2.52 17.03 -35.95
C ASN F 611 1.33 16.95 -36.93
N THR F 612 0.28 17.67 -36.58
CA THR F 612 -0.86 17.66 -37.51
C THR F 612 -1.61 18.96 -37.27
N ASP F 613 -2.85 19.00 -37.70
CA ASP F 613 -3.73 20.11 -37.44
C ASP F 613 -4.51 19.85 -36.16
N ILE F 614 -4.35 20.72 -35.17
CA ILE F 614 -4.88 20.47 -33.84
C ILE F 614 -5.69 21.65 -33.28
N LEU F 615 -6.49 21.38 -32.24
CA LEU F 615 -7.22 22.44 -31.57
C LEU F 615 -6.85 22.27 -30.11
N PHE F 616 -6.65 23.39 -29.43
CA PHE F 616 -6.17 23.35 -28.09
C PHE F 616 -7.18 24.16 -27.27
N PHE F 617 -7.92 23.48 -26.38
CA PHE F 617 -8.92 24.20 -25.57
C PHE F 617 -8.45 24.30 -24.13
N HIS F 618 -8.34 25.51 -23.56
CA HIS F 618 -7.76 25.66 -22.26
C HIS F 618 -8.84 26.12 -21.32
N THR F 619 -9.05 25.42 -20.19
CA THR F 619 -10.03 25.86 -19.16
C THR F 619 -9.29 26.63 -18.13
N PHE F 620 -9.69 27.85 -17.87
CA PHE F 620 -9.03 28.61 -16.77
C PHE F 620 -10.13 29.40 -16.10
N GLY F 621 -9.82 30.19 -15.07
CA GLY F 621 -10.80 31.00 -14.38
C GLY F 621 -10.62 31.07 -12.90
N ILE F 622 -11.71 31.26 -12.14
CA ILE F 622 -11.59 31.41 -10.70
C ILE F 622 -12.69 30.75 -9.89
N THR F 623 -12.44 30.70 -8.57
CA THR F 623 -13.33 30.18 -7.59
C THR F 623 -13.67 31.31 -6.63
N HIS F 624 -14.95 31.58 -6.46
CA HIS F 624 -15.41 32.83 -5.87
C HIS F 624 -16.23 32.60 -4.61
N PHE F 625 -15.63 32.98 -3.47
CA PHE F 625 -16.16 32.82 -2.10
C PHE F 625 -16.48 34.22 -1.70
N PRO F 626 -17.75 34.61 -1.91
CA PRO F 626 -18.22 36.02 -1.81
C PRO F 626 -17.94 36.59 -0.42
N ALA F 627 -17.55 37.88 -0.35
CA ALA F 627 -17.37 38.63 0.91
C ALA F 627 -18.13 39.92 0.80
N PRO F 628 -18.38 40.60 1.93
CA PRO F 628 -19.14 41.84 1.92
C PRO F 628 -18.61 42.90 0.96
N GLU F 629 -17.30 42.94 0.77
CA GLU F 629 -16.66 43.91 -0.13
C GLU F 629 -17.23 43.77 -1.56
N ASP F 630 -17.72 42.57 -1.95
CA ASP F 630 -18.27 42.39 -3.26
C ASP F 630 -19.66 43.04 -3.48
N PHE F 631 -20.28 43.49 -2.38
CA PHE F 631 -21.64 44.02 -2.37
C PHE F 631 -21.76 45.50 -1.95
N PRO F 632 -22.76 46.19 -2.49
CA PRO F 632 -23.81 45.81 -3.48
C PRO F 632 -23.39 45.61 -4.95
N LEU F 633 -22.16 46.02 -5.24
CA LEU F 633 -21.53 46.09 -6.55
C LEU F 633 -20.08 45.63 -6.28
N MET F 634 -19.52 44.90 -7.23
CA MET F 634 -18.24 44.17 -7.03
C MET F 634 -17.03 44.92 -7.59
N PRO F 635 -15.98 45.12 -6.77
CA PRO F 635 -14.70 45.61 -7.31
C PRO F 635 -14.16 44.62 -8.30
N ALA F 636 -13.55 45.15 -9.35
CA ALA F 636 -13.05 44.34 -10.46
C ALA F 636 -12.12 43.22 -9.98
N GLU F 637 -12.38 41.99 -10.42
CA GLU F 637 -11.55 40.80 -10.04
C GLU F 637 -10.76 40.35 -11.28
N PRO F 638 -9.42 40.40 -11.24
CA PRO F 638 -8.62 40.15 -12.46
C PRO F 638 -8.41 38.67 -12.80
N ILE F 639 -8.44 38.34 -14.08
CA ILE F 639 -8.01 37.01 -14.53
C ILE F 639 -7.05 37.21 -15.70
N THR F 640 -5.98 36.40 -15.75
CA THR F 640 -5.05 36.47 -16.87
C THR F 640 -4.41 35.13 -17.32
N LEU F 641 -4.03 35.04 -18.60
CA LEU F 641 -3.22 33.91 -19.10
C LEU F 641 -2.38 34.56 -20.16
N MET F 642 -1.26 33.95 -20.54
CA MET F 642 -0.30 34.54 -21.54
C MET F 642 0.18 33.45 -22.48
N LEU F 643 0.33 33.79 -23.76
CA LEU F 643 1.00 32.95 -24.73
C LEU F 643 2.30 33.66 -25.21
N ARG F 644 3.49 33.10 -24.92
CA ARG F 644 4.83 33.79 -25.05
C ARG F 644 5.63 33.06 -26.07
N PRO F 645 6.25 33.79 -27.01
CA PRO F 645 7.11 33.04 -27.98
C PRO F 645 8.31 32.54 -27.20
N ARG F 646 8.62 31.24 -27.33
CA ARG F 646 9.80 30.66 -26.67
C ARG F 646 10.51 29.82 -27.74
N HIS F 647 11.77 30.16 -28.02
CA HIS F 647 12.48 29.56 -29.19
C HIS F 647 11.83 29.93 -30.53
N PHE F 648 10.86 30.84 -30.47
CA PHE F 648 10.22 31.26 -31.71
C PHE F 648 11.19 32.16 -32.53
N PHE F 649 11.83 33.07 -31.80
CA PHE F 649 12.85 33.93 -32.36
C PHE F 649 14.22 33.44 -31.95
N THR F 650 15.24 34.02 -32.52
CA THR F 650 16.60 33.67 -32.19
C THR F 650 17.16 34.81 -31.34
N GLU F 651 16.41 35.89 -31.13
CA GLU F 651 16.85 36.88 -30.13
C GLU F 651 15.63 37.69 -29.74
N ASN F 652 15.70 38.49 -28.65
CA ASN F 652 14.66 39.40 -28.24
C ASN F 652 14.19 40.24 -29.45
N PRO F 653 12.94 40.05 -29.90
CA PRO F 653 12.48 40.72 -31.13
C PRO F 653 12.13 42.19 -30.94
N GLY F 654 12.21 42.73 -29.74
CA GLY F 654 11.86 44.14 -29.55
C GLY F 654 13.04 45.08 -29.63
N LEU F 655 14.23 44.56 -29.99
CA LEU F 655 15.48 45.35 -29.80
C LEU F 655 15.67 46.51 -30.83
N ASP F 656 14.90 46.44 -31.92
CA ASP F 656 14.86 47.51 -32.88
C ASP F 656 13.77 48.57 -32.58
N ILE F 657 13.15 48.52 -31.40
CA ILE F 657 12.27 49.62 -31.03
C ILE F 657 13.22 50.69 -30.45
N GLN F 658 13.02 51.97 -30.76
CA GLN F 658 13.95 53.02 -30.27
C GLN F 658 13.84 53.08 -28.79
N PRO F 659 14.96 52.97 -28.10
CA PRO F 659 15.09 53.19 -26.66
C PRO F 659 14.53 54.54 -26.26
N SER F 660 13.97 54.62 -25.05
CA SER F 660 13.60 55.91 -24.46
C SER F 660 14.83 56.65 -24.01
N TYR F 661 15.87 55.91 -23.69
CA TYR F 661 17.10 56.57 -23.28
C TYR F 661 18.19 55.54 -23.56
N ALA F 662 19.29 56.00 -24.12
CA ALA F 662 20.44 55.14 -24.31
C ALA F 662 21.71 55.92 -24.15
N MET F 663 22.62 55.37 -23.35
CA MET F 663 23.97 55.86 -23.27
C MET F 663 24.95 54.67 -23.20
N THR F 664 25.84 54.60 -24.17
CA THR F 664 26.91 53.58 -24.18
C THR F 664 28.02 53.98 -23.24
N THR F 665 28.92 53.05 -22.98
CA THR F 665 30.05 53.29 -22.13
C THR F 665 30.97 54.39 -22.66
N SER F 666 31.20 54.36 -23.98
CA SER F 666 32.02 55.42 -24.60
C SER F 666 31.39 56.81 -24.43
N GLU F 667 30.06 56.86 -24.54
CA GLU F 667 29.37 58.11 -24.45
C GLU F 667 29.39 58.65 -23.06
N ALA F 668 29.42 57.77 -22.07
CA ALA F 668 29.48 58.26 -20.70
C ALA F 668 30.86 58.82 -20.33
N LYS F 669 31.91 58.25 -20.95
CA LYS F 669 33.31 58.61 -20.70
CA LYS F 669 33.30 58.63 -20.67
C LYS F 669 33.55 60.04 -21.20
N ARG F 670 32.88 60.35 -22.31
CA ARG F 670 33.00 61.57 -23.05
C ARG F 670 32.08 62.63 -22.49
N ALA F 671 31.24 62.29 -21.49
CA ALA F 671 30.39 63.27 -20.82
C ALA F 671 31.02 63.91 -19.57
N VAL F 672 32.01 63.23 -18.97
CA VAL F 672 32.88 63.85 -17.91
C VAL F 672 34.03 64.77 -18.49
#